data_6SAI
#
_entry.id   6SAI
#
_entity_poly.entity_id   1
_entity_poly.type   'polypeptide(L)'
_entity_poly.pdbx_seq_one_letter_code
;PSFNTVRQGSKEPYPDFVARLQDVAQKSIADEKARKVIVELMAYENANPECQSAIKPLKGKVPAGSDVISEYVKACDGIG
GAMHKAMLMAQLE
;
_entity_poly.pdbx_strand_id   A,B
#
# COMPACT_ATOMS: atom_id res chain seq x y z
N PRO A 1 -2.36 1.53 -14.30
CA PRO A 1 -2.06 0.63 -13.18
C PRO A 1 -3.22 0.62 -12.21
N SER A 2 -2.91 0.60 -10.92
CA SER A 2 -3.89 0.97 -9.93
C SER A 2 -4.17 2.46 -10.07
N PHE A 3 -5.04 2.97 -9.24
CA PHE A 3 -5.13 4.40 -9.13
C PHE A 3 -3.97 4.89 -8.29
N ASN A 4 -3.85 4.27 -7.13
CA ASN A 4 -3.03 4.80 -6.06
C ASN A 4 -1.57 4.39 -6.16
N THR A 5 -1.17 3.69 -7.20
CA THR A 5 0.20 3.20 -7.31
C THR A 5 1.19 4.36 -7.38
N VAL A 6 0.69 5.58 -7.41
CA VAL A 6 1.52 6.75 -7.42
C VAL A 6 2.06 7.01 -6.02
N ARG A 7 3.35 6.98 -5.88
CA ARG A 7 3.92 7.01 -4.57
C ARG A 7 5.13 7.90 -4.47
N GLN A 8 5.28 8.43 -3.27
CA GLN A 8 6.39 9.26 -2.87
C GLN A 8 7.74 8.74 -3.37
N GLY A 9 8.35 9.52 -4.25
CA GLY A 9 9.71 9.26 -4.68
C GLY A 9 10.70 9.86 -3.72
N SER A 10 11.91 10.12 -4.20
CA SER A 10 12.98 10.67 -3.37
C SER A 10 12.51 11.94 -2.65
N LYS A 11 12.17 11.77 -1.36
CA LYS A 11 11.61 12.82 -0.50
C LYS A 11 10.56 13.67 -1.24
N GLU A 12 9.71 13.02 -2.03
CA GLU A 12 8.64 13.71 -2.74
C GLU A 12 7.73 14.41 -1.73
N PRO A 13 7.33 15.68 -2.01
CA PRO A 13 6.45 16.42 -1.11
C PRO A 13 5.23 15.59 -0.79
N TYR A 14 5.02 15.37 0.50
CA TYR A 14 4.08 14.37 0.93
C TYR A 14 2.63 14.75 0.64
N PRO A 15 2.13 15.94 1.06
CA PRO A 15 0.73 16.31 0.82
C PRO A 15 0.41 16.25 -0.67
N ASP A 16 1.47 16.31 -1.44
CA ASP A 16 1.40 16.29 -2.90
C ASP A 16 1.46 14.85 -3.42
N PHE A 17 2.29 14.03 -2.78
CA PHE A 17 2.38 12.62 -3.11
C PHE A 17 1.00 12.01 -2.97
N VAL A 18 0.35 12.35 -1.89
CA VAL A 18 -0.95 11.82 -1.58
C VAL A 18 -2.06 12.57 -2.34
N ALA A 19 -1.87 13.85 -2.59
CA ALA A 19 -2.86 14.60 -3.37
C ALA A 19 -3.06 14.00 -4.76
N ARG A 20 -2.01 13.43 -5.34
CA ARG A 20 -2.15 12.77 -6.62
C ARG A 20 -2.63 11.36 -6.37
N LEU A 21 -2.28 10.85 -5.19
CA LEU A 21 -2.78 9.59 -4.70
C LEU A 21 -4.31 9.62 -4.69
N GLN A 22 -4.84 10.72 -4.16
CA GLN A 22 -6.26 10.94 -4.08
C GLN A 22 -6.82 11.25 -5.43
N ASP A 23 -6.13 12.11 -6.14
CA ASP A 23 -6.55 12.55 -7.46
C ASP A 23 -6.92 11.38 -8.34
N VAL A 24 -5.98 10.47 -8.51
CA VAL A 24 -6.18 9.38 -9.45
C VAL A 24 -7.04 8.30 -8.81
N ALA A 25 -7.06 8.29 -7.48
CA ALA A 25 -7.96 7.40 -6.78
C ALA A 25 -9.37 7.89 -7.04
N GLN A 26 -9.45 9.17 -7.25
CA GLN A 26 -10.71 9.84 -7.48
C GLN A 26 -11.13 9.65 -8.92
N LYS A 27 -10.15 9.66 -9.80
CA LYS A 27 -10.38 9.44 -11.22
C LYS A 27 -10.85 8.04 -11.51
N SER A 28 -10.38 7.09 -10.71
CA SER A 28 -10.60 5.70 -10.99
C SER A 28 -11.66 5.12 -10.05
N ILE A 29 -11.99 5.88 -9.03
CA ILE A 29 -12.94 5.42 -8.02
C ILE A 29 -14.19 6.30 -8.00
N ALA A 30 -15.36 5.66 -7.97
CA ALA A 30 -16.63 6.38 -7.88
C ALA A 30 -17.12 6.40 -6.44
N ASP A 31 -16.38 5.71 -5.58
CA ASP A 31 -16.72 5.58 -4.17
C ASP A 31 -15.80 6.45 -3.35
N GLU A 32 -16.33 7.54 -2.83
CA GLU A 32 -15.56 8.46 -2.01
C GLU A 32 -14.88 7.71 -0.89
N LYS A 33 -15.53 6.65 -0.40
CA LYS A 33 -15.03 5.95 0.76
C LYS A 33 -13.81 5.15 0.36
N ALA A 34 -13.95 4.38 -0.72
CA ALA A 34 -12.82 3.63 -1.25
C ALA A 34 -11.72 4.57 -1.71
N ARG A 35 -12.11 5.79 -2.09
CA ARG A 35 -11.15 6.81 -2.51
C ARG A 35 -10.34 7.21 -1.30
N LYS A 36 -11.03 7.66 -0.27
CA LYS A 36 -10.37 8.10 0.97
C LYS A 36 -9.56 6.99 1.57
N VAL A 37 -10.20 5.86 1.80
CA VAL A 37 -9.57 4.76 2.51
C VAL A 37 -8.28 4.36 1.83
N ILE A 38 -8.22 4.48 0.51
CA ILE A 38 -7.01 4.11 -0.19
C ILE A 38 -6.03 5.27 -0.26
N VAL A 39 -6.50 6.50 -0.31
CA VAL A 39 -5.59 7.62 -0.23
C VAL A 39 -4.96 7.67 1.17
N GLU A 40 -5.81 7.61 2.18
CA GLU A 40 -5.40 7.60 3.57
C GLU A 40 -4.58 6.36 3.92
N LEU A 41 -4.78 5.27 3.20
CA LEU A 41 -4.00 4.07 3.45
C LEU A 41 -2.68 4.09 2.67
N MET A 42 -2.75 4.34 1.37
CA MET A 42 -1.58 4.36 0.52
C MET A 42 -0.68 5.49 0.94
N ALA A 43 -1.27 6.44 1.63
CA ALA A 43 -0.53 7.50 2.27
C ALA A 43 0.61 6.93 3.12
N TYR A 44 0.42 5.71 3.62
CA TYR A 44 1.45 5.02 4.36
C TYR A 44 2.05 3.96 3.49
N GLU A 45 1.26 2.94 3.20
CA GLU A 45 1.69 1.77 2.45
C GLU A 45 2.45 2.15 1.16
N ASN A 46 2.07 3.26 0.57
CA ASN A 46 2.65 3.68 -0.70
C ASN A 46 3.66 4.79 -0.52
N ALA A 47 3.62 5.45 0.62
CA ALA A 47 4.50 6.56 0.89
C ALA A 47 5.96 6.14 0.90
N ASN A 48 6.82 7.12 1.09
CA ASN A 48 8.22 6.87 1.29
C ASN A 48 8.40 5.99 2.51
N PRO A 49 9.37 5.07 2.45
CA PRO A 49 9.65 4.15 3.54
C PRO A 49 9.95 4.86 4.86
N GLU A 50 10.34 6.12 4.77
CA GLU A 50 10.55 6.98 5.92
C GLU A 50 9.25 7.71 6.29
N CYS A 51 8.47 8.00 5.27
CA CYS A 51 7.30 8.84 5.42
C CYS A 51 6.14 8.05 5.96
N GLN A 52 6.02 6.82 5.51
CA GLN A 52 5.05 5.91 6.08
C GLN A 52 5.53 5.60 7.47
N SER A 53 6.81 5.64 7.61
CA SER A 53 7.45 5.44 8.88
C SER A 53 7.24 6.65 9.78
N ALA A 54 6.93 7.77 9.17
CA ALA A 54 6.46 8.91 9.92
C ALA A 54 5.01 8.68 10.33
N ILE A 55 4.34 7.87 9.53
CA ILE A 55 2.92 7.65 9.64
C ILE A 55 2.50 6.50 10.56
N LYS A 56 3.28 5.42 10.65
CA LYS A 56 2.85 4.21 11.40
C LYS A 56 2.16 4.52 12.74
N PRO A 57 2.60 5.52 13.53
CA PRO A 57 1.91 5.91 14.78
C PRO A 57 0.49 6.43 14.52
N LEU A 58 0.29 7.05 13.36
CA LEU A 58 -1.01 7.61 12.99
C LEU A 58 -1.74 6.58 12.18
N LYS A 59 -0.99 5.62 11.69
CA LYS A 59 -1.56 4.55 10.90
C LYS A 59 -2.69 3.87 11.65
N GLY A 60 -3.91 4.10 11.18
CA GLY A 60 -5.07 3.56 11.85
C GLY A 60 -5.75 4.59 12.71
N LYS A 61 -4.98 5.59 13.13
CA LYS A 61 -5.51 6.63 13.99
C LYS A 61 -5.73 7.91 13.19
N VAL A 62 -6.97 8.30 13.06
CA VAL A 62 -7.30 9.61 12.54
C VAL A 62 -8.19 10.35 13.55
N PRO A 63 -7.99 11.66 13.73
CA PRO A 63 -8.90 12.49 14.52
C PRO A 63 -10.35 12.31 14.07
N ALA A 64 -11.25 12.26 15.03
CA ALA A 64 -12.65 12.02 14.75
C ALA A 64 -13.24 13.15 13.92
N GLY A 65 -13.42 12.89 12.63
CA GLY A 65 -13.97 13.88 11.73
C GLY A 65 -12.94 14.48 10.79
N SER A 66 -11.67 14.26 11.08
CA SER A 66 -10.60 14.81 10.25
C SER A 66 -10.16 13.81 9.19
N ASP A 67 -9.33 14.29 8.27
CA ASP A 67 -8.75 13.46 7.23
C ASP A 67 -7.48 12.84 7.76
N VAL A 68 -7.19 11.58 7.42
CA VAL A 68 -5.96 10.98 7.94
C VAL A 68 -4.79 11.51 7.16
N ILE A 69 -5.04 11.86 5.91
CA ILE A 69 -4.01 12.39 5.05
C ILE A 69 -3.41 13.63 5.67
N SER A 70 -4.26 14.50 6.13
CA SER A 70 -3.85 15.72 6.82
C SER A 70 -2.76 15.42 7.86
N GLU A 71 -2.89 14.29 8.54
CA GLU A 71 -1.98 13.89 9.60
C GLU A 71 -0.79 13.16 9.04
N TYR A 72 -1.02 12.45 7.97
CA TYR A 72 0.00 11.63 7.36
C TYR A 72 0.97 12.53 6.59
N VAL A 73 0.43 13.60 6.03
CA VAL A 73 1.24 14.62 5.42
C VAL A 73 1.95 15.40 6.52
N LYS A 74 1.27 15.50 7.66
CA LYS A 74 1.81 16.14 8.85
C LYS A 74 2.95 15.30 9.39
N ALA A 75 2.83 13.99 9.18
CA ALA A 75 3.86 13.05 9.57
C ALA A 75 5.14 13.32 8.80
N CYS A 76 4.99 13.45 7.49
CA CYS A 76 6.12 13.76 6.62
C CYS A 76 6.29 15.27 6.48
N ASP A 77 5.55 16.01 7.27
CA ASP A 77 5.72 17.46 7.32
C ASP A 77 7.09 17.79 7.89
N GLY A 78 7.66 16.83 8.60
CA GLY A 78 9.03 16.96 9.08
C GLY A 78 10.01 16.27 8.15
N ILE A 79 9.49 15.54 7.17
CA ILE A 79 10.33 14.84 6.21
C ILE A 79 10.48 15.62 4.93
N GLY A 80 11.71 15.82 4.52
CA GLY A 80 11.99 16.44 3.26
C GLY A 80 13.38 17.03 3.23
N GLY A 81 13.90 17.35 4.39
CA GLY A 81 15.29 17.77 4.49
C GLY A 81 15.79 17.75 5.91
N ALA A 82 17.02 17.25 6.08
CA ALA A 82 17.67 17.16 7.38
C ALA A 82 16.96 16.17 8.31
N MET A 83 15.81 16.58 8.83
CA MET A 83 15.05 15.75 9.76
C MET A 83 14.67 14.43 9.10
N HIS A 84 14.42 14.48 7.80
CA HIS A 84 14.19 13.27 7.00
C HIS A 84 15.28 12.24 7.25
N LYS A 85 16.52 12.69 7.22
CA LYS A 85 17.65 11.80 7.28
C LYS A 85 18.04 11.48 8.72
N ALA A 86 17.60 12.32 9.65
CA ALA A 86 17.71 12.02 11.07
C ALA A 86 16.71 10.94 11.44
N MET A 87 15.49 11.13 10.94
CA MET A 87 14.40 10.22 11.20
C MET A 87 14.51 8.97 10.34
N LEU A 88 15.37 9.00 9.35
CA LEU A 88 15.57 7.89 8.45
C LEU A 88 15.97 6.63 9.22
N MET A 89 16.78 6.79 10.24
CA MET A 89 17.26 5.67 11.02
C MET A 89 16.23 5.27 12.08
N ALA A 90 15.36 6.23 12.43
CA ALA A 90 14.40 6.02 13.51
C ALA A 90 13.10 5.45 12.99
N GLN A 91 12.57 6.08 11.96
CA GLN A 91 11.25 5.76 11.47
C GLN A 91 11.30 4.66 10.44
N LEU A 92 12.13 4.85 9.39
CA LEU A 92 12.33 3.82 8.38
C LEU A 92 12.68 2.52 9.10
N GLU A 93 13.46 2.71 10.17
CA GLU A 93 14.01 1.64 11.01
C GLU A 93 14.10 0.29 10.30
N PRO B 1 -4.22 -0.88 13.92
CA PRO B 1 -3.60 -0.07 12.87
C PRO B 1 -4.63 0.16 11.77
N SER B 2 -4.18 0.11 10.52
CA SER B 2 -5.10 -0.06 9.42
C SER B 2 -5.69 -1.46 9.50
N PHE B 3 -6.55 -1.81 8.58
CA PHE B 3 -6.90 -3.19 8.43
C PHE B 3 -5.78 -3.90 7.72
N ASN B 4 -5.41 -3.34 6.60
CA ASN B 4 -4.59 -4.04 5.62
C ASN B 4 -3.09 -3.92 5.90
N THR B 5 -2.70 -3.30 6.98
CA THR B 5 -1.27 -3.11 7.25
C THR B 5 -0.54 -4.43 7.43
N VAL B 6 -1.29 -5.53 7.38
CA VAL B 6 -0.71 -6.84 7.47
C VAL B 6 -0.09 -7.22 6.14
N ARG B 7 1.21 -7.44 6.15
CA ARG B 7 1.90 -7.61 4.91
C ARG B 7 2.92 -8.72 4.93
N GLN B 8 3.10 -9.28 3.75
CA GLN B 8 4.05 -10.33 3.46
C GLN B 8 5.40 -10.08 4.14
N GLY B 9 5.75 -10.97 5.06
CA GLY B 9 7.06 -10.97 5.64
C GLY B 9 8.02 -11.78 4.79
N SER B 10 9.11 -12.26 5.41
CA SER B 10 10.12 -13.03 4.70
C SER B 10 9.49 -14.18 3.92
N LYS B 11 9.34 -13.96 2.60
CA LYS B 11 8.68 -14.88 1.67
C LYS B 11 7.40 -15.50 2.27
N GLU B 12 6.62 -14.68 2.96
CA GLU B 12 5.36 -15.14 3.54
C GLU B 12 4.45 -15.65 2.43
N PRO B 13 3.77 -16.80 2.65
CA PRO B 13 2.86 -17.37 1.63
C PRO B 13 1.88 -16.32 1.19
N TYR B 14 1.87 -16.08 -0.11
CA TYR B 14 1.20 -14.91 -0.63
C TYR B 14 -0.31 -14.99 -0.50
N PRO B 15 -0.99 -16.05 -1.00
CA PRO B 15 -2.46 -16.13 -0.92
C PRO B 15 -2.92 -16.00 0.52
N ASP B 16 -1.99 -16.26 1.41
CA ASP B 16 -2.23 -16.20 2.84
C ASP B 16 -1.94 -14.80 3.38
N PHE B 17 -0.88 -14.19 2.86
CA PHE B 17 -0.56 -12.82 3.22
C PHE B 17 -1.77 -11.94 2.93
N VAL B 18 -2.34 -12.15 1.77
CA VAL B 18 -3.47 -11.37 1.33
C VAL B 18 -4.78 -11.88 1.94
N ALA B 19 -4.89 -13.17 2.19
CA ALA B 19 -6.08 -13.71 2.86
C ALA B 19 -6.31 -13.05 4.21
N ARG B 20 -5.24 -12.70 4.92
CA ARG B 20 -5.39 -12.02 6.18
C ARG B 20 -5.54 -10.53 5.90
N LEU B 21 -4.99 -10.13 4.77
CA LEU B 21 -5.16 -8.78 4.25
C LEU B 21 -6.64 -8.51 4.07
N GLN B 22 -7.32 -9.48 3.46
CA GLN B 22 -8.74 -9.41 3.22
C GLN B 22 -9.51 -9.60 4.49
N ASP B 23 -9.08 -10.58 5.27
CA ASP B 23 -9.74 -10.90 6.52
C ASP B 23 -9.96 -9.68 7.37
N VAL B 24 -8.88 -8.96 7.66
CA VAL B 24 -8.96 -7.86 8.57
C VAL B 24 -9.52 -6.63 7.85
N ALA B 25 -9.38 -6.62 6.54
CA ALA B 25 -9.99 -5.58 5.74
C ALA B 25 -11.49 -5.77 5.83
N GLN B 26 -11.85 -7.02 6.02
CA GLN B 26 -13.24 -7.42 6.10
C GLN B 26 -13.78 -7.13 7.49
N LYS B 27 -12.91 -7.32 8.47
CA LYS B 27 -13.26 -7.05 9.86
C LYS B 27 -13.47 -5.57 10.11
N SER B 28 -12.73 -4.76 9.37
CA SER B 28 -12.71 -3.33 9.65
C SER B 28 -13.51 -2.57 8.61
N ILE B 29 -13.87 -3.25 7.53
CA ILE B 29 -14.59 -2.62 6.44
C ILE B 29 -15.98 -3.24 6.27
N ALA B 30 -16.98 -2.38 6.11
CA ALA B 30 -18.34 -2.82 5.86
C ALA B 30 -18.67 -2.77 4.38
N ASP B 31 -17.71 -2.25 3.62
CA ASP B 31 -17.86 -2.08 2.18
C ASP B 31 -17.04 -3.12 1.46
N GLU B 32 -17.72 -4.08 0.87
CA GLU B 32 -17.06 -5.15 0.13
C GLU B 32 -16.11 -4.56 -0.90
N LYS B 33 -16.47 -3.40 -1.44
CA LYS B 33 -15.72 -2.82 -2.53
C LYS B 33 -14.42 -2.28 -1.99
N ALA B 34 -14.52 -1.49 -0.93
CA ALA B 34 -13.34 -0.97 -0.26
C ALA B 34 -12.50 -2.13 0.31
N ARG B 35 -13.17 -3.23 0.63
CA ARG B 35 -12.50 -4.41 1.15
C ARG B 35 -11.64 -4.98 0.04
N LYS B 36 -12.28 -5.29 -1.08
CA LYS B 36 -11.58 -5.87 -2.22
C LYS B 36 -10.50 -4.95 -2.72
N VAL B 37 -10.89 -3.72 -3.02
CA VAL B 37 -9.97 -2.78 -3.63
C VAL B 37 -8.71 -2.64 -2.81
N ILE B 38 -8.82 -2.75 -1.49
CA ILE B 38 -7.65 -2.62 -0.65
C ILE B 38 -6.94 -3.96 -0.49
N VAL B 39 -7.66 -5.06 -0.51
CA VAL B 39 -6.98 -6.35 -0.50
C VAL B 39 -6.22 -6.54 -1.81
N GLU B 40 -6.92 -6.33 -2.92
CA GLU B 40 -6.35 -6.41 -4.24
C GLU B 40 -5.26 -5.36 -4.49
N LEU B 41 -5.33 -4.25 -3.79
CA LEU B 41 -4.30 -3.22 -3.93
C LEU B 41 -3.11 -3.50 -3.01
N MET B 42 -3.38 -3.72 -1.72
CA MET B 42 -2.33 -3.96 -0.73
C MET B 42 -1.63 -5.26 -1.06
N ALA B 43 -2.33 -6.08 -1.84
CA ALA B 43 -1.75 -7.27 -2.40
C ALA B 43 -0.43 -6.95 -3.10
N TYR B 44 -0.32 -5.73 -3.61
CA TYR B 44 0.92 -5.26 -4.22
C TYR B 44 1.62 -4.33 -3.27
N GLU B 45 1.01 -3.17 -3.06
CA GLU B 45 1.58 -2.10 -2.25
C GLU B 45 2.10 -2.61 -0.90
N ASN B 46 1.45 -3.63 -0.35
CA ASN B 46 1.77 -4.13 0.97
C ASN B 46 2.56 -5.43 0.88
N ALA B 47 2.52 -6.07 -0.27
CA ALA B 47 3.19 -7.36 -0.44
C ALA B 47 4.68 -7.23 -0.27
N ASN B 48 5.33 -8.37 -0.40
CA ASN B 48 6.78 -8.40 -0.42
C ASN B 48 7.28 -7.59 -1.60
N PRO B 49 8.39 -6.88 -1.43
CA PRO B 49 8.98 -6.04 -2.46
C PRO B 49 9.27 -6.82 -3.75
N GLU B 50 9.39 -8.13 -3.63
CA GLU B 50 9.55 -9.02 -4.76
C GLU B 50 8.19 -9.48 -5.28
N CYS B 51 7.24 -9.60 -4.36
CA CYS B 51 5.96 -10.20 -4.66
C CYS B 51 5.05 -9.19 -5.31
N GLN B 52 5.13 -7.95 -4.86
CA GLN B 52 4.44 -6.88 -5.54
C GLN B 52 5.11 -6.68 -6.86
N SER B 53 6.38 -6.97 -6.85
CA SER B 53 7.18 -6.92 -8.03
C SER B 53 6.83 -8.08 -8.97
N ALA B 54 6.25 -9.10 -8.41
CA ALA B 54 5.65 -10.13 -9.23
C ALA B 54 4.32 -9.62 -9.79
N ILE B 55 3.74 -8.69 -9.06
CA ILE B 55 2.42 -8.20 -9.33
C ILE B 55 2.34 -7.00 -10.28
N LYS B 56 3.33 -6.09 -10.26
CA LYS B 56 3.25 -4.83 -11.05
C LYS B 56 2.65 -5.00 -12.46
N PRO B 57 2.98 -6.08 -13.21
CA PRO B 57 2.38 -6.34 -14.53
C PRO B 57 0.86 -6.56 -14.45
N LEU B 58 0.41 -7.12 -13.33
CA LEU B 58 -1.00 -7.40 -13.11
C LEU B 58 -1.61 -6.24 -12.37
N LYS B 59 -0.74 -5.44 -11.79
CA LYS B 59 -1.17 -4.26 -11.04
C LYS B 59 -2.06 -3.38 -11.92
N GLY B 60 -3.35 -3.36 -11.60
CA GLY B 60 -4.29 -2.60 -12.38
C GLY B 60 -5.05 -3.49 -13.34
N LYS B 61 -4.46 -4.62 -13.67
CA LYS B 61 -5.09 -5.55 -14.60
C LYS B 61 -5.65 -6.74 -13.85
N VAL B 62 -6.95 -6.87 -13.86
CA VAL B 62 -7.59 -8.09 -13.39
C VAL B 62 -8.48 -8.65 -14.51
N PRO B 63 -8.54 -9.98 -14.67
CA PRO B 63 -9.50 -10.61 -15.58
C PRO B 63 -10.91 -10.14 -15.30
N ALA B 64 -11.67 -9.91 -16.36
CA ALA B 64 -13.03 -9.40 -16.23
C ALA B 64 -13.92 -10.39 -15.48
N GLY B 65 -14.18 -10.09 -14.22
CA GLY B 65 -15.03 -10.93 -13.41
C GLY B 65 -14.26 -11.71 -12.36
N SER B 66 -12.94 -11.77 -12.51
CA SER B 66 -12.10 -12.51 -11.57
C SER B 66 -11.59 -11.61 -10.44
N ASP B 67 -10.99 -12.23 -9.45
CA ASP B 67 -10.37 -11.52 -8.34
C ASP B 67 -8.95 -11.16 -8.72
N VAL B 68 -8.46 -9.98 -8.33
CA VAL B 68 -7.09 -9.65 -8.69
C VAL B 68 -6.13 -10.40 -7.79
N ILE B 69 -6.59 -10.67 -6.58
CA ILE B 69 -5.80 -11.39 -5.61
C ILE B 69 -5.39 -12.73 -6.17
N SER B 70 -6.34 -13.42 -6.73
CA SER B 70 -6.10 -14.71 -7.39
C SER B 70 -4.86 -14.65 -8.31
N GLU B 71 -4.69 -13.52 -8.99
CA GLU B 71 -3.60 -13.32 -9.92
C GLU B 71 -2.36 -12.83 -9.23
N TYR B 72 -2.57 -12.08 -8.18
CA TYR B 72 -1.48 -11.48 -7.45
C TYR B 72 -0.81 -12.55 -6.59
N VAL B 73 -1.61 -13.48 -6.11
CA VAL B 73 -1.09 -14.64 -5.42
C VAL B 73 -0.44 -15.55 -6.44
N LYS B 74 -0.99 -15.52 -7.65
CA LYS B 74 -0.45 -16.27 -8.77
C LYS B 74 0.88 -15.68 -9.17
N ALA B 75 1.01 -14.38 -8.95
CA ALA B 75 2.23 -13.66 -9.22
C ALA B 75 3.34 -14.17 -8.31
N CYS B 76 3.03 -14.27 -7.03
CA CYS B 76 3.95 -14.78 -6.04
C CYS B 76 3.81 -16.29 -5.90
N ASP B 77 3.03 -16.88 -6.78
CA ASP B 77 2.91 -18.33 -6.83
C ASP B 77 4.24 -18.95 -7.25
N GLY B 78 5.08 -18.12 -7.88
CA GLY B 78 6.43 -18.53 -8.18
C GLY B 78 7.42 -18.04 -7.14
N ILE B 79 6.95 -17.21 -6.21
CA ILE B 79 7.80 -16.68 -5.17
C ILE B 79 7.64 -17.46 -3.88
N GLY B 80 8.76 -17.90 -3.34
CA GLY B 80 8.75 -18.56 -2.06
C GLY B 80 9.99 -19.40 -1.88
N GLY B 81 10.57 -19.84 -2.98
CA GLY B 81 11.84 -20.52 -2.92
C GLY B 81 12.49 -20.62 -4.28
N ALA B 82 13.81 -20.39 -4.30
CA ALA B 82 14.60 -20.45 -5.52
C ALA B 82 14.22 -19.35 -6.51
N MET B 83 13.08 -19.52 -7.18
CA MET B 83 12.61 -18.55 -8.17
C MET B 83 12.43 -17.19 -7.54
N HIS B 84 12.03 -17.17 -6.27
CA HIS B 84 11.95 -15.93 -5.49
C HIS B 84 13.25 -15.14 -5.60
N LYS B 85 14.35 -15.83 -5.44
CA LYS B 85 15.66 -15.19 -5.36
C LYS B 85 16.27 -14.96 -6.74
N ALA B 86 15.77 -15.71 -7.72
CA ALA B 86 16.10 -15.45 -9.12
C ALA B 86 15.38 -14.20 -9.59
N MET B 87 14.11 -14.13 -9.23
CA MET B 87 13.25 -13.02 -9.61
C MET B 87 13.51 -11.80 -8.73
N LEU B 88 14.23 -12.01 -7.64
CA LEU B 88 14.54 -10.94 -6.71
C LEU B 88 15.28 -9.79 -7.41
N MET B 89 16.15 -10.14 -8.33
CA MET B 89 16.93 -9.13 -9.05
C MET B 89 16.12 -8.57 -10.22
N ALA B 90 15.13 -9.32 -10.67
CA ALA B 90 14.35 -8.94 -11.84
C ALA B 90 13.14 -8.11 -11.47
N GLN B 91 12.38 -8.61 -10.52
CA GLN B 91 11.11 -8.03 -10.17
C GLN B 91 11.28 -6.95 -9.12
N LEU B 92 11.90 -7.29 -7.99
CA LEU B 92 12.20 -6.32 -6.95
C LEU B 92 12.88 -5.12 -7.61
N GLU B 93 13.73 -5.47 -8.59
CA GLU B 93 14.58 -4.55 -9.35
C GLU B 93 14.86 -3.24 -8.62
N PRO A 1 -2.16 1.48 -14.19
CA PRO A 1 -1.84 0.57 -13.08
C PRO A 1 -3.00 0.55 -12.11
N SER A 2 -2.68 0.54 -10.82
CA SER A 2 -3.67 0.90 -9.83
C SER A 2 -3.99 2.38 -9.98
N PHE A 3 -4.91 2.87 -9.22
CA PHE A 3 -5.04 4.31 -9.11
C PHE A 3 -3.89 4.82 -8.27
N ASN A 4 -3.77 4.21 -7.11
CA ASN A 4 -2.94 4.73 -6.04
C ASN A 4 -1.49 4.31 -6.14
N THR A 5 -1.11 3.66 -7.21
CA THR A 5 0.26 3.16 -7.33
C THR A 5 1.27 4.30 -7.37
N VAL A 6 0.78 5.53 -7.39
CA VAL A 6 1.63 6.70 -7.31
C VAL A 6 2.08 6.89 -5.87
N ARG A 7 3.35 7.12 -5.65
CA ARG A 7 3.80 7.31 -4.29
C ARG A 7 5.07 8.14 -4.15
N GLN A 8 5.23 8.65 -2.94
CA GLN A 8 6.32 9.53 -2.56
C GLN A 8 7.68 9.02 -3.03
N GLY A 9 8.27 9.76 -3.95
CA GLY A 9 9.61 9.47 -4.39
C GLY A 9 10.64 10.15 -3.52
N SER A 10 11.80 10.49 -4.08
CA SER A 10 12.89 11.13 -3.34
C SER A 10 12.39 12.35 -2.57
N LYS A 11 12.06 12.13 -1.29
CA LYS A 11 11.43 13.13 -0.41
C LYS A 11 10.40 13.98 -1.16
N GLU A 12 9.58 13.32 -1.99
CA GLU A 12 8.51 13.98 -2.72
C GLU A 12 7.58 14.70 -1.74
N PRO A 13 7.14 15.93 -2.07
CA PRO A 13 6.24 16.68 -1.20
C PRO A 13 5.03 15.84 -0.88
N TYR A 14 4.81 15.61 0.40
CA TYR A 14 3.89 14.59 0.82
C TYR A 14 2.43 14.95 0.56
N PRO A 15 1.93 16.13 1.01
CA PRO A 15 0.53 16.49 0.79
C PRO A 15 0.20 16.47 -0.69
N ASP A 16 1.25 16.50 -1.48
CA ASP A 16 1.17 16.46 -2.92
C ASP A 16 1.23 15.02 -3.41
N PHE A 17 2.13 14.23 -2.82
CA PHE A 17 2.24 12.81 -3.14
C PHE A 17 0.87 12.16 -2.97
N VAL A 18 0.23 12.48 -1.86
CA VAL A 18 -1.06 11.93 -1.55
C VAL A 18 -2.17 12.62 -2.33
N ALA A 19 -2.05 13.91 -2.58
CA ALA A 19 -3.06 14.63 -3.37
C ALA A 19 -3.23 14.02 -4.75
N ARG A 20 -2.15 13.48 -5.32
CA ARG A 20 -2.26 12.82 -6.60
C ARG A 20 -2.71 11.39 -6.35
N LEU A 21 -2.37 10.90 -5.17
CA LEU A 21 -2.83 9.61 -4.69
C LEU A 21 -4.36 9.61 -4.67
N GLN A 22 -4.93 10.69 -4.13
CA GLN A 22 -6.36 10.89 -4.06
C GLN A 22 -6.93 11.16 -5.41
N ASP A 23 -6.28 12.06 -6.12
CA ASP A 23 -6.74 12.47 -7.44
C ASP A 23 -7.04 11.27 -8.33
N VAL A 24 -6.08 10.37 -8.44
CA VAL A 24 -6.22 9.25 -9.34
C VAL A 24 -7.06 8.16 -8.70
N ALA A 25 -7.09 8.18 -7.36
CA ALA A 25 -7.95 7.27 -6.63
C ALA A 25 -9.37 7.74 -6.82
N GLN A 26 -9.48 8.98 -7.21
CA GLN A 26 -10.76 9.59 -7.48
C GLN A 26 -11.17 9.30 -8.92
N LYS A 27 -10.16 9.30 -9.79
CA LYS A 27 -10.37 9.03 -11.21
C LYS A 27 -10.80 7.60 -11.47
N SER A 28 -10.25 6.66 -10.71
CA SER A 28 -10.47 5.26 -10.99
C SER A 28 -11.49 4.68 -10.02
N ILE A 29 -11.83 5.45 -9.01
CA ILE A 29 -12.78 5.00 -8.02
C ILE A 29 -14.07 5.81 -8.10
N ALA A 30 -15.19 5.12 -8.15
CA ALA A 30 -16.49 5.77 -8.22
C ALA A 30 -17.08 5.97 -6.83
N ASP A 31 -16.35 5.54 -5.81
CA ASP A 31 -16.83 5.65 -4.44
C ASP A 31 -15.88 6.46 -3.56
N GLU A 32 -16.44 7.45 -2.91
CA GLU A 32 -15.68 8.27 -1.96
C GLU A 32 -15.06 7.40 -0.88
N LYS A 33 -15.72 6.31 -0.53
CA LYS A 33 -15.25 5.43 0.53
C LYS A 33 -13.91 4.86 0.14
N ALA A 34 -13.92 4.13 -0.96
CA ALA A 34 -12.73 3.50 -1.47
C ALA A 34 -11.69 4.56 -1.84
N ARG A 35 -12.15 5.76 -2.12
CA ARG A 35 -11.25 6.84 -2.49
C ARG A 35 -10.45 7.22 -1.26
N LYS A 36 -11.16 7.61 -0.21
CA LYS A 36 -10.50 8.00 1.05
C LYS A 36 -9.63 6.89 1.57
N VAL A 37 -10.24 5.73 1.74
CA VAL A 37 -9.59 4.63 2.42
C VAL A 37 -8.25 4.31 1.79
N ILE A 38 -8.16 4.43 0.46
CA ILE A 38 -6.92 4.10 -0.19
C ILE A 38 -5.98 5.28 -0.25
N VAL A 39 -6.48 6.50 -0.27
CA VAL A 39 -5.59 7.64 -0.22
C VAL A 39 -4.98 7.74 1.17
N GLU A 40 -5.83 7.66 2.18
CA GLU A 40 -5.41 7.64 3.57
C GLU A 40 -4.58 6.42 3.93
N LEU A 41 -4.74 5.35 3.16
CA LEU A 41 -3.93 4.15 3.37
C LEU A 41 -2.60 4.21 2.64
N MET A 42 -2.64 4.41 1.33
CA MET A 42 -1.44 4.43 0.50
C MET A 42 -0.55 5.56 0.91
N ALA A 43 -1.16 6.53 1.57
CA ALA A 43 -0.45 7.59 2.23
C ALA A 43 0.68 7.04 3.10
N TYR A 44 0.50 5.81 3.58
CA TYR A 44 1.53 5.12 4.34
C TYR A 44 2.09 4.01 3.48
N GLU A 45 1.24 3.01 3.23
CA GLU A 45 1.64 1.80 2.54
C GLU A 45 2.46 2.10 1.28
N ASN A 46 2.17 3.22 0.62
CA ASN A 46 2.83 3.56 -0.62
C ASN A 46 3.87 4.65 -0.42
N ALA A 47 3.75 5.42 0.66
CA ALA A 47 4.62 6.58 0.89
C ALA A 47 6.08 6.21 0.99
N ASN A 48 6.88 7.24 1.21
CA ASN A 48 8.30 7.06 1.42
C ASN A 48 8.51 6.12 2.59
N PRO A 49 9.50 5.21 2.48
CA PRO A 49 9.78 4.20 3.49
C PRO A 49 10.04 4.82 4.86
N GLU A 50 10.44 6.07 4.84
CA GLU A 50 10.62 6.87 6.04
C GLU A 50 9.32 7.56 6.42
N CYS A 51 8.50 7.86 5.44
CA CYS A 51 7.36 8.69 5.66
C CYS A 51 6.21 7.89 6.19
N GLN A 52 6.07 6.68 5.69
CA GLN A 52 5.10 5.79 6.27
C GLN A 52 5.58 5.46 7.64
N SER A 53 6.88 5.48 7.76
CA SER A 53 7.56 5.34 9.01
C SER A 53 7.34 6.58 9.89
N ALA A 54 6.98 7.68 9.28
CA ALA A 54 6.50 8.81 10.06
C ALA A 54 5.04 8.61 10.42
N ILE A 55 4.37 7.82 9.62
CA ILE A 55 2.94 7.66 9.71
C ILE A 55 2.47 6.53 10.63
N LYS A 56 3.26 5.44 10.77
CA LYS A 56 2.80 4.27 11.57
C LYS A 56 2.06 4.65 12.88
N PRO A 57 2.51 5.67 13.65
CA PRO A 57 1.80 6.11 14.86
C PRO A 57 0.39 6.62 14.58
N LEU A 58 0.19 7.15 13.37
CA LEU A 58 -1.09 7.68 12.95
C LEU A 58 -1.77 6.64 12.09
N LYS A 59 -0.98 5.67 11.65
CA LYS A 59 -1.49 4.62 10.78
C LYS A 59 -2.70 3.94 11.38
N GLY A 60 -3.85 4.19 10.78
CA GLY A 60 -5.08 3.62 11.24
C GLY A 60 -5.78 4.52 12.22
N LYS A 61 -5.02 5.44 12.81
CA LYS A 61 -5.56 6.36 13.78
C LYS A 61 -5.75 7.73 13.15
N VAL A 62 -6.99 8.14 13.01
CA VAL A 62 -7.28 9.48 12.56
C VAL A 62 -8.15 10.19 13.61
N PRO A 63 -7.97 11.50 13.82
CA PRO A 63 -8.91 12.30 14.61
C PRO A 63 -10.34 12.03 14.22
N ALA A 64 -11.22 11.94 15.21
CA ALA A 64 -12.60 11.55 15.00
C ALA A 64 -13.34 12.51 14.05
N GLY A 65 -13.39 12.14 12.78
CA GLY A 65 -14.12 12.94 11.82
C GLY A 65 -13.21 13.77 10.94
N SER A 66 -11.91 13.72 11.20
CA SER A 66 -10.95 14.47 10.39
C SER A 66 -10.36 13.60 9.28
N ASP A 67 -9.48 14.21 8.49
CA ASP A 67 -8.81 13.53 7.39
C ASP A 67 -7.55 12.87 7.91
N VAL A 68 -7.24 11.64 7.49
CA VAL A 68 -6.01 11.03 7.97
C VAL A 68 -4.84 11.58 7.19
N ILE A 69 -5.11 11.95 5.95
CA ILE A 69 -4.07 12.47 5.09
C ILE A 69 -3.47 13.70 5.68
N SER A 70 -4.34 14.58 6.13
CA SER A 70 -3.94 15.80 6.82
C SER A 70 -2.84 15.52 7.86
N GLU A 71 -2.96 14.38 8.54
CA GLU A 71 -2.05 13.98 9.59
C GLU A 71 -0.85 13.26 9.03
N TYR A 72 -1.08 12.55 7.96
CA TYR A 72 -0.05 11.75 7.34
C TYR A 72 0.92 12.65 6.59
N VAL A 73 0.38 13.72 6.03
CA VAL A 73 1.20 14.76 5.41
C VAL A 73 1.90 15.52 6.52
N LYS A 74 1.21 15.62 7.65
CA LYS A 74 1.73 16.27 8.82
C LYS A 74 2.82 15.41 9.44
N ALA A 75 2.73 14.10 9.18
CA ALA A 75 3.76 13.17 9.59
C ALA A 75 5.05 13.47 8.85
N CYS A 76 4.94 13.67 7.54
CA CYS A 76 6.11 13.99 6.73
C CYS A 76 6.36 15.49 6.70
N ASP A 77 5.52 16.23 7.41
CA ASP A 77 5.73 17.67 7.54
C ASP A 77 7.01 17.93 8.34
N GLY A 78 7.50 16.88 8.98
CA GLY A 78 8.79 16.95 9.64
C GLY A 78 9.88 16.25 8.85
N ILE A 79 9.50 15.45 7.84
CA ILE A 79 10.48 14.71 7.04
C ILE A 79 11.13 15.60 5.99
N GLY A 80 10.52 15.67 4.80
CA GLY A 80 11.09 16.42 3.68
C GLY A 80 12.59 16.22 3.54
N GLY A 81 13.34 17.26 3.84
CA GLY A 81 14.79 17.20 3.74
C GLY A 81 15.45 17.53 5.05
N ALA A 82 16.74 17.23 5.16
CA ALA A 82 17.54 17.50 6.37
C ALA A 82 17.10 16.60 7.52
N MET A 83 15.93 16.87 8.07
CA MET A 83 15.41 16.11 9.20
C MET A 83 15.12 14.67 8.76
N HIS A 84 14.76 14.52 7.50
CA HIS A 84 14.59 13.21 6.88
C HIS A 84 15.88 12.38 6.97
N LYS A 85 17.02 13.06 6.95
CA LYS A 85 18.29 12.36 6.98
C LYS A 85 18.66 12.02 8.43
N ALA A 86 17.98 12.68 9.36
CA ALA A 86 18.14 12.40 10.78
C ALA A 86 17.24 11.24 11.19
N MET A 87 15.99 11.34 10.77
CA MET A 87 14.95 10.40 11.20
C MET A 87 14.97 9.13 10.38
N LEU A 88 15.68 9.16 9.27
CA LEU A 88 15.81 8.01 8.38
C LEU A 88 16.23 6.75 9.13
N MET A 89 17.06 6.92 10.15
CA MET A 89 17.52 5.78 10.93
C MET A 89 16.52 5.41 12.02
N ALA A 90 15.62 6.35 12.33
CA ALA A 90 14.69 6.18 13.43
C ALA A 90 13.34 5.65 12.96
N GLN A 91 12.75 6.36 12.01
CA GLN A 91 11.41 6.03 11.56
C GLN A 91 11.42 4.90 10.57
N LEU A 92 12.20 5.04 9.50
CA LEU A 92 12.40 3.98 8.51
C LEU A 92 12.74 2.68 9.25
N GLU A 93 13.49 2.88 10.34
CA GLU A 93 14.06 1.82 11.19
C GLU A 93 14.21 0.47 10.48
N PRO B 1 -4.01 -0.87 13.85
CA PRO B 1 -3.39 -0.05 12.80
C PRO B 1 -4.40 0.19 11.69
N SER B 2 -3.95 0.12 10.45
CA SER B 2 -4.87 -0.05 9.35
C SER B 2 -5.48 -1.43 9.44
N PHE B 3 -6.40 -1.74 8.57
CA PHE B 3 -6.79 -3.11 8.44
C PHE B 3 -5.68 -3.85 7.72
N ASN B 4 -5.31 -3.30 6.59
CA ASN B 4 -4.49 -3.99 5.62
C ASN B 4 -3.01 -3.87 5.89
N THR B 5 -2.61 -3.28 7.00
CA THR B 5 -1.20 -3.07 7.28
C THR B 5 -0.45 -4.40 7.42
N VAL B 6 -1.18 -5.51 7.36
CA VAL B 6 -0.58 -6.82 7.37
C VAL B 6 -0.02 -7.11 5.99
N ARG B 7 1.21 -7.59 5.91
CA ARG B 7 1.75 -7.89 4.61
C ARG B 7 2.84 -8.94 4.61
N GLN B 8 3.03 -9.51 3.42
CA GLN B 8 3.97 -10.58 3.15
C GLN B 8 5.33 -10.35 3.78
N GLY B 9 5.65 -11.19 4.76
CA GLY B 9 6.97 -11.17 5.36
C GLY B 9 7.93 -12.05 4.59
N SER B 10 8.92 -12.61 5.28
CA SER B 10 9.94 -13.46 4.67
C SER B 10 9.30 -14.57 3.82
N LYS B 11 9.16 -14.31 2.52
CA LYS B 11 8.45 -15.16 1.56
C LYS B 11 7.19 -15.78 2.18
N GLU B 12 6.44 -14.96 2.91
CA GLU B 12 5.17 -15.38 3.51
C GLU B 12 4.25 -15.91 2.42
N PRO B 13 3.53 -17.02 2.68
CA PRO B 13 2.61 -17.59 1.70
C PRO B 13 1.63 -16.53 1.26
N TYR B 14 1.60 -16.26 -0.03
CA TYR B 14 0.97 -15.08 -0.54
C TYR B 14 -0.55 -15.15 -0.46
N PRO B 15 -1.23 -16.20 -0.98
CA PRO B 15 -2.69 -16.29 -0.92
C PRO B 15 -3.18 -16.17 0.52
N ASP B 16 -2.25 -16.41 1.41
CA ASP B 16 -2.47 -16.34 2.84
C ASP B 16 -2.18 -14.93 3.36
N PHE B 17 -1.10 -14.33 2.87
CA PHE B 17 -0.73 -12.97 3.23
C PHE B 17 -1.91 -12.06 2.91
N VAL B 18 -2.47 -12.26 1.73
CA VAL B 18 -3.58 -11.45 1.28
C VAL B 18 -4.89 -11.91 1.92
N ALA B 19 -5.06 -13.19 2.16
CA ALA B 19 -6.27 -13.68 2.81
C ALA B 19 -6.47 -13.05 4.19
N ARG B 20 -5.38 -12.72 4.88
CA ARG B 20 -5.50 -12.04 6.15
C ARG B 20 -5.63 -10.56 5.87
N LEU B 21 -5.07 -10.15 4.73
CA LEU B 21 -5.21 -8.80 4.23
C LEU B 21 -6.70 -8.49 4.03
N GLN B 22 -7.40 -9.44 3.41
CA GLN B 22 -8.82 -9.35 3.18
C GLN B 22 -9.58 -9.49 4.46
N ASP B 23 -9.22 -10.49 5.22
CA ASP B 23 -9.90 -10.79 6.48
C ASP B 23 -10.04 -9.55 7.34
N VAL B 24 -8.95 -8.86 7.56
CA VAL B 24 -8.96 -7.72 8.46
C VAL B 24 -9.49 -6.50 7.74
N ALA B 25 -9.37 -6.51 6.41
CA ALA B 25 -9.94 -5.46 5.60
C ALA B 25 -11.44 -5.63 5.62
N GLN B 26 -11.84 -6.82 5.97
CA GLN B 26 -13.23 -7.16 6.09
C GLN B 26 -13.74 -6.78 7.48
N LYS B 27 -12.87 -6.97 8.46
CA LYS B 27 -13.16 -6.65 9.85
C LYS B 27 -13.33 -5.16 10.08
N SER B 28 -12.52 -4.36 9.41
CA SER B 28 -12.47 -2.94 9.66
C SER B 28 -13.25 -2.17 8.61
N ILE B 29 -13.62 -2.87 7.55
CA ILE B 29 -14.35 -2.25 6.46
C ILE B 29 -15.77 -2.78 6.39
N ALA B 30 -16.73 -1.88 6.30
CA ALA B 30 -18.12 -2.25 6.23
C ALA B 30 -18.57 -2.35 4.77
N ASP B 31 -17.66 -2.09 3.85
CA ASP B 31 -18.00 -2.12 2.43
C ASP B 31 -17.14 -3.11 1.66
N GLU B 32 -17.81 -3.98 0.93
CA GLU B 32 -17.13 -4.94 0.07
C GLU B 32 -16.22 -4.23 -0.92
N LYS B 33 -16.61 -3.02 -1.34
CA LYS B 33 -15.85 -2.27 -2.32
C LYS B 33 -14.48 -1.97 -1.78
N ALA B 34 -14.47 -1.25 -0.67
CA ALA B 34 -13.24 -0.86 -0.02
C ALA B 34 -12.48 -2.10 0.44
N ARG B 35 -13.21 -3.19 0.66
CA ARG B 35 -12.58 -4.42 1.12
C ARG B 35 -11.74 -4.98 -0.02
N LYS B 36 -12.39 -5.21 -1.15
CA LYS B 36 -11.69 -5.74 -2.32
C LYS B 36 -10.56 -4.83 -2.73
N VAL B 37 -10.91 -3.57 -2.96
CA VAL B 37 -9.96 -2.64 -3.54
C VAL B 37 -8.67 -2.58 -2.76
N ILE B 38 -8.76 -2.71 -1.44
CA ILE B 38 -7.57 -2.63 -0.64
C ILE B 38 -6.89 -3.98 -0.49
N VAL B 39 -7.64 -5.07 -0.54
CA VAL B 39 -6.99 -6.38 -0.50
C VAL B 39 -6.24 -6.60 -1.82
N GLU B 40 -6.94 -6.36 -2.93
CA GLU B 40 -6.38 -6.44 -4.25
C GLU B 40 -5.29 -5.41 -4.49
N LEU B 41 -5.31 -4.33 -3.73
CA LEU B 41 -4.26 -3.32 -3.84
C LEU B 41 -3.06 -3.64 -2.96
N MET B 42 -3.29 -3.81 -1.66
CA MET B 42 -2.21 -4.06 -0.70
C MET B 42 -1.53 -5.35 -1.02
N ALA B 43 -2.25 -6.19 -1.76
CA ALA B 43 -1.69 -7.37 -2.34
C ALA B 43 -0.38 -7.07 -3.07
N TYR B 44 -0.26 -5.84 -3.56
CA TYR B 44 0.98 -5.37 -4.19
C TYR B 44 1.64 -4.39 -3.27
N GLU B 45 0.99 -3.24 -3.10
CA GLU B 45 1.53 -2.13 -2.35
C GLU B 45 2.13 -2.57 -1.01
N ASN B 46 1.55 -3.60 -0.40
CA ASN B 46 1.99 -4.05 0.89
C ASN B 46 2.80 -5.34 0.80
N ALA B 47 2.66 -6.08 -0.29
CA ALA B 47 3.28 -7.39 -0.44
C ALA B 47 4.80 -7.32 -0.36
N ASN B 48 5.40 -8.49 -0.50
CA ASN B 48 6.84 -8.60 -0.55
C ASN B 48 7.37 -7.73 -1.67
N PRO B 49 8.48 -7.04 -1.44
CA PRO B 49 9.08 -6.12 -2.40
C PRO B 49 9.37 -6.79 -3.73
N GLU B 50 9.50 -8.10 -3.69
CA GLU B 50 9.65 -8.93 -4.87
C GLU B 50 8.30 -9.35 -5.40
N CYS B 51 7.33 -9.47 -4.51
CA CYS B 51 6.08 -10.05 -4.89
C CYS B 51 5.18 -9.04 -5.53
N GLN B 52 5.23 -7.83 -5.04
CA GLN B 52 4.53 -6.76 -5.71
C GLN B 52 5.23 -6.56 -7.02
N SER B 53 6.49 -6.84 -6.99
CA SER B 53 7.33 -6.84 -8.15
C SER B 53 6.97 -8.02 -9.06
N ALA B 54 6.32 -9.03 -8.51
CA ALA B 54 5.72 -10.04 -9.35
C ALA B 54 4.38 -9.57 -9.88
N ILE B 55 3.79 -8.64 -9.14
CA ILE B 55 2.44 -8.20 -9.40
C ILE B 55 2.33 -7.01 -10.35
N LYS B 56 3.32 -6.10 -10.40
CA LYS B 56 3.20 -4.87 -11.22
C LYS B 56 2.56 -5.11 -12.61
N PRO B 57 2.88 -6.21 -13.33
CA PRO B 57 2.24 -6.51 -14.63
C PRO B 57 0.73 -6.73 -14.51
N LEU B 58 0.29 -7.18 -13.35
CA LEU B 58 -1.11 -7.44 -13.07
C LEU B 58 -1.67 -6.27 -12.29
N LYS B 59 -0.76 -5.48 -11.75
CA LYS B 59 -1.13 -4.35 -10.92
C LYS B 59 -2.11 -3.44 -11.65
N GLY B 60 -3.35 -3.46 -11.18
CA GLY B 60 -4.38 -2.65 -11.78
C GLY B 60 -5.12 -3.41 -12.84
N LYS B 61 -4.50 -4.47 -13.35
CA LYS B 61 -5.11 -5.27 -14.39
C LYS B 61 -5.63 -6.57 -13.80
N VAL B 62 -6.94 -6.72 -13.81
CA VAL B 62 -7.55 -7.96 -13.42
C VAL B 62 -8.41 -8.49 -14.56
N PRO B 63 -8.47 -9.82 -14.77
CA PRO B 63 -9.45 -10.43 -15.67
C PRO B 63 -10.85 -9.86 -15.44
N ALA B 64 -11.57 -9.62 -16.52
CA ALA B 64 -12.85 -8.95 -16.46
C ALA B 64 -13.86 -9.73 -15.63
N GLY B 65 -13.99 -9.35 -14.37
CA GLY B 65 -14.96 -9.97 -13.50
C GLY B 65 -14.35 -10.96 -12.53
N SER B 66 -13.04 -11.17 -12.64
CA SER B 66 -12.36 -12.09 -11.74
C SER B 66 -11.73 -11.35 -10.57
N ASP B 67 -11.10 -12.12 -9.69
CA ASP B 67 -10.44 -11.58 -8.50
C ASP B 67 -9.01 -11.20 -8.86
N VAL B 68 -8.51 -10.04 -8.40
CA VAL B 68 -7.14 -9.69 -8.74
C VAL B 68 -6.20 -10.44 -7.83
N ILE B 69 -6.67 -10.74 -6.63
CA ILE B 69 -5.86 -11.45 -5.66
C ILE B 69 -5.47 -12.80 -6.20
N SER B 70 -6.43 -13.48 -6.75
CA SER B 70 -6.22 -14.76 -7.42
C SER B 70 -4.96 -14.72 -8.32
N GLU B 71 -4.78 -13.59 -9.00
CA GLU B 71 -3.70 -13.39 -9.93
C GLU B 71 -2.45 -12.91 -9.23
N TYR B 72 -2.64 -12.16 -8.17
CA TYR B 72 -1.54 -11.58 -7.43
C TYR B 72 -0.88 -12.65 -6.59
N VAL B 73 -1.69 -13.58 -6.11
CA VAL B 73 -1.16 -14.76 -5.41
C VAL B 73 -0.52 -15.67 -6.43
N LYS B 74 -1.07 -15.63 -7.64
CA LYS B 74 -0.56 -16.38 -8.76
C LYS B 74 0.75 -15.76 -9.24
N ALA B 75 0.89 -14.47 -8.97
CA ALA B 75 2.13 -13.76 -9.25
C ALA B 75 3.24 -14.30 -8.38
N CYS B 76 2.94 -14.46 -7.10
CA CYS B 76 3.92 -15.01 -6.15
C CYS B 76 3.86 -16.53 -6.13
N ASP B 77 2.97 -17.10 -6.92
CA ASP B 77 2.90 -18.55 -7.05
C ASP B 77 4.19 -19.07 -7.70
N GLY B 78 4.95 -18.15 -8.27
CA GLY B 78 6.26 -18.47 -8.78
C GLY B 78 7.38 -18.00 -7.86
N ILE B 79 7.05 -17.14 -6.89
CA ILE B 79 8.05 -16.59 -5.98
C ILE B 79 8.39 -17.59 -4.87
N GLY B 80 7.65 -17.53 -3.77
CA GLY B 80 7.93 -18.36 -2.60
C GLY B 80 9.40 -18.46 -2.28
N GLY B 81 9.97 -19.64 -2.51
CA GLY B 81 11.37 -19.86 -2.24
C GLY B 81 12.10 -20.34 -3.48
N ALA B 82 13.43 -20.30 -3.42
CA ALA B 82 14.30 -20.73 -4.53
C ALA B 82 14.18 -19.78 -5.73
N MET B 83 13.05 -19.82 -6.41
CA MET B 83 12.83 -18.97 -7.58
C MET B 83 12.79 -17.51 -7.15
N HIS B 84 12.32 -17.28 -5.93
CA HIS B 84 12.35 -15.95 -5.32
C HIS B 84 13.78 -15.40 -5.27
N LYS B 85 14.74 -16.29 -5.12
CA LYS B 85 16.13 -15.86 -5.00
C LYS B 85 16.72 -15.61 -6.39
N ALA B 86 16.02 -16.14 -7.40
CA ALA B 86 16.41 -15.90 -8.79
C ALA B 86 15.81 -14.61 -9.29
N MET B 87 14.52 -14.43 -9.01
CA MET B 87 13.75 -13.31 -9.54
C MET B 87 13.93 -12.06 -8.71
N LEU B 88 14.49 -12.23 -7.52
CA LEU B 88 14.74 -11.12 -6.61
C LEU B 88 15.48 -9.98 -7.30
N MET B 89 16.38 -10.31 -8.21
CA MET B 89 17.15 -9.30 -8.93
C MET B 89 16.36 -8.76 -10.12
N ALA B 90 15.35 -9.49 -10.54
CA ALA B 90 14.60 -9.14 -11.74
C ALA B 90 13.33 -8.36 -11.42
N GLN B 91 12.51 -8.92 -10.55
CA GLN B 91 11.23 -8.33 -10.25
C GLN B 91 11.36 -7.20 -9.25
N LEU B 92 11.97 -7.50 -8.09
CA LEU B 92 12.25 -6.48 -7.08
C LEU B 92 12.94 -5.28 -7.76
N GLU B 93 13.74 -5.64 -8.77
CA GLU B 93 14.60 -4.73 -9.53
C GLU B 93 14.93 -3.42 -8.79
N PRO A 1 -2.05 1.33 -14.20
CA PRO A 1 -1.74 0.43 -13.08
C PRO A 1 -2.91 0.43 -12.12
N SER A 2 -2.63 0.45 -10.84
CA SER A 2 -3.63 0.83 -9.86
C SER A 2 -3.94 2.30 -10.05
N PHE A 3 -4.82 2.83 -9.24
CA PHE A 3 -4.91 4.26 -9.15
C PHE A 3 -3.76 4.76 -8.30
N ASN A 4 -3.65 4.16 -7.15
CA ASN A 4 -2.84 4.68 -6.08
C ASN A 4 -1.38 4.26 -6.13
N THR A 5 -0.96 3.57 -7.18
CA THR A 5 0.42 3.09 -7.23
C THR A 5 1.42 4.25 -7.25
N VAL A 6 0.91 5.47 -7.34
CA VAL A 6 1.74 6.64 -7.28
C VAL A 6 2.12 6.92 -5.83
N ARG A 7 3.39 7.12 -5.56
CA ARG A 7 3.79 7.33 -4.20
C ARG A 7 5.08 8.11 -4.06
N GLN A 8 5.23 8.70 -2.88
CA GLN A 8 6.41 9.44 -2.46
C GLN A 8 7.72 8.81 -2.92
N GLY A 9 8.43 9.56 -3.74
CA GLY A 9 9.79 9.21 -4.10
C GLY A 9 10.77 9.92 -3.18
N SER A 10 12.00 10.12 -3.65
CA SER A 10 13.06 10.73 -2.83
C SER A 10 12.57 12.01 -2.15
N LYS A 11 12.23 11.88 -0.86
CA LYS A 11 11.61 12.95 -0.05
C LYS A 11 10.60 13.77 -0.85
N GLU A 12 9.78 13.09 -1.64
CA GLU A 12 8.72 13.75 -2.40
C GLU A 12 7.79 14.51 -1.45
N PRO A 13 7.36 15.74 -1.84
CA PRO A 13 6.43 16.52 -1.04
C PRO A 13 5.21 15.70 -0.75
N TYR A 14 4.93 15.52 0.53
CA TYR A 14 3.98 14.53 0.94
C TYR A 14 2.56 14.89 0.58
N PRO A 15 2.04 16.09 0.96
CA PRO A 15 0.64 16.46 0.64
C PRO A 15 0.40 16.37 -0.85
N ASP A 16 1.48 16.38 -1.58
CA ASP A 16 1.47 16.29 -3.02
C ASP A 16 1.50 14.85 -3.48
N PHE A 17 2.36 14.05 -2.84
CA PHE A 17 2.44 12.63 -3.13
C PHE A 17 1.05 12.03 -3.00
N VAL A 18 0.38 12.39 -1.92
CA VAL A 18 -0.93 11.87 -1.65
C VAL A 18 -2.00 12.59 -2.47
N ALA A 19 -1.84 13.87 -2.72
CA ALA A 19 -2.84 14.59 -3.54
C ALA A 19 -3.00 13.95 -4.91
N ARG A 20 -1.93 13.37 -5.46
CA ARG A 20 -2.06 12.68 -6.72
C ARG A 20 -2.53 11.27 -6.45
N LEU A 21 -2.20 10.80 -5.25
CA LEU A 21 -2.71 9.53 -4.75
C LEU A 21 -4.23 9.56 -4.77
N GLN A 22 -4.78 10.66 -4.26
CA GLN A 22 -6.21 10.89 -4.22
C GLN A 22 -6.73 11.17 -5.59
N ASP A 23 -6.04 12.04 -6.29
CA ASP A 23 -6.44 12.45 -7.63
C ASP A 23 -6.78 11.26 -8.50
N VAL A 24 -5.84 10.33 -8.60
CA VAL A 24 -6.01 9.21 -9.49
C VAL A 24 -6.88 8.15 -8.84
N ALA A 25 -6.94 8.16 -7.51
CA ALA A 25 -7.81 7.28 -6.79
C ALA A 25 -9.22 7.77 -6.99
N GLN A 26 -9.31 9.02 -7.37
CA GLN A 26 -10.56 9.66 -7.66
C GLN A 26 -10.96 9.38 -9.10
N LYS A 27 -9.96 9.36 -9.96
CA LYS A 27 -10.14 9.09 -11.37
C LYS A 27 -10.59 7.66 -11.62
N SER A 28 -10.06 6.72 -10.86
CA SER A 28 -10.28 5.32 -11.13
C SER A 28 -11.32 4.76 -10.17
N ILE A 29 -11.69 5.55 -9.19
CA ILE A 29 -12.68 5.13 -8.21
C ILE A 29 -13.94 5.98 -8.31
N ALA A 30 -15.09 5.33 -8.27
CA ALA A 30 -16.35 6.02 -8.35
C ALA A 30 -16.95 6.25 -6.97
N ASP A 31 -16.27 5.76 -5.94
CA ASP A 31 -16.75 5.90 -4.58
C ASP A 31 -15.77 6.72 -3.74
N GLU A 32 -16.31 7.68 -3.02
CA GLU A 32 -15.51 8.46 -2.09
C GLU A 32 -14.89 7.56 -1.04
N LYS A 33 -15.62 6.53 -0.64
CA LYS A 33 -15.16 5.64 0.44
C LYS A 33 -13.87 4.98 0.02
N ALA A 34 -13.92 4.27 -1.08
CA ALA A 34 -12.77 3.59 -1.62
C ALA A 34 -11.67 4.60 -1.98
N ARG A 35 -12.08 5.82 -2.30
CA ARG A 35 -11.14 6.86 -2.69
C ARG A 35 -10.35 7.26 -1.45
N LYS A 36 -11.07 7.71 -0.43
CA LYS A 36 -10.46 8.13 0.83
C LYS A 36 -9.62 7.01 1.41
N VAL A 37 -10.26 5.86 1.61
CA VAL A 37 -9.63 4.77 2.32
C VAL A 37 -8.29 4.42 1.70
N ILE A 38 -8.19 4.50 0.39
CA ILE A 38 -6.95 4.13 -0.26
C ILE A 38 -5.97 5.28 -0.32
N VAL A 39 -6.45 6.51 -0.39
CA VAL A 39 -5.53 7.63 -0.35
C VAL A 39 -4.93 7.74 1.05
N GLU A 40 -5.79 7.72 2.06
CA GLU A 40 -5.40 7.73 3.45
C GLU A 40 -4.61 6.49 3.85
N LEU A 41 -4.78 5.41 3.12
CA LEU A 41 -4.02 4.19 3.39
C LEU A 41 -2.68 4.21 2.67
N MET A 42 -2.71 4.39 1.35
CA MET A 42 -1.49 4.40 0.54
C MET A 42 -0.60 5.54 0.97
N ALA A 43 -1.23 6.50 1.63
CA ALA A 43 -0.53 7.58 2.29
C ALA A 43 0.60 7.03 3.16
N TYR A 44 0.42 5.81 3.65
CA TYR A 44 1.44 5.14 4.44
C TYR A 44 2.03 4.03 3.62
N GLU A 45 1.20 3.03 3.33
CA GLU A 45 1.62 1.82 2.66
C GLU A 45 2.46 2.12 1.41
N ASN A 46 2.16 3.24 0.75
CA ASN A 46 2.82 3.57 -0.49
C ASN A 46 3.86 4.67 -0.27
N ALA A 47 3.71 5.41 0.82
CA ALA A 47 4.57 6.57 1.08
C ALA A 47 6.03 6.20 1.17
N ASN A 48 6.84 7.21 1.40
CA ASN A 48 8.25 7.02 1.63
C ASN A 48 8.45 6.10 2.82
N PRO A 49 9.43 5.21 2.72
CA PRO A 49 9.73 4.23 3.78
C PRO A 49 10.03 4.89 5.12
N GLU A 50 10.40 6.16 5.06
CA GLU A 50 10.60 6.99 6.22
C GLU A 50 9.30 7.66 6.61
N CYS A 51 8.48 7.92 5.62
CA CYS A 51 7.35 8.76 5.80
C CYS A 51 6.16 7.99 6.30
N GLN A 52 6.01 6.78 5.84
CA GLN A 52 5.00 5.91 6.39
C GLN A 52 5.46 5.61 7.79
N SER A 53 6.74 5.64 7.93
CA SER A 53 7.39 5.50 9.19
C SER A 53 7.19 6.75 10.04
N ALA A 54 6.87 7.85 9.41
CA ALA A 54 6.39 9.02 10.13
C ALA A 54 4.92 8.82 10.49
N ILE A 55 4.25 8.01 9.71
CA ILE A 55 2.81 7.84 9.78
C ILE A 55 2.33 6.74 10.72
N LYS A 56 3.09 5.63 10.88
CA LYS A 56 2.61 4.47 11.68
C LYS A 56 1.88 4.86 13.00
N PRO A 57 2.33 5.90 13.75
CA PRO A 57 1.61 6.35 14.95
C PRO A 57 0.20 6.86 14.64
N LEU A 58 0.01 7.39 13.44
CA LEU A 58 -1.27 7.92 13.00
C LEU A 58 -1.96 6.87 12.18
N LYS A 59 -1.18 5.89 11.74
CA LYS A 59 -1.70 4.81 10.94
C LYS A 59 -2.87 4.13 11.65
N GLY A 60 -4.06 4.35 11.11
CA GLY A 60 -5.25 3.81 11.72
C GLY A 60 -5.97 4.85 12.54
N LYS A 61 -5.23 5.84 13.02
CA LYS A 61 -5.81 6.88 13.86
C LYS A 61 -5.99 8.16 13.06
N VAL A 62 -7.23 8.55 12.86
CA VAL A 62 -7.54 9.85 12.30
C VAL A 62 -8.50 10.60 13.24
N PRO A 63 -8.37 11.93 13.35
CA PRO A 63 -9.39 12.76 14.00
C PRO A 63 -10.78 12.45 13.47
N ALA A 64 -11.75 12.41 14.37
CA ALA A 64 -13.11 12.04 14.02
C ALA A 64 -13.75 13.06 13.08
N GLY A 65 -13.79 12.73 11.81
CA GLY A 65 -14.40 13.60 10.83
C GLY A 65 -13.38 14.29 9.95
N SER A 66 -12.12 14.16 10.30
CA SER A 66 -11.06 14.81 9.54
C SER A 66 -10.41 13.83 8.55
N ASP A 67 -9.58 14.37 7.67
CA ASP A 67 -8.83 13.58 6.70
C ASP A 67 -7.61 13.00 7.38
N VAL A 68 -7.29 11.72 7.13
CA VAL A 68 -6.10 11.16 7.76
C VAL A 68 -4.88 11.69 7.02
N ILE A 69 -5.08 12.02 5.76
CA ILE A 69 -4.02 12.53 4.93
C ILE A 69 -3.43 13.76 5.55
N SER A 70 -4.28 14.67 5.97
CA SER A 70 -3.85 15.89 6.64
C SER A 70 -2.81 15.60 7.73
N GLU A 71 -2.98 14.48 8.41
CA GLU A 71 -2.12 14.07 9.51
C GLU A 71 -0.91 13.34 8.99
N TYR A 72 -1.11 12.63 7.91
CA TYR A 72 -0.07 11.82 7.33
C TYR A 72 0.92 12.72 6.59
N VAL A 73 0.40 13.80 6.03
CA VAL A 73 1.23 14.84 5.45
C VAL A 73 1.91 15.60 6.59
N LYS A 74 1.20 15.67 7.70
CA LYS A 74 1.69 16.29 8.92
C LYS A 74 2.77 15.41 9.54
N ALA A 75 2.69 14.13 9.22
CA ALA A 75 3.72 13.18 9.61
C ALA A 75 5.02 13.52 8.89
N CYS A 76 4.91 13.74 7.60
CA CYS A 76 6.06 14.11 6.78
C CYS A 76 6.25 15.63 6.76
N ASP A 77 5.48 16.33 7.58
CA ASP A 77 5.68 17.76 7.76
C ASP A 77 7.05 18.02 8.38
N GLY A 78 7.61 16.98 8.98
CA GLY A 78 8.98 17.05 9.48
C GLY A 78 9.98 16.42 8.51
N ILE A 79 9.47 15.70 7.50
CA ILE A 79 10.32 15.06 6.53
C ILE A 79 10.54 15.96 5.31
N GLY A 80 11.74 15.90 4.76
CA GLY A 80 12.07 16.71 3.61
C GLY A 80 13.49 17.21 3.68
N GLY A 81 14.04 17.20 4.88
CA GLY A 81 15.43 17.52 5.09
C GLY A 81 15.76 17.58 6.56
N ALA A 82 17.04 17.55 6.89
CA ALA A 82 17.52 17.63 8.28
C ALA A 82 16.91 16.55 9.16
N MET A 83 15.72 16.80 9.69
CA MET A 83 15.03 15.87 10.57
C MET A 83 14.78 14.55 9.86
N HIS A 84 14.43 14.61 8.58
CA HIS A 84 14.22 13.41 7.77
C HIS A 84 15.40 12.46 7.85
N LYS A 85 16.61 13.00 7.97
CA LYS A 85 17.80 12.17 8.00
C LYS A 85 18.00 11.56 9.39
N ALA A 86 17.61 12.31 10.42
CA ALA A 86 17.65 11.82 11.79
C ALA A 86 16.54 10.82 12.03
N MET A 87 15.36 11.17 11.55
CA MET A 87 14.16 10.37 11.71
C MET A 87 14.17 9.19 10.76
N LEU A 88 15.07 9.24 9.78
CA LEU A 88 15.25 8.14 8.85
C LEU A 88 15.50 6.85 9.62
N MET A 89 16.56 6.85 10.43
CA MET A 89 16.96 5.65 11.16
C MET A 89 15.95 5.33 12.26
N ALA A 90 15.22 6.35 12.69
CA ALA A 90 14.33 6.20 13.83
C ALA A 90 12.96 5.69 13.42
N GLN A 91 12.57 5.96 12.19
CA GLN A 91 11.24 5.62 11.73
C GLN A 91 11.27 4.52 10.69
N LEU A 92 12.13 4.69 9.67
CA LEU A 92 12.32 3.68 8.62
C LEU A 92 12.57 2.32 9.27
N GLU A 93 13.17 2.39 10.47
CA GLU A 93 13.64 1.26 11.27
C GLU A 93 12.93 -0.06 10.95
N PRO B 1 -3.87 -0.70 13.85
CA PRO B 1 -3.25 0.10 12.78
C PRO B 1 -4.28 0.32 11.69
N SER B 2 -3.86 0.22 10.44
CA SER B 2 -4.80 0.04 9.36
C SER B 2 -5.42 -1.34 9.50
N PHE B 3 -6.28 -1.69 8.59
CA PHE B 3 -6.66 -3.07 8.47
C PHE B 3 -5.54 -3.80 7.76
N ASN B 4 -5.18 -3.24 6.63
CA ASN B 4 -4.38 -3.93 5.65
C ASN B 4 -2.88 -3.81 5.88
N THR B 5 -2.44 -3.22 6.97
CA THR B 5 -1.02 -3.02 7.19
C THR B 5 -0.28 -4.35 7.31
N VAL B 6 -1.02 -5.44 7.33
CA VAL B 6 -0.45 -6.76 7.35
C VAL B 6 0.03 -7.11 5.95
N ARG B 7 1.25 -7.57 5.83
CA ARG B 7 1.76 -7.89 4.52
C ARG B 7 2.88 -8.91 4.52
N GLN B 8 3.03 -9.53 3.36
CA GLN B 8 4.08 -10.49 3.07
C GLN B 8 5.43 -10.14 3.69
N GLY B 9 5.88 -11.01 4.58
CA GLY B 9 7.23 -10.94 5.09
C GLY B 9 8.15 -11.83 4.28
N SER B 10 9.26 -12.27 4.87
CA SER B 10 10.26 -13.09 4.17
C SER B 10 9.59 -14.26 3.43
N LYS B 11 9.43 -14.08 2.11
CA LYS B 11 8.72 -15.01 1.23
C LYS B 11 7.47 -15.60 1.89
N GLU B 12 6.73 -14.77 2.60
CA GLU B 12 5.48 -15.19 3.23
C GLU B 12 4.52 -15.75 2.18
N PRO B 13 3.82 -16.86 2.50
CA PRO B 13 2.86 -17.46 1.59
C PRO B 13 1.86 -16.40 1.18
N TYR B 14 1.76 -16.19 -0.11
CA TYR B 14 1.09 -15.04 -0.64
C TYR B 14 -0.42 -15.11 -0.44
N PRO B 15 -1.12 -16.18 -0.89
CA PRO B 15 -2.58 -16.25 -0.74
C PRO B 15 -2.98 -16.12 0.71
N ASP B 16 -2.00 -16.32 1.56
CA ASP B 16 -2.16 -16.22 3.00
C ASP B 16 -1.89 -14.80 3.48
N PHE B 17 -0.83 -14.19 2.93
CA PHE B 17 -0.49 -12.81 3.25
C PHE B 17 -1.71 -11.95 2.97
N VAL B 18 -2.32 -12.18 1.82
CA VAL B 18 -3.45 -11.41 1.40
C VAL B 18 -4.74 -11.89 2.08
N ALA B 19 -4.87 -13.18 2.35
CA ALA B 19 -6.06 -13.67 3.03
C ALA B 19 -6.26 -13.00 4.39
N ARG B 20 -5.17 -12.65 5.06
CA ARG B 20 -5.30 -11.92 6.31
C ARG B 20 -5.44 -10.45 6.00
N LEU B 21 -4.89 -10.06 4.85
CA LEU B 21 -5.07 -8.73 4.31
C LEU B 21 -6.56 -8.46 4.15
N GLN B 22 -7.25 -9.43 3.57
CA GLN B 22 -8.68 -9.37 3.37
C GLN B 22 -9.41 -9.52 4.67
N ASP B 23 -8.99 -10.51 5.43
CA ASP B 23 -9.61 -10.80 6.71
C ASP B 23 -9.79 -9.55 7.55
N VAL B 24 -8.71 -8.84 7.76
CA VAL B 24 -8.75 -7.69 8.64
C VAL B 24 -9.32 -6.49 7.91
N ALA B 25 -9.22 -6.51 6.58
CA ALA B 25 -9.82 -5.47 5.77
C ALA B 25 -11.31 -5.68 5.80
N GLN B 26 -11.68 -6.88 6.16
CA GLN B 26 -13.07 -7.25 6.29
C GLN B 26 -13.56 -6.88 7.69
N LYS B 27 -12.68 -7.05 8.66
CA LYS B 27 -12.96 -6.73 10.04
C LYS B 27 -13.15 -5.23 10.25
N SER B 28 -12.35 -4.43 9.56
CA SER B 28 -12.33 -3.01 9.82
C SER B 28 -13.12 -2.27 8.76
N ILE B 29 -13.52 -2.97 7.73
CA ILE B 29 -14.28 -2.38 6.65
C ILE B 29 -15.69 -2.95 6.60
N ALA B 30 -16.68 -2.09 6.42
CA ALA B 30 -18.06 -2.52 6.36
C ALA B 30 -18.52 -2.64 4.92
N ASP B 31 -17.64 -2.31 3.98
CA ASP B 31 -17.98 -2.37 2.57
C ASP B 31 -17.11 -3.37 1.84
N GLU B 32 -17.74 -4.22 1.05
CA GLU B 32 -17.01 -5.16 0.21
C GLU B 32 -16.10 -4.41 -0.75
N LYS B 33 -16.56 -3.25 -1.23
CA LYS B 33 -15.81 -2.50 -2.23
C LYS B 33 -14.47 -2.11 -1.66
N ALA B 34 -14.51 -1.38 -0.56
CA ALA B 34 -13.31 -0.94 0.11
C ALA B 34 -12.49 -2.15 0.58
N ARG B 35 -13.17 -3.26 0.84
CA ARG B 35 -12.50 -4.46 1.32
C ARG B 35 -11.68 -5.03 0.18
N LYS B 36 -12.34 -5.33 -0.93
CA LYS B 36 -11.69 -5.88 -2.11
C LYS B 36 -10.59 -4.97 -2.58
N VAL B 37 -10.96 -3.71 -2.84
CA VAL B 37 -10.05 -2.77 -3.46
C VAL B 37 -8.75 -2.69 -2.69
N ILE B 38 -8.81 -2.77 -1.37
CA ILE B 38 -7.61 -2.65 -0.59
C ILE B 38 -6.89 -3.97 -0.43
N VAL B 39 -7.61 -5.09 -0.42
CA VAL B 39 -6.93 -6.37 -0.37
C VAL B 39 -6.21 -6.61 -1.69
N GLU B 40 -6.93 -6.42 -2.79
CA GLU B 40 -6.39 -6.54 -4.12
C GLU B 40 -5.34 -5.48 -4.43
N LEU B 41 -5.37 -4.38 -3.71
CA LEU B 41 -4.36 -3.34 -3.88
C LEU B 41 -3.13 -3.62 -3.01
N MET B 42 -3.35 -3.78 -1.71
CA MET B 42 -2.26 -4.02 -0.76
C MET B 42 -1.58 -5.32 -1.10
N ALA B 43 -2.30 -6.14 -1.83
CA ALA B 43 -1.77 -7.34 -2.43
C ALA B 43 -0.45 -7.05 -3.15
N TYR B 44 -0.33 -5.82 -3.65
CA TYR B 44 0.89 -5.38 -4.32
C TYR B 44 1.60 -4.40 -3.42
N GLU B 45 0.95 -3.26 -3.22
CA GLU B 45 1.53 -2.14 -2.49
C GLU B 45 2.14 -2.59 -1.17
N ASN B 46 1.55 -3.61 -0.54
CA ASN B 46 1.98 -4.05 0.75
C ASN B 46 2.80 -5.34 0.65
N ALA B 47 2.64 -6.06 -0.46
CA ALA B 47 3.28 -7.36 -0.63
C ALA B 47 4.78 -7.29 -0.55
N ASN B 48 5.38 -8.45 -0.71
CA ASN B 48 6.82 -8.55 -0.76
C ASN B 48 7.33 -7.70 -1.91
N PRO B 49 8.47 -7.02 -1.70
CA PRO B 49 9.07 -6.14 -2.70
C PRO B 49 9.38 -6.87 -4.00
N GLU B 50 9.48 -8.18 -3.91
CA GLU B 50 9.63 -9.05 -5.06
C GLU B 50 8.28 -9.45 -5.61
N CYS B 51 7.32 -9.54 -4.72
CA CYS B 51 6.06 -10.13 -5.03
C CYS B 51 5.12 -9.15 -5.65
N GLN B 52 5.17 -7.92 -5.19
CA GLN B 52 4.43 -6.88 -5.86
C GLN B 52 5.08 -6.69 -7.19
N SER B 53 6.35 -6.98 -7.18
CA SER B 53 7.15 -6.98 -8.36
C SER B 53 6.79 -8.19 -9.24
N ALA B 54 6.19 -9.19 -8.65
CA ALA B 54 5.57 -10.24 -9.44
C ALA B 54 4.22 -9.77 -9.96
N ILE B 55 3.65 -8.82 -9.25
CA ILE B 55 2.30 -8.37 -9.48
C ILE B 55 2.15 -7.21 -10.47
N LYS B 56 3.13 -6.28 -10.53
CA LYS B 56 2.98 -5.06 -11.36
C LYS B 56 2.35 -5.31 -12.75
N PRO B 57 2.66 -6.43 -13.46
CA PRO B 57 2.01 -6.75 -14.74
C PRO B 57 0.50 -6.95 -14.61
N LEU B 58 0.07 -7.42 -13.44
CA LEU B 58 -1.33 -7.67 -13.15
C LEU B 58 -1.89 -6.50 -12.41
N LYS B 59 -0.99 -5.69 -11.87
CA LYS B 59 -1.37 -4.51 -11.13
C LYS B 59 -2.29 -3.63 -11.95
N GLY B 60 -3.54 -3.60 -11.56
CA GLY B 60 -4.53 -2.84 -12.29
C GLY B 60 -5.35 -3.72 -13.20
N LYS B 61 -4.77 -4.85 -13.60
CA LYS B 61 -5.44 -5.76 -14.51
C LYS B 61 -5.97 -6.97 -13.75
N VAL B 62 -7.27 -7.10 -13.69
CA VAL B 62 -7.90 -8.30 -13.18
C VAL B 62 -8.87 -8.86 -14.23
N PRO B 63 -9.01 -10.19 -14.34
CA PRO B 63 -10.09 -10.81 -15.12
C PRO B 63 -11.45 -10.23 -14.75
N ALA B 64 -12.27 -10.00 -15.76
CA ALA B 64 -13.57 -9.36 -15.56
C ALA B 64 -14.49 -10.23 -14.71
N GLY B 65 -14.62 -9.87 -13.44
CA GLY B 65 -15.49 -10.59 -12.55
C GLY B 65 -14.74 -11.46 -11.56
N SER B 66 -13.44 -11.59 -11.76
CA SER B 66 -12.63 -12.42 -10.88
C SER B 66 -11.91 -11.57 -9.83
N ASP B 67 -11.31 -12.26 -8.87
CA ASP B 67 -10.53 -11.62 -7.80
C ASP B 67 -9.15 -11.31 -8.33
N VAL B 68 -8.62 -10.12 -8.04
CA VAL B 68 -7.27 -9.82 -8.51
C VAL B 68 -6.28 -10.57 -7.66
N ILE B 69 -6.69 -10.83 -6.43
CA ILE B 69 -5.85 -11.53 -5.49
C ILE B 69 -5.44 -12.88 -6.05
N SER B 70 -6.40 -13.60 -6.57
CA SER B 70 -6.16 -14.89 -7.20
C SER B 70 -4.96 -14.83 -8.17
N GLU B 71 -4.83 -13.70 -8.84
CA GLU B 71 -3.79 -13.49 -9.84
C GLU B 71 -2.53 -13.00 -9.17
N TYR B 72 -2.69 -12.25 -8.12
CA TYR B 72 -1.59 -11.67 -7.41
C TYR B 72 -0.89 -12.74 -6.58
N VAL B 73 -1.68 -13.69 -6.09
CA VAL B 73 -1.13 -14.87 -5.43
C VAL B 73 -0.50 -15.75 -6.48
N LYS B 74 -1.07 -15.70 -7.68
CA LYS B 74 -0.58 -16.41 -8.83
C LYS B 74 0.70 -15.77 -9.33
N ALA B 75 0.86 -14.50 -9.01
CA ALA B 75 2.08 -13.79 -9.27
C ALA B 75 3.20 -14.37 -8.41
N CYS B 76 2.90 -14.55 -7.13
CA CYS B 76 3.86 -15.14 -6.20
C CYS B 76 3.74 -16.65 -6.18
N ASP B 77 2.94 -17.19 -7.07
CA ASP B 77 2.86 -18.64 -7.25
C ASP B 77 4.21 -19.17 -7.71
N GLY B 78 5.05 -18.27 -8.23
CA GLY B 78 6.41 -18.63 -8.57
C GLY B 78 7.39 -18.20 -7.49
N ILE B 79 6.93 -17.38 -6.54
CA ILE B 79 7.79 -16.91 -5.47
C ILE B 79 7.69 -17.82 -4.25
N GLY B 80 8.80 -18.00 -3.56
CA GLY B 80 8.83 -18.84 -2.38
C GLY B 80 10.12 -19.62 -2.30
N GLY B 81 10.79 -19.73 -3.43
CA GLY B 81 12.11 -20.32 -3.48
C GLY B 81 12.57 -20.46 -4.91
N ALA B 82 13.87 -20.70 -5.10
CA ALA B 82 14.47 -20.89 -6.42
C ALA B 82 14.20 -19.72 -7.35
N MET B 83 13.04 -19.74 -8.02
CA MET B 83 12.67 -18.69 -8.95
C MET B 83 12.60 -17.34 -8.26
N HIS B 84 12.10 -17.32 -7.03
CA HIS B 84 12.04 -16.09 -6.25
C HIS B 84 13.40 -15.40 -6.18
N LYS B 85 14.47 -16.17 -6.17
CA LYS B 85 15.80 -15.59 -6.06
C LYS B 85 16.28 -15.07 -7.40
N ALA B 86 15.86 -15.73 -8.47
CA ALA B 86 16.17 -15.28 -9.83
C ALA B 86 15.31 -14.07 -10.19
N MET B 87 14.04 -14.18 -9.84
CA MET B 87 13.05 -13.15 -10.13
C MET B 87 13.19 -11.99 -9.18
N LEU B 88 13.95 -12.20 -8.11
CA LEU B 88 14.23 -11.14 -7.15
C LEU B 88 14.82 -9.95 -7.88
N MET B 89 15.94 -10.17 -8.57
CA MET B 89 16.65 -9.09 -9.23
C MET B 89 15.86 -8.58 -10.43
N ALA B 90 15.00 -9.43 -10.95
CA ALA B 90 14.28 -9.12 -12.18
C ALA B 90 13.01 -8.35 -11.93
N GLN B 91 12.43 -8.52 -10.76
CA GLN B 91 11.16 -7.91 -10.44
C GLN B 91 11.29 -6.83 -9.39
N LEU B 92 11.99 -7.14 -8.29
CA LEU B 92 12.25 -6.18 -7.22
C LEU B 92 12.84 -4.90 -7.81
N GLU B 93 13.54 -5.13 -8.93
CA GLU B 93 14.32 -4.12 -9.66
C GLU B 93 13.86 -2.68 -9.42
N PRO A 1 -2.23 1.59 -14.28
CA PRO A 1 -2.03 0.61 -13.21
C PRO A 1 -3.24 0.62 -12.30
N SER A 2 -3.01 0.53 -10.99
CA SER A 2 -4.03 0.92 -10.05
C SER A 2 -4.16 2.42 -10.07
N PHE A 3 -5.01 2.96 -9.25
CA PHE A 3 -5.07 4.39 -9.11
C PHE A 3 -3.91 4.87 -8.26
N ASN A 4 -3.83 4.27 -7.10
CA ASN A 4 -3.04 4.79 -6.01
C ASN A 4 -1.58 4.38 -6.07
N THR A 5 -1.18 3.71 -7.13
CA THR A 5 0.19 3.22 -7.22
C THR A 5 1.19 4.38 -7.32
N VAL A 6 0.68 5.59 -7.38
CA VAL A 6 1.51 6.78 -7.34
C VAL A 6 1.93 7.05 -5.91
N ARG A 7 3.21 7.32 -5.69
CA ARG A 7 3.65 7.53 -4.33
C ARG A 7 4.92 8.36 -4.23
N GLN A 8 5.10 8.89 -3.02
CA GLN A 8 6.26 9.70 -2.66
C GLN A 8 7.57 9.16 -3.20
N GLY A 9 8.18 9.93 -4.08
CA GLY A 9 9.52 9.63 -4.55
C GLY A 9 10.56 10.25 -3.65
N SER A 10 11.73 10.56 -4.20
CA SER A 10 12.83 11.14 -3.42
C SER A 10 12.38 12.40 -2.67
N LYS A 11 12.06 12.21 -1.37
CA LYS A 11 11.44 13.22 -0.51
C LYS A 11 10.44 14.10 -1.27
N GLU A 12 9.59 13.45 -2.06
CA GLU A 12 8.53 14.13 -2.78
C GLU A 12 7.61 14.83 -1.78
N PRO A 13 7.16 16.07 -2.08
CA PRO A 13 6.23 16.79 -1.20
C PRO A 13 5.06 15.90 -0.87
N TYR A 14 4.85 15.69 0.42
CA TYR A 14 3.95 14.65 0.85
C TYR A 14 2.49 14.98 0.57
N PRO A 15 1.95 16.15 1.03
CA PRO A 15 0.54 16.48 0.80
C PRO A 15 0.20 16.45 -0.69
N ASP A 16 1.25 16.53 -1.47
CA ASP A 16 1.15 16.52 -2.92
C ASP A 16 1.24 15.10 -3.46
N PHE A 17 2.12 14.29 -2.86
CA PHE A 17 2.25 12.90 -3.22
C PHE A 17 0.89 12.23 -3.04
N VAL A 18 0.26 12.53 -1.93
CA VAL A 18 -1.02 11.95 -1.61
C VAL A 18 -2.14 12.66 -2.37
N ALA A 19 -2.03 13.96 -2.60
CA ALA A 19 -3.07 14.66 -3.36
C ALA A 19 -3.25 14.06 -4.75
N ARG A 20 -2.19 13.52 -5.34
CA ARG A 20 -2.32 12.85 -6.62
C ARG A 20 -2.74 11.42 -6.36
N LEU A 21 -2.39 10.92 -5.18
CA LEU A 21 -2.84 9.64 -4.69
C LEU A 21 -4.36 9.64 -4.68
N GLN A 22 -4.93 10.70 -4.12
CA GLN A 22 -6.35 10.92 -4.06
C GLN A 22 -6.88 11.21 -5.43
N ASP A 23 -6.21 12.11 -6.12
CA ASP A 23 -6.60 12.52 -7.46
C ASP A 23 -6.94 11.33 -8.34
N VAL A 24 -6.00 10.43 -8.48
CA VAL A 24 -6.16 9.33 -9.40
C VAL A 24 -7.04 8.25 -8.77
N ALA A 25 -7.07 8.25 -7.44
CA ALA A 25 -7.95 7.34 -6.73
C ALA A 25 -9.36 7.84 -6.90
N GLN A 26 -9.44 9.09 -7.25
CA GLN A 26 -10.70 9.73 -7.49
C GLN A 26 -11.11 9.52 -8.94
N LYS A 27 -10.12 9.53 -9.81
CA LYS A 27 -10.33 9.31 -11.24
C LYS A 27 -10.80 7.89 -11.52
N SER A 28 -10.28 6.94 -10.77
CA SER A 28 -10.51 5.55 -11.07
C SER A 28 -11.53 4.95 -10.11
N ILE A 29 -11.88 5.71 -9.09
CA ILE A 29 -12.84 5.25 -8.10
C ILE A 29 -14.10 6.11 -8.14
N ALA A 30 -15.25 5.46 -8.23
CA ALA A 30 -16.51 6.19 -8.28
C ALA A 30 -17.05 6.46 -6.87
N ASP A 31 -16.35 5.94 -5.86
CA ASP A 31 -16.80 6.09 -4.48
C ASP A 31 -15.81 6.90 -3.67
N GLU A 32 -16.33 7.75 -2.81
CA GLU A 32 -15.50 8.49 -1.89
C GLU A 32 -14.86 7.55 -0.89
N LYS A 33 -15.58 6.51 -0.49
CA LYS A 33 -15.11 5.60 0.55
C LYS A 33 -13.83 4.95 0.10
N ALA A 34 -13.92 4.23 -0.99
CA ALA A 34 -12.77 3.56 -1.57
C ALA A 34 -11.68 4.58 -1.93
N ARG A 35 -12.10 5.81 -2.21
CA ARG A 35 -11.15 6.85 -2.59
C ARG A 35 -10.33 7.20 -1.37
N LYS A 36 -11.01 7.65 -0.33
CA LYS A 36 -10.37 8.03 0.92
C LYS A 36 -9.56 6.90 1.48
N VAL A 37 -10.22 5.76 1.68
CA VAL A 37 -9.60 4.64 2.37
C VAL A 37 -8.27 4.27 1.75
N ILE A 38 -8.16 4.40 0.43
CA ILE A 38 -6.93 4.03 -0.23
C ILE A 38 -5.95 5.19 -0.27
N VAL A 39 -6.42 6.43 -0.34
CA VAL A 39 -5.50 7.54 -0.29
C VAL A 39 -4.89 7.64 1.10
N GLU A 40 -5.76 7.59 2.11
CA GLU A 40 -5.36 7.60 3.50
C GLU A 40 -4.55 6.37 3.88
N LEU A 41 -4.70 5.30 3.13
CA LEU A 41 -3.90 4.11 3.38
C LEU A 41 -2.55 4.16 2.64
N MET A 42 -2.61 4.38 1.33
CA MET A 42 -1.40 4.41 0.49
C MET A 42 -0.51 5.55 0.91
N ALA A 43 -1.11 6.50 1.60
CA ALA A 43 -0.41 7.58 2.24
C ALA A 43 0.77 7.06 3.06
N TYR A 44 0.63 5.83 3.55
CA TYR A 44 1.70 5.15 4.28
C TYR A 44 2.24 4.03 3.42
N GLU A 45 1.39 3.04 3.17
CA GLU A 45 1.76 1.83 2.44
C GLU A 45 2.55 2.13 1.16
N ASN A 46 2.28 3.27 0.55
CA ASN A 46 2.90 3.61 -0.72
C ASN A 46 3.95 4.68 -0.55
N ALA A 47 3.88 5.44 0.53
CA ALA A 47 4.74 6.60 0.76
C ALA A 47 6.20 6.25 0.87
N ASN A 48 6.98 7.28 1.15
CA ASN A 48 8.40 7.12 1.39
C ASN A 48 8.60 6.25 2.62
N PRO A 49 9.62 5.38 2.57
CA PRO A 49 9.92 4.41 3.63
C PRO A 49 10.10 5.05 5.00
N GLU A 50 10.51 6.31 5.00
CA GLU A 50 10.63 7.11 6.20
C GLU A 50 9.31 7.79 6.52
N CYS A 51 8.54 8.06 5.48
CA CYS A 51 7.37 8.84 5.60
C CYS A 51 6.26 8.02 6.20
N GLN A 52 6.14 6.81 5.73
CA GLN A 52 5.19 5.90 6.30
C GLN A 52 5.68 5.60 7.69
N SER A 53 6.97 5.66 7.82
CA SER A 53 7.62 5.53 9.08
C SER A 53 7.34 6.75 9.97
N ALA A 54 6.96 7.84 9.36
CA ALA A 54 6.44 8.95 10.12
C ALA A 54 4.98 8.71 10.46
N ILE A 55 4.35 7.90 9.64
CA ILE A 55 2.93 7.67 9.72
C ILE A 55 2.50 6.51 10.62
N LYS A 56 3.32 5.45 10.75
CA LYS A 56 2.90 4.22 11.48
C LYS A 56 2.13 4.52 12.79
N PRO A 57 2.52 5.53 13.60
CA PRO A 57 1.77 5.90 14.82
C PRO A 57 0.35 6.38 14.52
N LEU A 58 0.16 6.97 13.34
CA LEU A 58 -1.12 7.50 12.92
C LEU A 58 -1.79 6.47 12.04
N LYS A 59 -0.98 5.53 11.58
CA LYS A 59 -1.48 4.49 10.69
C LYS A 59 -2.69 3.79 11.28
N GLY A 60 -3.85 4.07 10.69
CA GLY A 60 -5.08 3.48 11.16
C GLY A 60 -5.81 4.40 12.11
N LYS A 61 -5.06 5.31 12.73
CA LYS A 61 -5.62 6.22 13.70
C LYS A 61 -5.80 7.60 13.07
N VAL A 62 -7.03 8.02 12.94
CA VAL A 62 -7.32 9.37 12.48
C VAL A 62 -8.17 10.12 13.52
N PRO A 63 -7.88 11.40 13.77
CA PRO A 63 -8.75 12.27 14.57
C PRO A 63 -10.19 12.19 14.12
N ALA A 64 -11.10 12.18 15.09
CA ALA A 64 -12.52 11.99 14.82
C ALA A 64 -13.06 13.13 13.94
N GLY A 65 -13.23 12.84 12.66
CA GLY A 65 -13.80 13.81 11.75
C GLY A 65 -12.76 14.41 10.83
N SER A 66 -11.49 14.20 11.14
CA SER A 66 -10.41 14.72 10.31
C SER A 66 -10.05 13.74 9.20
N ASP A 67 -9.30 14.23 8.23
CA ASP A 67 -8.74 13.41 7.17
C ASP A 67 -7.45 12.79 7.67
N VAL A 68 -7.19 11.52 7.37
CA VAL A 68 -5.98 10.92 7.90
C VAL A 68 -4.80 11.45 7.13
N ILE A 69 -5.06 11.81 5.88
CA ILE A 69 -4.03 12.35 5.02
C ILE A 69 -3.44 13.59 5.65
N SER A 70 -4.30 14.47 6.09
CA SER A 70 -3.88 15.70 6.75
C SER A 70 -2.82 15.43 7.83
N GLU A 71 -2.97 14.31 8.52
CA GLU A 71 -2.11 13.93 9.62
C GLU A 71 -0.89 13.20 9.11
N TYR A 72 -1.09 12.48 8.02
CA TYR A 72 -0.05 11.69 7.42
C TYR A 72 0.92 12.61 6.70
N VAL A 73 0.37 13.65 6.09
CA VAL A 73 1.18 14.69 5.47
C VAL A 73 1.87 15.47 6.56
N LYS A 74 1.19 15.58 7.69
CA LYS A 74 1.70 16.26 8.86
C LYS A 74 2.83 15.45 9.46
N ALA A 75 2.70 14.14 9.32
CA ALA A 75 3.68 13.21 9.82
C ALA A 75 4.98 13.43 9.07
N CYS A 76 4.83 13.62 7.78
CA CYS A 76 5.95 13.76 6.88
C CYS A 76 6.17 15.21 6.50
N ASP A 77 5.46 16.09 7.19
CA ASP A 77 5.56 17.53 6.99
C ASP A 77 6.99 18.04 7.20
N GLY A 78 7.83 17.23 7.84
CA GLY A 78 9.23 17.58 8.00
C GLY A 78 10.17 16.60 7.31
N ILE A 79 9.63 15.76 6.45
CA ILE A 79 10.42 14.73 5.78
C ILE A 79 10.91 15.19 4.41
N GLY A 80 10.33 16.26 3.92
CA GLY A 80 10.71 16.76 2.60
C GLY A 80 12.16 17.23 2.56
N GLY A 81 12.79 17.35 3.72
CA GLY A 81 14.20 17.67 3.75
C GLY A 81 14.72 17.87 5.15
N ALA A 82 16.02 17.63 5.31
CA ALA A 82 16.73 17.89 6.57
C ALA A 82 16.31 16.97 7.70
N MET A 83 15.14 17.20 8.28
CA MET A 83 14.66 16.40 9.40
C MET A 83 14.51 14.94 8.99
N HIS A 84 14.22 14.75 7.71
CA HIS A 84 14.16 13.42 7.11
C HIS A 84 15.49 12.69 7.30
N LYS A 85 16.58 13.42 7.28
CA LYS A 85 17.89 12.81 7.38
C LYS A 85 18.24 12.53 8.84
N ALA A 86 17.53 13.20 9.74
CA ALA A 86 17.67 12.97 11.17
C ALA A 86 16.79 11.82 11.62
N MET A 87 15.55 11.81 11.14
CA MET A 87 14.56 10.82 11.53
C MET A 87 14.74 9.53 10.76
N LEU A 88 15.53 9.60 9.68
CA LEU A 88 15.77 8.45 8.81
C LEU A 88 16.25 7.23 9.60
N MET A 89 17.00 7.47 10.66
CA MET A 89 17.51 6.39 11.49
C MET A 89 16.46 5.95 12.52
N ALA A 90 15.54 6.85 12.81
CA ALA A 90 14.57 6.62 13.88
C ALA A 90 13.28 5.99 13.37
N GLN A 91 12.74 6.56 12.33
CA GLN A 91 11.42 6.18 11.86
C GLN A 91 11.49 5.08 10.82
N LEU A 92 12.30 5.30 9.78
CA LEU A 92 12.55 4.28 8.76
C LEU A 92 12.87 2.96 9.46
N GLU A 93 13.58 3.12 10.59
CA GLU A 93 14.13 2.04 11.42
C GLU A 93 14.01 0.64 10.80
N PRO B 1 -4.11 -0.94 13.91
CA PRO B 1 -3.59 -0.04 12.88
C PRO B 1 -4.67 0.18 11.84
N SER B 2 -4.28 0.22 10.57
CA SER B 2 -5.24 0.02 9.51
C SER B 2 -5.66 -1.42 9.51
N PHE B 3 -6.51 -1.79 8.58
CA PHE B 3 -6.84 -3.18 8.43
C PHE B 3 -5.72 -3.89 7.70
N ASN B 4 -5.38 -3.33 6.57
CA ASN B 4 -4.59 -4.01 5.57
C ASN B 4 -3.09 -3.89 5.81
N THR B 5 -2.68 -3.31 6.90
CA THR B 5 -1.26 -3.11 7.15
C THR B 5 -0.54 -4.44 7.35
N VAL B 6 -1.29 -5.53 7.35
CA VAL B 6 -0.70 -6.85 7.40
C VAL B 6 -0.18 -7.21 6.01
N ARG B 7 1.02 -7.74 5.93
CA ARG B 7 1.56 -8.05 4.63
C ARG B 7 2.64 -9.12 4.65
N GLN B 8 2.86 -9.69 3.48
CA GLN B 8 3.86 -10.72 3.24
C GLN B 8 5.19 -10.44 3.93
N GLY B 9 5.53 -11.31 4.87
CA GLY B 9 6.83 -11.27 5.49
C GLY B 9 7.83 -12.10 4.71
N SER B 10 8.84 -12.64 5.38
CA SER B 10 9.88 -13.42 4.72
C SER B 10 9.28 -14.57 3.91
N LYS B 11 9.16 -14.33 2.60
CA LYS B 11 8.44 -15.21 1.65
C LYS B 11 7.21 -15.87 2.28
N GLU B 12 6.42 -15.06 2.97
CA GLU B 12 5.18 -15.51 3.56
C GLU B 12 4.26 -16.03 2.46
N PRO B 13 3.53 -17.15 2.70
CA PRO B 13 2.59 -17.68 1.72
C PRO B 13 1.66 -16.57 1.25
N TYR B 14 1.65 -16.33 -0.05
CA TYR B 14 1.03 -15.15 -0.57
C TYR B 14 -0.50 -15.18 -0.46
N PRO B 15 -1.20 -16.21 -0.99
CA PRO B 15 -2.67 -16.25 -0.92
C PRO B 15 -3.15 -16.14 0.52
N ASP B 16 -2.24 -16.43 1.41
CA ASP B 16 -2.50 -16.37 2.85
C ASP B 16 -2.18 -15.00 3.41
N PHE B 17 -1.11 -14.40 2.92
CA PHE B 17 -0.75 -13.04 3.30
C PHE B 17 -1.91 -12.13 2.99
N VAL B 18 -2.46 -12.31 1.80
CA VAL B 18 -3.56 -11.49 1.35
C VAL B 18 -4.88 -11.94 1.97
N ALA B 19 -5.04 -13.23 2.19
CA ALA B 19 -6.28 -13.72 2.82
C ALA B 19 -6.50 -13.07 4.18
N ARG B 20 -5.43 -12.74 4.90
CA ARG B 20 -5.56 -12.05 6.16
C ARG B 20 -5.67 -10.57 5.87
N LEU B 21 -5.08 -10.17 4.75
CA LEU B 21 -5.21 -8.81 4.23
C LEU B 21 -6.69 -8.52 4.04
N GLN B 22 -7.39 -9.46 3.40
CA GLN B 22 -8.81 -9.38 3.19
C GLN B 22 -9.55 -9.55 4.48
N ASP B 23 -9.14 -10.55 5.24
CA ASP B 23 -9.77 -10.85 6.52
C ASP B 23 -9.96 -9.62 7.36
N VAL B 24 -8.87 -8.92 7.62
CA VAL B 24 -8.92 -7.80 8.53
C VAL B 24 -9.48 -6.58 7.81
N ALA B 25 -9.36 -6.57 6.50
CA ALA B 25 -9.95 -5.53 5.70
C ALA B 25 -11.45 -5.73 5.71
N GLN B 26 -11.82 -6.94 6.03
CA GLN B 26 -13.21 -7.32 6.11
C GLN B 26 -13.72 -7.00 7.51
N LYS B 27 -12.86 -7.20 8.49
CA LYS B 27 -13.18 -6.93 9.88
C LYS B 27 -13.38 -5.44 10.14
N SER B 28 -12.61 -4.62 9.45
CA SER B 28 -12.59 -3.20 9.74
C SER B 28 -13.34 -2.43 8.68
N ILE B 29 -13.72 -3.11 7.61
CA ILE B 29 -14.46 -2.49 6.53
C ILE B 29 -15.86 -3.08 6.41
N ALA B 30 -16.86 -2.22 6.38
CA ALA B 30 -18.24 -2.67 6.28
C ALA B 30 -18.65 -2.85 4.82
N ASP B 31 -17.76 -2.49 3.90
CA ASP B 31 -18.08 -2.55 2.48
C ASP B 31 -17.18 -3.56 1.77
N GLU B 32 -17.76 -4.30 0.85
CA GLU B 32 -16.98 -5.20 0.02
C GLU B 32 -16.07 -4.42 -0.90
N LYS B 33 -16.52 -3.26 -1.35
CA LYS B 33 -15.76 -2.48 -2.32
C LYS B 33 -14.44 -2.09 -1.72
N ALA B 34 -14.50 -1.36 -0.63
CA ALA B 34 -13.31 -0.92 0.07
C ALA B 34 -12.49 -2.12 0.54
N ARG B 35 -13.18 -3.25 0.75
CA ARG B 35 -12.51 -4.45 1.23
C ARG B 35 -11.64 -4.98 0.11
N LYS B 36 -12.27 -5.29 -1.01
CA LYS B 36 -11.59 -5.81 -2.19
C LYS B 36 -10.51 -4.87 -2.64
N VAL B 37 -10.90 -3.61 -2.89
CA VAL B 37 -10.00 -2.66 -3.50
C VAL B 37 -8.70 -2.55 -2.72
N ILE B 38 -8.77 -2.68 -1.40
CA ILE B 38 -7.57 -2.57 -0.61
C ILE B 38 -6.85 -3.90 -0.47
N VAL B 39 -7.56 -5.00 -0.47
CA VAL B 39 -6.88 -6.29 -0.42
C VAL B 39 -6.16 -6.52 -1.74
N GLU B 40 -6.87 -6.31 -2.84
CA GLU B 40 -6.33 -6.42 -4.18
C GLU B 40 -5.24 -5.38 -4.45
N LEU B 41 -5.27 -4.29 -3.71
CA LEU B 41 -4.22 -3.28 -3.84
C LEU B 41 -3.02 -3.60 -2.97
N MET B 42 -3.25 -3.78 -1.66
CA MET B 42 -2.18 -4.04 -0.70
C MET B 42 -1.49 -5.34 -1.03
N ALA B 43 -2.19 -6.15 -1.79
CA ALA B 43 -1.65 -7.36 -2.36
C ALA B 43 -0.31 -7.09 -3.03
N TYR B 44 -0.13 -5.88 -3.53
CA TYR B 44 1.13 -5.43 -4.12
C TYR B 44 1.77 -4.43 -3.19
N GLU B 45 1.11 -3.28 -3.03
CA GLU B 45 1.63 -2.16 -2.25
C GLU B 45 2.19 -2.61 -0.89
N ASN B 46 1.63 -3.67 -0.32
CA ASN B 46 2.02 -4.10 1.00
C ASN B 46 2.86 -5.36 0.94
N ALA B 47 2.76 -6.10 -0.16
CA ALA B 47 3.38 -7.41 -0.28
C ALA B 47 4.90 -7.37 -0.23
N ASN B 48 5.48 -8.53 -0.43
CA ASN B 48 6.92 -8.66 -0.51
C ASN B 48 7.44 -7.85 -1.70
N PRO B 49 8.60 -7.21 -1.52
CA PRO B 49 9.19 -6.32 -2.53
C PRO B 49 9.40 -7.01 -3.87
N GLU B 50 9.55 -8.33 -3.85
CA GLU B 50 9.64 -9.15 -5.04
C GLU B 50 8.26 -9.55 -5.50
N CYS B 51 7.34 -9.66 -4.57
CA CYS B 51 6.05 -10.19 -4.83
C CYS B 51 5.21 -9.18 -5.54
N GLN B 52 5.28 -7.95 -5.08
CA GLN B 52 4.60 -6.88 -5.74
C GLN B 52 5.29 -6.70 -7.06
N SER B 53 6.55 -7.02 -7.04
CA SER B 53 7.35 -7.03 -8.22
C SER B 53 6.93 -8.19 -9.14
N ALA B 54 6.28 -9.18 -8.59
CA ALA B 54 5.63 -10.17 -9.42
C ALA B 54 4.31 -9.63 -9.93
N ILE B 55 3.76 -8.71 -9.18
CA ILE B 55 2.43 -8.20 -9.41
C ILE B 55 2.35 -6.99 -10.34
N LYS B 56 3.37 -6.11 -10.36
CA LYS B 56 3.29 -4.84 -11.12
C LYS B 56 2.63 -4.98 -12.52
N PRO B 57 2.90 -6.06 -13.28
CA PRO B 57 2.24 -6.30 -14.59
C PRO B 57 0.72 -6.48 -14.46
N LEU B 58 0.30 -7.01 -13.32
CA LEU B 58 -1.11 -7.27 -13.05
C LEU B 58 -1.65 -6.12 -12.24
N LYS B 59 -0.75 -5.35 -11.68
CA LYS B 59 -1.11 -4.22 -10.84
C LYS B 59 -2.09 -3.31 -11.55
N GLY B 60 -3.34 -3.33 -11.10
CA GLY B 60 -4.37 -2.51 -11.71
C GLY B 60 -5.15 -3.29 -12.75
N LYS B 61 -4.53 -4.34 -13.28
CA LYS B 61 -5.15 -5.13 -14.31
C LYS B 61 -5.67 -6.43 -13.73
N VAL B 62 -6.98 -6.60 -13.75
CA VAL B 62 -7.57 -7.87 -13.34
C VAL B 62 -8.44 -8.43 -14.48
N PRO B 63 -8.37 -9.75 -14.70
CA PRO B 63 -9.30 -10.45 -15.61
C PRO B 63 -10.74 -10.06 -15.33
N ALA B 64 -11.51 -9.89 -16.39
CA ALA B 64 -12.89 -9.42 -16.28
C ALA B 64 -13.74 -10.41 -15.49
N GLY B 65 -13.99 -10.08 -14.23
CA GLY B 65 -14.83 -10.91 -13.40
C GLY B 65 -14.05 -11.70 -12.37
N SER B 66 -12.74 -11.75 -12.53
CA SER B 66 -11.89 -12.47 -11.59
C SER B 66 -11.47 -11.57 -10.43
N ASP B 67 -10.94 -12.19 -9.39
CA ASP B 67 -10.37 -11.47 -8.27
C ASP B 67 -8.93 -11.13 -8.61
N VAL B 68 -8.46 -9.93 -8.27
CA VAL B 68 -7.10 -9.59 -8.65
C VAL B 68 -6.14 -10.34 -7.76
N ILE B 69 -6.60 -10.63 -6.55
CA ILE B 69 -5.80 -11.35 -5.59
C ILE B 69 -5.42 -12.70 -6.15
N SER B 70 -6.37 -13.39 -6.71
CA SER B 70 -6.13 -14.69 -7.33
C SER B 70 -4.93 -14.63 -8.28
N GLU B 71 -4.77 -13.52 -8.96
CA GLU B 71 -3.73 -13.33 -9.96
C GLU B 71 -2.46 -12.86 -9.30
N TYR B 72 -2.63 -12.10 -8.24
CA TYR B 72 -1.52 -11.52 -7.52
C TYR B 72 -0.85 -12.61 -6.69
N VAL B 73 -1.67 -13.51 -6.16
CA VAL B 73 -1.15 -14.69 -5.47
C VAL B 73 -0.51 -15.60 -6.48
N LYS B 74 -1.07 -15.59 -7.68
CA LYS B 74 -0.57 -16.37 -8.79
C LYS B 74 0.76 -15.80 -9.25
N ALA B 75 0.86 -14.48 -9.12
CA ALA B 75 2.08 -13.77 -9.49
C ALA B 75 3.21 -14.25 -8.60
N CYS B 76 2.88 -14.39 -7.34
CA CYS B 76 3.83 -14.74 -6.32
C CYS B 76 3.71 -16.21 -5.94
N ASP B 77 2.92 -16.93 -6.72
CA ASP B 77 2.71 -18.36 -6.52
C ASP B 77 4.03 -19.15 -6.56
N GLY B 78 5.08 -18.53 -7.11
CA GLY B 78 6.40 -19.16 -7.10
C GLY B 78 7.43 -18.38 -6.30
N ILE B 79 6.97 -17.42 -5.49
CA ILE B 79 7.86 -16.57 -4.72
C ILE B 79 8.10 -17.10 -3.32
N GLY B 80 7.26 -18.03 -2.90
CA GLY B 80 7.39 -18.58 -1.57
C GLY B 80 8.70 -19.33 -1.35
N GLY B 81 9.43 -19.58 -2.43
CA GLY B 81 10.74 -20.18 -2.31
C GLY B 81 11.36 -20.49 -3.65
N ALA B 82 12.70 -20.53 -3.67
CA ALA B 82 13.48 -20.94 -4.83
C ALA B 82 13.38 -19.96 -6.00
N MET B 83 12.26 -19.96 -6.71
CA MET B 83 12.08 -19.09 -7.87
C MET B 83 12.18 -17.63 -7.45
N HIS B 84 11.78 -17.36 -6.22
CA HIS B 84 11.93 -16.05 -5.60
C HIS B 84 13.39 -15.60 -5.63
N LYS B 85 14.31 -16.53 -5.51
CA LYS B 85 15.72 -16.20 -5.44
C LYS B 85 16.27 -16.02 -6.86
N ALA B 86 15.53 -16.54 -7.84
CA ALA B 86 15.88 -16.35 -9.24
C ALA B 86 15.31 -15.05 -9.77
N MET B 87 14.05 -14.80 -9.44
CA MET B 87 13.33 -13.63 -9.92
C MET B 87 13.68 -12.39 -9.12
N LEU B 88 14.30 -12.60 -7.97
CA LEU B 88 14.66 -11.52 -7.06
C LEU B 88 15.45 -10.42 -7.78
N MET B 89 16.27 -10.82 -8.74
CA MET B 89 17.08 -9.86 -9.49
C MET B 89 16.26 -9.24 -10.63
N ALA B 90 15.21 -9.93 -11.05
CA ALA B 90 14.44 -9.53 -12.22
C ALA B 90 13.25 -8.66 -11.85
N GLN B 91 12.49 -9.10 -10.87
CA GLN B 91 11.24 -8.45 -10.56
C GLN B 91 11.40 -7.38 -9.50
N LEU B 92 12.04 -7.75 -8.38
CA LEU B 92 12.36 -6.79 -7.33
C LEU B 92 13.02 -5.56 -7.97
N GLU B 93 13.81 -5.88 -9.01
CA GLU B 93 14.65 -4.94 -9.77
C GLU B 93 14.74 -3.54 -9.14
N PRO A 1 -1.44 1.53 -14.19
CA PRO A 1 -1.17 0.63 -13.05
C PRO A 1 -2.37 0.62 -12.14
N SER A 2 -2.13 0.62 -10.83
CA SER A 2 -3.16 1.01 -9.90
C SER A 2 -3.42 2.48 -10.07
N PHE A 3 -4.39 3.00 -9.37
CA PHE A 3 -4.49 4.43 -9.24
C PHE A 3 -3.36 4.89 -8.33
N ASN A 4 -3.29 4.24 -7.20
CA ASN A 4 -2.51 4.72 -6.09
C ASN A 4 -1.07 4.26 -6.11
N THR A 5 -0.64 3.59 -7.16
CA THR A 5 0.73 3.09 -7.21
C THR A 5 1.74 4.23 -7.20
N VAL A 6 1.24 5.46 -7.29
CA VAL A 6 2.08 6.62 -7.21
C VAL A 6 2.49 6.84 -5.76
N ARG A 7 3.76 7.04 -5.51
CA ARG A 7 4.19 7.25 -4.16
C ARG A 7 5.48 8.04 -4.03
N GLN A 8 5.62 8.60 -2.85
CA GLN A 8 6.73 9.45 -2.45
C GLN A 8 8.08 8.94 -2.93
N GLY A 9 8.71 9.73 -3.79
CA GLY A 9 10.07 9.48 -4.18
C GLY A 9 11.04 10.08 -3.19
N SER A 10 12.25 10.42 -3.63
CA SER A 10 13.27 10.96 -2.76
C SER A 10 12.77 12.23 -2.06
N LYS A 11 12.33 12.07 -0.80
CA LYS A 11 11.77 13.13 0.03
C LYS A 11 10.69 13.95 -0.69
N GLU A 12 9.94 13.28 -1.58
CA GLU A 12 8.87 13.93 -2.34
C GLU A 12 7.88 14.59 -1.39
N PRO A 13 7.46 15.84 -1.67
CA PRO A 13 6.51 16.56 -0.83
C PRO A 13 5.29 15.70 -0.56
N TYR A 14 5.02 15.49 0.71
CA TYR A 14 4.07 14.48 1.10
C TYR A 14 2.63 14.87 0.76
N PRO A 15 2.10 16.04 1.19
CA PRO A 15 0.72 16.42 0.89
C PRO A 15 0.44 16.39 -0.60
N ASP A 16 1.54 16.41 -1.34
CA ASP A 16 1.52 16.37 -2.79
C ASP A 16 1.59 14.93 -3.29
N PHE A 17 2.46 14.13 -2.66
CA PHE A 17 2.58 12.72 -2.99
C PHE A 17 1.21 12.08 -2.87
N VAL A 18 0.53 12.43 -1.80
CA VAL A 18 -0.76 11.86 -1.50
C VAL A 18 -1.87 12.58 -2.28
N ALA A 19 -1.72 13.85 -2.55
CA ALA A 19 -2.68 14.59 -3.38
C ALA A 19 -2.83 13.97 -4.76
N ARG A 20 -1.74 13.44 -5.31
CA ARG A 20 -1.84 12.78 -6.60
C ARG A 20 -2.30 11.37 -6.36
N LEU A 21 -1.98 10.88 -5.17
CA LEU A 21 -2.45 9.59 -4.71
C LEU A 21 -3.98 9.59 -4.73
N GLN A 22 -4.55 10.67 -4.23
CA GLN A 22 -5.98 10.87 -4.19
C GLN A 22 -6.51 11.19 -5.56
N ASP A 23 -5.79 12.07 -6.24
CA ASP A 23 -6.20 12.51 -7.56
C ASP A 23 -6.49 11.35 -8.48
N VAL A 24 -5.56 10.42 -8.56
CA VAL A 24 -5.69 9.31 -9.49
C VAL A 24 -6.57 8.24 -8.88
N ALA A 25 -6.64 8.23 -7.56
CA ALA A 25 -7.54 7.33 -6.85
C ALA A 25 -8.95 7.83 -7.09
N GLN A 26 -9.02 9.07 -7.49
CA GLN A 26 -10.26 9.70 -7.83
C GLN A 26 -10.59 9.44 -9.29
N LYS A 27 -9.55 9.49 -10.11
CA LYS A 27 -9.68 9.26 -11.55
C LYS A 27 -10.08 7.83 -11.87
N SER A 28 -9.51 6.88 -11.15
CA SER A 28 -9.68 5.47 -11.49
C SER A 28 -10.75 4.86 -10.62
N ILE A 29 -11.17 5.59 -9.61
CA ILE A 29 -12.18 5.11 -8.69
C ILE A 29 -13.45 5.94 -8.79
N ALA A 30 -14.56 5.27 -9.02
CA ALA A 30 -15.85 5.95 -9.10
C ALA A 30 -16.47 6.08 -7.71
N ASP A 31 -15.81 5.49 -6.72
CA ASP A 31 -16.33 5.48 -5.37
C ASP A 31 -15.49 6.34 -4.44
N GLU A 32 -16.12 7.31 -3.81
CA GLU A 32 -15.45 8.16 -2.84
C GLU A 32 -14.95 7.34 -1.66
N LYS A 33 -15.60 6.20 -1.41
CA LYS A 33 -15.25 5.35 -0.28
C LYS A 33 -13.96 4.64 -0.54
N ALA A 34 -13.82 4.07 -1.71
CA ALA A 34 -12.58 3.41 -2.07
C ALA A 34 -11.50 4.44 -2.33
N ARG A 35 -11.94 5.64 -2.71
CA ARG A 35 -11.02 6.74 -3.00
C ARG A 35 -10.29 7.11 -1.73
N LYS A 36 -11.04 7.57 -0.74
CA LYS A 36 -10.46 7.97 0.54
C LYS A 36 -9.57 6.90 1.13
N VAL A 37 -10.18 5.76 1.37
CA VAL A 37 -9.54 4.70 2.13
C VAL A 37 -8.22 4.28 1.51
N ILE A 38 -8.08 4.37 0.20
CA ILE A 38 -6.84 3.99 -0.41
C ILE A 38 -5.85 5.15 -0.41
N VAL A 39 -6.33 6.38 -0.48
CA VAL A 39 -5.44 7.51 -0.37
C VAL A 39 -4.90 7.60 1.05
N GLU A 40 -5.81 7.52 2.01
CA GLU A 40 -5.50 7.52 3.42
C GLU A 40 -4.60 6.35 3.80
N LEU A 41 -4.72 5.24 3.09
CA LEU A 41 -3.89 4.09 3.39
C LEU A 41 -2.55 4.14 2.67
N MET A 42 -2.58 4.33 1.34
CA MET A 42 -1.36 4.37 0.54
C MET A 42 -0.48 5.51 0.99
N ALA A 43 -1.12 6.48 1.62
CA ALA A 43 -0.43 7.57 2.27
C ALA A 43 0.69 7.05 3.17
N TYR A 44 0.53 5.84 3.69
CA TYR A 44 1.55 5.20 4.49
C TYR A 44 2.19 4.10 3.68
N GLU A 45 1.38 3.07 3.40
CA GLU A 45 1.86 1.88 2.73
C GLU A 45 2.68 2.19 1.49
N ASN A 46 2.37 3.30 0.83
CA ASN A 46 3.03 3.64 -0.40
C ASN A 46 4.05 4.74 -0.18
N ALA A 47 3.90 5.51 0.89
CA ALA A 47 4.74 6.67 1.13
C ALA A 47 6.21 6.33 1.29
N ASN A 48 6.99 7.36 1.53
CA ASN A 48 8.40 7.21 1.81
C ASN A 48 8.59 6.38 3.07
N PRO A 49 9.63 5.55 3.07
CA PRO A 49 9.98 4.68 4.20
C PRO A 49 10.07 5.44 5.53
N GLU A 50 10.41 6.72 5.45
CA GLU A 50 10.46 7.60 6.59
C GLU A 50 9.11 8.25 6.85
N CYS A 51 8.37 8.47 5.79
CA CYS A 51 7.15 9.25 5.84
C CYS A 51 6.01 8.41 6.36
N GLN A 52 5.97 7.17 5.93
CA GLN A 52 5.00 6.25 6.48
C GLN A 52 5.43 5.97 7.90
N SER A 53 6.72 6.05 8.09
CA SER A 53 7.30 5.92 9.38
C SER A 53 7.00 7.16 10.24
N ALA A 54 6.66 8.24 9.60
CA ALA A 54 6.10 9.36 10.31
C ALA A 54 4.64 9.09 10.64
N ILE A 55 4.05 8.24 9.84
CA ILE A 55 2.63 7.97 9.90
C ILE A 55 2.22 6.85 10.83
N LYS A 56 3.03 5.80 10.99
CA LYS A 56 2.61 4.60 11.78
C LYS A 56 1.84 4.93 13.08
N PRO A 57 2.20 6.00 13.84
CA PRO A 57 1.43 6.40 15.04
C PRO A 57 0.01 6.85 14.70
N LEU A 58 -0.18 7.36 13.49
CA LEU A 58 -1.47 7.84 13.02
C LEU A 58 -2.09 6.74 12.18
N LYS A 59 -1.25 5.81 11.79
CA LYS A 59 -1.68 4.70 10.97
C LYS A 59 -2.82 3.95 11.64
N GLY A 60 -4.02 4.10 11.08
CA GLY A 60 -5.19 3.49 11.67
C GLY A 60 -5.98 4.48 12.47
N LYS A 61 -5.30 5.52 12.94
CA LYS A 61 -5.93 6.53 13.77
C LYS A 61 -6.16 7.81 12.96
N VAL A 62 -7.41 8.17 12.77
CA VAL A 62 -7.75 9.47 12.24
C VAL A 62 -8.65 10.21 13.22
N PRO A 63 -8.37 11.50 13.48
CA PRO A 63 -9.26 12.35 14.28
C PRO A 63 -10.68 12.31 13.78
N ALA A 64 -11.62 12.20 14.71
CA ALA A 64 -13.03 12.10 14.37
C ALA A 64 -13.51 13.35 13.66
N GLY A 65 -13.77 13.22 12.37
CA GLY A 65 -14.22 14.35 11.58
C GLY A 65 -13.15 14.88 10.65
N SER A 66 -11.90 14.53 10.92
CA SER A 66 -10.81 14.99 10.07
C SER A 66 -10.53 13.99 8.97
N ASP A 67 -9.48 14.29 8.24
CA ASP A 67 -8.99 13.45 7.17
C ASP A 67 -7.70 12.81 7.63
N VAL A 68 -7.44 11.56 7.26
CA VAL A 68 -6.22 10.94 7.76
C VAL A 68 -5.05 11.48 6.98
N ILE A 69 -5.30 11.84 5.73
CA ILE A 69 -4.26 12.38 4.88
C ILE A 69 -3.71 13.64 5.47
N SER A 70 -4.58 14.52 5.87
CA SER A 70 -4.19 15.78 6.47
C SER A 70 -3.19 15.56 7.62
N GLU A 71 -3.37 14.46 8.35
CA GLU A 71 -2.53 14.14 9.48
C GLU A 71 -1.29 13.39 9.04
N TYR A 72 -1.45 12.61 7.98
CA TYR A 72 -0.37 11.81 7.44
C TYR A 72 0.62 12.71 6.72
N VAL A 73 0.09 13.72 6.07
CA VAL A 73 0.91 14.72 5.43
C VAL A 73 1.55 15.55 6.51
N LYS A 74 0.81 15.73 7.60
CA LYS A 74 1.29 16.45 8.76
C LYS A 74 2.40 15.66 9.44
N ALA A 75 2.29 14.35 9.34
CA ALA A 75 3.29 13.46 9.89
C ALA A 75 4.61 13.69 9.19
N CYS A 76 4.51 13.80 7.87
CA CYS A 76 5.67 13.98 7.03
C CYS A 76 5.86 15.44 6.68
N ASP A 77 5.10 16.30 7.34
CA ASP A 77 5.20 17.74 7.15
C ASP A 77 6.56 18.25 7.59
N GLY A 78 7.15 17.57 8.56
CA GLY A 78 8.50 17.88 8.99
C GLY A 78 9.53 17.04 8.26
N ILE A 79 9.08 16.27 7.28
CA ILE A 79 9.97 15.42 6.50
C ILE A 79 10.27 16.02 5.14
N GLY A 80 11.55 16.08 4.85
CA GLY A 80 12.01 16.43 3.54
C GLY A 80 13.50 16.56 3.57
N GLY A 81 13.96 17.35 4.53
CA GLY A 81 15.37 17.53 4.72
C GLY A 81 15.69 17.76 6.19
N ALA A 82 16.94 17.48 6.56
CA ALA A 82 17.42 17.66 7.93
C ALA A 82 16.67 16.78 8.93
N MET A 83 15.46 17.18 9.30
CA MET A 83 14.64 16.41 10.23
C MET A 83 14.35 15.04 9.63
N HIS A 84 14.13 15.01 8.33
CA HIS A 84 13.96 13.76 7.59
C HIS A 84 15.15 12.83 7.83
N LYS A 85 16.33 13.40 8.02
CA LYS A 85 17.54 12.62 8.21
C LYS A 85 17.69 12.20 9.67
N ALA A 86 17.30 13.08 10.58
CA ALA A 86 17.27 12.76 12.01
C ALA A 86 16.27 11.65 12.26
N MET A 87 15.07 11.87 11.77
CA MET A 87 13.95 10.98 11.99
C MET A 87 14.09 9.73 11.13
N LEU A 88 15.00 9.77 10.19
CA LEU A 88 15.28 8.63 9.33
C LEU A 88 15.67 7.41 10.17
N MET A 89 16.49 7.64 11.19
CA MET A 89 16.96 6.54 12.03
C MET A 89 15.91 6.16 13.06
N ALA A 90 14.99 7.08 13.32
CA ALA A 90 13.98 6.89 14.36
C ALA A 90 12.71 6.27 13.81
N GLN A 91 12.26 6.80 12.70
CA GLN A 91 10.97 6.41 12.17
C GLN A 91 11.09 5.29 11.17
N LEU A 92 11.96 5.45 10.17
CA LEU A 92 12.24 4.39 9.21
C LEU A 92 12.57 3.11 9.99
N GLU A 93 13.25 3.34 11.12
CA GLU A 93 13.76 2.33 12.05
C GLU A 93 13.84 0.92 11.45
N PRO B 1 -3.30 -0.99 13.90
CA PRO B 1 -2.73 -0.19 12.81
C PRO B 1 -3.80 0.04 11.75
N SER B 2 -3.42 -0.02 10.49
CA SER B 2 -4.38 -0.21 9.45
C SER B 2 -4.95 -1.61 9.57
N PHE B 3 -5.92 -1.92 8.76
CA PHE B 3 -6.28 -3.30 8.60
C PHE B 3 -5.18 -3.99 7.83
N ASN B 4 -4.86 -3.39 6.72
CA ASN B 4 -4.07 -4.03 5.69
C ASN B 4 -2.57 -3.87 5.88
N THR B 5 -2.14 -3.28 6.99
CA THR B 5 -0.72 -3.06 7.19
C THR B 5 0.03 -4.38 7.28
N VAL B 6 -0.71 -5.48 7.30
CA VAL B 6 -0.11 -6.79 7.31
C VAL B 6 0.41 -7.11 5.93
N ARG B 7 1.64 -7.55 5.82
CA ARG B 7 2.16 -7.87 4.52
C ARG B 7 3.27 -8.90 4.54
N GLN B 8 3.44 -9.50 3.37
CA GLN B 8 4.40 -10.56 3.10
C GLN B 8 5.76 -10.31 3.74
N GLY B 9 6.12 -11.20 4.64
CA GLY B 9 7.45 -11.23 5.20
C GLY B 9 8.38 -12.03 4.31
N SER B 10 9.43 -12.58 4.89
CA SER B 10 10.43 -13.34 4.13
C SER B 10 9.77 -14.50 3.37
N LYS B 11 9.52 -14.27 2.08
CA LYS B 11 8.84 -15.21 1.18
C LYS B 11 7.54 -15.78 1.76
N GLU B 12 6.85 -14.96 2.57
CA GLU B 12 5.60 -15.38 3.18
C GLU B 12 4.61 -15.85 2.12
N PRO B 13 3.91 -16.98 2.35
CA PRO B 13 2.93 -17.51 1.40
C PRO B 13 1.96 -16.43 0.99
N TYR B 14 1.88 -16.18 -0.30
CA TYR B 14 1.20 -15.01 -0.78
C TYR B 14 -0.32 -15.09 -0.61
N PRO B 15 -1.02 -16.15 -1.10
CA PRO B 15 -2.48 -16.23 -0.97
C PRO B 15 -2.89 -16.12 0.49
N ASP B 16 -1.93 -16.37 1.34
CA ASP B 16 -2.09 -16.29 2.78
C ASP B 16 -1.80 -14.90 3.30
N PHE B 17 -0.73 -14.30 2.78
CA PHE B 17 -0.35 -12.93 3.13
C PHE B 17 -1.55 -12.02 2.87
N VAL B 18 -2.17 -12.24 1.72
CA VAL B 18 -3.28 -11.45 1.28
C VAL B 18 -4.59 -11.91 1.91
N ALA B 19 -4.72 -13.19 2.19
CA ALA B 19 -5.89 -13.71 2.90
C ALA B 19 -6.08 -13.05 4.25
N ARG B 20 -4.98 -12.74 4.95
CA ARG B 20 -5.08 -12.05 6.21
C ARG B 20 -5.23 -10.58 5.93
N LEU B 21 -4.67 -10.17 4.79
CA LEU B 21 -4.83 -8.83 4.29
C LEU B 21 -6.31 -8.53 4.14
N GLN B 22 -7.04 -9.49 3.56
CA GLN B 22 -8.46 -9.39 3.37
C GLN B 22 -9.19 -9.58 4.66
N ASP B 23 -8.75 -10.57 5.41
CA ASP B 23 -9.38 -10.91 6.68
C ASP B 23 -9.54 -9.69 7.56
N VAL B 24 -8.45 -8.97 7.75
CA VAL B 24 -8.46 -7.85 8.67
C VAL B 24 -9.03 -6.62 7.97
N ALA B 25 -8.95 -6.62 6.65
CA ALA B 25 -9.58 -5.57 5.86
C ALA B 25 -11.06 -5.78 5.94
N GLN B 26 -11.43 -6.98 6.31
CA GLN B 26 -12.81 -7.33 6.49
C GLN B 26 -13.23 -7.00 7.92
N LYS B 27 -12.32 -7.23 8.85
CA LYS B 27 -12.56 -6.96 10.27
C LYS B 27 -12.71 -5.48 10.55
N SER B 28 -11.87 -4.67 9.91
CA SER B 28 -11.81 -3.26 10.24
C SER B 28 -12.62 -2.45 9.25
N ILE B 29 -13.08 -3.11 8.20
CA ILE B 29 -13.84 -2.44 7.18
C ILE B 29 -15.26 -2.99 7.12
N ALA B 30 -16.24 -2.11 7.24
CA ALA B 30 -17.63 -2.53 7.16
C ALA B 30 -18.10 -2.54 5.71
N ASP B 31 -17.23 -2.12 4.81
CA ASP B 31 -17.58 -2.02 3.40
C ASP B 31 -16.83 -3.06 2.56
N GLU B 32 -17.57 -3.88 1.86
CA GLU B 32 -16.98 -4.87 0.96
C GLU B 32 -16.19 -4.17 -0.14
N LYS B 33 -16.57 -2.92 -0.45
CA LYS B 33 -15.94 -2.18 -1.53
C LYS B 33 -14.56 -1.74 -1.12
N ALA B 34 -14.45 -1.20 0.06
CA ALA B 34 -13.14 -0.79 0.56
C ALA B 34 -12.33 -2.02 0.94
N ARG B 35 -13.04 -3.10 1.26
CA ARG B 35 -12.41 -4.35 1.65
C ARG B 35 -11.62 -4.88 0.46
N LYS B 36 -12.33 -5.20 -0.62
CA LYS B 36 -11.70 -5.72 -1.82
C LYS B 36 -10.56 -4.86 -2.30
N VAL B 37 -10.89 -3.62 -2.60
CA VAL B 37 -9.97 -2.72 -3.26
C VAL B 37 -8.66 -2.56 -2.50
N ILE B 38 -8.71 -2.67 -1.18
CA ILE B 38 -7.49 -2.54 -0.42
C ILE B 38 -6.77 -3.86 -0.32
N VAL B 39 -7.49 -4.98 -0.32
CA VAL B 39 -6.81 -6.26 -0.33
C VAL B 39 -6.16 -6.48 -1.69
N GLU B 40 -6.92 -6.23 -2.75
CA GLU B 40 -6.46 -6.30 -4.12
C GLU B 40 -5.30 -5.34 -4.38
N LEU B 41 -5.29 -4.22 -3.68
CA LEU B 41 -4.21 -3.27 -3.87
C LEU B 41 -2.99 -3.58 -3.00
N MET B 42 -3.21 -3.74 -1.70
CA MET B 42 -2.12 -4.00 -0.75
C MET B 42 -1.45 -5.31 -1.10
N ALA B 43 -2.19 -6.15 -1.81
CA ALA B 43 -1.67 -7.35 -2.40
C ALA B 43 -0.37 -7.08 -3.16
N TYR B 44 -0.23 -5.87 -3.68
CA TYR B 44 0.98 -5.47 -4.36
C TYR B 44 1.73 -4.50 -3.47
N GLU B 45 1.13 -3.33 -3.27
CA GLU B 45 1.74 -2.24 -2.54
C GLU B 45 2.36 -2.69 -1.23
N ASN B 46 1.75 -3.71 -0.60
CA ASN B 46 2.19 -4.15 0.69
C ASN B 46 3.00 -5.44 0.58
N ALA B 47 2.81 -6.18 -0.52
CA ALA B 47 3.42 -7.50 -0.67
C ALA B 47 4.93 -7.45 -0.67
N ASN B 48 5.51 -8.62 -0.82
CA ASN B 48 6.95 -8.76 -0.93
C ASN B 48 7.44 -8.01 -2.15
N PRO B 49 8.62 -7.39 -2.03
CA PRO B 49 9.26 -6.64 -3.11
C PRO B 49 9.34 -7.41 -4.41
N GLU B 50 9.41 -8.73 -4.31
CA GLU B 50 9.42 -9.62 -5.46
C GLU B 50 8.01 -10.00 -5.87
N CYS B 51 7.11 -10.04 -4.90
CA CYS B 51 5.78 -10.57 -5.10
C CYS B 51 4.90 -9.53 -5.72
N GLN B 52 5.05 -8.30 -5.30
CA GLN B 52 4.37 -7.21 -5.94
C GLN B 52 4.99 -7.04 -7.30
N SER B 53 6.25 -7.38 -7.35
CA SER B 53 7.00 -7.39 -8.57
C SER B 53 6.56 -8.55 -9.47
N ALA B 54 5.93 -9.53 -8.88
CA ALA B 54 5.24 -10.54 -9.66
C ALA B 54 3.92 -9.99 -10.15
N ILE B 55 3.41 -9.02 -9.41
CA ILE B 55 2.09 -8.48 -9.62
C ILE B 55 2.02 -7.30 -10.59
N LYS B 56 3.05 -6.44 -10.65
CA LYS B 56 2.97 -5.20 -11.47
C LYS B 56 2.29 -5.39 -12.85
N PRO B 57 2.52 -6.51 -13.58
CA PRO B 57 1.82 -6.77 -14.86
C PRO B 57 0.30 -6.91 -14.68
N LEU B 58 -0.11 -7.37 -13.51
CA LEU B 58 -1.52 -7.57 -13.20
C LEU B 58 -1.99 -6.37 -12.43
N LYS B 59 -1.03 -5.62 -11.93
CA LYS B 59 -1.33 -4.42 -11.15
C LYS B 59 -2.21 -3.47 -11.94
N GLY B 60 -3.46 -3.37 -11.53
CA GLY B 60 -4.41 -2.54 -12.24
C GLY B 60 -5.31 -3.38 -13.13
N LYS B 61 -4.79 -4.54 -13.54
CA LYS B 61 -5.52 -5.41 -14.44
C LYS B 61 -6.08 -6.61 -13.68
N VAL B 62 -7.39 -6.70 -13.63
CA VAL B 62 -8.04 -7.90 -13.15
C VAL B 62 -8.96 -8.46 -14.23
N PRO B 63 -8.91 -9.78 -14.47
CA PRO B 63 -9.84 -10.45 -15.38
C PRO B 63 -11.30 -10.12 -15.04
N ALA B 64 -12.08 -9.83 -16.07
CA ALA B 64 -13.47 -9.45 -15.89
C ALA B 64 -14.26 -10.58 -15.24
N GLY B 65 -14.63 -10.38 -13.98
CA GLY B 65 -15.38 -11.37 -13.26
C GLY B 65 -14.56 -12.10 -12.22
N SER B 66 -13.24 -12.02 -12.35
CA SER B 66 -12.36 -12.67 -11.40
C SER B 66 -12.02 -11.73 -10.26
N ASP B 67 -11.14 -12.22 -9.41
CA ASP B 67 -10.61 -11.48 -8.29
C ASP B 67 -9.18 -11.12 -8.58
N VAL B 68 -8.71 -9.94 -8.19
CA VAL B 68 -7.36 -9.57 -8.54
C VAL B 68 -6.41 -10.33 -7.63
N ILE B 69 -6.87 -10.62 -6.43
CA ILE B 69 -6.05 -11.34 -5.47
C ILE B 69 -5.70 -12.70 -6.01
N SER B 70 -6.69 -13.39 -6.50
CA SER B 70 -6.49 -14.72 -7.07
C SER B 70 -5.35 -14.71 -8.09
N GLU B 71 -5.21 -13.61 -8.82
CA GLU B 71 -4.21 -13.48 -9.85
C GLU B 71 -2.91 -12.99 -9.26
N TYR B 72 -3.01 -12.18 -8.23
CA TYR B 72 -1.87 -11.59 -7.56
C TYR B 72 -1.17 -12.66 -6.74
N VAL B 73 -1.97 -13.54 -6.17
CA VAL B 73 -1.44 -14.68 -5.44
C VAL B 73 -0.85 -15.64 -6.45
N LYS B 74 -1.48 -15.67 -7.62
CA LYS B 74 -1.04 -16.50 -8.73
C LYS B 74 0.28 -15.96 -9.26
N ALA B 75 0.43 -14.65 -9.16
CA ALA B 75 1.64 -13.98 -9.59
C ALA B 75 2.80 -14.47 -8.75
N CYS B 76 2.54 -14.52 -7.46
CA CYS B 76 3.52 -14.92 -6.49
C CYS B 76 3.38 -16.39 -6.13
N ASP B 77 2.54 -17.09 -6.89
CA ASP B 77 2.33 -18.52 -6.70
C ASP B 77 3.61 -19.29 -6.99
N GLY B 78 4.43 -18.75 -7.88
CA GLY B 78 5.73 -19.34 -8.14
C GLY B 78 6.82 -18.71 -7.29
N ILE B 79 6.42 -17.85 -6.36
CA ILE B 79 7.36 -17.19 -5.48
C ILE B 79 7.38 -17.82 -4.10
N GLY B 80 8.57 -18.13 -3.67
CA GLY B 80 8.81 -18.54 -2.31
C GLY B 80 10.24 -18.97 -2.17
N GLY B 81 10.65 -19.83 -3.09
CA GLY B 81 12.01 -20.30 -3.12
C GLY B 81 12.45 -20.62 -4.53
N ALA B 82 13.75 -20.59 -4.77
CA ALA B 82 14.34 -20.89 -6.07
C ALA B 82 13.89 -19.89 -7.15
N MET B 83 12.67 -20.06 -7.65
CA MET B 83 12.14 -19.14 -8.66
C MET B 83 12.07 -17.74 -8.09
N HIS B 84 11.70 -17.64 -6.83
CA HIS B 84 11.71 -16.37 -6.09
C HIS B 84 13.08 -15.70 -6.20
N LYS B 85 14.13 -16.51 -6.25
CA LYS B 85 15.48 -15.98 -6.29
C LYS B 85 15.87 -15.62 -7.72
N ALA B 86 15.42 -16.42 -8.68
CA ALA B 86 15.62 -16.12 -10.10
C ALA B 86 14.91 -14.83 -10.46
N MET B 87 13.64 -14.80 -10.11
CA MET B 87 12.74 -13.70 -10.44
C MET B 87 13.03 -12.50 -9.57
N LEU B 88 13.81 -12.71 -8.52
CA LEU B 88 14.21 -11.64 -7.62
C LEU B 88 14.93 -10.53 -8.41
N MET B 89 15.80 -10.93 -9.32
CA MET B 89 16.58 -9.97 -10.09
C MET B 89 15.74 -9.39 -11.24
N ALA B 90 14.69 -10.11 -11.62
CA ALA B 90 13.88 -9.74 -12.76
C ALA B 90 12.70 -8.87 -12.36
N GLN B 91 12.01 -9.28 -11.31
CA GLN B 91 10.78 -8.65 -10.93
C GLN B 91 11.02 -7.55 -9.91
N LEU B 92 11.72 -7.87 -8.82
CA LEU B 92 12.09 -6.87 -7.82
C LEU B 92 12.74 -5.70 -8.55
N GLU B 93 13.50 -6.08 -9.60
CA GLU B 93 14.29 -5.19 -10.46
C GLU B 93 14.58 -3.82 -9.84
N PRO A 1 -1.95 1.82 -14.27
CA PRO A 1 -1.70 0.85 -13.22
C PRO A 1 -2.90 0.80 -12.29
N SER A 2 -2.65 0.71 -10.99
CA SER A 2 -3.68 1.02 -10.02
C SER A 2 -4.00 2.49 -10.10
N PHE A 3 -4.91 2.96 -9.28
CA PHE A 3 -5.04 4.39 -9.13
C PHE A 3 -3.90 4.88 -8.25
N ASN A 4 -3.79 4.25 -7.11
CA ASN A 4 -2.98 4.75 -6.03
C ASN A 4 -1.52 4.33 -6.12
N THR A 5 -1.14 3.66 -7.18
CA THR A 5 0.23 3.16 -7.30
C THR A 5 1.23 4.31 -7.35
N VAL A 6 0.73 5.54 -7.41
CA VAL A 6 1.58 6.69 -7.39
C VAL A 6 2.06 6.91 -5.97
N ARG A 7 3.35 7.11 -5.79
CA ARG A 7 3.84 7.32 -4.45
C ARG A 7 5.12 8.11 -4.37
N GLN A 8 5.32 8.65 -3.18
CA GLN A 8 6.46 9.48 -2.82
C GLN A 8 7.78 8.93 -3.37
N GLY A 9 8.39 9.71 -4.24
CA GLY A 9 9.70 9.39 -4.75
C GLY A 9 10.80 10.00 -3.88
N SER A 10 11.84 10.51 -4.52
CA SER A 10 12.97 11.10 -3.81
C SER A 10 12.51 12.28 -2.94
N LYS A 11 12.26 11.98 -1.65
CA LYS A 11 11.72 12.93 -0.68
C LYS A 11 10.62 13.82 -1.28
N GLU A 12 9.77 13.22 -2.11
CA GLU A 12 8.69 13.92 -2.78
C GLU A 12 7.78 14.60 -1.74
N PRO A 13 7.32 15.83 -2.01
CA PRO A 13 6.43 16.54 -1.10
C PRO A 13 5.22 15.69 -0.78
N TYR A 14 5.03 15.43 0.50
CA TYR A 14 4.10 14.41 0.91
C TYR A 14 2.64 14.79 0.66
N PRO A 15 2.15 15.98 1.12
CA PRO A 15 0.74 16.36 0.90
C PRO A 15 0.40 16.36 -0.59
N ASP A 16 1.45 16.39 -1.37
CA ASP A 16 1.36 16.37 -2.82
C ASP A 16 1.37 14.96 -3.34
N PHE A 17 2.24 14.13 -2.77
CA PHE A 17 2.33 12.72 -3.12
C PHE A 17 0.96 12.09 -2.93
N VAL A 18 0.33 12.41 -1.81
CA VAL A 18 -0.96 11.88 -1.49
C VAL A 18 -2.06 12.59 -2.26
N ALA A 19 -1.92 13.88 -2.50
CA ALA A 19 -2.90 14.62 -3.29
C ALA A 19 -3.11 14.00 -4.65
N ARG A 20 -2.05 13.49 -5.27
CA ARG A 20 -2.20 12.85 -6.56
C ARG A 20 -2.68 11.44 -6.31
N LEU A 21 -2.31 10.92 -5.15
CA LEU A 21 -2.78 9.62 -4.68
C LEU A 21 -4.31 9.64 -4.66
N GLN A 22 -4.85 10.74 -4.16
CA GLN A 22 -6.27 10.96 -4.08
C GLN A 22 -6.85 11.22 -5.42
N ASP A 23 -6.27 12.17 -6.11
CA ASP A 23 -6.73 12.56 -7.42
C ASP A 23 -6.96 11.37 -8.29
N VAL A 24 -5.98 10.50 -8.36
CA VAL A 24 -6.04 9.41 -9.29
C VAL A 24 -6.93 8.31 -8.73
N ALA A 25 -7.01 8.26 -7.40
CA ALA A 25 -7.90 7.32 -6.75
C ALA A 25 -9.31 7.74 -7.07
N GLN A 26 -9.45 9.02 -7.24
CA GLN A 26 -10.72 9.64 -7.50
C GLN A 26 -11.12 9.40 -8.96
N LYS A 27 -10.10 9.37 -9.81
CA LYS A 27 -10.29 9.11 -11.24
C LYS A 27 -10.72 7.67 -11.50
N SER A 28 -10.21 6.76 -10.70
CA SER A 28 -10.39 5.35 -10.97
C SER A 28 -11.39 4.76 -9.99
N ILE A 29 -11.79 5.56 -9.03
CA ILE A 29 -12.79 5.15 -8.05
C ILE A 29 -14.02 6.04 -8.14
N ALA A 30 -15.17 5.42 -8.34
CA ALA A 30 -16.43 6.16 -8.40
C ALA A 30 -16.98 6.39 -7.00
N ASP A 31 -16.28 5.84 -6.02
CA ASP A 31 -16.70 5.93 -4.62
C ASP A 31 -15.83 6.89 -3.83
N GLU A 32 -16.46 7.65 -2.97
CA GLU A 32 -15.74 8.54 -2.07
C GLU A 32 -15.10 7.75 -0.93
N LYS A 33 -15.73 6.66 -0.51
CA LYS A 33 -15.25 5.90 0.63
C LYS A 33 -13.98 5.18 0.22
N ALA A 34 -14.08 4.41 -0.85
CA ALA A 34 -12.92 3.72 -1.41
C ALA A 34 -11.84 4.72 -1.80
N ARG A 35 -12.24 5.95 -2.12
CA ARG A 35 -11.29 6.98 -2.50
C ARG A 35 -10.46 7.32 -1.27
N LYS A 36 -11.16 7.70 -0.21
CA LYS A 36 -10.49 8.04 1.05
C LYS A 36 -9.64 6.89 1.53
N VAL A 37 -10.28 5.75 1.72
CA VAL A 37 -9.65 4.63 2.40
C VAL A 37 -8.32 4.28 1.74
N ILE A 38 -8.22 4.42 0.43
CA ILE A 38 -6.98 4.11 -0.23
C ILE A 38 -6.02 5.29 -0.27
N VAL A 39 -6.51 6.51 -0.32
CA VAL A 39 -5.61 7.65 -0.23
C VAL A 39 -5.01 7.72 1.17
N GLU A 40 -5.87 7.65 2.18
CA GLU A 40 -5.48 7.66 3.58
C GLU A 40 -4.63 6.44 3.93
N LEU A 41 -4.80 5.35 3.20
CA LEU A 41 -3.99 4.16 3.44
C LEU A 41 -2.65 4.21 2.69
N MET A 42 -2.71 4.39 1.37
CA MET A 42 -1.50 4.40 0.53
C MET A 42 -0.59 5.52 0.93
N ALA A 43 -1.18 6.49 1.59
CA ALA A 43 -0.45 7.57 2.22
C ALA A 43 0.69 7.02 3.06
N TYR A 44 0.53 5.81 3.58
CA TYR A 44 1.57 5.14 4.33
C TYR A 44 2.15 4.03 3.46
N GLU A 45 1.32 3.03 3.19
CA GLU A 45 1.72 1.84 2.46
C GLU A 45 2.49 2.16 1.17
N ASN A 46 2.21 3.31 0.56
CA ASN A 46 2.83 3.66 -0.69
C ASN A 46 3.87 4.75 -0.49
N ALA A 47 3.76 5.50 0.60
CA ALA A 47 4.63 6.66 0.83
C ALA A 47 6.09 6.28 0.89
N ASN A 48 6.91 7.30 1.10
CA ASN A 48 8.32 7.11 1.30
C ASN A 48 8.54 6.25 2.53
N PRO A 49 9.48 5.32 2.49
CA PRO A 49 9.75 4.40 3.60
C PRO A 49 9.76 5.13 4.95
N GLU A 50 10.46 6.26 4.99
CA GLU A 50 10.54 7.12 6.14
C GLU A 50 9.23 7.85 6.41
N CYS A 51 8.51 8.19 5.35
CA CYS A 51 7.33 8.99 5.47
C CYS A 51 6.20 8.17 6.03
N GLN A 52 6.14 6.92 5.63
CA GLN A 52 5.17 6.02 6.19
C GLN A 52 5.63 5.70 7.58
N SER A 53 6.92 5.71 7.74
CA SER A 53 7.55 5.56 9.02
C SER A 53 7.29 6.79 9.89
N ALA A 54 6.94 7.87 9.26
CA ALA A 54 6.42 9.02 9.98
C ALA A 54 4.98 8.76 10.38
N ILE A 55 4.33 7.97 9.57
CA ILE A 55 2.90 7.74 9.68
C ILE A 55 2.48 6.60 10.60
N LYS A 56 3.28 5.53 10.70
CA LYS A 56 2.86 4.31 11.46
C LYS A 56 2.10 4.62 12.77
N PRO A 57 2.49 5.64 13.57
CA PRO A 57 1.75 6.00 14.80
C PRO A 57 0.32 6.48 14.50
N LEU A 58 0.14 7.09 13.34
CA LEU A 58 -1.16 7.61 12.93
C LEU A 58 -1.84 6.56 12.09
N LYS A 59 -1.04 5.63 11.62
CA LYS A 59 -1.56 4.53 10.81
C LYS A 59 -2.67 3.82 11.55
N GLY A 60 -3.89 4.01 11.07
CA GLY A 60 -5.04 3.45 11.74
C GLY A 60 -5.79 4.50 12.53
N LYS A 61 -5.06 5.49 13.03
CA LYS A 61 -5.68 6.51 13.84
C LYS A 61 -5.84 7.79 13.07
N VAL A 62 -7.07 8.13 12.87
CA VAL A 62 -7.43 9.43 12.33
C VAL A 62 -8.33 10.15 13.33
N PRO A 63 -8.04 11.44 13.62
CA PRO A 63 -8.89 12.27 14.48
C PRO A 63 -10.34 12.27 14.00
N ALA A 64 -11.25 12.18 14.94
CA ALA A 64 -12.67 12.14 14.64
C ALA A 64 -13.11 13.45 13.98
N GLY A 65 -13.40 13.37 12.69
CA GLY A 65 -13.81 14.54 11.95
C GLY A 65 -12.72 15.04 11.03
N SER A 66 -11.50 14.58 11.23
CA SER A 66 -10.39 15.00 10.39
C SER A 66 -10.19 14.00 9.26
N ASP A 67 -9.15 14.27 8.50
CA ASP A 67 -8.70 13.42 7.41
C ASP A 67 -7.42 12.75 7.85
N VAL A 68 -7.18 11.50 7.47
CA VAL A 68 -5.96 10.86 7.92
C VAL A 68 -4.79 11.47 7.17
N ILE A 69 -5.04 11.82 5.91
CA ILE A 69 -4.02 12.39 5.06
C ILE A 69 -3.44 13.63 5.69
N SER A 70 -4.31 14.50 6.11
CA SER A 70 -3.91 15.75 6.77
C SER A 70 -2.85 15.48 7.84
N GLU A 71 -3.00 14.36 8.54
CA GLU A 71 -2.13 14.00 9.64
C GLU A 71 -0.92 13.26 9.13
N TYR A 72 -1.11 12.52 8.06
CA TYR A 72 -0.06 11.71 7.48
C TYR A 72 0.93 12.60 6.75
N VAL A 73 0.40 13.63 6.11
CA VAL A 73 1.22 14.64 5.48
C VAL A 73 1.90 15.46 6.56
N LYS A 74 1.20 15.61 7.67
CA LYS A 74 1.72 16.28 8.84
C LYS A 74 2.83 15.45 9.46
N ALA A 75 2.70 14.15 9.32
CA ALA A 75 3.69 13.21 9.81
C ALA A 75 4.99 13.42 9.06
N CYS A 76 4.86 13.51 7.75
CA CYS A 76 6.00 13.68 6.88
C CYS A 76 6.25 15.15 6.59
N ASP A 77 5.53 16.01 7.31
CA ASP A 77 5.69 17.45 7.18
C ASP A 77 7.09 17.90 7.56
N GLY A 78 7.74 17.12 8.43
CA GLY A 78 9.12 17.40 8.79
C GLY A 78 10.10 16.63 7.93
N ILE A 79 9.58 15.78 7.06
CA ILE A 79 10.41 14.95 6.21
C ILE A 79 10.60 15.59 4.84
N GLY A 80 11.85 15.68 4.41
CA GLY A 80 12.14 16.17 3.09
C GLY A 80 13.58 16.61 2.94
N GLY A 81 14.47 15.96 3.69
CA GLY A 81 15.88 16.23 3.56
C GLY A 81 16.67 16.01 4.82
N ALA A 82 17.11 17.09 5.45
CA ALA A 82 17.98 17.02 6.61
C ALA A 82 17.40 16.17 7.74
N MET A 83 16.17 16.48 8.14
CA MET A 83 15.53 15.74 9.23
C MET A 83 15.22 14.32 8.77
N HIS A 84 14.98 14.16 7.48
CA HIS A 84 14.76 12.84 6.88
C HIS A 84 16.01 11.97 7.05
N LYS A 85 17.18 12.59 6.97
CA LYS A 85 18.42 11.83 7.09
C LYS A 85 18.73 11.54 8.56
N ALA A 86 18.10 12.30 9.45
CA ALA A 86 18.23 12.10 10.88
C ALA A 86 17.25 11.03 11.35
N MET A 87 16.00 11.20 10.96
CA MET A 87 14.92 10.34 11.40
C MET A 87 14.92 9.03 10.64
N LEU A 88 15.69 8.99 9.56
CA LEU A 88 15.81 7.80 8.72
C LEU A 88 16.08 6.55 9.56
N MET A 89 16.96 6.67 10.55
CA MET A 89 17.31 5.54 11.40
C MET A 89 16.29 5.36 12.52
N ALA A 90 15.48 6.38 12.75
CA ALA A 90 14.55 6.37 13.88
C ALA A 90 13.18 5.90 13.47
N GLN A 91 12.74 6.30 12.29
CA GLN A 91 11.41 5.97 11.82
C GLN A 91 11.45 4.85 10.80
N LEU A 92 12.27 5.03 9.76
CA LEU A 92 12.43 4.03 8.71
C LEU A 92 13.00 2.72 9.30
N GLU A 93 13.34 2.77 10.59
CA GLU A 93 13.87 1.63 11.34
C GLU A 93 13.17 0.32 10.97
N PRO B 1 -3.90 -1.16 13.90
CA PRO B 1 -3.32 -0.26 12.88
C PRO B 1 -4.37 0.01 11.82
N SER B 2 -3.97 0.02 10.57
CA SER B 2 -4.92 -0.09 9.48
C SER B 2 -5.53 -1.47 9.51
N PHE B 3 -6.42 -1.76 8.60
CA PHE B 3 -6.82 -3.13 8.41
C PHE B 3 -5.70 -3.85 7.68
N ASN B 4 -5.34 -3.28 6.56
CA ASN B 4 -4.53 -3.96 5.58
C ASN B 4 -3.04 -3.83 5.83
N THR B 5 -2.66 -3.23 6.94
CA THR B 5 -1.24 -3.01 7.21
C THR B 5 -0.49 -4.34 7.37
N VAL B 6 -1.24 -5.43 7.36
CA VAL B 6 -0.63 -6.74 7.43
C VAL B 6 -0.05 -7.07 6.07
N ARG B 7 1.19 -7.53 6.03
CA ARG B 7 1.78 -7.85 4.76
C ARG B 7 2.87 -8.88 4.83
N GLN B 8 3.10 -9.47 3.66
CA GLN B 8 4.08 -10.51 3.42
C GLN B 8 5.41 -10.24 4.13
N GLY B 9 5.75 -11.11 5.06
CA GLY B 9 7.04 -11.05 5.72
C GLY B 9 8.07 -11.87 4.98
N SER B 10 8.92 -12.57 5.73
CA SER B 10 9.97 -13.39 5.14
C SER B 10 9.39 -14.47 4.22
N LYS B 11 9.35 -14.14 2.92
CA LYS B 11 8.75 -14.99 1.88
C LYS B 11 7.43 -15.61 2.34
N GLU B 12 6.63 -14.84 3.07
CA GLU B 12 5.36 -15.31 3.60
C GLU B 12 4.46 -15.80 2.47
N PRO B 13 3.73 -16.92 2.67
CA PRO B 13 2.83 -17.46 1.67
C PRO B 13 1.86 -16.39 1.22
N TYR B 14 1.86 -16.12 -0.08
CA TYR B 14 1.21 -14.94 -0.59
C TYR B 14 -0.31 -15.02 -0.51
N PRO B 15 -0.97 -16.08 -1.02
CA PRO B 15 -2.44 -16.17 -0.97
C PRO B 15 -2.94 -16.09 0.46
N ASP B 16 -2.02 -16.32 1.37
CA ASP B 16 -2.27 -16.25 2.79
C ASP B 16 -2.02 -14.86 3.33
N PHE B 17 -0.95 -14.24 2.86
CA PHE B 17 -0.62 -12.87 3.22
C PHE B 17 -1.81 -11.97 2.90
N VAL B 18 -2.36 -12.19 1.71
CA VAL B 18 -3.47 -11.40 1.25
C VAL B 18 -4.78 -11.87 1.88
N ALA B 19 -4.91 -13.16 2.13
CA ALA B 19 -6.11 -13.69 2.78
C ALA B 19 -6.35 -13.01 4.12
N ARG B 20 -5.28 -12.71 4.86
CA ARG B 20 -5.44 -12.03 6.13
C ARG B 20 -5.60 -10.56 5.84
N LEU B 21 -5.00 -10.13 4.74
CA LEU B 21 -5.16 -8.78 4.22
C LEU B 21 -6.65 -8.50 4.03
N GLN B 22 -7.33 -9.47 3.46
CA GLN B 22 -8.75 -9.40 3.22
C GLN B 22 -9.53 -9.53 4.48
N ASP B 23 -9.22 -10.57 5.22
CA ASP B 23 -9.91 -10.84 6.47
C ASP B 23 -9.99 -9.60 7.33
N VAL B 24 -8.86 -8.95 7.51
CA VAL B 24 -8.81 -7.85 8.44
C VAL B 24 -9.39 -6.60 7.78
N ALA B 25 -9.31 -6.56 6.45
CA ALA B 25 -9.92 -5.47 5.70
C ALA B 25 -11.40 -5.61 5.86
N GLN B 26 -11.82 -6.83 6.00
CA GLN B 26 -13.21 -7.18 6.12
C GLN B 26 -13.71 -6.82 7.52
N LYS B 27 -12.83 -6.99 8.49
CA LYS B 27 -13.11 -6.67 9.88
C LYS B 27 -13.28 -5.18 10.09
N SER B 28 -12.49 -4.40 9.38
CA SER B 28 -12.42 -2.98 9.63
C SER B 28 -13.16 -2.21 8.55
N ILE B 29 -13.61 -2.95 7.55
CA ILE B 29 -14.38 -2.36 6.46
C ILE B 29 -15.77 -2.97 6.41
N ALA B 30 -16.78 -2.14 6.48
CA ALA B 30 -18.17 -2.61 6.38
C ALA B 30 -18.58 -2.75 4.93
N ASP B 31 -17.69 -2.37 4.04
CA ASP B 31 -17.96 -2.39 2.61
C ASP B 31 -17.22 -3.52 1.92
N GLU B 32 -17.87 -4.15 0.96
CA GLU B 32 -17.25 -5.18 0.15
C GLU B 32 -16.34 -4.56 -0.89
N LYS B 33 -16.70 -3.38 -1.38
CA LYS B 33 -15.94 -2.73 -2.45
C LYS B 33 -14.61 -2.28 -1.90
N ALA B 34 -14.68 -1.49 -0.84
CA ALA B 34 -13.48 -1.04 -0.15
C ALA B 34 -12.67 -2.22 0.36
N ARG B 35 -13.34 -3.35 0.62
CA ARG B 35 -12.67 -4.54 1.10
C ARG B 35 -11.79 -5.06 -0.03
N LYS B 36 -12.42 -5.31 -1.17
CA LYS B 36 -11.69 -5.79 -2.34
C LYS B 36 -10.58 -4.84 -2.71
N VAL B 37 -10.96 -3.60 -2.96
CA VAL B 37 -10.04 -2.64 -3.55
C VAL B 37 -8.75 -2.54 -2.76
N ILE B 38 -8.83 -2.70 -1.44
CA ILE B 38 -7.64 -2.61 -0.64
C ILE B 38 -6.94 -3.96 -0.51
N VAL B 39 -7.68 -5.06 -0.52
CA VAL B 39 -7.02 -6.36 -0.51
C VAL B 39 -6.29 -6.57 -1.83
N GLU B 40 -7.00 -6.34 -2.93
CA GLU B 40 -6.46 -6.45 -4.28
C GLU B 40 -5.35 -5.43 -4.53
N LEU B 41 -5.37 -4.32 -3.81
CA LEU B 41 -4.31 -3.33 -3.94
C LEU B 41 -3.12 -3.62 -3.04
N MET B 42 -3.36 -3.77 -1.74
CA MET B 42 -2.28 -3.99 -0.77
C MET B 42 -1.58 -5.29 -1.07
N ALA B 43 -2.27 -6.14 -1.81
CA ALA B 43 -1.70 -7.35 -2.35
C ALA B 43 -0.38 -7.05 -3.06
N TYR B 44 -0.25 -5.84 -3.58
CA TYR B 44 0.99 -5.39 -4.20
C TYR B 44 1.68 -4.43 -3.27
N GLU B 45 1.04 -3.26 -3.08
CA GLU B 45 1.59 -2.17 -2.30
C GLU B 45 2.13 -2.63 -0.94
N ASN B 46 1.55 -3.68 -0.38
CA ASN B 46 1.95 -4.12 0.93
C ASN B 46 2.76 -5.40 0.86
N ALA B 47 2.63 -6.14 -0.24
CA ALA B 47 3.28 -7.45 -0.39
C ALA B 47 4.78 -7.37 -0.29
N ASN B 48 5.40 -8.53 -0.39
CA ASN B 48 6.83 -8.62 -0.44
C ASN B 48 7.35 -7.85 -1.63
N PRO B 49 8.45 -7.13 -1.47
CA PRO B 49 9.01 -6.30 -2.54
C PRO B 49 9.03 -7.04 -3.89
N GLU B 50 9.48 -8.28 -3.86
CA GLU B 50 9.53 -9.16 -4.99
C GLU B 50 8.14 -9.63 -5.42
N CYS B 51 7.26 -9.79 -4.45
CA CYS B 51 5.95 -10.35 -4.71
C CYS B 51 5.08 -9.32 -5.38
N GLN B 52 5.23 -8.08 -4.99
CA GLN B 52 4.53 -7.01 -5.64
C GLN B 52 5.20 -6.81 -6.98
N SER B 53 6.47 -7.08 -6.99
CA SER B 53 7.26 -7.08 -8.19
C SER B 53 6.85 -8.24 -9.09
N ALA B 54 6.23 -9.24 -8.50
CA ALA B 54 5.57 -10.26 -9.29
C ALA B 54 4.27 -9.73 -9.84
N ILE B 55 3.69 -8.80 -9.12
CA ILE B 55 2.37 -8.30 -9.39
C ILE B 55 2.29 -7.11 -10.33
N LYS B 56 3.30 -6.23 -10.35
CA LYS B 56 3.22 -4.96 -11.13
C LYS B 56 2.56 -5.12 -12.53
N PRO B 57 2.83 -6.23 -13.28
CA PRO B 57 2.18 -6.45 -14.58
C PRO B 57 0.65 -6.61 -14.46
N LEU B 58 0.22 -7.18 -13.34
CA LEU B 58 -1.19 -7.42 -13.08
C LEU B 58 -1.73 -6.24 -12.31
N LYS B 59 -0.82 -5.47 -11.75
CA LYS B 59 -1.19 -4.30 -10.99
C LYS B 59 -2.05 -3.38 -11.85
N GLY B 60 -3.34 -3.32 -11.52
CA GLY B 60 -4.27 -2.55 -12.31
C GLY B 60 -5.12 -3.45 -13.18
N LYS B 61 -4.55 -4.56 -13.61
CA LYS B 61 -5.26 -5.45 -14.49
C LYS B 61 -5.75 -6.66 -13.75
N VAL B 62 -7.05 -6.75 -13.68
CA VAL B 62 -7.72 -7.94 -13.22
C VAL B 62 -8.63 -8.49 -14.31
N PRO B 63 -8.56 -9.80 -14.57
CA PRO B 63 -9.47 -10.47 -15.52
C PRO B 63 -10.92 -10.17 -15.21
N ALA B 64 -11.69 -9.92 -16.26
CA ALA B 64 -13.11 -9.59 -16.12
C ALA B 64 -13.87 -10.76 -15.52
N GLY B 65 -14.27 -10.61 -14.27
CA GLY B 65 -15.00 -11.66 -13.59
C GLY B 65 -14.14 -12.37 -12.55
N SER B 66 -12.84 -12.16 -12.61
CA SER B 66 -11.94 -12.77 -11.64
C SER B 66 -11.67 -11.82 -10.50
N ASP B 67 -10.80 -12.28 -9.63
CA ASP B 67 -10.31 -11.53 -8.50
C ASP B 67 -8.88 -11.13 -8.78
N VAL B 68 -8.45 -9.94 -8.37
CA VAL B 68 -7.08 -9.57 -8.67
C VAL B 68 -6.14 -10.38 -7.79
N ILE B 69 -6.59 -10.65 -6.58
CA ILE B 69 -5.82 -11.41 -5.62
C ILE B 69 -5.43 -12.75 -6.17
N SER B 70 -6.40 -13.44 -6.71
CA SER B 70 -6.20 -14.74 -7.32
C SER B 70 -4.98 -14.71 -8.26
N GLU B 71 -4.82 -13.61 -8.97
CA GLU B 71 -3.78 -13.43 -9.95
C GLU B 71 -2.51 -12.94 -9.31
N TYR B 72 -2.68 -12.16 -8.27
CA TYR B 72 -1.56 -11.56 -7.56
C TYR B 72 -0.85 -12.63 -6.74
N VAL B 73 -1.65 -13.52 -6.17
CA VAL B 73 -1.12 -14.66 -5.45
C VAL B 73 -0.49 -15.61 -6.45
N LYS B 74 -1.09 -15.64 -7.64
CA LYS B 74 -0.59 -16.42 -8.75
C LYS B 74 0.73 -15.85 -9.22
N ALA B 75 0.85 -14.53 -9.09
CA ALA B 75 2.06 -13.83 -9.46
C ALA B 75 3.20 -14.27 -8.57
N CYS B 76 2.91 -14.32 -7.29
CA CYS B 76 3.88 -14.70 -6.30
C CYS B 76 3.80 -16.18 -5.98
N ASP B 77 3.01 -16.89 -6.79
CA ASP B 77 2.85 -18.33 -6.64
C ASP B 77 4.19 -19.06 -6.87
N GLY B 78 5.06 -18.44 -7.66
CA GLY B 78 6.39 -18.99 -7.86
C GLY B 78 7.41 -18.42 -6.90
N ILE B 79 6.97 -17.48 -6.07
CA ILE B 79 7.84 -16.81 -5.13
C ILE B 79 7.75 -17.45 -3.75
N GLY B 80 8.90 -17.78 -3.19
CA GLY B 80 8.94 -18.31 -1.84
C GLY B 80 10.23 -19.02 -1.54
N GLY B 81 11.31 -18.57 -2.17
CA GLY B 81 12.61 -19.12 -1.87
C GLY B 81 13.56 -19.07 -3.05
N ALA B 82 13.85 -20.22 -3.63
CA ALA B 82 14.85 -20.35 -4.68
C ALA B 82 14.58 -19.42 -5.86
N MET B 83 13.36 -19.49 -6.40
CA MET B 83 13.01 -18.66 -7.54
C MET B 83 12.95 -17.20 -7.12
N HIS B 84 12.59 -16.96 -5.87
CA HIS B 84 12.58 -15.63 -5.29
C HIS B 84 13.99 -15.02 -5.31
N LYS B 85 14.99 -15.86 -5.10
CA LYS B 85 16.37 -15.36 -5.08
C LYS B 85 16.89 -15.18 -6.49
N ALA B 86 16.22 -15.80 -7.45
CA ALA B 86 16.56 -15.63 -8.85
C ALA B 86 15.87 -14.41 -9.43
N MET B 87 14.58 -14.33 -9.19
CA MET B 87 13.74 -13.27 -9.74
C MET B 87 13.92 -11.97 -8.97
N LEU B 88 14.56 -12.07 -7.82
CA LEU B 88 14.82 -10.92 -6.96
C LEU B 88 15.43 -9.76 -7.76
N MET B 89 16.37 -10.08 -8.63
CA MET B 89 17.04 -9.05 -9.43
C MET B 89 16.21 -8.69 -10.66
N ALA B 90 15.24 -9.53 -10.99
CA ALA B 90 14.46 -9.36 -12.21
C ALA B 90 13.17 -8.61 -11.97
N GLN B 91 12.54 -8.90 -10.85
CA GLN B 91 11.25 -8.31 -10.53
C GLN B 91 11.40 -7.20 -9.50
N LEU B 92 12.04 -7.52 -8.37
CA LEU B 92 12.28 -6.55 -7.31
C LEU B 92 13.17 -5.39 -7.82
N GLU B 93 13.63 -5.53 -9.07
CA GLU B 93 14.46 -4.54 -9.74
C GLU B 93 14.01 -3.10 -9.45
N PRO A 1 -2.52 1.80 -14.44
CA PRO A 1 -2.15 0.85 -13.37
C PRO A 1 -3.24 0.86 -12.32
N SER A 2 -2.84 0.72 -11.06
CA SER A 2 -3.71 1.08 -9.96
C SER A 2 -3.98 2.56 -10.03
N PHE A 3 -4.96 3.03 -9.31
CA PHE A 3 -5.09 4.44 -9.13
C PHE A 3 -3.95 4.92 -8.24
N ASN A 4 -3.86 4.28 -7.10
CA ASN A 4 -3.07 4.77 -5.99
C ASN A 4 -1.63 4.31 -6.01
N THR A 5 -1.26 3.49 -6.98
CA THR A 5 0.08 2.91 -6.97
C THR A 5 1.14 4.00 -7.18
N VAL A 6 0.70 5.23 -7.40
CA VAL A 6 1.59 6.36 -7.44
C VAL A 6 2.10 6.63 -6.03
N ARG A 7 3.38 6.86 -5.86
CA ARG A 7 3.87 7.11 -4.52
C ARG A 7 5.12 7.96 -4.43
N GLN A 8 5.27 8.51 -3.24
CA GLN A 8 6.37 9.40 -2.87
C GLN A 8 7.70 8.91 -3.41
N GLY A 9 8.24 9.67 -4.35
CA GLY A 9 9.54 9.37 -4.88
C GLY A 9 10.65 9.92 -4.02
N SER A 10 11.73 10.36 -4.64
CA SER A 10 12.86 10.93 -3.90
C SER A 10 12.42 12.16 -3.11
N LYS A 11 12.10 11.93 -1.83
CA LYS A 11 11.59 12.94 -0.90
C LYS A 11 10.52 13.84 -1.54
N GLU A 12 9.63 13.21 -2.32
CA GLU A 12 8.50 13.92 -2.94
C GLU A 12 7.68 14.60 -1.86
N PRO A 13 7.18 15.82 -2.12
CA PRO A 13 6.28 16.50 -1.19
C PRO A 13 5.14 15.57 -0.83
N TYR A 14 5.00 15.32 0.45
CA TYR A 14 4.08 14.32 0.91
C TYR A 14 2.62 14.67 0.61
N PRO A 15 2.13 15.87 1.00
CA PRO A 15 0.74 16.24 0.75
C PRO A 15 0.42 16.22 -0.73
N ASP A 16 1.50 16.17 -1.50
CA ASP A 16 1.44 16.12 -2.94
C ASP A 16 1.38 14.69 -3.41
N PHE A 17 2.25 13.88 -2.84
CA PHE A 17 2.29 12.46 -3.13
C PHE A 17 0.91 11.87 -2.92
N VAL A 18 0.30 12.29 -1.83
CA VAL A 18 -1.02 11.81 -1.50
C VAL A 18 -2.10 12.56 -2.27
N ALA A 19 -1.92 13.85 -2.53
CA ALA A 19 -2.92 14.59 -3.30
C ALA A 19 -3.14 13.95 -4.66
N ARG A 20 -2.09 13.43 -5.28
CA ARG A 20 -2.25 12.77 -6.56
C ARG A 20 -2.77 11.38 -6.29
N LEU A 21 -2.38 10.85 -5.14
CA LEU A 21 -2.87 9.57 -4.64
C LEU A 21 -4.40 9.60 -4.61
N GLN A 22 -4.93 10.69 -4.07
CA GLN A 22 -6.35 10.93 -4.01
C GLN A 22 -6.92 11.19 -5.34
N ASP A 23 -6.33 12.15 -6.01
CA ASP A 23 -6.78 12.57 -7.33
C ASP A 23 -7.04 11.38 -8.20
N VAL A 24 -6.06 10.50 -8.30
CA VAL A 24 -6.15 9.43 -9.25
C VAL A 24 -7.03 8.33 -8.70
N ALA A 25 -7.10 8.24 -7.36
CA ALA A 25 -7.98 7.30 -6.72
C ALA A 25 -9.38 7.73 -7.01
N GLN A 26 -9.52 9.02 -7.15
CA GLN A 26 -10.79 9.64 -7.40
C GLN A 26 -11.21 9.40 -8.85
N LYS A 27 -10.22 9.40 -9.71
CA LYS A 27 -10.42 9.17 -11.14
C LYS A 27 -10.91 7.76 -11.41
N SER A 28 -10.35 6.79 -10.70
CA SER A 28 -10.63 5.40 -10.99
C SER A 28 -11.64 4.84 -10.01
N ILE A 29 -11.90 5.60 -8.96
CA ILE A 29 -12.85 5.18 -7.95
C ILE A 29 -14.07 6.10 -7.95
N ALA A 30 -15.24 5.51 -8.14
CA ALA A 30 -16.49 6.26 -8.09
C ALA A 30 -17.00 6.32 -6.66
N ASP A 31 -16.28 5.68 -5.76
CA ASP A 31 -16.70 5.56 -4.37
C ASP A 31 -15.85 6.45 -3.47
N GLU A 32 -16.50 7.37 -2.80
CA GLU A 32 -15.81 8.27 -1.88
C GLU A 32 -15.13 7.49 -0.76
N LYS A 33 -15.69 6.33 -0.39
CA LYS A 33 -15.17 5.59 0.75
C LYS A 33 -13.88 4.92 0.32
N ALA A 34 -13.95 4.18 -0.77
CA ALA A 34 -12.79 3.53 -1.34
C ALA A 34 -11.72 4.56 -1.73
N ARG A 35 -12.17 5.78 -2.05
CA ARG A 35 -11.25 6.84 -2.42
C ARG A 35 -10.46 7.21 -1.18
N LYS A 36 -11.16 7.59 -0.12
CA LYS A 36 -10.51 7.96 1.13
C LYS A 36 -9.63 6.85 1.62
N VAL A 37 -10.24 5.69 1.84
CA VAL A 37 -9.57 4.59 2.51
C VAL A 37 -8.26 4.26 1.83
N ILE A 38 -8.19 4.41 0.51
CA ILE A 38 -6.97 4.08 -0.19
C ILE A 38 -6.02 5.27 -0.23
N VAL A 39 -6.52 6.49 -0.29
CA VAL A 39 -5.62 7.64 -0.22
C VAL A 39 -4.99 7.70 1.16
N GLU A 40 -5.83 7.61 2.18
CA GLU A 40 -5.43 7.56 3.58
C GLU A 40 -4.54 6.36 3.89
N LEU A 41 -4.73 5.26 3.19
CA LEU A 41 -3.92 4.07 3.45
C LEU A 41 -2.62 4.10 2.66
N MET A 42 -2.70 4.34 1.36
CA MET A 42 -1.52 4.36 0.49
C MET A 42 -0.62 5.50 0.90
N ALA A 43 -1.22 6.46 1.58
CA ALA A 43 -0.49 7.53 2.22
C ALA A 43 0.66 6.97 3.06
N TYR A 44 0.46 5.78 3.59
CA TYR A 44 1.51 5.08 4.32
C TYR A 44 2.09 4.01 3.43
N GLU A 45 1.25 3.02 3.13
CA GLU A 45 1.65 1.82 2.43
C GLU A 45 2.42 2.13 1.14
N ASN A 46 2.15 3.27 0.53
CA ASN A 46 2.76 3.61 -0.72
C ASN A 46 3.82 4.69 -0.53
N ALA A 47 3.72 5.45 0.57
CA ALA A 47 4.62 6.58 0.80
C ALA A 47 6.08 6.19 0.87
N ASN A 48 6.92 7.20 1.04
CA ASN A 48 8.33 6.98 1.24
C ASN A 48 8.52 6.13 2.48
N PRO A 49 9.48 5.19 2.42
CA PRO A 49 9.74 4.24 3.51
C PRO A 49 9.97 4.93 4.85
N GLU A 50 10.38 6.18 4.79
CA GLU A 50 10.55 7.03 5.96
C GLU A 50 9.26 7.75 6.29
N CYS A 51 8.51 8.11 5.27
CA CYS A 51 7.34 8.95 5.43
C CYS A 51 6.19 8.13 5.98
N GLN A 52 6.11 6.88 5.56
CA GLN A 52 5.14 5.98 6.11
C GLN A 52 5.59 5.64 7.51
N SER A 53 6.87 5.65 7.66
CA SER A 53 7.50 5.47 8.93
C SER A 53 7.30 6.69 9.82
N ALA A 54 6.95 7.79 9.22
CA ALA A 54 6.45 8.91 9.98
C ALA A 54 5.02 8.65 10.37
N ILE A 55 4.36 7.86 9.56
CA ILE A 55 2.94 7.63 9.66
C ILE A 55 2.53 6.46 10.57
N LYS A 56 3.34 5.40 10.70
CA LYS A 56 2.92 4.19 11.45
C LYS A 56 2.18 4.51 12.78
N PRO A 57 2.58 5.53 13.57
CA PRO A 57 1.86 5.92 14.79
C PRO A 57 0.43 6.42 14.51
N LEU A 58 0.25 7.02 13.34
CA LEU A 58 -1.04 7.57 12.93
C LEU A 58 -1.74 6.52 12.09
N LYS A 59 -0.95 5.57 11.64
CA LYS A 59 -1.47 4.49 10.81
C LYS A 59 -2.65 3.81 11.50
N GLY A 60 -3.84 4.04 10.95
CA GLY A 60 -5.03 3.46 11.53
C GLY A 60 -5.74 4.45 12.43
N LYS A 61 -4.98 5.43 12.94
CA LYS A 61 -5.52 6.42 13.83
C LYS A 61 -5.74 7.74 13.10
N VAL A 62 -6.97 8.15 13.00
CA VAL A 62 -7.28 9.49 12.53
C VAL A 62 -8.11 10.23 13.58
N PRO A 63 -7.83 11.52 13.81
CA PRO A 63 -8.68 12.37 14.63
C PRO A 63 -10.13 12.30 14.19
N ALA A 64 -11.03 12.22 15.16
CA ALA A 64 -12.45 12.08 14.88
C ALA A 64 -12.99 13.30 14.15
N GLY A 65 -13.25 13.14 12.86
CA GLY A 65 -13.77 14.23 12.07
C GLY A 65 -12.74 14.82 11.13
N SER A 66 -11.48 14.49 11.36
CA SER A 66 -10.39 15.00 10.53
C SER A 66 -10.04 14.00 9.43
N ASP A 67 -9.18 14.45 8.53
CA ASP A 67 -8.67 13.61 7.45
C ASP A 67 -7.40 12.93 7.93
N VAL A 68 -7.17 11.68 7.52
CA VAL A 68 -5.96 11.02 7.99
C VAL A 68 -4.79 11.53 7.20
N ILE A 69 -5.06 11.92 5.96
CA ILE A 69 -4.02 12.41 5.09
C ILE A 69 -3.39 13.63 5.67
N SER A 70 -4.22 14.55 6.11
CA SER A 70 -3.77 15.77 6.77
C SER A 70 -2.70 15.47 7.83
N GLU A 71 -2.87 14.35 8.53
CA GLU A 71 -1.99 13.94 9.59
C GLU A 71 -0.81 13.18 9.05
N TYR A 72 -1.04 12.46 7.97
CA TYR A 72 -0.02 11.64 7.37
C TYR A 72 0.97 12.52 6.63
N VAL A 73 0.45 13.60 6.05
CA VAL A 73 1.27 14.62 5.42
C VAL A 73 1.98 15.41 6.51
N LYS A 74 1.30 15.50 7.65
CA LYS A 74 1.82 16.15 8.83
C LYS A 74 2.90 15.28 9.45
N ALA A 75 2.79 13.99 9.20
CA ALA A 75 3.79 13.04 9.63
C ALA A 75 5.09 13.30 8.88
N CYS A 76 4.97 13.50 7.57
CA CYS A 76 6.12 13.80 6.73
C CYS A 76 6.29 15.31 6.58
N ASP A 77 5.52 16.07 7.34
CA ASP A 77 5.65 17.53 7.34
C ASP A 77 7.02 17.93 7.87
N GLY A 78 7.66 17.01 8.58
CA GLY A 78 9.03 17.21 9.00
C GLY A 78 10.01 16.39 8.20
N ILE A 79 9.53 15.63 7.22
CA ILE A 79 10.39 14.81 6.38
C ILE A 79 10.68 15.45 5.04
N GLY A 80 11.92 15.37 4.62
CA GLY A 80 12.30 15.74 3.28
C GLY A 80 13.77 16.09 3.19
N GLY A 81 14.22 16.84 4.17
CA GLY A 81 15.57 17.38 4.14
C GLY A 81 16.58 16.56 4.87
N ALA A 82 17.47 17.27 5.52
CA ALA A 82 18.54 16.69 6.31
C ALA A 82 17.98 15.94 7.49
N MET A 83 16.82 16.38 7.98
CA MET A 83 16.14 15.67 9.05
C MET A 83 15.61 14.35 8.53
N HIS A 84 15.33 14.31 7.22
CA HIS A 84 14.95 13.07 6.57
C HIS A 84 16.12 12.08 6.62
N LYS A 85 17.34 12.60 6.59
CA LYS A 85 18.52 11.76 6.65
C LYS A 85 18.83 11.39 8.10
N ALA A 86 18.34 12.19 9.02
CA ALA A 86 18.51 11.93 10.45
C ALA A 86 17.50 10.91 10.94
N MET A 87 16.26 11.12 10.55
CA MET A 87 15.16 10.28 10.98
C MET A 87 15.11 8.99 10.17
N LEU A 88 15.84 8.97 9.06
CA LEU A 88 15.91 7.81 8.18
C LEU A 88 16.31 6.56 8.96
N MET A 89 17.12 6.73 9.99
CA MET A 89 17.59 5.61 10.80
C MET A 89 16.56 5.26 11.89
N ALA A 90 15.72 6.23 12.23
CA ALA A 90 14.79 6.08 13.34
C ALA A 90 13.43 5.62 12.88
N GLN A 91 12.87 6.32 11.93
CA GLN A 91 11.54 6.11 11.48
C GLN A 91 11.45 4.96 10.52
N LEU A 92 12.13 5.13 9.39
CA LEU A 92 12.30 4.07 8.41
C LEU A 92 12.70 2.78 9.15
N GLU A 93 13.46 3.00 10.24
CA GLU A 93 14.09 1.94 11.05
C GLU A 93 14.31 0.64 10.28
N PRO B 1 -4.44 -1.11 14.04
CA PRO B 1 -3.79 -0.26 13.05
C PRO B 1 -4.72 -0.06 11.86
N SER B 2 -4.16 -0.02 10.66
CA SER B 2 -4.96 -0.20 9.48
C SER B 2 -5.52 -1.60 9.49
N PHE B 3 -6.49 -1.88 8.65
CA PHE B 3 -6.87 -3.25 8.44
C PHE B 3 -5.76 -3.95 7.68
N ASN B 4 -5.42 -3.35 6.57
CA ASN B 4 -4.62 -3.99 5.54
C ASN B 4 -3.12 -3.83 5.74
N THR B 5 -2.71 -3.09 6.75
CA THR B 5 -1.29 -2.80 6.91
C THR B 5 -0.50 -4.07 7.22
N VAL B 6 -1.20 -5.19 7.37
CA VAL B 6 -0.56 -6.48 7.49
C VAL B 6 0.03 -6.85 6.14
N ARG B 7 1.25 -7.34 6.12
CA ARG B 7 1.82 -7.70 4.85
C ARG B 7 2.88 -8.77 4.89
N GLN B 8 3.06 -9.37 3.71
CA GLN B 8 4.00 -10.45 3.47
C GLN B 8 5.32 -10.23 4.16
N GLY B 9 5.59 -11.07 5.13
CA GLY B 9 6.86 -11.04 5.82
C GLY B 9 7.92 -11.81 5.07
N SER B 10 8.82 -12.44 5.81
CA SER B 10 9.88 -13.24 5.21
C SER B 10 9.30 -14.36 4.35
N LYS B 11 9.19 -14.08 3.04
CA LYS B 11 8.60 -14.98 2.05
C LYS B 11 7.30 -15.64 2.56
N GLU B 12 6.47 -14.85 3.25
CA GLU B 12 5.17 -15.31 3.71
C GLU B 12 4.34 -15.83 2.54
N PRO B 13 3.57 -16.92 2.73
CA PRO B 13 2.68 -17.41 1.70
C PRO B 13 1.80 -16.27 1.21
N TYR B 14 1.85 -16.02 -0.08
CA TYR B 14 1.21 -14.85 -0.61
C TYR B 14 -0.30 -14.90 -0.50
N PRO B 15 -0.99 -15.99 -0.94
CA PRO B 15 -2.45 -16.06 -0.86
C PRO B 15 -2.90 -15.98 0.58
N ASP B 16 -1.94 -16.13 1.46
CA ASP B 16 -2.14 -16.05 2.89
C ASP B 16 -1.98 -14.64 3.37
N PHE B 17 -0.91 -14.01 2.91
CA PHE B 17 -0.62 -12.64 3.23
C PHE B 17 -1.82 -11.79 2.86
N VAL B 18 -2.38 -12.08 1.71
CA VAL B 18 -3.53 -11.36 1.23
C VAL B 18 -4.81 -11.87 1.86
N ALA B 19 -4.92 -13.16 2.13
CA ALA B 19 -6.13 -13.68 2.78
C ALA B 19 -6.37 -12.98 4.10
N ARG B 20 -5.32 -12.68 4.85
CA ARG B 20 -5.50 -11.98 6.11
C ARG B 20 -5.68 -10.52 5.81
N LEU B 21 -5.07 -10.10 4.70
CA LEU B 21 -5.23 -8.75 4.18
C LEU B 21 -6.72 -8.48 3.96
N GLN B 22 -7.39 -9.45 3.36
CA GLN B 22 -8.81 -9.40 3.13
C GLN B 22 -9.58 -9.52 4.39
N ASP B 23 -9.27 -10.58 5.11
CA ASP B 23 -9.94 -10.88 6.37
C ASP B 23 -10.06 -9.65 7.22
N VAL B 24 -8.94 -8.99 7.44
CA VAL B 24 -8.92 -7.91 8.38
C VAL B 24 -9.50 -6.66 7.74
N ALA B 25 -9.39 -6.59 6.42
CA ALA B 25 -9.98 -5.48 5.68
C ALA B 25 -11.47 -5.63 5.81
N GLN B 26 -11.89 -6.85 5.92
CA GLN B 26 -13.27 -7.21 6.01
C GLN B 26 -13.80 -6.87 7.41
N LYS B 27 -12.92 -7.07 8.39
CA LYS B 27 -13.23 -6.78 9.78
C LYS B 27 -13.47 -5.30 10.02
N SER B 28 -12.65 -4.47 9.39
CA SER B 28 -12.68 -3.05 9.66
C SER B 28 -13.44 -2.31 8.57
N ILE B 29 -13.72 -3.01 7.50
CA ILE B 29 -14.44 -2.43 6.38
C ILE B 29 -15.81 -3.07 6.23
N ALA B 30 -16.86 -2.27 6.30
CA ALA B 30 -18.22 -2.74 6.09
C ALA B 30 -18.57 -2.72 4.62
N ASP B 31 -17.63 -2.25 3.81
CA ASP B 31 -17.86 -2.06 2.39
C ASP B 31 -17.11 -3.10 1.58
N GLU B 32 -17.85 -3.90 0.82
CA GLU B 32 -17.25 -4.92 -0.03
C GLU B 32 -16.30 -4.30 -1.04
N LYS B 33 -16.58 -3.07 -1.46
CA LYS B 33 -15.79 -2.45 -2.51
C LYS B 33 -14.45 -2.05 -1.95
N ALA B 34 -14.51 -1.30 -0.86
CA ALA B 34 -13.30 -0.89 -0.16
C ALA B 34 -12.52 -2.10 0.34
N ARG B 35 -13.23 -3.21 0.59
CA ARG B 35 -12.59 -4.44 1.05
C ARG B 35 -11.75 -4.96 -0.09
N LYS B 36 -12.40 -5.22 -1.22
CA LYS B 36 -11.69 -5.71 -2.41
C LYS B 36 -10.55 -4.81 -2.78
N VAL B 37 -10.90 -3.56 -3.05
CA VAL B 37 -9.95 -2.62 -3.62
C VAL B 37 -8.68 -2.55 -2.80
N ILE B 38 -8.79 -2.69 -1.49
CA ILE B 38 -7.62 -2.61 -0.66
C ILE B 38 -6.94 -3.96 -0.51
N VAL B 39 -7.68 -5.06 -0.53
CA VAL B 39 -7.03 -6.36 -0.50
C VAL B 39 -6.26 -6.57 -1.81
N GLU B 40 -6.96 -6.30 -2.91
CA GLU B 40 -6.39 -6.36 -4.25
C GLU B 40 -5.25 -5.37 -4.45
N LEU B 41 -5.30 -4.24 -3.77
CA LEU B 41 -4.25 -3.25 -3.91
C LEU B 41 -3.07 -3.53 -2.98
N MET B 42 -3.34 -3.73 -1.70
CA MET B 42 -2.30 -3.97 -0.71
C MET B 42 -1.61 -5.28 -1.03
N ALA B 43 -2.30 -6.11 -1.78
CA ALA B 43 -1.73 -7.31 -2.34
C ALA B 43 -0.41 -6.99 -3.04
N TYR B 44 -0.30 -5.79 -3.58
CA TYR B 44 0.94 -5.33 -4.18
C TYR B 44 1.61 -4.38 -3.21
N GLU B 45 0.96 -3.25 -3.01
CA GLU B 45 1.51 -2.14 -2.24
C GLU B 45 2.05 -2.58 -0.88
N ASN B 46 1.49 -3.64 -0.32
CA ASN B 46 1.89 -4.09 0.98
C ASN B 46 2.72 -5.36 0.90
N ALA B 47 2.60 -6.09 -0.20
CA ALA B 47 3.27 -7.38 -0.36
C ALA B 47 4.77 -7.29 -0.24
N ASN B 48 5.40 -8.44 -0.32
CA ASN B 48 6.85 -8.51 -0.36
C ASN B 48 7.35 -7.73 -1.57
N PRO B 49 8.45 -7.01 -1.40
CA PRO B 49 9.02 -6.14 -2.43
C PRO B 49 9.27 -6.88 -3.74
N GLU B 50 9.40 -8.19 -3.65
CA GLU B 50 9.54 -9.07 -4.80
C GLU B 50 8.17 -9.51 -5.30
N CYS B 51 7.25 -9.71 -4.37
CA CYS B 51 5.97 -10.29 -4.67
C CYS B 51 5.07 -9.27 -5.33
N GLN B 52 5.20 -8.03 -4.91
CA GLN B 52 4.49 -6.95 -5.56
C GLN B 52 5.16 -6.72 -6.90
N SER B 53 6.42 -7.00 -6.90
CA SER B 53 7.23 -6.95 -8.09
C SER B 53 6.88 -8.12 -9.01
N ALA B 54 6.25 -9.12 -8.47
CA ALA B 54 5.63 -10.13 -9.29
C ALA B 54 4.32 -9.60 -9.84
N ILE B 55 3.75 -8.68 -9.10
CA ILE B 55 2.42 -8.17 -9.36
C ILE B 55 2.36 -6.96 -10.30
N LYS B 56 3.38 -6.08 -10.32
CA LYS B 56 3.30 -4.81 -11.10
C LYS B 56 2.67 -4.99 -12.51
N PRO B 57 2.94 -6.09 -13.25
CA PRO B 57 2.30 -6.33 -14.55
C PRO B 57 0.78 -6.53 -14.44
N LEU B 58 0.35 -7.07 -13.31
CA LEU B 58 -1.05 -7.34 -13.05
C LEU B 58 -1.63 -6.17 -12.29
N LYS B 59 -0.73 -5.38 -11.74
CA LYS B 59 -1.10 -4.23 -10.96
C LYS B 59 -2.04 -3.32 -11.77
N GLY B 60 -3.30 -3.31 -11.36
CA GLY B 60 -4.29 -2.51 -12.06
C GLY B 60 -5.05 -3.34 -13.06
N LYS B 61 -4.46 -4.46 -13.47
CA LYS B 61 -5.09 -5.34 -14.44
C LYS B 61 -5.66 -6.58 -13.75
N VAL B 62 -6.95 -6.74 -13.80
CA VAL B 62 -7.56 -7.98 -13.39
C VAL B 62 -8.39 -8.54 -14.53
N PRO B 63 -8.36 -9.87 -14.74
CA PRO B 63 -9.26 -10.54 -15.66
C PRO B 63 -10.72 -10.18 -15.40
N ALA B 64 -11.47 -9.94 -16.45
CA ALA B 64 -12.86 -9.51 -16.33
C ALA B 64 -13.70 -10.59 -15.69
N GLY B 65 -14.08 -10.37 -14.43
CA GLY B 65 -14.89 -11.33 -13.72
C GLY B 65 -14.10 -12.10 -12.67
N SER B 66 -12.78 -12.03 -12.76
CA SER B 66 -11.92 -12.73 -11.82
C SER B 66 -11.51 -11.82 -10.67
N ASP B 67 -10.86 -12.41 -9.68
CA ASP B 67 -10.31 -11.69 -8.55
C ASP B 67 -8.89 -11.27 -8.88
N VAL B 68 -8.45 -10.09 -8.43
CA VAL B 68 -7.09 -9.69 -8.75
C VAL B 68 -6.14 -10.42 -7.83
N ILE B 69 -6.63 -10.73 -6.64
CA ILE B 69 -5.82 -11.41 -5.66
C ILE B 69 -5.38 -12.75 -6.18
N SER B 70 -6.32 -13.47 -6.72
CA SER B 70 -6.05 -14.78 -7.34
C SER B 70 -4.83 -14.70 -8.27
N GLU B 71 -4.70 -13.58 -8.97
CA GLU B 71 -3.64 -13.37 -9.93
C GLU B 71 -2.40 -12.84 -9.25
N TYR B 72 -2.59 -12.09 -8.20
CA TYR B 72 -1.51 -11.48 -7.46
C TYR B 72 -0.81 -12.54 -6.62
N VAL B 73 -1.60 -13.48 -6.12
CA VAL B 73 -1.07 -14.64 -5.42
C VAL B 73 -0.42 -15.56 -6.43
N LYS B 74 -0.97 -15.53 -7.64
CA LYS B 74 -0.46 -16.28 -8.76
C LYS B 74 0.83 -15.65 -9.25
N ALA B 75 0.96 -14.36 -8.99
CA ALA B 75 2.18 -13.64 -9.28
C ALA B 75 3.30 -14.15 -8.39
N CYS B 76 3.00 -14.30 -7.12
CA CYS B 76 3.96 -14.83 -6.16
C CYS B 76 3.80 -16.34 -6.01
N ASP B 77 2.98 -16.93 -6.86
CA ASP B 77 2.82 -18.38 -6.86
C ASP B 77 4.13 -19.06 -7.23
N GLY B 78 5.02 -18.29 -7.85
CA GLY B 78 6.36 -18.76 -8.14
C GLY B 78 7.40 -18.15 -7.21
N ILE B 79 6.97 -17.30 -6.27
CA ILE B 79 7.88 -16.66 -5.34
C ILE B 79 7.87 -17.33 -3.97
N GLY B 80 9.05 -17.49 -3.42
CA GLY B 80 9.20 -17.91 -2.05
C GLY B 80 10.55 -18.55 -1.81
N GLY B 81 10.95 -19.40 -2.74
CA GLY B 81 12.15 -20.19 -2.56
C GLY B 81 13.37 -19.59 -3.16
N ALA B 82 14.18 -20.48 -3.71
CA ALA B 82 15.42 -20.13 -4.37
C ALA B 82 15.15 -19.28 -5.60
N MET B 83 14.01 -19.50 -6.23
CA MET B 83 13.61 -18.68 -7.36
C MET B 83 13.29 -17.27 -6.88
N HIS B 84 12.89 -17.16 -5.61
CA HIS B 84 12.69 -15.86 -4.99
C HIS B 84 14.02 -15.13 -4.90
N LYS B 85 15.10 -15.88 -4.74
CA LYS B 85 16.42 -15.29 -4.66
C LYS B 85 16.97 -15.00 -6.05
N ALA B 86 16.44 -15.71 -7.04
CA ALA B 86 16.82 -15.51 -8.42
C ALA B 86 16.09 -14.31 -9.01
N MET B 87 14.80 -14.26 -8.78
CA MET B 87 13.95 -13.22 -9.32
C MET B 87 14.07 -11.94 -8.51
N LEU B 88 14.65 -12.06 -7.32
CA LEU B 88 14.84 -10.92 -6.43
C LEU B 88 15.57 -9.78 -7.13
N MET B 89 16.45 -10.13 -8.06
CA MET B 89 17.22 -9.13 -8.80
C MET B 89 16.42 -8.60 -10.00
N ALA B 90 15.44 -9.37 -10.44
CA ALA B 90 14.69 -9.04 -11.66
C ALA B 90 13.40 -8.31 -11.35
N GLN B 91 12.62 -8.89 -10.47
CA GLN B 91 11.30 -8.42 -10.17
C GLN B 91 11.34 -7.26 -9.21
N LEU B 92 11.84 -7.55 -8.02
CA LEU B 92 12.11 -6.54 -7.01
C LEU B 92 12.83 -5.36 -7.69
N GLU B 93 13.65 -5.73 -8.68
CA GLU B 93 14.57 -4.83 -9.39
C GLU B 93 14.95 -3.58 -8.57
N PRO A 1 -2.49 1.59 -14.44
CA PRO A 1 -2.21 0.67 -13.33
C PRO A 1 -3.34 0.74 -12.32
N SER A 2 -3.01 0.51 -11.06
CA SER A 2 -3.92 0.90 -9.99
C SER A 2 -4.02 2.40 -9.97
N PHE A 3 -5.00 2.92 -9.28
CA PHE A 3 -5.07 4.35 -9.11
C PHE A 3 -3.95 4.82 -8.22
N ASN A 4 -3.92 4.23 -7.05
CA ASN A 4 -3.15 4.76 -5.95
C ASN A 4 -1.72 4.29 -5.95
N THR A 5 -1.34 3.44 -6.89
CA THR A 5 0.00 2.89 -6.89
C THR A 5 1.04 4.00 -7.16
N VAL A 6 0.56 5.22 -7.39
CA VAL A 6 1.43 6.36 -7.46
C VAL A 6 1.87 6.70 -6.04
N ARG A 7 3.15 6.90 -5.83
CA ARG A 7 3.58 7.14 -4.48
C ARG A 7 4.90 7.90 -4.37
N GLN A 8 5.08 8.46 -3.19
CA GLN A 8 6.28 9.22 -2.83
C GLN A 8 7.55 8.59 -3.36
N GLY A 9 8.18 9.28 -4.30
CA GLY A 9 9.46 8.87 -4.82
C GLY A 9 10.61 9.41 -3.99
N SER A 10 11.70 9.79 -4.65
CA SER A 10 12.87 10.32 -3.96
C SER A 10 12.51 11.58 -3.16
N LYS A 11 12.23 11.37 -1.87
CA LYS A 11 11.75 12.41 -0.95
C LYS A 11 10.71 13.33 -1.60
N GLU A 12 9.81 12.75 -2.37
CA GLU A 12 8.73 13.50 -3.00
C GLU A 12 7.90 14.21 -1.92
N PRO A 13 7.48 15.47 -2.18
CA PRO A 13 6.63 16.20 -1.24
C PRO A 13 5.41 15.38 -0.89
N TYR A 14 5.22 15.17 0.40
CA TYR A 14 4.26 14.19 0.86
C TYR A 14 2.82 14.60 0.55
N PRO A 15 2.33 15.79 0.99
CA PRO A 15 0.92 16.17 0.76
C PRO A 15 0.60 16.17 -0.73
N ASP A 16 1.65 16.19 -1.50
CA ASP A 16 1.56 16.19 -2.95
C ASP A 16 1.55 14.77 -3.49
N PHE A 17 2.39 13.92 -2.90
CA PHE A 17 2.41 12.51 -3.26
C PHE A 17 1.02 11.93 -3.09
N VAL A 18 0.41 12.27 -1.96
CA VAL A 18 -0.90 11.77 -1.65
C VAL A 18 -1.98 12.53 -2.43
N ALA A 19 -1.78 13.81 -2.68
CA ALA A 19 -2.76 14.57 -3.45
C ALA A 19 -2.99 13.96 -4.83
N ARG A 20 -1.96 13.34 -5.41
CA ARG A 20 -2.14 12.65 -6.68
C ARG A 20 -2.66 11.26 -6.39
N LEU A 21 -2.29 10.76 -5.21
CA LEU A 21 -2.81 9.50 -4.69
C LEU A 21 -4.34 9.57 -4.68
N GLN A 22 -4.85 10.67 -4.13
CA GLN A 22 -6.26 10.94 -4.08
C GLN A 22 -6.81 11.24 -5.44
N ASP A 23 -6.11 12.10 -6.15
CA ASP A 23 -6.52 12.52 -7.48
C ASP A 23 -6.88 11.34 -8.35
N VAL A 24 -5.97 10.40 -8.47
CA VAL A 24 -6.16 9.31 -9.38
C VAL A 24 -7.05 8.24 -8.74
N ALA A 25 -7.09 8.26 -7.41
CA ALA A 25 -8.00 7.39 -6.69
C ALA A 25 -9.39 7.93 -6.88
N GLN A 26 -9.43 9.17 -7.26
CA GLN A 26 -10.67 9.85 -7.53
C GLN A 26 -11.07 9.59 -8.99
N LYS A 27 -10.07 9.59 -9.85
CA LYS A 27 -10.27 9.36 -11.27
C LYS A 27 -10.72 7.94 -11.56
N SER A 28 -10.22 6.99 -10.80
CA SER A 28 -10.44 5.59 -11.10
C SER A 28 -11.48 5.01 -10.17
N ILE A 29 -11.84 5.77 -9.16
CA ILE A 29 -12.83 5.34 -8.19
C ILE A 29 -14.07 6.22 -8.27
N ALA A 30 -15.23 5.58 -8.44
CA ALA A 30 -16.49 6.30 -8.50
C ALA A 30 -17.04 6.53 -7.09
N ASP A 31 -16.34 5.97 -6.12
CA ASP A 31 -16.76 6.06 -4.73
C ASP A 31 -15.89 7.01 -3.95
N GLU A 32 -16.51 7.80 -3.10
CA GLU A 32 -15.79 8.71 -2.21
C GLU A 32 -15.16 7.93 -1.06
N LYS A 33 -15.81 6.86 -0.64
CA LYS A 33 -15.35 6.10 0.51
C LYS A 33 -14.09 5.36 0.14
N ALA A 34 -14.19 4.58 -0.93
CA ALA A 34 -13.05 3.86 -1.48
C ALA A 34 -11.93 4.82 -1.87
N ARG A 35 -12.30 6.06 -2.21
CA ARG A 35 -11.33 7.07 -2.58
C ARG A 35 -10.51 7.38 -1.35
N LYS A 36 -11.19 7.83 -0.31
CA LYS A 36 -10.53 8.17 0.96
C LYS A 36 -9.73 7.01 1.47
N VAL A 37 -10.42 5.89 1.68
CA VAL A 37 -9.84 4.75 2.37
C VAL A 37 -8.51 4.36 1.73
N ILE A 38 -8.40 4.50 0.42
CA ILE A 38 -7.18 4.14 -0.25
C ILE A 38 -6.18 5.28 -0.28
N VAL A 39 -6.63 6.53 -0.34
CA VAL A 39 -5.68 7.63 -0.30
C VAL A 39 -5.06 7.70 1.09
N GLU A 40 -5.90 7.67 2.11
CA GLU A 40 -5.48 7.69 3.50
C GLU A 40 -4.68 6.44 3.87
N LEU A 41 -4.94 5.34 3.18
CA LEU A 41 -4.19 4.11 3.43
C LEU A 41 -2.85 4.12 2.70
N MET A 42 -2.90 4.34 1.39
CA MET A 42 -1.69 4.32 0.55
C MET A 42 -0.77 5.43 0.97
N ALA A 43 -1.34 6.40 1.65
CA ALA A 43 -0.59 7.45 2.28
C ALA A 43 0.56 6.88 3.11
N TYR A 44 0.34 5.71 3.68
CA TYR A 44 1.38 5.01 4.42
C TYR A 44 1.96 3.95 3.51
N GLU A 45 1.11 2.99 3.18
CA GLU A 45 1.50 1.79 2.47
C GLU A 45 2.32 2.09 1.23
N ASN A 46 2.02 3.21 0.59
CA ASN A 46 2.64 3.56 -0.66
C ASN A 46 3.70 4.63 -0.46
N ALA A 47 3.61 5.36 0.65
CA ALA A 47 4.53 6.45 0.91
C ALA A 47 5.97 6.00 0.95
N ASN A 48 6.85 6.96 1.09
CA ASN A 48 8.26 6.68 1.27
C ASN A 48 8.45 5.82 2.50
N PRO A 49 9.39 4.87 2.41
CA PRO A 49 9.70 3.94 3.51
C PRO A 49 9.90 4.64 4.85
N GLU A 50 10.36 5.87 4.79
CA GLU A 50 10.55 6.72 5.94
C GLU A 50 9.28 7.48 6.28
N CYS A 51 8.53 7.85 5.25
CA CYS A 51 7.38 8.72 5.41
C CYS A 51 6.21 7.94 5.95
N GLN A 52 6.11 6.68 5.54
CA GLN A 52 5.11 5.81 6.12
C GLN A 52 5.57 5.48 7.52
N SER A 53 6.86 5.48 7.65
CA SER A 53 7.51 5.34 8.92
C SER A 53 7.30 6.59 9.78
N ALA A 54 6.97 7.68 9.15
CA ALA A 54 6.48 8.82 9.88
C ALA A 54 5.04 8.57 10.31
N ILE A 55 4.37 7.76 9.52
CA ILE A 55 2.94 7.55 9.66
C ILE A 55 2.54 6.41 10.59
N LYS A 56 3.33 5.34 10.72
CA LYS A 56 2.91 4.16 11.54
C LYS A 56 2.18 4.51 12.86
N PRO A 57 2.57 5.57 13.61
CA PRO A 57 1.85 5.99 14.82
C PRO A 57 0.42 6.49 14.54
N LEU A 58 0.21 6.99 13.32
CA LEU A 58 -1.09 7.50 12.90
C LEU A 58 -1.74 6.44 12.06
N LYS A 59 -0.93 5.50 11.62
CA LYS A 59 -1.37 4.40 10.79
C LYS A 59 -2.61 3.73 11.36
N GLY A 60 -3.73 3.94 10.69
CA GLY A 60 -4.98 3.38 11.12
C GLY A 60 -5.74 4.32 12.04
N LYS A 61 -5.02 5.25 12.65
CA LYS A 61 -5.61 6.17 13.58
C LYS A 61 -5.81 7.53 12.92
N VAL A 62 -7.05 7.92 12.74
CA VAL A 62 -7.36 9.25 12.28
C VAL A 62 -8.27 9.97 13.29
N PRO A 63 -8.05 11.26 13.52
CA PRO A 63 -8.97 12.10 14.30
C PRO A 63 -10.41 11.93 13.83
N ALA A 64 -11.33 11.91 14.78
CA ALA A 64 -12.74 11.68 14.48
C ALA A 64 -13.30 12.80 13.60
N GLY A 65 -13.46 12.50 12.32
CA GLY A 65 -14.05 13.44 11.40
C GLY A 65 -13.02 14.12 10.53
N SER A 66 -11.74 13.91 10.83
CA SER A 66 -10.68 14.53 10.05
C SER A 66 -10.18 13.60 8.96
N ASP A 67 -9.37 14.16 8.08
CA ASP A 67 -8.69 13.43 7.03
C ASP A 67 -7.40 12.83 7.58
N VAL A 68 -7.15 11.56 7.29
CA VAL A 68 -5.94 10.93 7.81
C VAL A 68 -4.73 11.49 7.07
N ILE A 69 -4.94 11.82 5.80
CA ILE A 69 -3.90 12.34 4.96
C ILE A 69 -3.29 13.56 5.57
N SER A 70 -4.12 14.46 6.01
CA SER A 70 -3.69 15.68 6.66
C SER A 70 -2.64 15.39 7.74
N GLU A 71 -2.83 14.27 8.43
CA GLU A 71 -1.99 13.86 9.53
C GLU A 71 -0.79 13.10 9.03
N TYR A 72 -1.00 12.38 7.95
CA TYR A 72 0.03 11.55 7.36
C TYR A 72 1.04 12.42 6.63
N VAL A 73 0.53 13.47 5.99
CA VAL A 73 1.38 14.47 5.37
C VAL A 73 2.08 15.23 6.46
N LYS A 74 1.37 15.39 7.57
CA LYS A 74 1.88 16.03 8.77
C LYS A 74 2.96 15.18 9.39
N ALA A 75 2.83 13.88 9.19
CA ALA A 75 3.82 12.93 9.63
C ALA A 75 5.13 13.17 8.89
N CYS A 76 5.03 13.27 7.58
CA CYS A 76 6.19 13.54 6.75
C CYS A 76 6.42 15.04 6.58
N ASP A 77 5.64 15.83 7.31
CA ASP A 77 5.83 17.27 7.34
C ASP A 77 7.20 17.62 7.93
N GLY A 78 7.80 16.63 8.59
CA GLY A 78 9.16 16.77 9.07
C GLY A 78 10.17 16.06 8.19
N ILE A 79 9.70 15.27 7.23
CA ILE A 79 10.58 14.52 6.34
C ILE A 79 10.81 15.27 5.04
N GLY A 80 12.00 15.12 4.49
CA GLY A 80 12.27 15.69 3.18
C GLY A 80 13.73 16.06 3.01
N GLY A 81 14.58 15.05 2.89
CA GLY A 81 15.99 15.27 2.67
C GLY A 81 16.83 15.12 3.91
N ALA A 82 17.35 16.23 4.42
CA ALA A 82 18.28 16.21 5.54
C ALA A 82 17.68 15.50 6.76
N MET A 83 16.47 15.87 7.13
CA MET A 83 15.81 15.26 8.28
C MET A 83 15.46 13.81 7.98
N HIS A 84 15.22 13.52 6.70
CA HIS A 84 14.95 12.16 6.26
C HIS A 84 16.17 11.28 6.46
N LYS A 85 17.36 11.86 6.36
CA LYS A 85 18.58 11.09 6.51
C LYS A 85 18.91 10.90 7.99
N ALA A 86 18.32 11.75 8.82
CA ALA A 86 18.49 11.66 10.26
C ALA A 86 17.49 10.68 10.87
N MET A 87 16.26 10.76 10.40
CA MET A 87 15.18 9.95 10.94
C MET A 87 15.12 8.59 10.26
N LEU A 88 15.85 8.46 9.17
CA LEU A 88 15.90 7.22 8.40
C LEU A 88 16.15 6.01 9.31
N MET A 89 17.07 6.16 10.24
CA MET A 89 17.41 5.07 11.15
C MET A 89 16.39 4.97 12.28
N ALA A 90 15.61 6.03 12.47
CA ALA A 90 14.68 6.10 13.58
C ALA A 90 13.31 5.58 13.21
N GLN A 91 12.86 5.91 12.01
CA GLN A 91 11.48 5.64 11.61
C GLN A 91 11.37 4.47 10.65
N LEU A 92 12.15 4.52 9.55
CA LEU A 92 12.14 3.46 8.53
C LEU A 92 12.12 2.09 9.21
N GLU A 93 12.85 2.04 10.33
CA GLU A 93 13.03 0.83 11.11
C GLU A 93 13.20 -0.42 10.25
N PRO B 1 -4.39 -0.93 14.06
CA PRO B 1 -3.81 -0.10 13.01
C PRO B 1 -4.79 0.05 11.87
N SER B 2 -4.30 0.20 10.65
CA SER B 2 -5.12 -0.01 9.49
C SER B 2 -5.52 -1.46 9.43
N PHE B 3 -6.51 -1.78 8.63
CA PHE B 3 -6.84 -3.17 8.45
C PHE B 3 -5.74 -3.87 7.66
N ASN B 4 -5.46 -3.30 6.53
CA ASN B 4 -4.69 -3.98 5.51
C ASN B 4 -3.20 -3.80 5.68
N THR B 5 -2.77 -3.06 6.67
CA THR B 5 -1.35 -2.78 6.83
C THR B 5 -0.60 -4.08 7.19
N VAL B 6 -1.34 -5.17 7.35
CA VAL B 6 -0.73 -6.47 7.50
C VAL B 6 -0.21 -6.89 6.14
N ARG B 7 1.01 -7.36 6.07
CA ARG B 7 1.55 -7.69 4.78
C ARG B 7 2.68 -8.68 4.81
N GLN B 8 2.89 -9.29 3.65
CA GLN B 8 3.95 -10.27 3.41
C GLN B 8 5.25 -9.91 4.11
N GLY B 9 5.61 -10.70 5.10
CA GLY B 9 6.89 -10.56 5.77
C GLY B 9 7.98 -11.33 5.07
N SER B 10 8.90 -11.91 5.84
CA SER B 10 10.01 -12.67 5.28
C SER B 10 9.50 -13.83 4.43
N LYS B 11 9.41 -13.58 3.12
CA LYS B 11 8.84 -14.50 2.13
C LYS B 11 7.58 -15.21 2.64
N GLU B 12 6.73 -14.45 3.32
CA GLU B 12 5.45 -14.95 3.80
C GLU B 12 4.63 -15.50 2.63
N PRO B 13 3.93 -16.64 2.82
CA PRO B 13 3.07 -17.21 1.78
C PRO B 13 2.09 -16.16 1.31
N TYR B 14 2.09 -15.92 0.01
CA TYR B 14 1.40 -14.78 -0.54
C TYR B 14 -0.11 -14.88 -0.42
N PRO B 15 -0.78 -15.95 -0.92
CA PRO B 15 -2.25 -16.04 -0.85
C PRO B 15 -2.73 -15.96 0.58
N ASP B 16 -1.81 -16.19 1.48
CA ASP B 16 -2.06 -16.16 2.91
C ASP B 16 -1.84 -14.76 3.47
N PHE B 17 -0.80 -14.09 2.97
CA PHE B 17 -0.51 -12.71 3.37
C PHE B 17 -1.75 -11.88 3.05
N VAL B 18 -2.28 -12.09 1.85
CA VAL B 18 -3.42 -11.35 1.40
C VAL B 18 -4.71 -11.86 2.02
N ALA B 19 -4.81 -13.15 2.28
CA ALA B 19 -6.00 -13.69 2.93
C ALA B 19 -6.25 -13.04 4.29
N ARG B 20 -5.19 -12.63 4.99
CA ARG B 20 -5.38 -11.91 6.23
C ARG B 20 -5.57 -10.45 5.91
N LEU B 21 -4.98 -10.04 4.80
CA LEU B 21 -5.17 -8.72 4.23
C LEU B 21 -6.67 -8.48 4.05
N GLN B 22 -7.32 -9.46 3.44
CA GLN B 22 -8.74 -9.43 3.21
C GLN B 22 -9.50 -9.61 4.49
N ASP B 23 -9.06 -10.58 5.27
CA ASP B 23 -9.70 -10.90 6.54
C ASP B 23 -9.92 -9.66 7.37
N VAL B 24 -8.85 -8.92 7.61
CA VAL B 24 -8.93 -7.81 8.51
C VAL B 24 -9.50 -6.60 7.79
N ALA B 25 -9.40 -6.61 6.46
CA ALA B 25 -10.02 -5.58 5.65
C ALA B 25 -11.51 -5.84 5.66
N GLN B 26 -11.84 -7.04 6.02
CA GLN B 26 -13.21 -7.45 6.16
C GLN B 26 -13.72 -7.10 7.55
N LYS B 27 -12.83 -7.29 8.53
CA LYS B 27 -13.15 -7.02 9.92
C LYS B 27 -13.34 -5.53 10.18
N SER B 28 -12.57 -4.70 9.49
CA SER B 28 -12.54 -3.29 9.78
C SER B 28 -13.33 -2.51 8.74
N ILE B 29 -13.72 -3.21 7.69
CA ILE B 29 -14.48 -2.59 6.63
C ILE B 29 -15.88 -3.19 6.55
N ALA B 30 -16.89 -2.34 6.60
CA ALA B 30 -18.27 -2.79 6.51
C ALA B 30 -18.68 -2.92 5.05
N ASP B 31 -17.79 -2.52 4.15
CA ASP B 31 -18.07 -2.53 2.73
C ASP B 31 -17.31 -3.66 2.04
N GLU B 32 -17.98 -4.30 1.11
CA GLU B 32 -17.36 -5.34 0.31
C GLU B 32 -16.45 -4.73 -0.76
N LYS B 33 -16.82 -3.54 -1.23
CA LYS B 33 -16.09 -2.90 -2.31
C LYS B 33 -14.75 -2.43 -1.78
N ALA B 34 -14.82 -1.63 -0.73
CA ALA B 34 -13.63 -1.16 -0.06
C ALA B 34 -12.78 -2.33 0.46
N ARG B 35 -13.44 -3.46 0.74
CA ARG B 35 -12.73 -4.64 1.20
C ARG B 35 -11.85 -5.12 0.06
N LYS B 36 -12.49 -5.44 -1.06
CA LYS B 36 -11.77 -5.90 -2.24
C LYS B 36 -10.70 -4.94 -2.66
N VAL B 37 -11.13 -3.70 -2.91
CA VAL B 37 -10.24 -2.71 -3.51
C VAL B 37 -8.96 -2.58 -2.73
N ILE B 38 -9.03 -2.74 -1.41
CA ILE B 38 -7.83 -2.62 -0.61
C ILE B 38 -7.10 -3.94 -0.47
N VAL B 39 -7.79 -5.07 -0.48
CA VAL B 39 -7.09 -6.34 -0.43
C VAL B 39 -6.33 -6.55 -1.74
N GLU B 40 -7.04 -6.35 -2.85
CA GLU B 40 -6.47 -6.47 -4.19
C GLU B 40 -5.39 -5.42 -4.44
N LEU B 41 -5.50 -4.27 -3.77
CA LEU B 41 -4.50 -3.22 -3.91
C LEU B 41 -3.28 -3.50 -3.04
N MET B 42 -3.52 -3.69 -1.74
CA MET B 42 -2.44 -3.90 -0.77
C MET B 42 -1.71 -5.18 -1.10
N ALA B 43 -2.39 -6.02 -1.85
CA ALA B 43 -1.80 -7.21 -2.41
C ALA B 43 -0.47 -6.89 -3.10
N TYR B 44 -0.39 -5.70 -3.68
CA TYR B 44 0.85 -5.23 -4.27
C TYR B 44 1.52 -4.31 -3.30
N GLU B 45 0.85 -3.19 -3.06
CA GLU B 45 1.38 -2.08 -2.28
C GLU B 45 1.98 -2.54 -0.96
N ASN B 46 1.39 -3.57 -0.37
CA ASN B 46 1.79 -4.02 0.93
C ASN B 46 2.62 -5.28 0.84
N ALA B 47 2.52 -5.99 -0.28
CA ALA B 47 3.22 -7.25 -0.46
C ALA B 47 4.72 -7.08 -0.33
N ASN B 48 5.40 -8.20 -0.38
CA ASN B 48 6.85 -8.23 -0.38
C ASN B 48 7.35 -7.44 -1.58
N PRO B 49 8.44 -6.69 -1.37
CA PRO B 49 9.06 -5.85 -2.41
C PRO B 49 9.26 -6.58 -3.73
N GLU B 50 9.45 -7.89 -3.63
CA GLU B 50 9.61 -8.76 -4.77
C GLU B 50 8.25 -9.27 -5.27
N CYS B 51 7.34 -9.45 -4.34
CA CYS B 51 6.07 -10.07 -4.63
C CYS B 51 5.13 -9.08 -5.29
N GLN B 52 5.25 -7.83 -4.89
CA GLN B 52 4.52 -6.78 -5.56
C GLN B 52 5.19 -6.57 -6.88
N SER B 53 6.46 -6.82 -6.87
CA SER B 53 7.26 -6.82 -8.07
C SER B 53 6.92 -8.02 -8.95
N ALA B 54 6.29 -9.00 -8.37
CA ALA B 54 5.67 -10.03 -9.18
C ALA B 54 4.37 -9.51 -9.76
N ILE B 55 3.78 -8.57 -9.05
CA ILE B 55 2.46 -8.07 -9.34
C ILE B 55 2.40 -6.89 -10.30
N LYS B 56 3.41 -6.00 -10.32
CA LYS B 56 3.33 -4.78 -11.16
C LYS B 56 2.70 -4.98 -12.57
N PRO B 57 2.95 -6.11 -13.28
CA PRO B 57 2.31 -6.38 -14.58
C PRO B 57 0.78 -6.58 -14.46
N LEU B 58 0.34 -7.01 -13.28
CA LEU B 58 -1.07 -7.25 -13.01
C LEU B 58 -1.60 -6.08 -12.24
N LYS B 59 -0.66 -5.31 -11.71
CA LYS B 59 -0.97 -4.14 -10.91
C LYS B 59 -1.98 -3.25 -11.61
N GLY B 60 -3.19 -3.21 -11.07
CA GLY B 60 -4.24 -2.42 -11.65
C GLY B 60 -5.06 -3.20 -12.65
N LYS B 61 -4.48 -4.26 -13.18
CA LYS B 61 -5.14 -5.05 -14.19
C LYS B 61 -5.68 -6.34 -13.58
N VAL B 62 -6.98 -6.47 -13.55
CA VAL B 62 -7.61 -7.71 -13.14
C VAL B 62 -8.52 -8.23 -14.26
N PRO B 63 -8.53 -9.56 -14.48
CA PRO B 63 -9.52 -10.19 -15.37
C PRO B 63 -10.94 -9.74 -15.07
N ALA B 64 -11.71 -9.52 -16.12
CA ALA B 64 -13.08 -9.03 -15.98
C ALA B 64 -13.94 -10.00 -15.17
N GLY B 65 -14.18 -9.66 -13.93
CA GLY B 65 -15.05 -10.47 -13.09
C GLY B 65 -14.28 -11.33 -12.12
N SER B 66 -12.97 -11.38 -12.26
CA SER B 66 -12.14 -12.20 -11.38
C SER B 66 -11.60 -11.37 -10.22
N ASP B 67 -11.02 -12.08 -9.27
CA ASP B 67 -10.33 -11.49 -8.14
C ASP B 67 -8.90 -11.16 -8.53
N VAL B 68 -8.42 -9.96 -8.20
CA VAL B 68 -7.06 -9.59 -8.56
C VAL B 68 -6.09 -10.38 -7.70
N ILE B 69 -6.50 -10.64 -6.47
CA ILE B 69 -5.69 -11.36 -5.52
C ILE B 69 -5.27 -12.68 -6.07
N SER B 70 -6.22 -13.40 -6.61
CA SER B 70 -5.97 -14.70 -7.24
C SER B 70 -4.76 -14.62 -8.19
N GLU B 71 -4.64 -13.49 -8.88
CA GLU B 71 -3.60 -13.27 -9.87
C GLU B 71 -2.34 -12.76 -9.22
N TYR B 72 -2.54 -12.01 -8.16
CA TYR B 72 -1.43 -11.39 -7.45
C TYR B 72 -0.71 -12.44 -6.61
N VAL B 73 -1.49 -13.36 -6.06
CA VAL B 73 -0.94 -14.50 -5.36
C VAL B 73 -0.27 -15.41 -6.37
N LYS B 74 -0.87 -15.43 -7.56
CA LYS B 74 -0.38 -16.17 -8.70
C LYS B 74 0.93 -15.56 -9.18
N ALA B 75 1.03 -14.25 -8.98
CA ALA B 75 2.23 -13.52 -9.29
C ALA B 75 3.37 -14.01 -8.42
N CYS B 76 3.11 -14.10 -7.12
CA CYS B 76 4.09 -14.58 -6.16
C CYS B 76 3.99 -16.09 -5.99
N ASP B 77 3.16 -16.72 -6.82
CA ASP B 77 3.06 -18.17 -6.85
C ASP B 77 4.39 -18.78 -7.27
N GLY B 78 5.25 -17.95 -7.86
CA GLY B 78 6.59 -18.36 -8.19
C GLY B 78 7.63 -17.86 -7.18
N ILE B 79 7.20 -16.99 -6.27
CA ILE B 79 8.10 -16.41 -5.28
C ILE B 79 8.04 -17.19 -3.96
N GLY B 80 9.16 -17.27 -3.28
CA GLY B 80 9.18 -17.86 -1.96
C GLY B 80 10.50 -18.52 -1.64
N GLY B 81 11.51 -17.69 -1.40
CA GLY B 81 12.80 -18.20 -1.01
C GLY B 81 13.80 -18.23 -2.16
N ALA B 82 14.14 -19.42 -2.61
CA ALA B 82 15.18 -19.61 -3.64
C ALA B 82 14.88 -18.79 -4.89
N MET B 83 13.67 -18.93 -5.41
CA MET B 83 13.28 -18.20 -6.62
C MET B 83 13.19 -16.71 -6.34
N HIS B 84 12.88 -16.37 -5.10
CA HIS B 84 12.83 -14.98 -4.66
C HIS B 84 14.23 -14.35 -4.71
N LYS B 85 15.24 -15.16 -4.49
CA LYS B 85 16.61 -14.66 -4.48
C LYS B 85 17.13 -14.55 -5.91
N ALA B 86 16.48 -15.28 -6.81
CA ALA B 86 16.84 -15.23 -8.22
C ALA B 86 16.14 -14.07 -8.92
N MET B 87 14.86 -13.90 -8.61
CA MET B 87 14.04 -12.90 -9.26
C MET B 87 14.17 -11.56 -8.57
N LEU B 88 14.79 -11.56 -7.39
CA LEU B 88 15.00 -10.35 -6.62
C LEU B 88 15.58 -9.22 -7.47
N MET B 89 16.56 -9.55 -8.30
CA MET B 89 17.20 -8.56 -9.15
C MET B 89 16.37 -8.27 -10.38
N ALA B 90 15.42 -9.15 -10.67
CA ALA B 90 14.62 -9.05 -11.89
C ALA B 90 13.35 -8.25 -11.65
N GLN B 91 12.71 -8.48 -10.52
CA GLN B 91 11.38 -7.94 -10.28
C GLN B 91 11.40 -6.77 -9.32
N LEU B 92 12.02 -6.95 -8.14
CA LEU B 92 12.10 -5.91 -7.11
C LEU B 92 12.43 -4.58 -7.78
N GLU B 93 13.28 -4.67 -8.80
CA GLU B 93 13.79 -3.53 -9.54
C GLU B 93 14.11 -2.33 -8.64
N PRO A 1 -2.18 1.42 -14.21
CA PRO A 1 -2.00 0.46 -13.11
C PRO A 1 -3.19 0.53 -12.18
N SER A 2 -2.95 0.30 -10.89
CA SER A 2 -3.91 0.70 -9.89
C SER A 2 -4.00 2.22 -9.90
N PHE A 3 -4.94 2.77 -9.19
CA PHE A 3 -4.98 4.21 -9.09
C PHE A 3 -3.82 4.72 -8.27
N ASN A 4 -3.69 4.14 -7.10
CA ASN A 4 -2.87 4.72 -6.05
C ASN A 4 -1.41 4.31 -6.11
N THR A 5 -1.00 3.62 -7.14
CA THR A 5 0.37 3.13 -7.22
C THR A 5 1.38 4.28 -7.27
N VAL A 6 0.87 5.51 -7.36
CA VAL A 6 1.71 6.68 -7.32
C VAL A 6 2.16 6.91 -5.89
N ARG A 7 3.44 7.14 -5.68
CA ARG A 7 3.90 7.33 -4.33
C ARG A 7 5.17 8.13 -4.18
N GLN A 8 5.33 8.65 -2.98
CA GLN A 8 6.44 9.48 -2.55
C GLN A 8 7.79 8.94 -3.01
N GLY A 9 8.44 9.70 -3.88
CA GLY A 9 9.80 9.42 -4.27
C GLY A 9 10.79 10.12 -3.36
N SER A 10 11.96 10.46 -3.90
CA SER A 10 13.02 11.13 -3.14
C SER A 10 12.48 12.36 -2.39
N LYS A 11 12.24 12.16 -1.08
CA LYS A 11 11.55 13.13 -0.21
C LYS A 11 10.54 14.00 -0.97
N GLU A 12 9.71 13.33 -1.77
CA GLU A 12 8.66 13.99 -2.55
C GLU A 12 7.71 14.71 -1.60
N PRO A 13 7.24 15.92 -1.98
CA PRO A 13 6.28 16.67 -1.15
C PRO A 13 5.08 15.80 -0.86
N TYR A 14 4.82 15.59 0.40
CA TYR A 14 3.88 14.58 0.81
C TYR A 14 2.44 14.94 0.52
N PRO A 15 1.92 16.12 0.97
CA PRO A 15 0.53 16.50 0.71
C PRO A 15 0.23 16.48 -0.78
N ASP A 16 1.31 16.48 -1.53
CA ASP A 16 1.26 16.41 -2.99
C ASP A 16 1.32 14.97 -3.45
N PHE A 17 2.21 14.18 -2.84
CA PHE A 17 2.31 12.75 -3.13
C PHE A 17 0.94 12.12 -2.96
N VAL A 18 0.29 12.46 -1.86
CA VAL A 18 -1.01 11.92 -1.56
C VAL A 18 -2.11 12.62 -2.35
N ALA A 19 -1.98 13.91 -2.62
CA ALA A 19 -2.98 14.61 -3.42
C ALA A 19 -3.12 13.98 -4.80
N ARG A 20 -2.03 13.44 -5.36
CA ARG A 20 -2.12 12.77 -6.63
C ARG A 20 -2.57 11.34 -6.39
N LEU A 21 -2.27 10.87 -5.18
CA LEU A 21 -2.75 9.58 -4.70
C LEU A 21 -4.27 9.59 -4.71
N GLN A 22 -4.84 10.68 -4.17
CA GLN A 22 -6.27 10.89 -4.15
C GLN A 22 -6.79 11.16 -5.51
N ASP A 23 -6.14 12.05 -6.21
CA ASP A 23 -6.55 12.44 -7.56
C ASP A 23 -6.85 11.23 -8.42
N VAL A 24 -5.89 10.33 -8.51
CA VAL A 24 -6.01 9.21 -9.42
C VAL A 24 -6.90 8.15 -8.80
N ALA A 25 -6.97 8.14 -7.48
CA ALA A 25 -7.87 7.24 -6.78
C ALA A 25 -9.26 7.71 -7.08
N GLN A 26 -9.37 8.98 -7.31
CA GLN A 26 -10.62 9.63 -7.58
C GLN A 26 -11.02 9.39 -9.02
N LYS A 27 -10.02 9.39 -9.88
CA LYS A 27 -10.21 9.12 -11.30
C LYS A 27 -10.67 7.70 -11.55
N SER A 28 -10.20 6.78 -10.72
CA SER A 28 -10.42 5.38 -10.97
C SER A 28 -11.47 4.81 -10.02
N ILE A 29 -11.85 5.61 -9.04
CA ILE A 29 -12.81 5.19 -8.04
C ILE A 29 -14.06 6.07 -8.07
N ALA A 30 -15.22 5.44 -8.14
CA ALA A 30 -16.48 6.15 -8.12
C ALA A 30 -17.04 6.23 -6.71
N ASP A 31 -16.32 5.63 -5.78
CA ASP A 31 -16.72 5.55 -4.39
C ASP A 31 -15.79 6.34 -3.50
N GLU A 32 -16.28 7.43 -2.93
CA GLU A 32 -15.50 8.26 -2.02
C GLU A 32 -14.89 7.39 -0.93
N LYS A 33 -15.61 6.35 -0.56
CA LYS A 33 -15.19 5.44 0.49
C LYS A 33 -13.85 4.86 0.14
N ALA A 34 -13.82 4.15 -0.98
CA ALA A 34 -12.61 3.50 -1.44
C ALA A 34 -11.58 4.55 -1.84
N ARG A 35 -12.04 5.75 -2.15
CA ARG A 35 -11.14 6.81 -2.56
C ARG A 35 -10.38 7.28 -1.34
N LYS A 36 -11.12 7.64 -0.30
CA LYS A 36 -10.50 8.10 0.94
C LYS A 36 -9.63 7.02 1.51
N VAL A 37 -10.24 5.85 1.74
CA VAL A 37 -9.57 4.79 2.45
C VAL A 37 -8.24 4.45 1.80
N ILE A 38 -8.17 4.53 0.48
CA ILE A 38 -6.96 4.15 -0.20
C ILE A 38 -5.98 5.30 -0.27
N VAL A 39 -6.46 6.53 -0.34
CA VAL A 39 -5.54 7.65 -0.28
C VAL A 39 -4.94 7.74 1.11
N GLU A 40 -5.81 7.67 2.12
CA GLU A 40 -5.43 7.66 3.52
C GLU A 40 -4.63 6.41 3.88
N LEU A 41 -4.79 5.36 3.11
CA LEU A 41 -4.03 4.14 3.33
C LEU A 41 -2.67 4.18 2.65
N MET A 42 -2.69 4.40 1.33
CA MET A 42 -1.47 4.41 0.52
C MET A 42 -0.58 5.55 0.95
N ALA A 43 -1.21 6.52 1.60
CA ALA A 43 -0.50 7.57 2.27
C ALA A 43 0.61 7.00 3.16
N TYR A 44 0.41 5.78 3.62
CA TYR A 44 1.42 5.08 4.40
C TYR A 44 2.05 4.01 3.54
N GLU A 45 1.23 3.01 3.21
CA GLU A 45 1.68 1.83 2.50
C GLU A 45 2.51 2.17 1.27
N ASN A 46 2.19 3.28 0.62
CA ASN A 46 2.83 3.65 -0.62
C ASN A 46 3.85 4.76 -0.38
N ALA A 47 3.69 5.50 0.71
CA ALA A 47 4.54 6.64 1.01
C ALA A 47 6.00 6.25 1.08
N ASN A 48 6.83 7.26 1.31
CA ASN A 48 8.23 7.05 1.53
C ASN A 48 8.41 6.09 2.68
N PRO A 49 9.35 5.14 2.54
CA PRO A 49 9.60 4.11 3.54
C PRO A 49 9.89 4.70 4.91
N GLU A 50 10.33 5.95 4.89
CA GLU A 50 10.54 6.75 6.07
C GLU A 50 9.26 7.47 6.47
N CYS A 51 8.50 7.92 5.50
CA CYS A 51 7.35 8.74 5.74
C CYS A 51 6.22 7.93 6.28
N GLN A 52 6.10 6.73 5.79
CA GLN A 52 5.10 5.82 6.31
C GLN A 52 5.55 5.46 7.69
N SER A 53 6.83 5.49 7.82
CA SER A 53 7.49 5.29 9.08
C SER A 53 7.29 6.52 9.97
N ALA A 54 6.96 7.64 9.36
CA ALA A 54 6.47 8.77 10.12
C ALA A 54 5.00 8.59 10.44
N ILE A 55 4.33 7.78 9.63
CA ILE A 55 2.89 7.62 9.71
C ILE A 55 2.42 6.50 10.64
N LYS A 56 3.17 5.40 10.81
CA LYS A 56 2.69 4.27 11.63
C LYS A 56 2.08 4.68 13.00
N PRO A 57 2.56 5.75 13.67
CA PRO A 57 1.88 6.29 14.87
C PRO A 57 0.43 6.73 14.60
N LEU A 58 0.17 7.19 13.38
CA LEU A 58 -1.13 7.68 12.98
C LEU A 58 -1.82 6.62 12.16
N LYS A 59 -1.03 5.66 11.71
CA LYS A 59 -1.53 4.56 10.91
C LYS A 59 -2.73 3.89 11.57
N GLY A 60 -3.89 4.08 10.97
CA GLY A 60 -5.12 3.55 11.53
C GLY A 60 -5.83 4.56 12.41
N LYS A 61 -5.09 5.54 12.92
CA LYS A 61 -5.67 6.54 13.79
C LYS A 61 -5.87 7.85 13.03
N VAL A 62 -7.11 8.22 12.87
CA VAL A 62 -7.45 9.53 12.36
C VAL A 62 -8.36 10.25 13.36
N PRO A 63 -8.31 11.60 13.43
CA PRO A 63 -9.36 12.37 14.09
C PRO A 63 -10.74 11.90 13.65
N ALA A 64 -11.66 11.82 14.59
CA ALA A 64 -12.97 11.23 14.36
C ALA A 64 -13.74 11.93 13.25
N GLY A 65 -13.73 11.33 12.06
CA GLY A 65 -14.49 11.86 10.95
C GLY A 65 -13.69 12.79 10.07
N SER A 66 -12.43 13.04 10.44
CA SER A 66 -11.60 13.96 9.69
C SER A 66 -10.70 13.24 8.68
N ASP A 67 -9.62 13.91 8.38
CA ASP A 67 -8.71 13.53 7.34
C ASP A 67 -7.51 12.80 7.92
N VAL A 68 -7.21 11.59 7.45
CA VAL A 68 -5.98 10.96 7.92
C VAL A 68 -4.82 11.52 7.13
N ILE A 69 -5.11 11.92 5.90
CA ILE A 69 -4.09 12.46 5.03
C ILE A 69 -3.46 13.68 5.64
N SER A 70 -4.28 14.57 6.11
CA SER A 70 -3.82 15.80 6.74
C SER A 70 -2.77 15.49 7.84
N GLU A 71 -2.93 14.36 8.51
CA GLU A 71 -2.06 13.93 9.58
C GLU A 71 -0.87 13.20 9.01
N TYR A 72 -1.10 12.49 7.94
CA TYR A 72 -0.09 11.68 7.31
C TYR A 72 0.90 12.57 6.55
N VAL A 73 0.36 13.64 5.99
CA VAL A 73 1.20 14.65 5.35
C VAL A 73 2.01 15.34 6.43
N LYS A 74 1.35 15.50 7.57
CA LYS A 74 1.93 16.07 8.76
C LYS A 74 2.96 15.14 9.38
N ALA A 75 2.76 13.86 9.15
CA ALA A 75 3.75 12.86 9.53
C ALA A 75 5.03 13.15 8.75
N CYS A 76 4.86 13.43 7.48
CA CYS A 76 5.96 13.80 6.62
C CYS A 76 6.25 15.29 6.70
N ASP A 77 5.52 16.01 7.55
CA ASP A 77 5.95 17.34 7.93
C ASP A 77 7.26 17.23 8.73
N GLY A 78 7.74 15.99 8.88
CA GLY A 78 9.00 15.74 9.52
C GLY A 78 10.00 15.01 8.63
N ILE A 79 9.54 14.51 7.46
CA ILE A 79 10.43 13.80 6.55
C ILE A 79 11.46 14.77 5.95
N GLY A 80 11.07 15.45 4.87
CA GLY A 80 11.97 16.28 4.10
C GLY A 80 13.33 15.66 3.88
N GLY A 81 14.36 16.42 4.17
CA GLY A 81 15.71 15.95 3.94
C GLY A 81 16.48 15.75 5.22
N ALA A 82 16.74 16.85 5.91
CA ALA A 82 17.60 16.84 7.09
C ALA A 82 17.09 15.88 8.16
N MET A 83 15.85 16.07 8.59
CA MET A 83 15.28 15.23 9.64
C MET A 83 15.12 13.80 9.14
N HIS A 84 14.77 13.67 7.87
CA HIS A 84 14.64 12.37 7.22
C HIS A 84 15.93 11.56 7.34
N LYS A 85 17.08 12.22 7.31
CA LYS A 85 18.34 11.50 7.40
C LYS A 85 18.65 11.14 8.85
N ALA A 86 17.98 11.82 9.76
CA ALA A 86 18.10 11.53 11.19
C ALA A 86 17.14 10.42 11.60
N MET A 87 15.91 10.55 11.13
CA MET A 87 14.82 9.67 11.55
C MET A 87 14.78 8.41 10.71
N LEU A 88 15.50 8.43 9.60
CA LEU A 88 15.58 7.29 8.70
C LEU A 88 15.88 5.99 9.46
N MET A 89 16.79 6.06 10.42
CA MET A 89 17.18 4.89 11.19
C MET A 89 16.18 4.61 12.32
N ALA A 90 15.36 5.60 12.63
CA ALA A 90 14.45 5.50 13.77
C ALA A 90 13.06 5.08 13.37
N GLN A 91 12.63 5.50 12.19
CA GLN A 91 11.28 5.25 11.74
C GLN A 91 11.24 4.17 10.68
N LEU A 92 11.99 4.37 9.58
CA LEU A 92 12.10 3.40 8.49
C LEU A 92 12.37 2.01 9.07
N GLU A 93 13.08 2.03 10.21
CA GLU A 93 13.63 0.85 10.88
C GLU A 93 12.89 -0.46 10.57
N PRO B 1 -4.04 -0.80 13.85
CA PRO B 1 -3.53 0.10 12.80
C PRO B 1 -4.61 0.25 11.73
N SER B 2 -4.19 0.42 10.49
CA SER B 2 -5.08 0.20 9.38
C SER B 2 -5.47 -1.27 9.36
N PHE B 3 -6.41 -1.63 8.54
CA PHE B 3 -6.74 -3.03 8.42
C PHE B 3 -5.61 -3.78 7.73
N ASN B 4 -5.24 -3.25 6.59
CA ASN B 4 -4.43 -3.98 5.63
C ASN B 4 -2.93 -3.88 5.86
N THR B 5 -2.52 -3.27 6.95
CA THR B 5 -1.09 -3.07 7.19
C THR B 5 -0.35 -4.40 7.33
N VAL B 6 -1.09 -5.49 7.35
CA VAL B 6 -0.51 -6.80 7.40
C VAL B 6 0.05 -7.13 6.02
N ARG B 7 1.27 -7.62 5.95
CA ARG B 7 1.83 -7.92 4.66
C ARG B 7 2.93 -8.96 4.65
N GLN B 8 3.11 -9.51 3.46
CA GLN B 8 4.08 -10.55 3.16
C GLN B 8 5.45 -10.28 3.78
N GLY B 9 5.83 -11.15 4.70
CA GLY B 9 7.17 -11.13 5.25
C GLY B 9 8.10 -12.03 4.46
N SER B 10 9.10 -12.60 5.12
CA SER B 10 10.08 -13.47 4.47
C SER B 10 9.41 -14.57 3.65
N LYS B 11 9.34 -14.35 2.33
CA LYS B 11 8.59 -15.18 1.37
C LYS B 11 7.35 -15.81 2.00
N GLU B 12 6.58 -14.98 2.71
CA GLU B 12 5.35 -15.41 3.35
C GLU B 12 4.38 -15.94 2.30
N PRO B 13 3.63 -17.03 2.60
CA PRO B 13 2.65 -17.57 1.67
C PRO B 13 1.69 -16.48 1.25
N TYR B 14 1.61 -16.24 -0.04
CA TYR B 14 0.96 -15.06 -0.53
C TYR B 14 -0.56 -15.14 -0.41
N PRO B 15 -1.24 -16.19 -0.94
CA PRO B 15 -2.70 -16.28 -0.84
C PRO B 15 -3.16 -16.18 0.61
N ASP B 16 -2.19 -16.39 1.48
CA ASP B 16 -2.39 -16.29 2.92
C ASP B 16 -2.09 -14.89 3.40
N PHE B 17 -1.01 -14.30 2.91
CA PHE B 17 -0.66 -12.92 3.21
C PHE B 17 -1.85 -12.03 2.91
N VAL B 18 -2.43 -12.25 1.74
CA VAL B 18 -3.54 -11.46 1.30
C VAL B 18 -4.83 -11.92 1.96
N ALA B 19 -5.00 -13.20 2.21
CA ALA B 19 -6.21 -13.68 2.89
C ALA B 19 -6.38 -13.03 4.26
N ARG B 20 -5.27 -12.71 4.93
CA ARG B 20 -5.37 -12.02 6.20
C ARG B 20 -5.48 -10.54 5.92
N LEU B 21 -4.98 -10.15 4.77
CA LEU B 21 -5.13 -8.80 4.25
C LEU B 21 -6.62 -8.50 4.08
N GLN B 22 -7.32 -9.46 3.48
CA GLN B 22 -8.75 -9.37 3.28
C GLN B 22 -9.48 -9.51 4.57
N ASP B 23 -9.09 -10.52 5.33
CA ASP B 23 -9.72 -10.80 6.61
C ASP B 23 -9.87 -9.55 7.45
N VAL B 24 -8.77 -8.86 7.67
CA VAL B 24 -8.77 -7.72 8.57
C VAL B 24 -9.35 -6.51 7.86
N ALA B 25 -9.26 -6.51 6.54
CA ALA B 25 -9.87 -5.46 5.76
C ALA B 25 -11.37 -5.62 5.89
N GLN B 26 -11.75 -6.86 6.09
CA GLN B 26 -13.13 -7.23 6.21
C GLN B 26 -13.64 -6.90 7.60
N LYS B 27 -12.76 -7.09 8.57
CA LYS B 27 -13.05 -6.77 9.96
C LYS B 27 -13.25 -5.29 10.17
N SER B 28 -12.51 -4.49 9.42
CA SER B 28 -12.47 -3.07 9.66
C SER B 28 -13.27 -2.32 8.60
N ILE B 29 -13.68 -3.04 7.57
CA ILE B 29 -14.42 -2.44 6.47
C ILE B 29 -15.82 -3.05 6.35
N ALA B 30 -16.83 -2.21 6.29
CA ALA B 30 -18.21 -2.66 6.12
C ALA B 30 -18.60 -2.63 4.65
N ASP B 31 -17.66 -2.19 3.82
CA ASP B 31 -17.89 -2.05 2.39
C ASP B 31 -17.03 -3.03 1.61
N GLU B 32 -17.67 -4.01 0.98
CA GLU B 32 -16.97 -4.98 0.16
C GLU B 32 -16.08 -4.27 -0.86
N LYS B 33 -16.53 -3.09 -1.28
CA LYS B 33 -15.82 -2.31 -2.28
C LYS B 33 -14.44 -2.00 -1.76
N ALA B 34 -14.40 -1.29 -0.65
CA ALA B 34 -13.14 -0.90 -0.04
C ALA B 34 -12.39 -2.13 0.46
N ARG B 35 -13.12 -3.22 0.71
CA ARG B 35 -12.50 -4.43 1.20
C ARG B 35 -11.72 -5.05 0.06
N LYS B 36 -12.39 -5.27 -1.06
CA LYS B 36 -11.74 -5.85 -2.22
C LYS B 36 -10.61 -4.97 -2.69
N VAL B 37 -10.94 -3.72 -2.96
CA VAL B 37 -10.00 -2.81 -3.57
C VAL B 37 -8.72 -2.74 -2.78
N ILE B 38 -8.81 -2.81 -1.47
CA ILE B 38 -7.62 -2.68 -0.65
C ILE B 38 -6.91 -4.00 -0.47
N VAL B 39 -7.63 -5.11 -0.48
CA VAL B 39 -6.96 -6.39 -0.44
C VAL B 39 -6.24 -6.62 -1.76
N GLU B 40 -6.96 -6.38 -2.86
CA GLU B 40 -6.41 -6.47 -4.20
C GLU B 40 -5.34 -5.41 -4.45
N LEU B 41 -5.38 -4.33 -3.70
CA LEU B 41 -4.37 -3.28 -3.82
C LEU B 41 -3.14 -3.59 -2.98
N MET B 42 -3.34 -3.79 -1.67
CA MET B 42 -2.25 -4.04 -0.73
C MET B 42 -1.57 -5.34 -1.07
N ALA B 43 -2.30 -6.16 -1.80
CA ALA B 43 -1.75 -7.35 -2.39
C ALA B 43 -0.45 -7.02 -3.14
N TYR B 44 -0.35 -5.78 -3.62
CA TYR B 44 0.87 -5.32 -4.27
C TYR B 44 1.58 -4.38 -3.32
N GLU B 45 0.97 -3.22 -3.08
CA GLU B 45 1.56 -2.15 -2.31
C GLU B 45 2.16 -2.64 -1.00
N ASN B 46 1.55 -3.65 -0.40
CA ASN B 46 1.96 -4.13 0.90
C ASN B 46 2.75 -5.43 0.77
N ALA B 47 2.57 -6.12 -0.34
CA ALA B 47 3.22 -7.42 -0.56
C ALA B 47 4.72 -7.35 -0.45
N ASN B 48 5.34 -8.49 -0.60
CA ASN B 48 6.78 -8.57 -0.65
C ASN B 48 7.28 -7.67 -1.77
N PRO B 49 8.36 -6.93 -1.51
CA PRO B 49 8.92 -5.97 -2.47
C PRO B 49 9.25 -6.64 -3.80
N GLU B 50 9.41 -7.94 -3.75
CA GLU B 50 9.59 -8.79 -4.91
C GLU B 50 8.26 -9.24 -5.46
N CYS B 51 7.31 -9.51 -4.58
CA CYS B 51 6.07 -10.09 -4.97
C CYS B 51 5.17 -9.08 -5.62
N GLN B 52 5.25 -7.87 -5.13
CA GLN B 52 4.52 -6.79 -5.75
C GLN B 52 5.18 -6.54 -7.06
N SER B 53 6.44 -6.82 -7.05
CA SER B 53 7.26 -6.78 -8.23
C SER B 53 6.92 -7.96 -9.14
N ALA B 54 6.31 -8.98 -8.59
CA ALA B 54 5.71 -9.99 -9.42
C ALA B 54 4.33 -9.53 -9.90
N ILE B 55 3.76 -8.59 -9.17
CA ILE B 55 2.40 -8.15 -9.40
C ILE B 55 2.26 -6.97 -10.37
N LYS B 56 3.24 -6.04 -10.44
CA LYS B 56 3.09 -4.85 -11.30
C LYS B 56 2.56 -5.14 -12.72
N PRO B 57 2.89 -6.30 -13.35
CA PRO B 57 2.27 -6.70 -14.63
C PRO B 57 0.74 -6.83 -14.53
N LEU B 58 0.26 -7.22 -13.36
CA LEU B 58 -1.16 -7.44 -13.11
C LEU B 58 -1.71 -6.26 -12.36
N LYS B 59 -0.80 -5.47 -11.81
CA LYS B 59 -1.16 -4.28 -11.05
C LYS B 59 -2.12 -3.39 -11.84
N GLY B 60 -3.36 -3.35 -11.39
CA GLY B 60 -4.38 -2.58 -12.07
C GLY B 60 -5.16 -3.43 -13.05
N LYS B 61 -4.59 -4.55 -13.48
CA LYS B 61 -5.26 -5.42 -14.42
C LYS B 61 -5.80 -6.66 -13.71
N VAL B 62 -7.10 -6.77 -13.70
CA VAL B 62 -7.75 -7.98 -13.24
C VAL B 62 -8.65 -8.52 -14.35
N PRO B 63 -8.88 -9.84 -14.41
CA PRO B 63 -9.98 -10.40 -15.20
C PRO B 63 -11.28 -9.67 -14.93
N ALA B 64 -12.05 -9.42 -15.97
CA ALA B 64 -13.23 -8.57 -15.88
C ALA B 64 -14.25 -9.09 -14.86
N GLY B 65 -14.26 -8.49 -13.69
CA GLY B 65 -15.23 -8.84 -12.67
C GLY B 65 -14.72 -9.90 -11.71
N SER B 66 -13.53 -10.41 -11.95
CA SER B 66 -12.97 -11.47 -11.11
C SER B 66 -12.08 -10.94 -10.01
N ASP B 67 -11.20 -11.80 -9.58
CA ASP B 67 -10.34 -11.60 -8.44
C ASP B 67 -8.96 -11.13 -8.87
N VAL B 68 -8.49 -9.99 -8.35
CA VAL B 68 -7.11 -9.63 -8.67
C VAL B 68 -6.19 -10.41 -7.77
N ILE B 69 -6.68 -10.73 -6.58
CA ILE B 69 -5.89 -11.45 -5.61
C ILE B 69 -5.46 -12.78 -6.16
N SER B 70 -6.38 -13.49 -6.73
CA SER B 70 -6.11 -14.79 -7.32
C SER B 70 -4.90 -14.71 -8.28
N GLU B 71 -4.76 -13.58 -8.96
CA GLU B 71 -3.70 -13.35 -9.90
C GLU B 71 -2.45 -12.86 -9.21
N TYR B 72 -2.67 -12.11 -8.15
CA TYR B 72 -1.59 -11.50 -7.41
C TYR B 72 -0.90 -12.56 -6.55
N VAL B 73 -1.69 -13.51 -6.07
CA VAL B 73 -1.16 -14.66 -5.35
C VAL B 73 -0.38 -15.51 -6.34
N LYS B 74 -0.92 -15.54 -7.55
CA LYS B 74 -0.33 -16.23 -8.67
C LYS B 74 0.92 -15.52 -9.16
N ALA B 75 0.96 -14.23 -8.94
CA ALA B 75 2.16 -13.46 -9.18
C ALA B 75 3.26 -13.99 -8.27
N CYS B 76 2.89 -14.20 -7.02
CA CYS B 76 3.80 -14.79 -6.06
C CYS B 76 3.79 -16.31 -6.12
N ASP B 77 3.04 -16.87 -7.06
CA ASP B 77 3.24 -18.27 -7.41
C ASP B 77 4.62 -18.42 -8.05
N GLY B 78 5.36 -17.30 -8.13
CA GLY B 78 6.70 -17.32 -8.62
C GLY B 78 7.71 -16.79 -7.60
N ILE B 79 7.23 -16.20 -6.49
CA ILE B 79 8.14 -15.67 -5.48
C ILE B 79 8.88 -16.82 -4.78
N GLY B 80 8.24 -17.40 -3.76
CA GLY B 80 8.86 -18.39 -2.91
C GLY B 80 10.29 -18.05 -2.52
N GLY B 81 11.17 -19.01 -2.71
CA GLY B 81 12.54 -18.81 -2.31
C GLY B 81 13.49 -18.78 -3.49
N ALA B 82 13.61 -19.92 -4.17
CA ALA B 82 14.57 -20.09 -5.24
C ALA B 82 14.39 -19.06 -6.35
N MET B 83 13.20 -19.00 -6.92
CA MET B 83 12.93 -18.08 -8.01
C MET B 83 13.00 -16.64 -7.52
N HIS B 84 12.54 -16.43 -6.30
CA HIS B 84 12.60 -15.13 -5.65
C HIS B 84 14.03 -14.58 -5.61
N LYS B 85 15.01 -15.45 -5.46
CA LYS B 85 16.39 -15.00 -5.39
C LYS B 85 16.94 -14.74 -6.79
N ALA B 86 16.26 -15.27 -7.79
CA ALA B 86 16.59 -15.03 -9.19
C ALA B 86 15.93 -13.75 -9.69
N MET B 87 14.65 -13.63 -9.37
CA MET B 87 13.81 -12.56 -9.90
C MET B 87 13.92 -11.31 -9.06
N LEU B 88 14.49 -11.46 -7.88
CA LEU B 88 14.70 -10.35 -6.95
C LEU B 88 15.33 -9.14 -7.65
N MET B 89 16.30 -9.40 -8.51
CA MET B 89 17.01 -8.33 -9.22
C MET B 89 16.22 -7.88 -10.44
N ALA B 90 15.26 -8.69 -10.87
CA ALA B 90 14.53 -8.43 -12.10
C ALA B 90 13.21 -7.72 -11.85
N GLN B 91 12.58 -8.04 -10.73
CA GLN B 91 11.27 -7.52 -10.44
C GLN B 91 11.32 -6.44 -9.36
N LEU B 92 11.89 -6.78 -8.20
CA LEU B 92 12.06 -5.84 -7.08
C LEU B 92 12.67 -4.54 -7.61
N GLU B 93 13.49 -4.71 -8.66
CA GLU B 93 14.34 -3.67 -9.27
C GLU B 93 13.84 -2.24 -9.02
N PRO A 1 -1.94 1.38 -14.23
CA PRO A 1 -1.76 0.45 -13.12
C PRO A 1 -2.98 0.49 -12.22
N SER A 2 -2.77 0.34 -10.93
CA SER A 2 -3.77 0.74 -9.96
C SER A 2 -3.90 2.25 -10.02
N PHE A 3 -4.80 2.80 -9.27
CA PHE A 3 -4.88 4.24 -9.19
C PHE A 3 -3.78 4.76 -8.31
N ASN A 4 -3.74 4.22 -7.11
CA ASN A 4 -2.96 4.78 -6.03
C ASN A 4 -1.51 4.35 -6.09
N THR A 5 -1.12 3.65 -7.14
CA THR A 5 0.23 3.15 -7.23
C THR A 5 1.25 4.28 -7.32
N VAL A 6 0.77 5.51 -7.38
CA VAL A 6 1.63 6.66 -7.34
C VAL A 6 2.03 6.91 -5.90
N ARG A 7 3.30 7.12 -5.66
CA ARG A 7 3.71 7.32 -4.29
C ARG A 7 5.01 8.09 -4.17
N GLN A 8 5.19 8.63 -2.98
CA GLN A 8 6.36 9.40 -2.60
C GLN A 8 7.65 8.80 -3.13
N GLY A 9 8.28 9.52 -4.05
CA GLY A 9 9.61 9.18 -4.50
C GLY A 9 10.64 9.75 -3.56
N SER A 10 11.89 9.85 -4.02
CA SER A 10 12.97 10.36 -3.18
C SER A 10 12.59 11.70 -2.54
N LYS A 11 12.27 11.63 -1.24
CA LYS A 11 11.81 12.77 -0.44
C LYS A 11 10.76 13.62 -1.16
N GLU A 12 9.86 12.98 -1.89
CA GLU A 12 8.78 13.68 -2.59
C GLU A 12 7.89 14.39 -1.57
N PRO A 13 7.48 15.64 -1.85
CA PRO A 13 6.59 16.40 -0.96
C PRO A 13 5.35 15.58 -0.66
N TYR A 14 5.09 15.39 0.63
CA TYR A 14 4.13 14.40 1.05
C TYR A 14 2.69 14.79 0.71
N PRO A 15 2.18 15.97 1.12
CA PRO A 15 0.78 16.36 0.83
C PRO A 15 0.51 16.33 -0.67
N ASP A 16 1.59 16.36 -1.40
CA ASP A 16 1.56 16.34 -2.85
C ASP A 16 1.57 14.91 -3.38
N PHE A 17 2.41 14.07 -2.76
CA PHE A 17 2.49 12.67 -3.12
C PHE A 17 1.09 12.07 -3.00
N VAL A 18 0.43 12.40 -1.91
CA VAL A 18 -0.88 11.87 -1.63
C VAL A 18 -1.97 12.63 -2.40
N ALA A 19 -1.78 13.91 -2.65
CA ALA A 19 -2.77 14.66 -3.44
C ALA A 19 -2.96 14.05 -4.82
N ARG A 20 -1.90 13.49 -5.40
CA ARG A 20 -2.04 12.81 -6.68
C ARG A 20 -2.50 11.40 -6.41
N LEU A 21 -2.17 10.91 -5.22
CA LEU A 21 -2.66 9.64 -4.73
C LEU A 21 -4.19 9.66 -4.72
N GLN A 22 -4.73 10.76 -4.24
CA GLN A 22 -6.16 10.97 -4.20
C GLN A 22 -6.69 11.26 -5.56
N ASP A 23 -5.98 12.11 -6.27
CA ASP A 23 -6.39 12.52 -7.60
C ASP A 23 -6.66 11.32 -8.49
N VAL A 24 -5.72 10.39 -8.54
CA VAL A 24 -5.84 9.27 -9.45
C VAL A 24 -6.73 8.20 -8.83
N ALA A 25 -6.81 8.21 -7.50
CA ALA A 25 -7.73 7.34 -6.79
C ALA A 25 -9.12 7.84 -7.03
N GLN A 26 -9.18 9.07 -7.46
CA GLN A 26 -10.42 9.70 -7.81
C GLN A 26 -10.75 9.42 -9.27
N LYS A 27 -9.72 9.44 -10.10
CA LYS A 27 -9.84 9.21 -11.53
C LYS A 27 -10.31 7.79 -11.85
N SER A 28 -9.73 6.81 -11.16
CA SER A 28 -9.97 5.42 -11.50
C SER A 28 -11.03 4.83 -10.58
N ILE A 29 -11.39 5.59 -9.57
CA ILE A 29 -12.38 5.15 -8.61
C ILE A 29 -13.63 6.01 -8.69
N ALA A 30 -14.77 5.38 -8.89
CA ALA A 30 -16.05 6.09 -8.89
C ALA A 30 -16.62 6.12 -7.48
N ASP A 31 -15.93 5.45 -6.57
CA ASP A 31 -16.37 5.33 -5.19
C ASP A 31 -15.60 6.27 -4.28
N GLU A 32 -16.28 7.23 -3.69
CA GLU A 32 -15.65 8.15 -2.75
C GLU A 32 -15.11 7.39 -1.54
N LYS A 33 -15.69 6.23 -1.25
CA LYS A 33 -15.28 5.46 -0.09
C LYS A 33 -13.96 4.79 -0.37
N ALA A 34 -13.87 4.08 -1.48
CA ALA A 34 -12.61 3.46 -1.88
C ALA A 34 -11.57 4.53 -2.19
N ARG A 35 -12.03 5.71 -2.61
CA ARG A 35 -11.14 6.83 -2.91
C ARG A 35 -10.38 7.22 -1.66
N LYS A 36 -11.12 7.71 -0.68
CA LYS A 36 -10.53 8.16 0.58
C LYS A 36 -9.65 7.11 1.21
N VAL A 37 -10.26 5.98 1.47
CA VAL A 37 -9.62 4.92 2.23
C VAL A 37 -8.31 4.49 1.59
N ILE A 38 -8.21 4.58 0.28
CA ILE A 38 -6.98 4.20 -0.38
C ILE A 38 -5.99 5.33 -0.40
N VAL A 39 -6.46 6.57 -0.45
CA VAL A 39 -5.53 7.67 -0.37
C VAL A 39 -4.95 7.73 1.03
N GLU A 40 -5.82 7.64 2.02
CA GLU A 40 -5.46 7.64 3.41
C GLU A 40 -4.70 6.38 3.82
N LEU A 41 -4.86 5.32 3.06
CA LEU A 41 -4.11 4.10 3.32
C LEU A 41 -2.74 4.14 2.63
N MET A 42 -2.75 4.37 1.32
CA MET A 42 -1.51 4.38 0.52
C MET A 42 -0.62 5.50 0.97
N ALA A 43 -1.24 6.46 1.63
CA ALA A 43 -0.52 7.52 2.30
C ALA A 43 0.62 6.95 3.14
N TYR A 44 0.44 5.74 3.64
CA TYR A 44 1.48 5.06 4.39
C TYR A 44 2.06 3.98 3.53
N GLU A 45 1.23 2.98 3.25
CA GLU A 45 1.65 1.78 2.54
C GLU A 45 2.46 2.09 1.30
N ASN A 46 2.15 3.21 0.65
CA ASN A 46 2.78 3.55 -0.60
C ASN A 46 3.84 4.63 -0.40
N ALA A 47 3.74 5.38 0.70
CA ALA A 47 4.61 6.53 0.95
C ALA A 47 6.07 6.16 1.02
N ASN A 48 6.88 7.16 1.25
CA ASN A 48 8.29 6.98 1.47
C ASN A 48 8.49 6.11 2.70
N PRO A 49 9.49 5.23 2.65
CA PRO A 49 9.79 4.30 3.74
C PRO A 49 10.03 5.00 5.08
N GLU A 50 10.39 6.27 5.01
CA GLU A 50 10.56 7.12 6.17
C GLU A 50 9.25 7.81 6.53
N CYS A 51 8.45 8.08 5.50
CA CYS A 51 7.27 8.91 5.63
C CYS A 51 6.11 8.11 6.14
N GLN A 52 6.02 6.87 5.70
CA GLN A 52 5.05 5.97 6.26
C GLN A 52 5.51 5.65 7.66
N SER A 53 6.80 5.68 7.81
CA SER A 53 7.45 5.51 9.08
C SER A 53 7.21 6.74 9.96
N ALA A 54 6.85 7.84 9.34
CA ALA A 54 6.35 8.97 10.10
C ALA A 54 4.90 8.72 10.47
N ILE A 55 4.25 7.90 9.67
CA ILE A 55 2.83 7.69 9.76
C ILE A 55 2.39 6.55 10.69
N LYS A 56 3.18 5.48 10.82
CA LYS A 56 2.75 4.29 11.62
C LYS A 56 2.00 4.63 12.92
N PRO A 57 2.37 5.69 13.68
CA PRO A 57 1.62 6.10 14.89
C PRO A 57 0.20 6.58 14.57
N LEU A 58 0.01 7.12 13.36
CA LEU A 58 -1.27 7.62 12.91
C LEU A 58 -1.91 6.56 12.04
N LYS A 59 -1.07 5.63 11.63
CA LYS A 59 -1.48 4.54 10.76
C LYS A 59 -2.73 3.84 11.30
N GLY A 60 -3.83 4.04 10.60
CA GLY A 60 -5.09 3.47 11.02
C GLY A 60 -5.86 4.37 11.95
N LYS A 61 -5.15 5.30 12.58
CA LYS A 61 -5.78 6.21 13.52
C LYS A 61 -5.97 7.57 12.88
N VAL A 62 -7.21 7.94 12.69
CA VAL A 62 -7.56 9.27 12.23
C VAL A 62 -8.52 9.91 13.21
N PRO A 63 -8.49 11.25 13.37
CA PRO A 63 -9.56 11.98 14.02
C PRO A 63 -10.92 11.55 13.48
N ALA A 64 -11.88 11.39 14.38
CA ALA A 64 -13.17 10.81 14.02
C ALA A 64 -13.89 11.61 12.95
N GLY A 65 -13.83 11.12 11.72
CA GLY A 65 -14.54 11.75 10.62
C GLY A 65 -13.66 12.66 9.79
N SER A 66 -12.45 12.92 10.26
CA SER A 66 -11.54 13.82 9.57
C SER A 66 -10.63 13.10 8.60
N ASP A 67 -9.65 13.85 8.16
CA ASP A 67 -8.71 13.45 7.15
C ASP A 67 -7.52 12.74 7.77
N VAL A 68 -7.21 11.54 7.30
CA VAL A 68 -5.99 10.90 7.79
C VAL A 68 -4.81 11.46 7.01
N ILE A 69 -5.06 11.79 5.75
CA ILE A 69 -4.02 12.32 4.90
C ILE A 69 -3.42 13.54 5.51
N SER A 70 -4.26 14.46 5.92
CA SER A 70 -3.81 15.71 6.50
C SER A 70 -2.87 15.45 7.70
N GLU A 71 -3.06 14.31 8.38
CA GLU A 71 -2.24 13.93 9.52
C GLU A 71 -1.00 13.21 9.05
N TYR A 72 -1.16 12.48 7.97
CA TYR A 72 -0.10 11.68 7.41
C TYR A 72 0.89 12.59 6.69
N VAL A 73 0.37 13.64 6.08
CA VAL A 73 1.19 14.67 5.48
C VAL A 73 1.85 15.45 6.60
N LYS A 74 1.12 15.56 7.71
CA LYS A 74 1.63 16.19 8.92
C LYS A 74 2.75 15.33 9.49
N ALA A 75 2.63 14.04 9.28
CA ALA A 75 3.65 13.09 9.69
C ALA A 75 4.95 13.37 8.95
N CYS A 76 4.84 13.57 7.65
CA CYS A 76 6.00 13.89 6.83
C CYS A 76 6.18 15.39 6.68
N ASP A 77 5.42 16.15 7.46
CA ASP A 77 5.56 17.60 7.50
C ASP A 77 6.97 18.00 7.92
N GLY A 78 7.63 17.11 8.65
CA GLY A 78 9.03 17.32 8.99
C GLY A 78 9.96 16.66 7.99
N ILE A 79 9.47 15.65 7.27
CA ILE A 79 10.29 14.92 6.32
C ILE A 79 10.39 15.67 5.00
N GLY A 80 11.50 15.48 4.33
CA GLY A 80 11.73 16.14 3.06
C GLY A 80 13.17 16.60 2.96
N GLY A 81 13.73 17.00 4.09
CA GLY A 81 15.13 17.33 4.17
C GLY A 81 15.56 17.53 5.60
N ALA A 82 16.82 17.22 5.88
CA ALA A 82 17.39 17.35 7.23
C ALA A 82 16.73 16.39 8.21
N MET A 83 15.51 16.70 8.62
CA MET A 83 14.78 15.89 9.59
C MET A 83 14.59 14.47 9.06
N HIS A 84 14.32 14.36 7.76
CA HIS A 84 14.22 13.06 7.10
C HIS A 84 15.44 12.19 7.42
N LYS A 85 16.59 12.81 7.53
CA LYS A 85 17.84 12.06 7.72
C LYS A 85 18.02 11.70 9.20
N ALA A 86 17.54 12.56 10.08
CA ALA A 86 17.59 12.29 11.52
C ALA A 86 16.53 11.27 11.91
N MET A 87 15.34 11.46 11.35
CA MET A 87 14.19 10.61 11.64
C MET A 87 14.29 9.31 10.86
N LEU A 88 15.21 9.27 9.90
CA LEU A 88 15.44 8.07 9.10
C LEU A 88 15.63 6.84 10.00
N MET A 89 16.58 6.94 10.92
CA MET A 89 16.91 5.81 11.79
C MET A 89 15.85 5.64 12.87
N ALA A 90 15.03 6.65 13.06
CA ALA A 90 14.04 6.64 14.12
C ALA A 90 12.73 6.02 13.66
N GLN A 91 12.46 6.09 12.36
CA GLN A 91 11.15 5.72 11.85
C GLN A 91 11.22 4.60 10.82
N LEU A 92 12.09 4.74 9.81
CA LEU A 92 12.22 3.76 8.72
C LEU A 92 12.17 2.35 9.31
N GLU A 93 12.81 2.23 10.47
CA GLU A 93 12.96 0.99 11.20
C GLU A 93 13.06 -0.24 10.30
N PRO B 1 -3.77 -0.81 13.90
CA PRO B 1 -3.27 0.06 12.83
C PRO B 1 -4.36 0.25 11.80
N SER B 2 -3.97 0.34 10.53
CA SER B 2 -4.92 0.13 9.46
C SER B 2 -5.36 -1.31 9.49
N PHE B 3 -6.26 -1.68 8.64
CA PHE B 3 -6.62 -3.07 8.53
C PHE B 3 -5.56 -3.82 7.76
N ASN B 4 -5.28 -3.31 6.59
CA ASN B 4 -4.51 -4.02 5.61
C ASN B 4 -3.02 -3.89 5.84
N THR B 5 -2.62 -3.28 6.93
CA THR B 5 -1.21 -3.06 7.17
C THR B 5 -0.45 -4.37 7.36
N VAL B 6 -1.18 -5.47 7.36
CA VAL B 6 -0.56 -6.76 7.40
C VAL B 6 -0.07 -7.11 6.01
N ARG B 7 1.15 -7.58 5.90
CA ARG B 7 1.67 -7.87 4.59
C ARG B 7 2.78 -8.89 4.61
N GLN B 8 2.99 -9.47 3.45
CA GLN B 8 4.02 -10.46 3.20
C GLN B 8 5.33 -10.14 3.88
N GLY B 9 5.69 -10.94 4.87
CA GLY B 9 7.00 -10.87 5.45
C GLY B 9 8.00 -11.65 4.63
N SER B 10 9.14 -11.99 5.22
CA SER B 10 10.19 -12.73 4.52
C SER B 10 9.62 -13.97 3.81
N LYS B 11 9.48 -13.85 2.49
CA LYS B 11 8.89 -14.89 1.62
C LYS B 11 7.62 -15.51 2.21
N GLU B 12 6.79 -14.68 2.85
CA GLU B 12 5.52 -15.15 3.41
C GLU B 12 4.63 -15.68 2.28
N PRO B 13 3.94 -16.81 2.50
CA PRO B 13 3.03 -17.38 1.51
C PRO B 13 2.03 -16.34 1.08
N TYR B 14 1.96 -16.11 -0.22
CA TYR B 14 1.26 -14.96 -0.74
C TYR B 14 -0.26 -15.05 -0.57
N PRO B 15 -0.94 -16.11 -1.05
CA PRO B 15 -2.41 -16.20 -0.93
C PRO B 15 -2.84 -16.10 0.52
N ASP B 16 -1.88 -16.34 1.38
CA ASP B 16 -2.06 -16.29 2.82
C ASP B 16 -1.83 -14.90 3.35
N PHE B 17 -0.78 -14.25 2.86
CA PHE B 17 -0.45 -12.89 3.24
C PHE B 17 -1.69 -12.02 2.97
N VAL B 18 -2.27 -12.22 1.81
CA VAL B 18 -3.41 -11.45 1.38
C VAL B 18 -4.71 -11.96 2.01
N ALA B 19 -4.82 -13.24 2.27
CA ALA B 19 -6.01 -13.78 2.94
C ALA B 19 -6.23 -13.12 4.30
N ARG B 20 -5.15 -12.78 5.00
CA ARG B 20 -5.29 -12.08 6.25
C ARG B 20 -5.42 -10.60 5.96
N LEU B 21 -4.88 -10.20 4.82
CA LEU B 21 -5.05 -8.87 4.29
C LEU B 21 -6.53 -8.58 4.11
N GLN B 22 -7.23 -9.55 3.54
CA GLN B 22 -8.65 -9.47 3.35
C GLN B 22 -9.39 -9.63 4.63
N ASP B 23 -8.95 -10.60 5.41
CA ASP B 23 -9.57 -10.90 6.68
C ASP B 23 -9.69 -9.66 7.55
N VAL B 24 -8.60 -8.94 7.72
CA VAL B 24 -8.59 -7.80 8.62
C VAL B 24 -9.18 -6.58 7.91
N ALA B 25 -9.11 -6.60 6.59
CA ALA B 25 -9.74 -5.57 5.79
C ALA B 25 -11.23 -5.78 5.86
N GLN B 26 -11.59 -6.97 6.26
CA GLN B 26 -12.95 -7.33 6.47
C GLN B 26 -13.39 -6.97 7.88
N LYS B 27 -12.48 -7.19 8.82
CA LYS B 27 -12.72 -6.91 10.24
C LYS B 27 -12.92 -5.42 10.51
N SER B 28 -12.09 -4.59 9.91
CA SER B 28 -12.08 -3.18 10.24
C SER B 28 -12.88 -2.40 9.21
N ILE B 29 -13.27 -3.09 8.15
CA ILE B 29 -14.04 -2.46 7.10
C ILE B 29 -15.44 -3.06 7.02
N ALA B 30 -16.44 -2.21 7.09
CA ALA B 30 -17.82 -2.64 6.94
C ALA B 30 -18.24 -2.59 5.48
N ASP B 31 -17.32 -2.08 4.65
CA ASP B 31 -17.57 -1.90 3.23
C ASP B 31 -16.91 -2.98 2.41
N GLU B 32 -17.70 -3.79 1.73
CA GLU B 32 -17.15 -4.82 0.85
C GLU B 32 -16.34 -4.20 -0.28
N LYS B 33 -16.64 -2.95 -0.61
CA LYS B 33 -15.96 -2.28 -1.71
C LYS B 33 -14.56 -1.90 -1.27
N ALA B 34 -14.46 -1.21 -0.16
CA ALA B 34 -13.17 -0.85 0.39
C ALA B 34 -12.40 -2.10 0.82
N ARG B 35 -13.13 -3.16 1.16
CA ARG B 35 -12.52 -4.43 1.55
C ARG B 35 -11.73 -4.98 0.38
N LYS B 36 -12.43 -5.32 -0.69
CA LYS B 36 -11.80 -5.90 -1.86
C LYS B 36 -10.66 -5.05 -2.37
N VAL B 37 -11.00 -3.82 -2.70
CA VAL B 37 -10.07 -2.93 -3.36
C VAL B 37 -8.79 -2.76 -2.58
N ILE B 38 -8.85 -2.85 -1.26
CA ILE B 38 -7.66 -2.71 -0.47
C ILE B 38 -6.92 -4.03 -0.35
N VAL B 39 -7.63 -5.14 -0.36
CA VAL B 39 -6.95 -6.41 -0.35
C VAL B 39 -6.23 -6.60 -1.68
N GLU B 40 -6.95 -6.35 -2.75
CA GLU B 40 -6.45 -6.44 -4.10
C GLU B 40 -5.41 -5.37 -4.41
N LEU B 41 -5.44 -4.28 -3.66
CA LEU B 41 -4.43 -3.23 -3.81
C LEU B 41 -3.19 -3.54 -2.98
N MET B 42 -3.39 -3.76 -1.68
CA MET B 42 -2.29 -3.99 -0.74
C MET B 42 -1.58 -5.28 -1.10
N ALA B 43 -2.29 -6.10 -1.84
CA ALA B 43 -1.74 -7.30 -2.42
C ALA B 43 -0.42 -6.98 -3.13
N TYR B 44 -0.30 -5.77 -3.63
CA TYR B 44 0.93 -5.31 -4.26
C TYR B 44 1.63 -4.36 -3.32
N GLU B 45 0.98 -3.21 -3.12
CA GLU B 45 1.55 -2.11 -2.36
C GLU B 45 2.15 -2.58 -1.04
N ASN B 46 1.54 -3.59 -0.44
CA ASN B 46 1.95 -4.04 0.87
C ASN B 46 2.78 -5.32 0.77
N ALA B 47 2.65 -6.03 -0.33
CA ALA B 47 3.29 -7.34 -0.50
C ALA B 47 4.80 -7.27 -0.38
N ASN B 48 5.42 -8.43 -0.54
CA ASN B 48 6.85 -8.53 -0.59
C ASN B 48 7.36 -7.74 -1.79
N PRO B 49 8.50 -7.06 -1.62
CA PRO B 49 9.10 -6.23 -2.66
C PRO B 49 9.34 -6.98 -3.96
N GLU B 50 9.43 -8.30 -3.87
CA GLU B 50 9.56 -9.18 -5.02
C GLU B 50 8.18 -9.59 -5.53
N CYS B 51 7.25 -9.69 -4.60
CA CYS B 51 5.94 -10.26 -4.87
C CYS B 51 5.04 -9.25 -5.51
N GLN B 52 5.15 -8.01 -5.06
CA GLN B 52 4.44 -6.94 -5.72
C GLN B 52 5.11 -6.73 -7.05
N SER B 53 6.38 -7.03 -7.05
CA SER B 53 7.18 -7.02 -8.25
C SER B 53 6.80 -8.18 -9.15
N ALA B 54 6.17 -9.18 -8.59
CA ALA B 54 5.54 -10.19 -9.42
C ALA B 54 4.21 -9.66 -9.95
N ILE B 55 3.66 -8.72 -9.22
CA ILE B 55 2.32 -8.21 -9.46
C ILE B 55 2.24 -7.03 -10.42
N LYS B 56 3.24 -6.13 -10.46
CA LYS B 56 3.14 -4.90 -11.28
C LYS B 56 2.48 -5.10 -12.67
N PRO B 57 2.73 -6.22 -13.40
CA PRO B 57 2.06 -6.49 -14.67
C PRO B 57 0.53 -6.65 -14.53
N LEU B 58 0.12 -7.14 -13.36
CA LEU B 58 -1.29 -7.36 -13.06
C LEU B 58 -1.79 -6.19 -12.26
N LYS B 59 -0.84 -5.44 -11.75
CA LYS B 59 -1.12 -4.29 -10.91
C LYS B 59 -2.13 -3.36 -11.57
N GLY B 60 -3.32 -3.33 -11.02
CA GLY B 60 -4.39 -2.51 -11.57
C GLY B 60 -5.20 -3.27 -12.59
N LYS B 61 -4.64 -4.33 -13.14
CA LYS B 61 -5.32 -5.09 -14.17
C LYS B 61 -5.86 -6.39 -13.57
N VAL B 62 -7.16 -6.49 -13.52
CA VAL B 62 -7.81 -7.71 -13.12
C VAL B 62 -8.76 -8.16 -14.22
N PRO B 63 -8.98 -9.48 -14.38
CA PRO B 63 -10.11 -9.99 -15.16
C PRO B 63 -11.40 -9.29 -14.77
N ALA B 64 -12.20 -8.96 -15.76
CA ALA B 64 -13.38 -8.12 -15.56
C ALA B 64 -14.36 -8.75 -14.58
N GLY B 65 -14.35 -8.26 -13.34
CA GLY B 65 -15.28 -8.72 -12.34
C GLY B 65 -14.70 -9.77 -11.42
N SER B 66 -13.52 -10.28 -11.76
CA SER B 66 -12.91 -11.34 -10.99
C SER B 66 -11.99 -10.81 -9.90
N ASP B 67 -11.24 -11.74 -9.36
CA ASP B 67 -10.35 -11.52 -8.26
C ASP B 67 -8.98 -11.07 -8.72
N VAL B 68 -8.48 -9.95 -8.21
CA VAL B 68 -7.13 -9.58 -8.54
C VAL B 68 -6.18 -10.34 -7.64
N ILE B 69 -6.62 -10.60 -6.42
CA ILE B 69 -5.82 -11.33 -5.46
C ILE B 69 -5.40 -12.66 -6.03
N SER B 70 -6.35 -13.39 -6.53
CA SER B 70 -6.10 -14.70 -7.07
C SER B 70 -5.00 -14.65 -8.16
N GLU B 71 -4.88 -13.52 -8.84
CA GLU B 71 -3.89 -13.32 -9.87
C GLU B 71 -2.58 -12.86 -9.25
N TYR B 72 -2.71 -12.09 -8.19
CA TYR B 72 -1.58 -11.52 -7.51
C TYR B 72 -0.89 -12.59 -6.69
N VAL B 73 -1.68 -13.51 -6.15
CA VAL B 73 -1.14 -14.69 -5.48
C VAL B 73 -0.53 -15.60 -6.52
N LYS B 74 -1.14 -15.57 -7.71
CA LYS B 74 -0.64 -16.30 -8.86
C LYS B 74 0.69 -15.70 -9.30
N ALA B 75 0.81 -14.40 -9.08
CA ALA B 75 2.04 -13.68 -9.37
C ALA B 75 3.16 -14.21 -8.50
N CYS B 76 2.88 -14.36 -7.21
CA CYS B 76 3.84 -14.89 -6.26
C CYS B 76 3.69 -16.41 -6.12
N ASP B 77 2.89 -17.00 -6.98
CA ASP B 77 2.74 -18.45 -7.02
C ASP B 77 4.08 -19.13 -7.28
N GLY B 78 4.99 -18.40 -7.93
CA GLY B 78 6.34 -18.88 -8.11
C GLY B 78 7.27 -18.42 -7.00
N ILE B 79 6.91 -17.33 -6.34
CA ILE B 79 7.74 -16.76 -5.29
C ILE B 79 7.54 -17.50 -3.97
N GLY B 80 8.59 -17.54 -3.17
CA GLY B 80 8.54 -18.21 -1.90
C GLY B 80 9.83 -18.95 -1.64
N GLY B 81 10.42 -19.46 -2.71
CA GLY B 81 11.72 -20.08 -2.62
C GLY B 81 12.26 -20.36 -4.01
N ALA B 82 13.59 -20.33 -4.14
CA ALA B 82 14.27 -20.59 -5.41
C ALA B 82 13.94 -19.51 -6.45
N MET B 83 12.73 -19.59 -7.00
CA MET B 83 12.29 -18.65 -8.04
C MET B 83 12.33 -17.23 -7.51
N HIS B 84 11.95 -17.04 -6.25
CA HIS B 84 12.04 -15.73 -5.58
C HIS B 84 13.43 -15.13 -5.76
N LYS B 85 14.45 -15.97 -5.75
CA LYS B 85 15.82 -15.50 -5.79
C LYS B 85 16.24 -15.19 -7.23
N ALA B 86 15.70 -15.95 -8.17
CA ALA B 86 15.97 -15.71 -9.59
C ALA B 86 15.19 -14.51 -10.09
N MET B 87 13.93 -14.44 -9.68
CA MET B 87 13.02 -13.39 -10.07
C MET B 87 13.27 -12.12 -9.28
N LEU B 88 14.07 -12.25 -8.22
CA LEU B 88 14.45 -11.12 -7.39
C LEU B 88 14.98 -9.97 -8.24
N MET B 89 15.99 -10.26 -9.05
CA MET B 89 16.64 -9.24 -9.86
C MET B 89 15.77 -8.87 -11.05
N ALA B 90 14.79 -9.70 -11.35
CA ALA B 90 13.95 -9.51 -12.51
C ALA B 90 12.74 -8.62 -12.19
N GLN B 91 12.32 -8.62 -10.94
CA GLN B 91 11.07 -8.00 -10.57
C GLN B 91 11.24 -6.89 -9.54
N LEU B 92 11.95 -7.19 -8.44
CA LEU B 92 12.15 -6.25 -7.33
C LEU B 92 12.45 -4.87 -7.89
N GLU B 93 13.22 -4.90 -8.97
CA GLU B 93 13.70 -3.71 -9.67
C GLU B 93 13.93 -2.50 -8.76
N PRO A 1 -2.68 1.39 -14.08
CA PRO A 1 -2.39 0.47 -12.97
C PRO A 1 -3.53 0.51 -11.97
N SER A 2 -3.19 0.37 -10.70
CA SER A 2 -4.10 0.77 -9.66
C SER A 2 -4.18 2.29 -9.67
N PHE A 3 -5.11 2.84 -8.95
CA PHE A 3 -5.18 4.29 -8.83
C PHE A 3 -3.95 4.79 -8.12
N ASN A 4 -3.74 4.22 -6.97
CA ASN A 4 -2.90 4.80 -5.95
C ASN A 4 -1.45 4.40 -6.08
N THR A 5 -1.09 3.69 -7.13
CA THR A 5 0.27 3.20 -7.29
C THR A 5 1.28 4.32 -7.38
N VAL A 6 0.81 5.54 -7.31
CA VAL A 6 1.69 6.65 -7.15
C VAL A 6 2.25 6.65 -5.74
N ARG A 7 3.55 6.47 -5.64
CA ARG A 7 4.19 6.51 -4.36
C ARG A 7 5.13 7.70 -4.27
N GLN A 8 5.41 8.07 -3.02
CA GLN A 8 6.41 9.05 -2.69
C GLN A 8 7.78 8.61 -3.17
N GLY A 9 8.35 9.37 -4.09
CA GLY A 9 9.70 9.11 -4.53
C GLY A 9 10.72 9.75 -3.63
N SER A 10 11.92 10.00 -4.15
CA SER A 10 13.00 10.61 -3.38
C SER A 10 12.53 11.87 -2.67
N LYS A 11 12.22 11.72 -1.37
CA LYS A 11 11.59 12.74 -0.53
C LYS A 11 10.56 13.56 -1.31
N GLU A 12 9.68 12.88 -2.03
CA GLU A 12 8.63 13.53 -2.79
C GLU A 12 7.70 14.27 -1.83
N PRO A 13 7.30 15.52 -2.18
CA PRO A 13 6.40 16.31 -1.35
C PRO A 13 5.17 15.49 -1.01
N TYR A 14 4.94 15.33 0.27
CA TYR A 14 3.98 14.34 0.71
C TYR A 14 2.55 14.73 0.46
N PRO A 15 2.07 15.93 0.89
CA PRO A 15 0.68 16.33 0.64
C PRO A 15 0.34 16.27 -0.83
N ASP A 16 1.41 16.23 -1.61
CA ASP A 16 1.33 16.13 -3.05
C ASP A 16 1.33 14.68 -3.50
N PHE A 17 2.22 13.87 -2.90
CA PHE A 17 2.26 12.44 -3.17
C PHE A 17 0.88 11.87 -2.93
N VAL A 18 0.27 12.31 -1.84
CA VAL A 18 -1.03 11.82 -1.46
C VAL A 18 -2.15 12.54 -2.22
N ALA A 19 -2.01 13.83 -2.49
CA ALA A 19 -3.04 14.54 -3.26
C ALA A 19 -3.26 13.92 -4.63
N ARG A 20 -2.22 13.38 -5.24
CA ARG A 20 -2.39 12.70 -6.51
C ARG A 20 -2.84 11.29 -6.24
N LEU A 21 -2.44 10.81 -5.07
CA LEU A 21 -2.91 9.53 -4.55
C LEU A 21 -4.43 9.56 -4.50
N GLN A 22 -4.96 10.64 -3.94
CA GLN A 22 -6.39 10.87 -3.86
C GLN A 22 -6.97 11.15 -5.21
N ASP A 23 -6.31 12.02 -5.94
CA ASP A 23 -6.76 12.42 -7.26
C ASP A 23 -7.14 11.23 -8.12
N VAL A 24 -6.23 10.29 -8.25
CA VAL A 24 -6.44 9.18 -9.14
C VAL A 24 -7.28 8.11 -8.45
N ALA A 25 -7.26 8.13 -7.12
CA ALA A 25 -8.13 7.26 -6.35
C ALA A 25 -9.54 7.78 -6.50
N GLN A 26 -9.62 9.02 -6.90
CA GLN A 26 -10.87 9.67 -7.15
C GLN A 26 -11.32 9.41 -8.58
N LYS A 27 -10.35 9.42 -9.48
CA LYS A 27 -10.60 9.18 -10.89
C LYS A 27 -11.05 7.74 -11.15
N SER A 28 -10.44 6.80 -10.44
CA SER A 28 -10.66 5.40 -10.72
C SER A 28 -11.69 4.83 -9.76
N ILE A 29 -12.03 5.60 -8.75
CA ILE A 29 -12.97 5.14 -7.75
C ILE A 29 -14.23 6.00 -7.76
N ALA A 30 -15.38 5.36 -7.81
CA ALA A 30 -16.66 6.06 -7.74
C ALA A 30 -17.14 6.13 -6.30
N ASP A 31 -16.41 5.46 -5.43
CA ASP A 31 -16.73 5.38 -4.02
C ASP A 31 -15.85 6.30 -3.20
N GLU A 32 -16.41 7.41 -2.72
CA GLU A 32 -15.68 8.32 -1.84
C GLU A 32 -15.09 7.56 -0.66
N LYS A 33 -15.76 6.48 -0.26
CA LYS A 33 -15.32 5.66 0.85
C LYS A 33 -14.04 4.96 0.49
N ALA A 34 -14.06 4.26 -0.65
CA ALA A 34 -12.88 3.57 -1.13
C ALA A 34 -11.80 4.57 -1.52
N ARG A 35 -12.22 5.79 -1.83
CA ARG A 35 -11.31 6.84 -2.21
C ARG A 35 -10.51 7.23 -0.99
N LYS A 36 -11.20 7.64 0.07
CA LYS A 36 -10.55 7.98 1.33
C LYS A 36 -9.67 6.87 1.80
N VAL A 37 -10.30 5.72 2.03
CA VAL A 37 -9.63 4.60 2.68
C VAL A 37 -8.33 4.28 1.98
N ILE A 38 -8.31 4.44 0.67
CA ILE A 38 -7.16 4.11 -0.12
C ILE A 38 -6.14 5.23 -0.14
N VAL A 39 -6.60 6.48 -0.13
CA VAL A 39 -5.66 7.59 -0.09
C VAL A 39 -5.02 7.66 1.29
N GLU A 40 -5.88 7.59 2.30
CA GLU A 40 -5.47 7.49 3.69
C GLU A 40 -4.64 6.24 3.93
N LEU A 41 -4.84 5.23 3.12
CA LEU A 41 -4.08 3.99 3.25
C LEU A 41 -2.72 4.10 2.60
N MET A 42 -2.72 4.31 1.28
CA MET A 42 -1.49 4.38 0.49
C MET A 42 -0.63 5.52 0.93
N ALA A 43 -1.27 6.46 1.60
CA ALA A 43 -0.56 7.51 2.29
C ALA A 43 0.54 6.92 3.17
N TYR A 44 0.37 5.68 3.57
CA TYR A 44 1.41 4.98 4.33
C TYR A 44 2.03 3.94 3.44
N GLU A 45 1.24 2.93 3.08
CA GLU A 45 1.72 1.79 2.31
C GLU A 45 2.54 2.22 1.08
N ASN A 46 2.19 3.36 0.50
CA ASN A 46 2.83 3.86 -0.71
C ASN A 46 3.74 5.03 -0.40
N ALA A 47 3.64 5.55 0.80
CA ALA A 47 4.51 6.63 1.21
C ALA A 47 5.95 6.19 1.22
N ASN A 48 6.82 7.15 1.35
CA ASN A 48 8.23 6.89 1.48
C ASN A 48 8.47 5.99 2.67
N PRO A 49 9.46 5.08 2.57
CA PRO A 49 9.78 4.13 3.64
C PRO A 49 10.10 4.85 4.95
N GLU A 50 10.43 6.12 4.86
CA GLU A 50 10.66 6.98 6.00
C GLU A 50 9.36 7.66 6.42
N CYS A 51 8.52 7.94 5.44
CA CYS A 51 7.35 8.74 5.67
C CYS A 51 6.20 7.92 6.17
N GLN A 52 6.07 6.72 5.66
CA GLN A 52 5.08 5.82 6.20
C GLN A 52 5.56 5.49 7.59
N SER A 53 6.84 5.58 7.73
CA SER A 53 7.50 5.42 8.99
C SER A 53 7.24 6.62 9.88
N ALA A 54 6.91 7.73 9.28
CA ALA A 54 6.41 8.85 10.03
C ALA A 54 4.94 8.61 10.37
N ILE A 55 4.31 7.78 9.57
CA ILE A 55 2.89 7.56 9.65
C ILE A 55 2.46 6.41 10.57
N LYS A 56 3.24 5.32 10.69
CA LYS A 56 2.80 4.15 11.50
C LYS A 56 2.11 4.54 12.84
N PRO A 57 2.58 5.57 13.59
CA PRO A 57 1.91 6.04 14.81
C PRO A 57 0.49 6.58 14.55
N LEU A 58 0.26 7.04 13.32
CA LEU A 58 -1.03 7.60 12.91
C LEU A 58 -1.73 6.57 12.07
N LYS A 59 -0.96 5.60 11.62
CA LYS A 59 -1.47 4.54 10.77
C LYS A 59 -2.71 3.90 11.37
N GLY A 60 -3.84 4.17 10.74
CA GLY A 60 -5.11 3.65 11.22
C GLY A 60 -5.77 4.59 12.21
N LYS A 61 -4.99 5.50 12.78
CA LYS A 61 -5.51 6.43 13.76
C LYS A 61 -5.71 7.81 13.13
N VAL A 62 -6.95 8.24 13.04
CA VAL A 62 -7.26 9.58 12.60
C VAL A 62 -8.09 10.30 13.67
N PRO A 63 -7.87 11.61 13.86
CA PRO A 63 -8.76 12.45 14.65
C PRO A 63 -10.22 12.28 14.24
N ALA A 64 -11.11 12.25 15.22
CA ALA A 64 -12.53 11.98 14.98
C ALA A 64 -13.16 13.07 14.10
N GLY A 65 -13.33 12.75 12.82
CA GLY A 65 -13.97 13.68 11.91
C GLY A 65 -12.98 14.32 10.96
N SER A 66 -11.70 14.24 11.28
CA SER A 66 -10.67 14.85 10.47
C SER A 66 -10.18 13.89 9.38
N ASP A 67 -9.35 14.39 8.48
CA ASP A 67 -8.74 13.59 7.43
C ASP A 67 -7.48 12.94 7.96
N VAL A 68 -7.20 11.69 7.57
CA VAL A 68 -5.97 11.07 8.06
C VAL A 68 -4.81 11.60 7.25
N ILE A 69 -5.10 11.98 6.02
CA ILE A 69 -4.08 12.47 5.12
C ILE A 69 -3.44 13.71 5.70
N SER A 70 -4.27 14.60 6.18
CA SER A 70 -3.81 15.82 6.83
C SER A 70 -2.72 15.52 7.88
N GLU A 71 -2.86 14.39 8.56
CA GLU A 71 -1.95 13.97 9.61
C GLU A 71 -0.78 13.20 9.03
N TYR A 72 -1.03 12.50 7.95
CA TYR A 72 -0.04 11.68 7.32
C TYR A 72 0.93 12.57 6.54
N VAL A 73 0.38 13.65 6.00
CA VAL A 73 1.21 14.65 5.35
C VAL A 73 1.95 15.41 6.42
N LYS A 74 1.29 15.54 7.56
CA LYS A 74 1.84 16.13 8.76
C LYS A 74 2.97 15.28 9.29
N ALA A 75 2.84 13.98 9.06
CA ALA A 75 3.87 13.03 9.43
C ALA A 75 5.15 13.33 8.66
N CYS A 76 4.98 13.57 7.36
CA CYS A 76 6.11 13.93 6.51
C CYS A 76 6.26 15.45 6.42
N ASP A 77 5.51 16.16 7.22
CA ASP A 77 5.65 17.61 7.31
C ASP A 77 7.02 17.95 7.89
N GLY A 78 7.65 16.96 8.50
CA GLY A 78 9.03 17.09 8.95
C GLY A 78 9.99 16.27 8.10
N ILE A 79 9.48 15.62 7.05
CA ILE A 79 10.33 14.83 6.17
C ILE A 79 10.56 15.51 4.84
N GLY A 80 11.82 15.61 4.48
CA GLY A 80 12.19 16.05 3.16
C GLY A 80 13.70 16.16 3.07
N GLY A 81 14.27 16.81 4.06
CA GLY A 81 15.70 17.00 4.12
C GLY A 81 16.16 17.22 5.54
N ALA A 82 17.43 16.92 5.80
CA ALA A 82 18.00 17.03 7.14
C ALA A 82 17.31 16.07 8.12
N MET A 83 16.15 16.47 8.62
CA MET A 83 15.41 15.64 9.57
C MET A 83 15.04 14.30 8.94
N HIS A 84 14.70 14.34 7.66
CA HIS A 84 14.45 13.11 6.89
C HIS A 84 15.59 12.11 7.07
N LYS A 85 16.81 12.59 6.98
CA LYS A 85 17.97 11.72 7.02
C LYS A 85 18.46 11.45 8.43
N ALA A 86 17.99 12.24 9.38
CA ALA A 86 18.24 11.96 10.81
C ALA A 86 17.24 10.92 11.30
N MET A 87 16.03 11.05 10.81
CA MET A 87 14.92 10.20 11.18
C MET A 87 14.89 8.94 10.32
N LEU A 88 15.70 8.92 9.28
CA LEU A 88 15.76 7.79 8.37
C LEU A 88 16.10 6.49 9.12
N MET A 89 16.86 6.61 10.21
CA MET A 89 17.13 5.46 11.05
C MET A 89 15.99 5.27 12.04
N ALA A 90 15.52 6.38 12.59
CA ALA A 90 14.51 6.37 13.65
C ALA A 90 13.18 5.80 13.18
N GLN A 91 12.59 6.43 12.18
CA GLN A 91 11.23 6.13 11.81
C GLN A 91 11.15 4.96 10.87
N LEU A 92 12.09 4.92 9.90
CA LEU A 92 12.06 3.91 8.82
C LEU A 92 11.60 2.58 9.40
N GLU A 93 12.06 2.30 10.61
CA GLU A 93 11.54 1.19 11.38
C GLU A 93 11.56 1.49 12.86
N PRO B 1 -4.47 -0.68 13.67
CA PRO B 1 -3.87 0.16 12.61
C PRO B 1 -4.86 0.33 11.49
N SER B 2 -4.38 0.39 10.26
CA SER B 2 -5.22 0.17 9.12
C SER B 2 -5.62 -1.30 9.10
N PHE B 3 -6.54 -1.67 8.27
CA PHE B 3 -6.88 -3.06 8.15
C PHE B 3 -5.71 -3.83 7.56
N ASN B 4 -5.27 -3.32 6.45
CA ASN B 4 -4.44 -4.06 5.53
C ASN B 4 -2.95 -3.96 5.83
N THR B 5 -2.60 -3.34 6.92
CA THR B 5 -1.18 -3.12 7.23
C THR B 5 -0.43 -4.42 7.44
N VAL B 6 -1.13 -5.51 7.29
CA VAL B 6 -0.48 -6.79 7.23
C VAL B 6 0.23 -6.92 5.89
N ARG B 7 1.54 -7.00 5.93
CA ARG B 7 2.29 -7.18 4.73
C ARG B 7 2.99 -8.53 4.74
N GLN B 8 3.32 -8.97 3.53
CA GLN B 8 4.14 -10.13 3.30
C GLN B 8 5.51 -9.97 3.94
N GLY B 9 5.80 -10.82 4.91
CA GLY B 9 7.12 -10.83 5.51
C GLY B 9 8.08 -11.68 4.71
N SER B 10 9.14 -12.15 5.37
CA SER B 10 10.16 -12.98 4.72
C SER B 10 9.52 -14.13 3.93
N LYS B 11 9.41 -13.93 2.62
CA LYS B 11 8.68 -14.81 1.70
C LYS B 11 7.43 -15.41 2.35
N GLU B 12 6.62 -14.54 2.97
CA GLU B 12 5.37 -14.96 3.59
C GLU B 12 4.44 -15.52 2.54
N PRO B 13 3.75 -16.65 2.82
CA PRO B 13 2.81 -17.26 1.87
C PRO B 13 1.82 -16.21 1.42
N TYR B 14 1.78 -16.02 0.12
CA TYR B 14 1.11 -14.86 -0.43
C TYR B 14 -0.41 -14.96 -0.33
N PRO B 15 -1.06 -16.04 -0.84
CA PRO B 15 -2.52 -16.15 -0.77
C PRO B 15 -3.00 -16.00 0.67
N ASP B 16 -2.05 -16.18 1.57
CA ASP B 16 -2.28 -16.05 2.99
C ASP B 16 -2.03 -14.62 3.46
N PHE B 17 -0.94 -14.02 2.97
CA PHE B 17 -0.64 -12.62 3.26
C PHE B 17 -1.84 -11.78 2.87
N VAL B 18 -2.40 -12.10 1.72
CA VAL B 18 -3.52 -11.36 1.19
C VAL B 18 -4.85 -11.84 1.81
N ALA B 19 -5.00 -13.12 2.08
CA ALA B 19 -6.23 -13.61 2.72
C ALA B 19 -6.48 -12.93 4.06
N ARG B 20 -5.43 -12.60 4.80
CA ARG B 20 -5.60 -11.90 6.05
C ARG B 20 -5.72 -10.43 5.74
N LEU B 21 -5.10 -10.04 4.64
CA LEU B 21 -5.24 -8.71 4.09
C LEU B 21 -6.72 -8.42 3.85
N GLN B 22 -7.40 -9.39 3.24
CA GLN B 22 -8.82 -9.33 2.98
C GLN B 22 -9.59 -9.47 4.26
N ASP B 23 -9.21 -10.44 5.04
CA ASP B 23 -9.89 -10.73 6.30
C ASP B 23 -10.10 -9.48 7.12
N VAL B 24 -9.04 -8.74 7.36
CA VAL B 24 -9.13 -7.60 8.24
C VAL B 24 -9.65 -6.40 7.48
N ALA B 25 -9.49 -6.43 6.16
CA ALA B 25 -10.06 -5.41 5.31
C ALA B 25 -11.55 -5.64 5.28
N GLN B 26 -11.93 -6.83 5.66
CA GLN B 26 -13.31 -7.21 5.75
C GLN B 26 -13.86 -6.85 7.12
N LYS B 27 -13.02 -7.05 8.13
CA LYS B 27 -13.38 -6.74 9.52
C LYS B 27 -13.56 -5.25 9.73
N SER B 28 -12.69 -4.46 9.11
CA SER B 28 -12.65 -3.04 9.38
C SER B 28 -13.43 -2.28 8.32
N ILE B 29 -13.79 -2.97 7.26
CA ILE B 29 -14.51 -2.35 6.17
C ILE B 29 -15.91 -2.95 6.03
N ALA B 30 -16.91 -2.08 5.94
CA ALA B 30 -18.28 -2.52 5.73
C ALA B 30 -18.61 -2.49 4.23
N ASP B 31 -17.66 -2.00 3.47
CA ASP B 31 -17.80 -1.87 2.03
C ASP B 31 -17.03 -2.97 1.31
N GLU B 32 -17.74 -3.94 0.75
CA GLU B 32 -17.12 -4.98 -0.05
C GLU B 32 -16.25 -4.37 -1.15
N LYS B 33 -16.64 -3.18 -1.60
CA LYS B 33 -15.93 -2.48 -2.65
C LYS B 33 -14.57 -2.04 -2.13
N ALA B 34 -14.58 -1.35 -1.00
CA ALA B 34 -13.35 -0.90 -0.38
C ALA B 34 -12.55 -2.10 0.12
N ARG B 35 -13.24 -3.19 0.36
CA ARG B 35 -12.61 -4.41 0.83
C ARG B 35 -11.77 -4.96 -0.30
N LYS B 36 -12.41 -5.23 -1.43
CA LYS B 36 -11.70 -5.72 -2.61
C LYS B 36 -10.56 -4.81 -2.97
N VAL B 37 -10.92 -3.56 -3.26
CA VAL B 37 -9.97 -2.61 -3.81
C VAL B 37 -8.72 -2.54 -2.95
N ILE B 38 -8.89 -2.69 -1.65
CA ILE B 38 -7.78 -2.59 -0.74
C ILE B 38 -7.02 -3.91 -0.61
N VAL B 39 -7.71 -5.02 -0.69
CA VAL B 39 -7.01 -6.30 -0.64
C VAL B 39 -6.26 -6.51 -1.93
N GLU B 40 -6.96 -6.29 -3.04
CA GLU B 40 -6.39 -6.29 -4.37
C GLU B 40 -5.30 -5.23 -4.51
N LEU B 41 -5.38 -4.18 -3.71
CA LEU B 41 -4.38 -3.13 -3.73
C LEU B 41 -3.14 -3.51 -2.93
N MET B 42 -3.34 -3.70 -1.63
CA MET B 42 -2.26 -4.00 -0.70
C MET B 42 -1.60 -5.29 -1.07
N ALA B 43 -2.32 -6.10 -1.80
CA ALA B 43 -1.78 -7.28 -2.42
C ALA B 43 -0.48 -6.94 -3.17
N TYR B 44 -0.35 -5.68 -3.57
CA TYR B 44 0.88 -5.22 -4.20
C TYR B 44 1.60 -4.30 -3.23
N GLU B 45 1.00 -3.16 -2.95
CA GLU B 45 1.60 -2.14 -2.11
C GLU B 45 2.17 -2.71 -0.81
N ASN B 46 1.53 -3.75 -0.28
CA ASN B 46 1.91 -4.35 0.98
C ASN B 46 2.60 -5.68 0.77
N ALA B 47 2.53 -6.19 -0.43
CA ALA B 47 3.21 -7.43 -0.76
C ALA B 47 4.70 -7.28 -0.60
N ASN B 48 5.38 -8.40 -0.64
CA ASN B 48 6.82 -8.43 -0.60
C ASN B 48 7.37 -7.60 -1.75
N PRO B 49 8.49 -6.91 -1.53
CA PRO B 49 9.12 -6.06 -2.55
C PRO B 49 9.44 -6.84 -3.82
N GLU B 50 9.50 -8.15 -3.70
CA GLU B 50 9.67 -9.05 -4.82
C GLU B 50 8.33 -9.46 -5.39
N CYS B 51 7.33 -9.56 -4.52
CA CYS B 51 6.07 -10.12 -4.89
C CYS B 51 5.17 -9.09 -5.51
N GLN B 52 5.22 -7.87 -5.00
CA GLN B 52 4.51 -6.80 -5.64
C GLN B 52 5.19 -6.58 -6.97
N SER B 53 6.44 -6.94 -6.96
CA SER B 53 7.25 -6.92 -8.14
C SER B 53 6.87 -8.05 -9.07
N ALA B 54 6.26 -9.06 -8.52
CA ALA B 54 5.62 -10.08 -9.33
C ALA B 54 4.29 -9.55 -9.84
N ILE B 55 3.74 -8.60 -9.10
CA ILE B 55 2.41 -8.10 -9.34
C ILE B 55 2.34 -6.90 -10.29
N LYS B 56 3.33 -5.99 -10.31
CA LYS B 56 3.22 -4.76 -11.15
C LYS B 56 2.63 -5.01 -12.56
N PRO B 57 2.96 -6.13 -13.25
CA PRO B 57 2.36 -6.47 -14.56
C PRO B 57 0.84 -6.70 -14.46
N LEU B 58 0.39 -7.10 -13.29
CA LEU B 58 -1.03 -7.38 -13.04
C LEU B 58 -1.60 -6.23 -12.26
N LYS B 59 -0.71 -5.43 -11.70
CA LYS B 59 -1.08 -4.28 -10.91
C LYS B 59 -2.10 -3.40 -11.64
N GLY B 60 -3.33 -3.43 -11.14
CA GLY B 60 -4.40 -2.67 -11.76
C GLY B 60 -5.13 -3.47 -12.82
N LYS B 61 -4.49 -4.53 -13.31
CA LYS B 61 -5.07 -5.34 -14.36
C LYS B 61 -5.60 -6.64 -13.78
N VAL B 62 -6.90 -6.81 -13.83
CA VAL B 62 -7.52 -8.06 -13.45
C VAL B 62 -8.35 -8.62 -14.62
N PRO B 63 -8.38 -9.95 -14.79
CA PRO B 63 -9.34 -10.59 -15.70
C PRO B 63 -10.76 -10.12 -15.45
N ALA B 64 -11.51 -9.93 -16.53
CA ALA B 64 -12.86 -9.39 -16.45
C ALA B 64 -13.79 -10.31 -15.66
N GLY B 65 -14.06 -9.95 -14.42
CA GLY B 65 -14.96 -10.73 -13.59
C GLY B 65 -14.24 -11.54 -12.54
N SER B 66 -12.93 -11.72 -12.72
CA SER B 66 -12.14 -12.52 -11.78
C SER B 66 -11.61 -11.65 -10.64
N ASP B 67 -11.00 -12.31 -9.65
CA ASP B 67 -10.37 -11.63 -8.53
C ASP B 67 -8.95 -11.26 -8.91
N VAL B 68 -8.47 -10.09 -8.48
CA VAL B 68 -7.10 -9.73 -8.81
C VAL B 68 -6.17 -10.48 -7.89
N ILE B 69 -6.66 -10.77 -6.70
CA ILE B 69 -5.87 -11.46 -5.70
C ILE B 69 -5.44 -12.81 -6.21
N SER B 70 -6.35 -13.52 -6.81
CA SER B 70 -6.08 -14.81 -7.40
C SER B 70 -4.84 -14.74 -8.33
N GLU B 71 -4.68 -13.62 -9.01
CA GLU B 71 -3.58 -13.40 -9.94
C GLU B 71 -2.36 -12.88 -9.22
N TYR B 72 -2.59 -12.14 -8.17
CA TYR B 72 -1.53 -11.52 -7.40
C TYR B 72 -0.85 -12.58 -6.54
N VAL B 73 -1.66 -13.52 -6.08
CA VAL B 73 -1.14 -14.66 -5.34
C VAL B 73 -0.44 -15.56 -6.34
N LYS B 74 -0.99 -15.57 -7.55
CA LYS B 74 -0.43 -16.28 -8.67
C LYS B 74 0.90 -15.66 -9.07
N ALA B 75 1.01 -14.37 -8.85
CA ALA B 75 2.24 -13.65 -9.08
C ALA B 75 3.33 -14.19 -8.16
N CYS B 76 2.99 -14.38 -6.90
CA CYS B 76 3.91 -14.95 -5.94
C CYS B 76 3.74 -16.46 -5.83
N ASP B 77 2.95 -17.02 -6.73
CA ASP B 77 2.81 -18.47 -6.83
C ASP B 77 4.14 -19.08 -7.25
N GLY B 78 5.02 -18.25 -7.78
CA GLY B 78 6.36 -18.66 -8.07
C GLY B 78 7.38 -18.02 -7.12
N ILE B 79 6.91 -17.29 -6.11
CA ILE B 79 7.80 -16.68 -5.14
C ILE B 79 7.73 -17.37 -3.79
N GLY B 80 8.89 -17.73 -3.28
CA GLY B 80 9.03 -18.23 -1.94
C GLY B 80 10.45 -18.64 -1.67
N GLY B 81 11.00 -19.39 -2.61
CA GLY B 81 12.36 -19.86 -2.50
C GLY B 81 12.93 -20.20 -3.85
N ALA B 82 14.26 -20.15 -3.97
CA ALA B 82 14.94 -20.38 -5.25
C ALA B 82 14.57 -19.32 -6.28
N MET B 83 13.41 -19.47 -6.91
CA MET B 83 12.95 -18.53 -7.93
C MET B 83 12.80 -17.13 -7.34
N HIS B 84 12.32 -17.08 -6.11
CA HIS B 84 12.24 -15.82 -5.35
C HIS B 84 13.56 -15.08 -5.39
N LYS B 85 14.64 -15.80 -5.16
CA LYS B 85 15.95 -15.17 -5.06
C LYS B 85 16.64 -15.01 -6.42
N ALA B 86 16.14 -15.71 -7.42
CA ALA B 86 16.59 -15.51 -8.79
C ALA B 86 15.88 -14.30 -9.38
N MET B 87 14.63 -14.18 -9.04
CA MET B 87 13.76 -13.13 -9.51
C MET B 87 13.89 -11.87 -8.66
N LEU B 88 14.56 -12.00 -7.53
CA LEU B 88 14.75 -10.89 -6.60
C LEU B 88 15.43 -9.71 -7.30
N MET B 89 16.26 -9.99 -8.29
CA MET B 89 16.86 -8.93 -9.09
C MET B 89 15.89 -8.51 -10.20
N ALA B 90 15.27 -9.51 -10.81
CA ALA B 90 14.42 -9.32 -11.97
C ALA B 90 13.19 -8.48 -11.66
N GLN B 91 12.37 -8.97 -10.74
CA GLN B 91 11.05 -8.39 -10.52
C GLN B 91 11.11 -7.23 -9.58
N LEU B 92 11.91 -7.36 -8.50
CA LEU B 92 11.98 -6.36 -7.43
C LEU B 92 11.87 -4.97 -8.04
N GLU B 93 12.50 -4.80 -9.19
CA GLU B 93 12.32 -3.62 -9.99
C GLU B 93 12.44 -3.93 -11.48
N PRO A 1 -2.59 1.72 -14.44
CA PRO A 1 -2.34 0.75 -13.37
C PRO A 1 -3.51 0.78 -12.41
N SER A 2 -3.23 0.65 -11.13
CA SER A 2 -4.19 1.01 -10.12
C SER A 2 -4.29 2.53 -10.08
N PHE A 3 -5.14 3.03 -9.23
CA PHE A 3 -5.20 4.45 -9.03
C PHE A 3 -4.03 4.93 -8.20
N ASN A 4 -3.88 4.28 -7.07
CA ASN A 4 -3.06 4.80 -6.00
C ASN A 4 -1.59 4.40 -6.12
N THR A 5 -1.24 3.70 -7.16
CA THR A 5 0.13 3.19 -7.30
C THR A 5 1.15 4.33 -7.41
N VAL A 6 0.65 5.57 -7.42
CA VAL A 6 1.51 6.73 -7.44
C VAL A 6 2.10 6.96 -6.07
N ARG A 7 3.41 6.90 -5.97
CA ARG A 7 4.02 6.92 -4.67
C ARG A 7 5.24 7.81 -4.58
N GLN A 8 5.38 8.36 -3.39
CA GLN A 8 6.48 9.20 -2.99
C GLN A 8 7.85 8.70 -3.47
N GLY A 9 8.52 9.54 -4.23
CA GLY A 9 9.91 9.30 -4.58
C GLY A 9 10.83 9.94 -3.54
N SER A 10 12.09 10.17 -3.92
CA SER A 10 13.08 10.75 -3.02
C SER A 10 12.54 11.99 -2.30
N LYS A 11 12.13 11.77 -1.03
CA LYS A 11 11.45 12.78 -0.20
C LYS A 11 10.47 13.63 -1.01
N GLU A 12 9.71 12.99 -1.90
CA GLU A 12 8.71 13.67 -2.70
C GLU A 12 7.72 14.38 -1.78
N PRO A 13 7.33 15.63 -2.10
CA PRO A 13 6.40 16.40 -1.27
C PRO A 13 5.20 15.56 -0.92
N TYR A 14 4.99 15.37 0.37
CA TYR A 14 4.06 14.37 0.81
C TYR A 14 2.60 14.74 0.56
N PRO A 15 2.12 15.94 0.99
CA PRO A 15 0.73 16.33 0.75
C PRO A 15 0.40 16.27 -0.73
N ASP A 16 1.46 16.27 -1.52
CA ASP A 16 1.37 16.22 -2.96
C ASP A 16 1.39 14.79 -3.46
N PHE A 17 2.26 13.97 -2.86
CA PHE A 17 2.32 12.54 -3.18
C PHE A 17 0.93 11.94 -2.99
N VAL A 18 0.31 12.34 -1.89
CA VAL A 18 -1.00 11.82 -1.53
C VAL A 18 -2.12 12.58 -2.26
N ALA A 19 -1.94 13.85 -2.53
CA ALA A 19 -2.94 14.60 -3.31
C ALA A 19 -3.16 13.99 -4.68
N ARG A 20 -2.12 13.46 -5.30
CA ARG A 20 -2.27 12.81 -6.59
C ARG A 20 -2.77 11.40 -6.33
N LEU A 21 -2.40 10.90 -5.15
CA LEU A 21 -2.89 9.62 -4.66
C LEU A 21 -4.42 9.66 -4.62
N GLN A 22 -4.95 10.74 -4.04
CA GLN A 22 -6.37 10.94 -3.91
C GLN A 22 -6.99 11.23 -5.23
N ASP A 23 -6.34 12.09 -5.98
CA ASP A 23 -6.84 12.50 -7.28
C ASP A 23 -7.21 11.29 -8.09
N VAL A 24 -6.24 10.47 -8.42
CA VAL A 24 -6.47 9.37 -9.34
C VAL A 24 -7.26 8.27 -8.66
N ALA A 25 -7.24 8.28 -7.33
CA ALA A 25 -8.09 7.40 -6.56
C ALA A 25 -9.51 7.79 -6.86
N GLN A 26 -9.68 9.07 -7.02
CA GLN A 26 -10.96 9.66 -7.24
C GLN A 26 -11.42 9.40 -8.67
N LYS A 27 -10.46 9.39 -9.58
CA LYS A 27 -10.71 9.09 -10.98
C LYS A 27 -11.18 7.68 -11.18
N SER A 28 -10.52 6.79 -10.51
CA SER A 28 -10.67 5.39 -10.77
C SER A 28 -11.66 4.77 -9.80
N ILE A 29 -12.05 5.55 -8.81
CA ILE A 29 -12.97 5.10 -7.79
C ILE A 29 -14.26 5.90 -7.82
N ALA A 30 -15.39 5.20 -7.88
CA ALA A 30 -16.69 5.86 -7.82
C ALA A 30 -17.18 5.92 -6.38
N ASP A 31 -16.38 5.35 -5.49
CA ASP A 31 -16.70 5.30 -4.07
C ASP A 31 -15.83 6.26 -3.29
N GLU A 32 -16.40 7.38 -2.87
CA GLU A 32 -15.66 8.34 -2.03
C GLU A 32 -15.08 7.65 -0.80
N LYS A 33 -15.74 6.56 -0.37
CA LYS A 33 -15.28 5.79 0.76
C LYS A 33 -13.98 5.09 0.41
N ALA A 34 -14.02 4.34 -0.68
CA ALA A 34 -12.83 3.65 -1.17
C ALA A 34 -11.76 4.65 -1.59
N ARG A 35 -12.20 5.87 -1.91
CA ARG A 35 -11.29 6.91 -2.35
C ARG A 35 -10.47 7.32 -1.15
N LYS A 36 -11.14 7.72 -0.07
CA LYS A 36 -10.46 8.10 1.16
C LYS A 36 -9.59 6.98 1.65
N VAL A 37 -10.22 5.83 1.88
CA VAL A 37 -9.56 4.73 2.56
C VAL A 37 -8.26 4.35 1.90
N ILE A 38 -8.19 4.47 0.57
CA ILE A 38 -6.99 4.10 -0.12
C ILE A 38 -6.00 5.26 -0.19
N VAL A 39 -6.49 6.49 -0.19
CA VAL A 39 -5.56 7.61 -0.11
C VAL A 39 -4.94 7.65 1.28
N GLU A 40 -5.79 7.58 2.30
CA GLU A 40 -5.38 7.53 3.68
C GLU A 40 -4.52 6.31 3.99
N LEU A 41 -4.72 5.24 3.26
CA LEU A 41 -3.93 4.04 3.46
C LEU A 41 -2.62 4.09 2.68
N MET A 42 -2.71 4.34 1.38
CA MET A 42 -1.53 4.37 0.51
C MET A 42 -0.63 5.51 0.92
N ALA A 43 -1.22 6.47 1.60
CA ALA A 43 -0.48 7.53 2.23
C ALA A 43 0.67 6.96 3.07
N TYR A 44 0.48 5.75 3.56
CA TYR A 44 1.52 5.04 4.30
C TYR A 44 2.11 3.97 3.44
N GLU A 45 1.29 2.95 3.16
CA GLU A 45 1.69 1.78 2.41
C GLU A 45 2.43 2.13 1.11
N ASN A 46 2.10 3.27 0.53
CA ASN A 46 2.65 3.67 -0.75
C ASN A 46 3.67 4.79 -0.59
N ALA A 47 3.65 5.44 0.57
CA ALA A 47 4.54 6.55 0.80
C ALA A 47 5.98 6.11 0.83
N ASN A 48 6.84 7.07 1.03
CA ASN A 48 8.24 6.80 1.26
C ASN A 48 8.38 5.91 2.48
N PRO A 49 9.37 5.00 2.46
CA PRO A 49 9.62 4.09 3.57
C PRO A 49 9.83 4.84 4.89
N GLU A 50 10.33 6.06 4.78
CA GLU A 50 10.53 6.97 5.90
C GLU A 50 9.27 7.78 6.17
N CYS A 51 8.47 7.99 5.14
CA CYS A 51 7.29 8.79 5.27
C CYS A 51 6.19 7.99 5.91
N GLN A 52 6.12 6.73 5.53
CA GLN A 52 5.22 5.82 6.18
C GLN A 52 5.79 5.50 7.54
N SER A 53 7.10 5.61 7.62
CA SER A 53 7.82 5.48 8.86
C SER A 53 7.49 6.65 9.77
N ALA A 54 7.07 7.73 9.16
CA ALA A 54 6.58 8.86 9.91
C ALA A 54 5.11 8.65 10.25
N ILE A 55 4.47 7.82 9.45
CA ILE A 55 3.04 7.62 9.56
C ILE A 55 2.61 6.48 10.48
N LYS A 56 3.39 5.39 10.61
CA LYS A 56 2.93 4.23 11.42
C LYS A 56 2.34 4.61 12.79
N PRO A 57 2.83 5.67 13.49
CA PRO A 57 2.19 6.17 14.72
C PRO A 57 0.75 6.65 14.50
N LEU A 58 0.47 7.13 13.29
CA LEU A 58 -0.85 7.64 12.95
C LEU A 58 -1.58 6.60 12.14
N LYS A 59 -0.83 5.63 11.65
CA LYS A 59 -1.40 4.56 10.84
C LYS A 59 -2.55 3.91 11.58
N GLY A 60 -3.76 4.13 11.05
CA GLY A 60 -4.94 3.58 11.68
C GLY A 60 -5.58 4.58 12.62
N LYS A 61 -4.79 5.52 13.11
CA LYS A 61 -5.31 6.52 14.03
C LYS A 61 -5.51 7.83 13.30
N VAL A 62 -6.76 8.21 13.15
CA VAL A 62 -7.11 9.53 12.66
C VAL A 62 -8.03 10.21 13.67
N PRO A 63 -7.94 11.54 13.83
CA PRO A 63 -8.93 12.31 14.59
C PRO A 63 -10.34 11.92 14.18
N ALA A 64 -11.24 11.88 15.15
CA ALA A 64 -12.60 11.39 14.93
C ALA A 64 -13.34 12.23 13.90
N GLY A 65 -13.37 11.75 12.67
CA GLY A 65 -14.12 12.42 11.63
C GLY A 65 -13.24 13.26 10.71
N SER A 66 -11.97 13.40 11.06
CA SER A 66 -11.06 14.22 10.28
C SER A 66 -10.34 13.42 9.20
N ASP A 67 -9.46 14.11 8.48
CA ASP A 67 -8.67 13.52 7.41
C ASP A 67 -7.43 12.87 7.98
N VAL A 68 -7.11 11.64 7.56
CA VAL A 68 -5.88 11.03 8.04
C VAL A 68 -4.72 11.56 7.22
N ILE A 69 -4.99 11.89 5.98
CA ILE A 69 -3.97 12.40 5.09
C ILE A 69 -3.35 13.65 5.68
N SER A 70 -4.20 14.53 6.13
CA SER A 70 -3.79 15.74 6.83
C SER A 70 -2.72 15.45 7.89
N GLU A 71 -2.84 14.31 8.56
CA GLU A 71 -1.93 13.91 9.61
C GLU A 71 -0.72 13.20 9.03
N TYR A 72 -0.95 12.50 7.96
CA TYR A 72 0.07 11.69 7.32
C TYR A 72 1.02 12.59 6.56
N VAL A 73 0.47 13.66 6.00
CA VAL A 73 1.28 14.67 5.36
C VAL A 73 1.99 15.46 6.44
N LYS A 74 1.32 15.57 7.59
CA LYS A 74 1.89 16.20 8.76
C LYS A 74 3.04 15.36 9.27
N ALA A 75 2.92 14.06 9.05
CA ALA A 75 3.96 13.11 9.41
C ALA A 75 5.23 13.39 8.61
N CYS A 76 5.08 13.57 7.31
CA CYS A 76 6.21 13.87 6.44
C CYS A 76 6.43 15.36 6.31
N ASP A 77 5.66 16.13 7.06
CA ASP A 77 5.82 17.57 7.11
C ASP A 77 7.22 17.93 7.61
N GLY A 78 7.89 16.95 8.22
CA GLY A 78 9.25 17.15 8.64
C GLY A 78 10.22 16.16 7.99
N ILE A 79 9.83 15.58 6.84
CA ILE A 79 10.70 14.66 6.12
C ILE A 79 11.37 15.29 4.90
N GLY A 80 10.92 16.48 4.53
CA GLY A 80 11.32 17.05 3.26
C GLY A 80 12.78 17.52 3.18
N GLY A 81 13.62 17.13 4.14
CA GLY A 81 15.05 17.35 3.99
C GLY A 81 15.71 17.98 5.19
N ALA A 82 15.86 17.20 6.26
CA ALA A 82 16.59 17.61 7.46
C ALA A 82 16.62 16.47 8.46
N MET A 83 15.63 16.44 9.36
CA MET A 83 15.53 15.37 10.35
C MET A 83 15.23 14.05 9.67
N HIS A 84 14.78 14.13 8.42
CA HIS A 84 14.56 12.97 7.57
C HIS A 84 15.78 12.04 7.56
N LYS A 85 16.97 12.61 7.64
CA LYS A 85 18.19 11.83 7.55
C LYS A 85 18.54 11.22 8.91
N ALA A 86 18.03 11.83 9.97
CA ALA A 86 18.21 11.31 11.33
C ALA A 86 17.15 10.28 11.65
N MET A 87 15.94 10.59 11.21
CA MET A 87 14.76 9.77 11.51
C MET A 87 14.60 8.64 10.52
N LEU A 88 15.35 8.71 9.43
CA LEU A 88 15.31 7.68 8.41
C LEU A 88 15.49 6.30 9.04
N MET A 89 16.60 6.11 9.73
CA MET A 89 16.96 4.79 10.25
C MET A 89 16.07 4.42 11.42
N ALA A 90 15.49 5.41 12.08
CA ALA A 90 14.78 5.17 13.33
C ALA A 90 13.31 4.82 13.13
N GLN A 91 12.83 4.93 11.91
CA GLN A 91 11.43 4.62 11.65
C GLN A 91 11.28 3.72 10.42
N LEU A 92 12.11 3.96 9.40
CA LEU A 92 12.21 3.08 8.24
C LEU A 92 12.39 1.66 8.76
N GLU A 93 13.11 1.60 9.88
CA GLU A 93 13.57 0.38 10.55
C GLU A 93 12.76 -0.86 10.20
N PRO B 1 -4.55 -1.04 14.05
CA PRO B 1 -3.99 -0.16 13.03
C PRO B 1 -5.03 0.04 11.93
N SER B 2 -4.57 0.11 10.69
CA SER B 2 -5.46 -0.07 9.58
C SER B 2 -5.85 -1.53 9.50
N PHE B 3 -6.68 -1.87 8.56
CA PHE B 3 -7.02 -3.25 8.35
C PHE B 3 -5.87 -3.95 7.65
N ASN B 4 -5.47 -3.36 6.54
CA ASN B 4 -4.64 -4.05 5.58
C ASN B 4 -3.15 -3.94 5.87
N THR B 5 -2.78 -3.31 6.95
CA THR B 5 -1.37 -3.09 7.25
C THR B 5 -0.62 -4.41 7.45
N VAL B 6 -1.35 -5.52 7.40
CA VAL B 6 -0.75 -6.83 7.50
C VAL B 6 -0.07 -7.19 6.19
N ARG B 7 1.23 -7.39 6.25
CA ARG B 7 1.98 -7.54 5.04
C ARG B 7 3.00 -8.66 5.07
N GLN B 8 3.17 -9.23 3.89
CA GLN B 8 4.12 -10.28 3.61
C GLN B 8 5.48 -10.06 4.24
N GLY B 9 5.89 -11.01 5.07
CA GLY B 9 7.25 -11.05 5.57
C GLY B 9 8.14 -11.85 4.65
N SER B 10 9.26 -12.34 5.17
CA SER B 10 10.23 -13.11 4.37
C SER B 10 9.53 -14.22 3.58
N LYS B 11 9.33 -13.95 2.28
CA LYS B 11 8.56 -14.81 1.36
C LYS B 11 7.34 -15.44 2.05
N GLU B 12 6.63 -14.65 2.85
CA GLU B 12 5.42 -15.11 3.51
C GLU B 12 4.43 -15.62 2.48
N PRO B 13 3.76 -16.76 2.74
CA PRO B 13 2.81 -17.34 1.79
C PRO B 13 1.85 -16.28 1.31
N TYR B 14 1.82 -16.06 0.02
CA TYR B 14 1.17 -14.90 -0.52
C TYR B 14 -0.35 -14.98 -0.44
N PRO B 15 -1.01 -16.06 -0.93
CA PRO B 15 -2.47 -16.16 -0.87
C PRO B 15 -2.96 -16.03 0.57
N ASP B 16 -2.01 -16.23 1.48
CA ASP B 16 -2.25 -16.14 2.90
C ASP B 16 -2.00 -14.73 3.42
N PHE B 17 -0.93 -14.11 2.93
CA PHE B 17 -0.62 -12.73 3.28
C PHE B 17 -1.83 -11.87 2.93
N VAL B 18 -2.39 -12.13 1.76
CA VAL B 18 -3.51 -11.39 1.27
C VAL B 18 -4.84 -11.88 1.85
N ALA B 19 -4.95 -13.16 2.13
CA ALA B 19 -6.17 -13.69 2.77
C ALA B 19 -6.42 -13.05 4.13
N ARG B 20 -5.36 -12.73 4.86
CA ARG B 20 -5.53 -12.04 6.12
C ARG B 20 -5.70 -10.57 5.84
N LEU B 21 -5.12 -10.15 4.72
CA LEU B 21 -5.29 -8.81 4.19
C LEU B 21 -6.78 -8.55 3.97
N GLN B 22 -7.44 -9.50 3.31
CA GLN B 22 -8.84 -9.41 3.03
C GLN B 22 -9.66 -9.57 4.26
N ASP B 23 -9.28 -10.54 5.06
CA ASP B 23 -10.00 -10.82 6.29
C ASP B 23 -10.22 -9.55 7.08
N VAL B 24 -9.14 -8.93 7.52
CA VAL B 24 -9.25 -7.81 8.43
C VAL B 24 -9.73 -6.58 7.68
N ALA B 25 -9.56 -6.61 6.36
CA ALA B 25 -10.12 -5.58 5.51
C ALA B 25 -11.62 -5.67 5.64
N GLN B 26 -12.05 -6.90 5.76
CA GLN B 26 -13.45 -7.22 5.82
C GLN B 26 -14.00 -6.86 7.19
N LYS B 27 -13.17 -7.03 8.21
CA LYS B 27 -13.51 -6.68 9.57
C LYS B 27 -13.72 -5.20 9.74
N SER B 28 -12.82 -4.47 9.16
CA SER B 28 -12.71 -3.05 9.42
C SER B 28 -13.45 -2.27 8.36
N ILE B 29 -13.87 -2.96 7.32
CA ILE B 29 -14.55 -2.33 6.21
C ILE B 29 -15.98 -2.87 6.08
N ALA B 30 -16.94 -1.97 6.02
CA ALA B 30 -18.33 -2.35 5.80
C ALA B 30 -18.66 -2.33 4.31
N ASP B 31 -17.67 -1.94 3.53
CA ASP B 31 -17.80 -1.84 2.08
C ASP B 31 -17.05 -2.95 1.39
N GLU B 32 -17.78 -3.94 0.89
CA GLU B 32 -17.16 -5.04 0.13
C GLU B 32 -16.31 -4.49 -1.01
N LYS B 33 -16.68 -3.30 -1.50
CA LYS B 33 -15.96 -2.64 -2.56
C LYS B 33 -14.60 -2.22 -2.06
N ALA B 34 -14.61 -1.47 -0.96
CA ALA B 34 -13.37 -1.02 -0.34
C ALA B 34 -12.58 -2.20 0.19
N ARG B 35 -13.29 -3.31 0.45
CA ARG B 35 -12.66 -4.51 0.97
C ARG B 35 -11.80 -5.09 -0.13
N LYS B 36 -12.42 -5.35 -1.29
CA LYS B 36 -11.68 -5.87 -2.44
C LYS B 36 -10.55 -4.95 -2.81
N VAL B 37 -10.90 -3.69 -3.10
CA VAL B 37 -9.97 -2.76 -3.69
C VAL B 37 -8.70 -2.64 -2.87
N ILE B 38 -8.82 -2.75 -1.55
CA ILE B 38 -7.64 -2.63 -0.71
C ILE B 38 -6.94 -3.96 -0.55
N VAL B 39 -7.65 -5.07 -0.62
CA VAL B 39 -6.96 -6.35 -0.61
C VAL B 39 -6.20 -6.53 -1.92
N GLU B 40 -6.90 -6.30 -3.03
CA GLU B 40 -6.33 -6.34 -4.36
C GLU B 40 -5.21 -5.33 -4.54
N LEU B 41 -5.28 -4.22 -3.82
CA LEU B 41 -4.24 -3.21 -3.92
C LEU B 41 -3.08 -3.51 -3.00
N MET B 42 -3.36 -3.73 -1.71
CA MET B 42 -2.32 -3.98 -0.72
C MET B 42 -1.63 -5.29 -1.03
N ALA B 43 -2.31 -6.11 -1.80
CA ALA B 43 -1.73 -7.31 -2.35
C ALA B 43 -0.40 -6.98 -3.04
N TYR B 44 -0.29 -5.77 -3.54
CA TYR B 44 0.95 -5.29 -4.15
C TYR B 44 1.64 -4.34 -3.20
N GLU B 45 1.02 -3.19 -3.00
CA GLU B 45 1.56 -2.11 -2.19
C GLU B 45 2.04 -2.59 -0.82
N ASN B 46 1.42 -3.63 -0.30
CA ASN B 46 1.74 -4.12 1.02
C ASN B 46 2.53 -5.42 0.97
N ALA B 47 2.51 -6.06 -0.19
CA ALA B 47 3.19 -7.33 -0.34
C ALA B 47 4.68 -7.18 -0.19
N ASN B 48 5.36 -8.30 -0.31
CA ASN B 48 6.80 -8.32 -0.37
C ASN B 48 7.25 -7.48 -1.55
N PRO B 49 8.39 -6.80 -1.42
CA PRO B 49 8.95 -5.96 -2.48
C PRO B 49 9.15 -6.74 -3.78
N GLU B 50 9.39 -8.03 -3.63
CA GLU B 50 9.52 -8.98 -4.73
C GLU B 50 8.16 -9.53 -5.15
N CYS B 51 7.23 -9.56 -4.22
CA CYS B 51 5.94 -10.12 -4.50
C CYS B 51 5.09 -9.12 -5.24
N GLN B 52 5.23 -7.87 -4.86
CA GLN B 52 4.62 -6.80 -5.60
C GLN B 52 5.40 -6.62 -6.88
N SER B 53 6.65 -6.98 -6.81
CA SER B 53 7.52 -7.00 -7.96
C SER B 53 7.08 -8.10 -8.92
N ALA B 54 6.38 -9.07 -8.37
CA ALA B 54 5.76 -10.08 -9.19
C ALA B 54 4.42 -9.59 -9.69
N ILE B 55 3.86 -8.64 -8.96
CA ILE B 55 2.53 -8.17 -9.23
C ILE B 55 2.44 -6.98 -10.17
N LYS B 56 3.42 -6.06 -10.19
CA LYS B 56 3.31 -4.84 -11.03
C LYS B 56 2.82 -5.10 -12.48
N PRO B 57 3.16 -6.25 -13.12
CA PRO B 57 2.59 -6.62 -14.43
C PRO B 57 1.06 -6.78 -14.39
N LEU B 58 0.54 -7.21 -13.23
CA LEU B 58 -0.88 -7.45 -13.05
C LEU B 58 -1.47 -6.28 -12.31
N LYS B 59 -0.61 -5.47 -11.72
CA LYS B 59 -1.04 -4.30 -10.97
C LYS B 59 -1.95 -3.43 -11.82
N GLY B 60 -3.23 -3.40 -11.45
CA GLY B 60 -4.19 -2.64 -12.19
C GLY B 60 -4.91 -3.48 -13.21
N LYS B 61 -4.28 -4.58 -13.62
CA LYS B 61 -4.88 -5.46 -14.61
C LYS B 61 -5.42 -6.70 -13.93
N VAL B 62 -6.73 -6.83 -13.93
CA VAL B 62 -7.38 -8.04 -13.50
C VAL B 62 -8.29 -8.54 -14.62
N PRO B 63 -8.45 -9.86 -14.79
CA PRO B 63 -9.47 -10.43 -15.66
C PRO B 63 -10.83 -9.77 -15.41
N ALA B 64 -11.57 -9.54 -16.49
CA ALA B 64 -12.82 -8.80 -16.41
C ALA B 64 -13.83 -9.47 -15.49
N GLY B 65 -13.91 -8.98 -14.26
CA GLY B 65 -14.89 -9.49 -13.32
C GLY B 65 -14.31 -10.46 -12.32
N SER B 66 -13.06 -10.85 -12.52
CA SER B 66 -12.43 -11.83 -11.65
C SER B 66 -11.68 -11.18 -10.49
N ASP B 67 -11.05 -12.03 -9.69
CA ASP B 67 -10.30 -11.60 -8.52
C ASP B 67 -8.88 -11.20 -8.94
N VAL B 68 -8.39 -10.07 -8.46
CA VAL B 68 -7.01 -9.71 -8.79
C VAL B 68 -6.08 -10.45 -7.85
N ILE B 69 -6.55 -10.72 -6.65
CA ILE B 69 -5.77 -11.42 -5.65
C ILE B 69 -5.34 -12.76 -6.19
N SER B 70 -6.29 -13.46 -6.76
CA SER B 70 -6.05 -14.74 -7.41
C SER B 70 -4.82 -14.68 -8.34
N GLU B 71 -4.64 -13.54 -9.01
CA GLU B 71 -3.54 -13.34 -9.94
C GLU B 71 -2.30 -12.88 -9.22
N TYR B 72 -2.52 -12.13 -8.17
CA TYR B 72 -1.44 -11.53 -7.41
C TYR B 72 -0.77 -12.60 -6.54
N VAL B 73 -1.58 -13.53 -6.06
CA VAL B 73 -1.08 -14.68 -5.36
C VAL B 73 -0.41 -15.61 -6.36
N LYS B 74 -0.96 -15.59 -7.58
CA LYS B 74 -0.40 -16.33 -8.68
C LYS B 74 0.95 -15.75 -9.05
N ALA B 75 1.06 -14.45 -8.83
CA ALA B 75 2.31 -13.73 -9.05
C ALA B 75 3.40 -14.25 -8.12
N CYS B 76 3.06 -14.38 -6.85
CA CYS B 76 4.01 -14.89 -5.85
C CYS B 76 3.91 -16.40 -5.71
N ASP B 77 3.10 -17.00 -6.56
CA ASP B 77 2.97 -18.44 -6.62
C ASP B 77 4.31 -19.09 -6.96
N GLY B 78 5.23 -18.27 -7.47
CA GLY B 78 6.58 -18.74 -7.73
C GLY B 78 7.63 -17.95 -6.96
N ILE B 79 7.24 -17.29 -5.86
CA ILE B 79 8.19 -16.55 -5.03
C ILE B 79 8.58 -17.29 -3.76
N GLY B 80 7.86 -18.35 -3.46
CA GLY B 80 7.99 -18.99 -2.16
C GLY B 80 9.30 -19.74 -1.92
N GLY B 81 10.30 -19.54 -2.76
CA GLY B 81 11.64 -20.03 -2.46
C GLY B 81 12.29 -20.79 -3.58
N ALA B 82 12.72 -20.07 -4.61
CA ALA B 82 13.48 -20.63 -5.73
C ALA B 82 13.86 -19.53 -6.71
N MET B 83 13.00 -19.31 -7.71
CA MET B 83 13.23 -18.25 -8.69
C MET B 83 13.13 -16.88 -8.02
N HIS B 84 12.53 -16.87 -6.84
CA HIS B 84 12.45 -15.68 -6.01
C HIS B 84 13.81 -15.01 -5.84
N LYS B 85 14.87 -15.81 -5.79
CA LYS B 85 16.20 -15.27 -5.56
C LYS B 85 16.82 -14.76 -6.85
N ALA B 86 16.33 -15.27 -7.97
CA ALA B 86 16.76 -14.82 -9.29
C ALA B 86 15.96 -13.60 -9.72
N MET B 87 14.67 -13.65 -9.43
CA MET B 87 13.73 -12.63 -9.85
C MET B 87 13.69 -11.47 -8.88
N LEU B 88 14.27 -11.68 -7.70
CA LEU B 88 14.32 -10.65 -6.69
C LEU B 88 14.84 -9.34 -7.28
N MET B 89 16.05 -9.38 -7.81
CA MET B 89 16.71 -8.18 -8.27
C MET B 89 16.05 -7.63 -9.54
N ALA B 90 15.37 -8.50 -10.27
CA ALA B 90 14.88 -8.13 -11.59
C ALA B 90 13.50 -7.49 -11.55
N GLN B 91 12.85 -7.50 -10.39
CA GLN B 91 11.53 -6.91 -10.30
C GLN B 91 11.41 -5.99 -9.08
N LEU B 92 12.07 -6.39 -7.98
CA LEU B 92 12.20 -5.52 -6.80
C LEU B 92 12.72 -4.17 -7.28
N GLU B 93 13.57 -4.27 -8.31
CA GLU B 93 14.33 -3.18 -8.92
C GLU B 93 13.72 -1.80 -8.63
N PRO A 1 -2.35 1.64 -14.43
CA PRO A 1 -2.15 0.68 -13.34
C PRO A 1 -3.31 0.77 -12.37
N SER A 2 -3.04 0.53 -11.10
CA SER A 2 -3.93 0.95 -10.05
C SER A 2 -3.95 2.46 -10.01
N PHE A 3 -4.87 3.02 -9.27
CA PHE A 3 -4.90 4.45 -9.15
C PHE A 3 -3.76 4.94 -8.27
N ASN A 4 -3.72 4.40 -7.08
CA ASN A 4 -2.90 4.98 -6.01
C ASN A 4 -1.48 4.47 -6.03
N THR A 5 -1.18 3.54 -6.90
CA THR A 5 0.12 2.91 -6.87
C THR A 5 1.24 3.94 -7.18
N VAL A 6 0.83 5.18 -7.42
CA VAL A 6 1.76 6.29 -7.48
C VAL A 6 2.20 6.63 -6.07
N ARG A 7 3.48 6.83 -5.84
CA ARG A 7 3.90 7.06 -4.49
C ARG A 7 5.21 7.82 -4.33
N GLN A 8 5.34 8.38 -3.14
CA GLN A 8 6.48 9.19 -2.71
C GLN A 8 7.81 8.64 -3.20
N GLY A 9 8.42 9.37 -4.13
CA GLY A 9 9.75 9.02 -4.58
C GLY A 9 10.81 9.57 -3.66
N SER A 10 11.99 9.86 -4.22
CA SER A 10 13.11 10.39 -3.43
C SER A 10 12.68 11.65 -2.68
N LYS A 11 12.36 11.46 -1.40
CA LYS A 11 11.84 12.51 -0.51
C LYS A 11 10.81 13.41 -1.22
N GLU A 12 9.91 12.81 -1.99
CA GLU A 12 8.84 13.54 -2.65
C GLU A 12 7.98 14.26 -1.61
N PRO A 13 7.53 15.50 -1.90
CA PRO A 13 6.65 16.23 -0.99
C PRO A 13 5.42 15.40 -0.69
N TYR A 14 5.19 15.15 0.59
CA TYR A 14 4.21 14.18 0.99
C TYR A 14 2.78 14.61 0.69
N PRO A 15 2.31 15.80 1.13
CA PRO A 15 0.93 16.23 0.88
C PRO A 15 0.62 16.22 -0.61
N ASP A 16 1.69 16.22 -1.38
CA ASP A 16 1.64 16.20 -2.82
C ASP A 16 1.63 14.77 -3.34
N PHE A 17 2.47 13.92 -2.74
CA PHE A 17 2.51 12.51 -3.07
C PHE A 17 1.12 11.93 -2.91
N VAL A 18 0.49 12.27 -1.80
CA VAL A 18 -0.81 11.77 -1.48
C VAL A 18 -1.89 12.52 -2.26
N ALA A 19 -1.69 13.80 -2.51
CA ALA A 19 -2.65 14.56 -3.32
C ALA A 19 -2.83 13.90 -4.69
N ARG A 20 -1.76 13.39 -5.29
CA ARG A 20 -1.89 12.75 -6.57
C ARG A 20 -2.41 11.35 -6.35
N LEU A 21 -2.09 10.83 -5.17
CA LEU A 21 -2.63 9.57 -4.69
C LEU A 21 -4.15 9.61 -4.72
N GLN A 22 -4.67 10.70 -4.17
CA GLN A 22 -6.10 10.96 -4.14
C GLN A 22 -6.63 11.22 -5.50
N ASP A 23 -6.03 12.19 -6.14
CA ASP A 23 -6.45 12.63 -7.46
C ASP A 23 -6.71 11.45 -8.37
N VAL A 24 -5.74 10.55 -8.44
CA VAL A 24 -5.84 9.47 -9.37
C VAL A 24 -6.77 8.39 -8.83
N ALA A 25 -6.87 8.34 -7.50
CA ALA A 25 -7.78 7.42 -6.87
C ALA A 25 -9.17 7.87 -7.20
N GLN A 26 -9.30 9.16 -7.35
CA GLN A 26 -10.55 9.79 -7.65
C GLN A 26 -10.93 9.53 -9.10
N LYS A 27 -9.90 9.49 -9.94
CA LYS A 27 -10.06 9.22 -11.36
C LYS A 27 -10.54 7.80 -11.63
N SER A 28 -9.99 6.85 -10.89
CA SER A 28 -10.24 5.45 -11.17
C SER A 28 -11.30 4.89 -10.24
N ILE A 29 -11.65 5.68 -9.24
CA ILE A 29 -12.64 5.27 -8.27
C ILE A 29 -13.91 6.11 -8.42
N ALA A 30 -15.05 5.44 -8.50
CA ALA A 30 -16.32 6.13 -8.64
C ALA A 30 -16.91 6.46 -7.28
N ASP A 31 -16.24 6.01 -6.22
CA ASP A 31 -16.75 6.21 -4.87
C ASP A 31 -15.82 7.07 -4.03
N GLU A 32 -16.42 7.94 -3.25
CA GLU A 32 -15.68 8.78 -2.32
C GLU A 32 -15.11 7.93 -1.19
N LYS A 33 -15.80 6.85 -0.84
CA LYS A 33 -15.40 6.02 0.28
C LYS A 33 -14.12 5.31 -0.08
N ALA A 34 -14.15 4.62 -1.22
CA ALA A 34 -13.00 3.90 -1.71
C ALA A 34 -11.86 4.87 -2.03
N ARG A 35 -12.22 6.12 -2.35
CA ARG A 35 -11.22 7.14 -2.66
C ARG A 35 -10.45 7.43 -1.40
N LYS A 36 -11.17 7.86 -0.37
CA LYS A 36 -10.56 8.15 0.93
C LYS A 36 -9.75 6.98 1.42
N VAL A 37 -10.44 5.86 1.60
CA VAL A 37 -9.87 4.71 2.28
C VAL A 37 -8.53 4.32 1.66
N ILE A 38 -8.40 4.51 0.35
CA ILE A 38 -7.15 4.16 -0.30
C ILE A 38 -6.16 5.30 -0.29
N VAL A 39 -6.60 6.55 -0.41
CA VAL A 39 -5.65 7.65 -0.33
C VAL A 39 -5.05 7.71 1.08
N GLU A 40 -5.92 7.63 2.07
CA GLU A 40 -5.55 7.60 3.47
C GLU A 40 -4.68 6.40 3.82
N LEU A 41 -4.90 5.29 3.12
CA LEU A 41 -4.12 4.08 3.39
C LEU A 41 -2.78 4.10 2.66
N MET A 42 -2.83 4.34 1.34
CA MET A 42 -1.64 4.32 0.49
C MET A 42 -0.72 5.46 0.88
N ALA A 43 -1.31 6.44 1.54
CA ALA A 43 -0.56 7.51 2.15
C ALA A 43 0.56 6.94 3.02
N TYR A 44 0.33 5.75 3.55
CA TYR A 44 1.34 5.05 4.30
C TYR A 44 1.91 3.96 3.42
N GLU A 45 1.06 2.99 3.12
CA GLU A 45 1.46 1.77 2.44
C GLU A 45 2.29 2.06 1.18
N ASN A 46 2.04 3.20 0.55
CA ASN A 46 2.68 3.54 -0.67
C ASN A 46 3.77 4.60 -0.45
N ALA A 47 3.67 5.34 0.65
CA ALA A 47 4.58 6.46 0.91
C ALA A 47 6.03 6.03 1.02
N ASN A 48 6.88 7.01 1.24
CA ASN A 48 8.27 6.76 1.52
C ASN A 48 8.41 5.95 2.78
N PRO A 49 9.36 5.00 2.81
CA PRO A 49 9.57 4.13 3.96
C PRO A 49 9.48 4.88 5.29
N GLU A 50 10.20 5.98 5.38
CA GLU A 50 10.26 6.82 6.56
C GLU A 50 8.99 7.63 6.72
N CYS A 51 8.31 7.91 5.62
CA CYS A 51 7.16 8.78 5.65
C CYS A 51 5.95 8.00 6.13
N GLN A 52 5.84 6.77 5.68
CA GLN A 52 4.82 5.88 6.19
C GLN A 52 5.19 5.55 7.61
N SER A 53 6.47 5.53 7.83
CA SER A 53 7.03 5.34 9.13
C SER A 53 6.74 6.53 10.04
N ALA A 54 6.58 7.67 9.45
CA ALA A 54 6.11 8.81 10.18
C ALA A 54 4.65 8.60 10.52
N ILE A 55 4.03 7.76 9.71
CA ILE A 55 2.62 7.50 9.79
C ILE A 55 2.24 6.33 10.72
N LYS A 56 3.11 5.32 10.95
CA LYS A 56 2.72 4.16 11.83
C LYS A 56 1.88 4.58 13.03
N PRO A 57 2.31 5.63 13.78
CA PRO A 57 1.59 6.11 14.96
C PRO A 57 0.17 6.61 14.64
N LEU A 58 -0.02 7.02 13.39
CA LEU A 58 -1.30 7.54 12.93
C LEU A 58 -1.96 6.48 12.10
N LYS A 59 -1.18 5.50 11.69
CA LYS A 59 -1.66 4.42 10.86
C LYS A 59 -2.93 3.78 11.43
N GLY A 60 -4.05 4.02 10.75
CA GLY A 60 -5.32 3.51 11.20
C GLY A 60 -6.04 4.48 12.12
N LYS A 61 -5.28 5.41 12.68
CA LYS A 61 -5.83 6.36 13.63
C LYS A 61 -6.01 7.72 12.98
N VAL A 62 -7.25 8.15 12.85
CA VAL A 62 -7.52 9.50 12.40
C VAL A 62 -8.37 10.25 13.43
N PRO A 63 -8.03 11.53 13.70
CA PRO A 63 -8.86 12.41 14.53
C PRO A 63 -10.33 12.39 14.10
N ALA A 64 -11.22 12.46 15.08
CA ALA A 64 -12.64 12.40 14.82
C ALA A 64 -13.10 13.59 13.98
N GLY A 65 -13.35 13.35 12.70
CA GLY A 65 -13.84 14.39 11.83
C GLY A 65 -12.78 14.90 10.88
N SER A 66 -11.52 14.61 11.19
CA SER A 66 -10.41 15.07 10.35
C SER A 66 -10.10 14.06 9.26
N ASP A 67 -9.26 14.48 8.33
CA ASP A 67 -8.75 13.61 7.29
C ASP A 67 -7.50 12.93 7.78
N VAL A 68 -7.27 11.69 7.39
CA VAL A 68 -6.07 11.01 7.86
C VAL A 68 -4.88 11.52 7.06
N ILE A 69 -5.14 11.90 5.82
CA ILE A 69 -4.10 12.39 4.96
C ILE A 69 -3.47 13.63 5.56
N SER A 70 -4.31 14.53 5.99
CA SER A 70 -3.87 15.75 6.65
C SER A 70 -2.82 15.45 7.73
N GLU A 71 -3.00 14.34 8.43
CA GLU A 71 -2.14 13.94 9.52
C GLU A 71 -0.95 13.16 9.00
N TYR A 72 -1.18 12.42 7.94
CA TYR A 72 -0.16 11.57 7.37
C TYR A 72 0.85 12.44 6.62
N VAL A 73 0.34 13.50 6.00
CA VAL A 73 1.18 14.48 5.34
C VAL A 73 1.93 15.25 6.41
N LYS A 74 1.23 15.44 7.53
CA LYS A 74 1.76 16.11 8.68
C LYS A 74 2.82 15.24 9.35
N ALA A 75 2.65 13.93 9.18
CA ALA A 75 3.64 12.97 9.62
C ALA A 75 4.95 13.21 8.90
N CYS A 76 4.84 13.43 7.60
CA CYS A 76 6.03 13.70 6.77
C CYS A 76 6.22 15.20 6.57
N ASP A 77 5.46 15.99 7.30
CA ASP A 77 5.62 17.44 7.28
C ASP A 77 7.02 17.83 7.77
N GLY A 78 7.64 16.93 8.52
CA GLY A 78 9.00 17.14 8.97
C GLY A 78 10.02 16.35 8.16
N ILE A 79 9.55 15.42 7.34
CA ILE A 79 10.44 14.59 6.54
C ILE A 79 10.78 15.27 5.22
N GLY A 80 12.04 15.21 4.84
CA GLY A 80 12.45 15.72 3.56
C GLY A 80 13.92 16.03 3.49
N GLY A 81 14.73 15.00 3.22
CA GLY A 81 16.14 15.20 2.99
C GLY A 81 16.99 15.00 4.23
N ALA A 82 17.68 16.05 4.67
CA ALA A 82 18.61 15.95 5.79
C ALA A 82 17.94 15.42 7.04
N MET A 83 16.78 16.00 7.38
CA MET A 83 16.03 15.55 8.54
C MET A 83 15.56 14.11 8.33
N HIS A 84 15.31 13.76 7.07
CA HIS A 84 14.89 12.41 6.71
C HIS A 84 16.02 11.42 6.97
N LYS A 85 17.25 11.88 6.89
CA LYS A 85 18.39 11.01 7.10
C LYS A 85 18.70 10.89 8.58
N ALA A 86 18.20 11.84 9.35
CA ALA A 86 18.35 11.83 10.80
C ALA A 86 17.25 11.00 11.46
N MET A 87 16.03 11.23 11.00
CA MET A 87 14.86 10.60 11.57
C MET A 87 14.66 9.19 11.03
N LEU A 88 15.40 8.86 9.99
CA LEU A 88 15.36 7.52 9.40
C LEU A 88 15.66 6.44 10.45
N MET A 89 16.31 6.84 11.52
CA MET A 89 16.58 5.92 12.62
C MET A 89 15.38 5.84 13.56
N ALA A 90 14.53 6.84 13.54
CA ALA A 90 13.47 6.96 14.52
C ALA A 90 12.10 6.70 13.93
N GLN A 91 11.66 7.53 13.00
CA GLN A 91 10.32 7.42 12.45
C GLN A 91 10.19 6.15 11.65
N LEU A 92 11.21 5.85 10.84
CA LEU A 92 11.30 4.60 10.10
C LEU A 92 10.92 3.43 11.00
N GLU A 93 11.17 3.60 12.30
CA GLU A 93 10.95 2.54 13.25
C GLU A 93 10.00 2.95 14.38
N PRO B 1 -4.25 -0.99 14.04
CA PRO B 1 -3.73 -0.09 13.00
C PRO B 1 -4.77 0.04 11.89
N SER B 2 -4.30 0.21 10.67
CA SER B 2 -5.14 -0.04 9.53
C SER B 2 -5.45 -1.51 9.46
N PHE B 3 -6.37 -1.87 8.62
CA PHE B 3 -6.68 -3.27 8.47
C PHE B 3 -5.57 -4.00 7.73
N ASN B 4 -5.27 -3.50 6.55
CA ASN B 4 -4.49 -4.24 5.58
C ASN B 4 -3.00 -4.03 5.76
N THR B 5 -2.61 -3.16 6.67
CA THR B 5 -1.21 -2.80 6.81
C THR B 5 -0.38 -4.03 7.22
N VAL B 6 -1.05 -5.16 7.41
CA VAL B 6 -0.38 -6.44 7.56
C VAL B 6 0.15 -6.89 6.20
N ARG B 7 1.37 -7.33 6.12
CA ARG B 7 1.89 -7.66 4.82
C ARG B 7 3.02 -8.67 4.81
N GLN B 8 3.17 -9.26 3.63
CA GLN B 8 4.16 -10.29 3.33
C GLN B 8 5.51 -10.02 3.97
N GLY B 9 5.86 -10.83 4.95
CA GLY B 9 7.17 -10.76 5.57
C GLY B 9 8.20 -11.53 4.78
N SER B 10 9.22 -12.04 5.45
CA SER B 10 10.28 -12.79 4.80
C SER B 10 9.70 -13.95 3.99
N LYS B 11 9.59 -13.71 2.67
CA LYS B 11 8.96 -14.64 1.72
C LYS B 11 7.70 -15.31 2.30
N GLU B 12 6.86 -14.53 2.95
CA GLU B 12 5.60 -15.03 3.48
C GLU B 12 4.73 -15.56 2.35
N PRO B 13 4.02 -16.69 2.56
CA PRO B 13 3.12 -17.24 1.55
C PRO B 13 2.13 -16.18 1.12
N TYR B 14 2.10 -15.91 -0.17
CA TYR B 14 1.39 -14.76 -0.67
C TYR B 14 -0.13 -14.89 -0.54
N PRO B 15 -0.78 -15.98 -1.05
CA PRO B 15 -2.24 -16.11 -0.96
C PRO B 15 -2.70 -16.01 0.48
N ASP B 16 -1.75 -16.22 1.36
CA ASP B 16 -1.97 -16.17 2.80
C ASP B 16 -1.74 -14.76 3.33
N PHE B 17 -0.69 -14.11 2.83
CA PHE B 17 -0.40 -12.73 3.20
C PHE B 17 -1.62 -11.88 2.87
N VAL B 18 -2.16 -12.10 1.70
CA VAL B 18 -3.31 -11.36 1.24
C VAL B 18 -4.59 -11.87 1.89
N ALA B 19 -4.69 -13.15 2.13
CA ALA B 19 -5.85 -13.69 2.83
C ALA B 19 -6.07 -12.99 4.17
N ARG B 20 -4.99 -12.70 4.89
CA ARG B 20 -5.13 -12.04 6.16
C ARG B 20 -5.32 -10.57 5.89
N LEU B 21 -4.77 -10.13 4.76
CA LEU B 21 -4.99 -8.79 4.24
C LEU B 21 -6.48 -8.53 4.11
N GLN B 22 -7.15 -9.49 3.48
CA GLN B 22 -8.58 -9.46 3.28
C GLN B 22 -9.31 -9.59 4.56
N ASP B 23 -9.00 -10.66 5.27
CA ASP B 23 -9.65 -10.99 6.51
C ASP B 23 -9.76 -9.77 7.40
N VAL B 24 -8.64 -9.09 7.60
CA VAL B 24 -8.63 -8.00 8.53
C VAL B 24 -9.26 -6.77 7.89
N ALA B 25 -9.19 -6.71 6.57
CA ALA B 25 -9.81 -5.63 5.84
C ALA B 25 -11.30 -5.78 6.01
N GLN B 26 -11.69 -7.02 6.13
CA GLN B 26 -13.08 -7.38 6.27
C GLN B 26 -13.56 -7.02 7.67
N LYS B 27 -12.66 -7.18 8.63
CA LYS B 27 -12.92 -6.88 10.02
C LYS B 27 -13.12 -5.39 10.27
N SER B 28 -12.32 -4.57 9.59
CA SER B 28 -12.31 -3.15 9.86
C SER B 28 -13.13 -2.41 8.82
N ILE B 29 -13.50 -3.12 7.78
CA ILE B 29 -14.28 -2.53 6.70
C ILE B 29 -15.69 -3.10 6.69
N ALA B 30 -16.67 -2.21 6.65
CA ALA B 30 -18.06 -2.63 6.64
C ALA B 30 -18.55 -2.84 5.21
N ASP B 31 -17.69 -2.55 4.25
CA ASP B 31 -18.08 -2.65 2.85
C ASP B 31 -17.24 -3.70 2.11
N GLU B 32 -17.90 -4.45 1.26
CA GLU B 32 -17.25 -5.41 0.41
C GLU B 32 -16.38 -4.72 -0.64
N LYS B 33 -16.81 -3.52 -1.06
CA LYS B 33 -16.12 -2.80 -2.11
C LYS B 33 -14.77 -2.35 -1.60
N ALA B 34 -14.81 -1.67 -0.47
CA ALA B 34 -13.59 -1.19 0.17
C ALA B 34 -12.71 -2.37 0.60
N ARG B 35 -13.35 -3.51 0.86
CA ARG B 35 -12.62 -4.70 1.28
C ARG B 35 -11.79 -5.16 0.10
N LYS B 36 -12.45 -5.45 -1.02
CA LYS B 36 -11.77 -5.87 -2.24
C LYS B 36 -10.69 -4.90 -2.62
N VAL B 37 -11.12 -3.66 -2.86
CA VAL B 37 -10.24 -2.65 -3.45
C VAL B 37 -8.94 -2.54 -2.68
N ILE B 38 -9.00 -2.74 -1.37
CA ILE B 38 -7.79 -2.64 -0.57
C ILE B 38 -7.06 -3.96 -0.49
N VAL B 39 -7.75 -5.09 -0.43
CA VAL B 39 -7.04 -6.36 -0.41
C VAL B 39 -6.31 -6.56 -1.73
N GLU B 40 -7.03 -6.31 -2.82
CA GLU B 40 -6.50 -6.37 -4.18
C GLU B 40 -5.38 -5.37 -4.40
N LEU B 41 -5.44 -4.25 -3.72
CA LEU B 41 -4.42 -3.21 -3.88
C LEU B 41 -3.20 -3.50 -3.01
N MET B 42 -3.44 -3.71 -1.71
CA MET B 42 -2.37 -3.92 -0.73
C MET B 42 -1.66 -5.22 -1.03
N ALA B 43 -2.36 -6.07 -1.76
CA ALA B 43 -1.78 -7.28 -2.30
C ALA B 43 -0.47 -6.95 -3.02
N TYR B 44 -0.40 -5.75 -3.55
CA TYR B 44 0.82 -5.27 -4.17
C TYR B 44 1.49 -4.31 -3.22
N GLU B 45 0.83 -3.18 -3.01
CA GLU B 45 1.38 -2.07 -2.28
C GLU B 45 1.98 -2.50 -0.94
N ASN B 46 1.43 -3.56 -0.35
CA ASN B 46 1.86 -4.01 0.93
C ASN B 46 2.73 -5.26 0.83
N ALA B 47 2.61 -5.99 -0.28
CA ALA B 47 3.30 -7.27 -0.46
C ALA B 47 4.81 -7.15 -0.39
N ASN B 48 5.45 -8.29 -0.54
CA ASN B 48 6.89 -8.33 -0.64
C ASN B 48 7.33 -7.57 -1.86
N PRO B 49 8.44 -6.84 -1.78
CA PRO B 49 8.96 -6.03 -2.88
C PRO B 49 8.88 -6.76 -4.22
N GLU B 50 9.38 -7.99 -4.24
CA GLU B 50 9.39 -8.83 -5.41
C GLU B 50 8.01 -9.38 -5.73
N CYS B 51 7.17 -9.50 -4.72
CA CYS B 51 5.88 -10.11 -4.90
C CYS B 51 4.92 -9.11 -5.51
N GLN B 52 5.00 -7.88 -5.05
CA GLN B 52 4.25 -6.81 -5.67
C GLN B 52 4.84 -6.58 -7.03
N SER B 53 6.11 -6.82 -7.10
CA SER B 53 6.84 -6.76 -8.33
C SER B 53 6.43 -7.87 -9.28
N ALA B 54 5.97 -8.96 -8.72
CA ALA B 54 5.36 -9.99 -9.53
C ALA B 54 4.02 -9.49 -10.02
N ILE B 55 3.51 -8.54 -9.27
CA ILE B 55 2.20 -8.00 -9.52
C ILE B 55 2.17 -6.79 -10.47
N LYS B 56 3.23 -5.97 -10.58
CA LYS B 56 3.20 -4.76 -11.49
C LYS B 56 2.43 -5.02 -12.78
N PRO B 57 2.72 -6.14 -13.49
CA PRO B 57 2.06 -6.49 -14.75
C PRO B 57 0.55 -6.69 -14.60
N LEU B 58 0.13 -7.03 -13.39
CA LEU B 58 -1.26 -7.28 -13.08
C LEU B 58 -1.80 -6.09 -12.31
N LYS B 59 -0.88 -5.29 -11.81
CA LYS B 59 -1.22 -4.12 -11.03
C LYS B 59 -2.27 -3.26 -11.74
N GLY B 60 -3.47 -3.26 -11.19
CA GLY B 60 -4.56 -2.50 -11.77
C GLY B 60 -5.34 -3.32 -12.77
N LYS B 61 -4.74 -4.39 -13.26
CA LYS B 61 -5.35 -5.21 -14.28
C LYS B 61 -5.88 -6.50 -13.66
N VAL B 62 -7.19 -6.67 -13.69
CA VAL B 62 -7.78 -7.93 -13.29
C VAL B 62 -8.63 -8.51 -14.43
N PRO B 63 -8.53 -9.83 -14.67
CA PRO B 63 -9.42 -10.53 -15.60
C PRO B 63 -10.89 -10.22 -15.34
N ALA B 64 -11.67 -10.12 -16.42
CA ALA B 64 -13.06 -9.77 -16.32
C ALA B 64 -13.84 -10.83 -15.55
N GLY B 65 -14.19 -10.51 -14.31
CA GLY B 65 -14.97 -11.42 -13.50
C GLY B 65 -14.15 -12.13 -12.45
N SER B 66 -12.83 -12.12 -12.61
CA SER B 66 -11.96 -12.78 -11.66
C SER B 66 -11.57 -11.84 -10.53
N ASP B 67 -10.94 -12.41 -9.52
CA ASP B 67 -10.39 -11.65 -8.41
C ASP B 67 -8.98 -11.24 -8.76
N VAL B 68 -8.54 -10.06 -8.31
CA VAL B 68 -7.19 -9.66 -8.64
C VAL B 68 -6.23 -10.38 -7.72
N ILE B 69 -6.70 -10.69 -6.52
CA ILE B 69 -5.88 -11.38 -5.55
C ILE B 69 -5.45 -12.71 -6.08
N SER B 70 -6.41 -13.43 -6.61
CA SER B 70 -6.15 -14.73 -7.24
C SER B 70 -4.94 -14.65 -8.19
N GLU B 71 -4.82 -13.54 -8.89
CA GLU B 71 -3.77 -13.33 -9.87
C GLU B 71 -2.52 -12.80 -9.22
N TYR B 72 -2.71 -12.03 -8.17
CA TYR B 72 -1.61 -11.39 -7.46
C TYR B 72 -0.89 -12.44 -6.63
N VAL B 73 -1.67 -13.36 -6.08
CA VAL B 73 -1.12 -14.49 -5.34
C VAL B 73 -0.43 -15.40 -6.33
N LYS B 74 -1.02 -15.47 -7.52
CA LYS B 74 -0.50 -16.24 -8.62
C LYS B 74 0.77 -15.60 -9.15
N ALA B 75 0.86 -14.30 -8.97
CA ALA B 75 2.06 -13.55 -9.29
C ALA B 75 3.20 -14.04 -8.42
N CYS B 76 2.91 -14.22 -7.14
CA CYS B 76 3.90 -14.71 -6.20
C CYS B 76 3.77 -16.22 -6.01
N ASP B 77 2.96 -16.86 -6.82
CA ASP B 77 2.82 -18.31 -6.80
C ASP B 77 4.15 -18.97 -7.13
N GLY B 78 5.03 -18.22 -7.80
CA GLY B 78 6.37 -18.72 -8.08
C GLY B 78 7.41 -18.14 -7.14
N ILE B 79 7.05 -17.12 -6.37
CA ILE B 79 7.99 -16.48 -5.47
C ILE B 79 8.03 -17.20 -4.12
N GLY B 80 9.24 -17.38 -3.61
CA GLY B 80 9.39 -17.95 -2.29
C GLY B 80 10.75 -18.56 -2.07
N GLY B 81 11.70 -17.71 -1.69
CA GLY B 81 13.02 -18.19 -1.31
C GLY B 81 14.02 -18.17 -2.43
N ALA B 82 14.53 -19.34 -2.80
CA ALA B 82 15.59 -19.46 -3.80
C ALA B 82 15.18 -18.82 -5.12
N MET B 83 13.99 -19.14 -5.59
CA MET B 83 13.47 -18.57 -6.83
C MET B 83 13.27 -17.07 -6.66
N HIS B 84 12.96 -16.66 -5.44
CA HIS B 84 12.78 -15.25 -5.10
C HIS B 84 14.11 -14.50 -5.23
N LYS B 85 15.21 -15.20 -5.00
CA LYS B 85 16.52 -14.57 -5.07
C LYS B 85 17.02 -14.54 -6.51
N ALA B 86 16.42 -15.39 -7.34
CA ALA B 86 16.75 -15.43 -8.76
C ALA B 86 15.91 -14.40 -9.53
N MET B 87 14.63 -14.37 -9.22
CA MET B 87 13.68 -13.52 -9.92
C MET B 87 13.71 -12.10 -9.39
N LEU B 88 14.37 -11.90 -8.26
CA LEU B 88 14.54 -10.57 -7.66
C LEU B 88 15.16 -9.60 -8.67
N MET B 89 15.84 -10.13 -9.66
CA MET B 89 16.42 -9.30 -10.71
C MET B 89 15.37 -8.98 -11.79
N ALA B 90 14.34 -9.80 -11.86
CA ALA B 90 13.39 -9.70 -12.96
C ALA B 90 12.04 -9.16 -12.53
N GLN B 91 11.35 -9.88 -11.66
CA GLN B 91 10.00 -9.49 -11.26
C GLN B 91 10.04 -8.22 -10.48
N LEU B 92 11.01 -8.13 -9.54
CA LEU B 92 11.25 -6.91 -8.79
C LEU B 92 11.23 -5.70 -9.72
N GLU B 93 11.59 -5.93 -10.98
CA GLU B 93 11.69 -4.86 -11.94
C GLU B 93 10.83 -5.09 -13.18
N PRO A 1 -2.29 1.46 -14.18
CA PRO A 1 -1.97 0.58 -13.05
C PRO A 1 -3.12 0.59 -12.06
N SER A 2 -2.80 0.56 -10.78
CA SER A 2 -3.78 0.93 -9.78
C SER A 2 -4.07 2.41 -9.92
N PHE A 3 -5.01 2.91 -9.17
CA PHE A 3 -5.12 4.34 -9.05
C PHE A 3 -3.95 4.83 -8.21
N ASN A 4 -3.81 4.19 -7.08
CA ASN A 4 -2.97 4.70 -6.01
C ASN A 4 -1.52 4.26 -6.11
N THR A 5 -1.14 3.58 -7.17
CA THR A 5 0.23 3.08 -7.29
C THR A 5 1.23 4.22 -7.32
N VAL A 6 0.72 5.44 -7.42
CA VAL A 6 1.56 6.60 -7.38
C VAL A 6 2.00 6.82 -5.95
N ARG A 7 3.29 7.00 -5.73
CA ARG A 7 3.73 7.14 -4.38
C ARG A 7 5.03 7.89 -4.22
N GLN A 8 5.18 8.40 -3.00
CA GLN A 8 6.31 9.21 -2.57
C GLN A 8 7.64 8.60 -2.98
N GLY A 9 8.26 9.20 -3.99
CA GLY A 9 9.56 8.75 -4.44
C GLY A 9 10.68 9.22 -3.54
N SER A 10 11.76 9.70 -4.14
CA SER A 10 12.89 10.20 -3.38
C SER A 10 12.49 11.45 -2.58
N LYS A 11 12.19 11.25 -1.30
CA LYS A 11 11.69 12.29 -0.39
C LYS A 11 10.72 13.25 -1.09
N GLU A 12 9.81 12.67 -1.87
CA GLU A 12 8.81 13.42 -2.62
C GLU A 12 7.91 14.21 -1.67
N PRO A 13 7.48 15.43 -2.07
CA PRO A 13 6.56 16.25 -1.27
C PRO A 13 5.32 15.45 -0.92
N TYR A 14 5.05 15.32 0.36
CA TYR A 14 4.07 14.37 0.82
C TYR A 14 2.64 14.77 0.53
N PRO A 15 2.14 15.96 0.97
CA PRO A 15 0.75 16.34 0.72
C PRO A 15 0.44 16.33 -0.75
N ASP A 16 1.50 16.30 -1.52
CA ASP A 16 1.46 16.25 -2.96
C ASP A 16 1.44 14.81 -3.45
N PHE A 17 2.29 13.99 -2.85
CA PHE A 17 2.33 12.56 -3.16
C PHE A 17 0.94 11.98 -2.97
N VAL A 18 0.32 12.36 -1.86
CA VAL A 18 -0.98 11.86 -1.54
C VAL A 18 -2.08 12.58 -2.33
N ALA A 19 -1.91 13.86 -2.60
CA ALA A 19 -2.92 14.60 -3.39
C ALA A 19 -3.10 13.99 -4.78
N ARG A 20 -2.04 13.39 -5.33
CA ARG A 20 -2.18 12.71 -6.60
C ARG A 20 -2.68 11.31 -6.33
N LEU A 21 -2.34 10.82 -5.15
CA LEU A 21 -2.83 9.55 -4.66
C LEU A 21 -4.36 9.58 -4.63
N GLN A 22 -4.89 10.65 -4.06
CA GLN A 22 -6.32 10.89 -4.00
C GLN A 22 -6.88 11.16 -5.35
N ASP A 23 -6.22 12.05 -6.06
CA ASP A 23 -6.66 12.48 -7.38
C ASP A 23 -7.03 11.30 -8.25
N VAL A 24 -6.10 10.37 -8.39
CA VAL A 24 -6.30 9.27 -9.31
C VAL A 24 -7.14 8.19 -8.64
N ALA A 25 -7.16 8.20 -7.31
CA ALA A 25 -8.02 7.30 -6.57
C ALA A 25 -9.44 7.80 -6.72
N GLN A 26 -9.53 9.06 -7.09
CA GLN A 26 -10.79 9.69 -7.32
C GLN A 26 -11.23 9.44 -8.76
N LYS A 27 -10.25 9.46 -9.65
CA LYS A 27 -10.47 9.22 -11.07
C LYS A 27 -10.91 7.78 -11.32
N SER A 28 -10.37 6.86 -10.56
CA SER A 28 -10.55 5.46 -10.84
C SER A 28 -11.55 4.84 -9.88
N ILE A 29 -11.95 5.63 -8.89
CA ILE A 29 -12.90 5.15 -7.90
C ILE A 29 -14.17 5.99 -7.93
N ALA A 30 -15.31 5.32 -7.99
CA ALA A 30 -16.60 6.00 -7.92
C ALA A 30 -17.09 6.06 -6.48
N ASP A 31 -16.37 5.38 -5.61
CA ASP A 31 -16.71 5.33 -4.19
C ASP A 31 -15.84 6.29 -3.40
N GLU A 32 -16.41 7.40 -2.95
CA GLU A 32 -15.68 8.36 -2.13
C GLU A 32 -15.11 7.68 -0.89
N LYS A 33 -15.76 6.60 -0.47
CA LYS A 33 -15.31 5.83 0.68
C LYS A 33 -14.02 5.13 0.32
N ALA A 34 -14.06 4.38 -0.78
CA ALA A 34 -12.88 3.68 -1.26
C ALA A 34 -11.80 4.68 -1.68
N ARG A 35 -12.23 5.90 -2.01
CA ARG A 35 -11.31 6.95 -2.42
C ARG A 35 -10.50 7.34 -1.20
N LYS A 36 -11.19 7.77 -0.14
CA LYS A 36 -10.52 8.12 1.10
C LYS A 36 -9.64 7.00 1.57
N VAL A 37 -10.27 5.85 1.81
CA VAL A 37 -9.62 4.75 2.49
C VAL A 37 -8.30 4.40 1.84
N ILE A 38 -8.22 4.48 0.52
CA ILE A 38 -6.99 4.10 -0.16
C ILE A 38 -6.01 5.26 -0.24
N VAL A 39 -6.49 6.50 -0.26
CA VAL A 39 -5.56 7.61 -0.24
C VAL A 39 -4.96 7.73 1.16
N GLU A 40 -5.82 7.69 2.17
CA GLU A 40 -5.44 7.71 3.57
C GLU A 40 -4.62 6.47 3.94
N LEU A 41 -4.80 5.40 3.19
CA LEU A 41 -4.01 4.18 3.42
C LEU A 41 -2.67 4.22 2.69
N MET A 42 -2.72 4.39 1.36
CA MET A 42 -1.50 4.38 0.53
C MET A 42 -0.60 5.52 0.94
N ALA A 43 -1.20 6.49 1.61
CA ALA A 43 -0.49 7.55 2.26
C ALA A 43 0.65 6.99 3.13
N TYR A 44 0.47 5.78 3.61
CA TYR A 44 1.49 5.09 4.40
C TYR A 44 2.09 4.00 3.55
N GLU A 45 1.26 3.01 3.25
CA GLU A 45 1.68 1.81 2.55
C GLU A 45 2.51 2.14 1.30
N ASN A 46 2.21 3.27 0.66
CA ASN A 46 2.84 3.64 -0.58
C ASN A 46 3.87 4.76 -0.39
N ALA A 47 3.78 5.50 0.72
CA ALA A 47 4.63 6.68 0.95
C ALA A 47 6.13 6.35 1.00
N ASN A 48 6.94 7.35 1.39
CA ASN A 48 8.35 7.08 1.67
C ASN A 48 8.40 5.95 2.68
N PRO A 49 9.37 5.03 2.55
CA PRO A 49 9.55 3.98 3.56
C PRO A 49 9.85 4.60 4.93
N GLU A 50 10.29 5.85 4.88
CA GLU A 50 10.53 6.67 6.04
C GLU A 50 9.25 7.38 6.45
N CYS A 51 8.44 7.77 5.48
CA CYS A 51 7.30 8.59 5.76
C CYS A 51 6.16 7.77 6.29
N GLN A 52 6.05 6.56 5.81
CA GLN A 52 5.08 5.67 6.38
C GLN A 52 5.56 5.34 7.76
N SER A 53 6.86 5.38 7.88
CA SER A 53 7.53 5.24 9.12
C SER A 53 7.31 6.50 9.99
N ALA A 54 6.93 7.58 9.36
CA ALA A 54 6.45 8.73 10.10
C ALA A 54 5.00 8.53 10.49
N ILE A 55 4.31 7.75 9.68
CA ILE A 55 2.87 7.60 9.76
C ILE A 55 2.40 6.47 10.67
N LYS A 56 3.17 5.38 10.82
CA LYS A 56 2.70 4.19 11.59
C LYS A 56 1.95 4.54 12.90
N PRO A 57 2.38 5.56 13.67
CA PRO A 57 1.64 5.98 14.88
C PRO A 57 0.23 6.50 14.56
N LEU A 58 0.07 7.10 13.39
CA LEU A 58 -1.19 7.66 12.95
C LEU A 58 -1.90 6.62 12.12
N LYS A 59 -1.13 5.66 11.67
CA LYS A 59 -1.66 4.59 10.84
C LYS A 59 -2.83 3.91 11.53
N GLY A 60 -4.02 4.15 10.98
CA GLY A 60 -5.21 3.60 11.56
C GLY A 60 -5.91 4.60 12.44
N LYS A 61 -5.15 5.58 12.93
CA LYS A 61 -5.72 6.60 13.79
C LYS A 61 -5.89 7.90 13.02
N VAL A 62 -7.13 8.29 12.83
CA VAL A 62 -7.45 9.60 12.31
C VAL A 62 -8.37 10.31 13.30
N PRO A 63 -8.21 11.63 13.48
CA PRO A 63 -9.17 12.43 14.25
C PRO A 63 -10.58 12.22 13.77
N ALA A 64 -11.51 12.12 14.72
CA ALA A 64 -12.90 11.85 14.40
C ALA A 64 -13.49 12.96 13.54
N GLY A 65 -13.63 12.68 12.25
CA GLY A 65 -14.21 13.63 11.34
C GLY A 65 -13.18 14.28 10.43
N SER A 66 -11.91 14.10 10.74
CA SER A 66 -10.85 14.69 9.96
C SER A 66 -10.31 13.72 8.91
N ASP A 67 -9.50 14.27 8.02
CA ASP A 67 -8.79 13.49 7.01
C ASP A 67 -7.54 12.90 7.61
N VAL A 68 -7.24 11.63 7.32
CA VAL A 68 -6.05 11.03 7.87
C VAL A 68 -4.84 11.61 7.16
N ILE A 69 -5.03 11.94 5.89
CA ILE A 69 -4.00 12.47 5.06
C ILE A 69 -3.39 13.71 5.67
N SER A 70 -4.24 14.59 6.14
CA SER A 70 -3.82 15.79 6.84
C SER A 70 -2.74 15.48 7.90
N GLU A 71 -2.91 14.35 8.56
CA GLU A 71 -2.02 13.92 9.62
C GLU A 71 -0.82 13.19 9.07
N TYR A 72 -1.04 12.50 7.98
CA TYR A 72 -0.03 11.69 7.37
C TYR A 72 0.96 12.59 6.63
N VAL A 73 0.44 13.67 6.07
CA VAL A 73 1.28 14.69 5.48
C VAL A 73 1.99 15.43 6.59
N LYS A 74 1.29 15.52 7.73
CA LYS A 74 1.83 16.12 8.94
C LYS A 74 2.94 15.23 9.48
N ALA A 75 2.81 13.95 9.21
CA ALA A 75 3.83 12.97 9.59
C ALA A 75 5.12 13.25 8.83
N CYS A 76 4.99 13.50 7.54
CA CYS A 76 6.14 13.82 6.71
C CYS A 76 6.33 15.33 6.64
N ASP A 77 5.59 16.06 7.46
CA ASP A 77 5.80 17.49 7.61
C ASP A 77 7.20 17.78 8.12
N GLY A 78 7.81 16.77 8.75
CA GLY A 78 9.19 16.87 9.15
C GLY A 78 10.14 16.14 8.20
N ILE A 79 9.59 15.36 7.27
CA ILE A 79 10.41 14.59 6.35
C ILE A 79 10.58 15.34 5.03
N GLY A 80 11.79 15.29 4.49
CA GLY A 80 12.04 15.82 3.18
C GLY A 80 13.52 16.00 2.92
N GLY A 81 14.25 16.36 3.95
CA GLY A 81 15.69 16.50 3.82
C GLY A 81 16.44 16.16 5.08
N ALA A 82 16.89 17.19 5.80
CA ALA A 82 17.78 17.01 6.93
C ALA A 82 17.14 16.21 8.06
N MET A 83 15.91 16.53 8.41
CA MET A 83 15.21 15.81 9.47
C MET A 83 14.89 14.39 9.01
N HIS A 84 14.67 14.25 7.70
CA HIS A 84 14.50 12.94 7.07
C HIS A 84 15.77 12.11 7.24
N LYS A 85 16.90 12.77 7.31
CA LYS A 85 18.17 12.07 7.48
C LYS A 85 18.42 11.77 8.95
N ALA A 86 17.74 12.50 9.83
CA ALA A 86 17.84 12.27 11.25
C ALA A 86 16.87 11.18 11.69
N MET A 87 15.68 11.25 11.15
CA MET A 87 14.60 10.34 11.51
C MET A 87 14.70 9.06 10.70
N LEU A 88 15.52 9.08 9.66
CA LEU A 88 15.75 7.92 8.82
C LEU A 88 16.08 6.67 9.66
N MET A 89 16.87 6.85 10.70
CA MET A 89 17.25 5.75 11.57
C MET A 89 16.19 5.51 12.65
N ALA A 90 15.31 6.47 12.82
CA ALA A 90 14.33 6.43 13.89
C ALA A 90 13.00 5.88 13.43
N GLN A 91 12.64 6.17 12.19
CA GLN A 91 11.36 5.78 11.65
C GLN A 91 11.52 4.69 10.62
N LEU A 92 12.32 4.95 9.58
CA LEU A 92 12.63 3.97 8.54
C LEU A 92 13.29 2.72 9.16
N GLU A 93 13.53 2.80 10.48
CA GLU A 93 14.14 1.72 11.24
C GLU A 93 13.58 0.34 10.89
N PRO B 1 -4.11 -0.79 13.80
CA PRO B 1 -3.49 -0.01 12.73
C PRO B 1 -4.50 0.20 11.62
N SER B 2 -4.05 0.15 10.38
CA SER B 2 -4.96 -0.04 9.27
C SER B 2 -5.55 -1.42 9.36
N PHE B 3 -6.48 -1.73 8.50
CA PHE B 3 -6.87 -3.11 8.35
C PHE B 3 -5.73 -3.84 7.65
N ASN B 4 -5.34 -3.26 6.55
CA ASN B 4 -4.50 -3.93 5.58
C ASN B 4 -3.01 -3.79 5.85
N THR B 5 -2.62 -3.19 6.96
CA THR B 5 -1.22 -2.97 7.23
C THR B 5 -0.46 -4.29 7.37
N VAL B 6 -1.21 -5.38 7.39
CA VAL B 6 -0.64 -6.68 7.43
C VAL B 6 -0.08 -7.01 6.05
N ARG B 7 1.16 -7.44 5.98
CA ARG B 7 1.71 -7.69 4.69
C ARG B 7 2.85 -8.69 4.66
N GLN B 8 3.03 -9.23 3.48
CA GLN B 8 4.02 -10.25 3.17
C GLN B 8 5.39 -9.91 3.74
N GLY B 9 5.76 -10.61 4.80
CA GLY B 9 7.05 -10.43 5.40
C GLY B 9 8.15 -11.14 4.63
N SER B 10 9.04 -11.81 5.34
CA SER B 10 10.13 -12.52 4.71
C SER B 10 9.58 -13.68 3.87
N LYS B 11 9.49 -13.43 2.55
CA LYS B 11 8.88 -14.37 1.57
C LYS B 11 7.66 -15.10 2.15
N GLU B 12 6.82 -14.35 2.83
CA GLU B 12 5.60 -14.88 3.45
C GLU B 12 4.67 -15.48 2.40
N PRO B 13 3.96 -16.59 2.75
CA PRO B 13 2.99 -17.21 1.84
C PRO B 13 1.99 -16.19 1.36
N TYR B 14 1.89 -16.02 0.06
CA TYR B 14 1.20 -14.90 -0.50
C TYR B 14 -0.32 -15.00 -0.39
N PRO B 15 -0.99 -16.08 -0.88
CA PRO B 15 -2.45 -16.17 -0.82
C PRO B 15 -2.93 -16.07 0.62
N ASP B 16 -1.97 -16.25 1.50
CA ASP B 16 -2.17 -16.17 2.93
C ASP B 16 -1.96 -14.76 3.43
N PHE B 17 -0.89 -14.12 2.93
CA PHE B 17 -0.59 -12.74 3.25
C PHE B 17 -1.80 -11.88 2.92
N VAL B 18 -2.37 -12.15 1.76
CA VAL B 18 -3.50 -11.40 1.29
C VAL B 18 -4.80 -11.88 1.95
N ALA B 19 -4.93 -13.16 2.21
CA ALA B 19 -6.14 -13.68 2.88
C ALA B 19 -6.35 -13.03 4.24
N ARG B 20 -5.27 -12.65 4.91
CA ARG B 20 -5.40 -11.93 6.17
C ARG B 20 -5.59 -10.47 5.86
N LEU B 21 -5.02 -10.06 4.73
CA LEU B 21 -5.19 -8.72 4.20
C LEU B 21 -6.68 -8.45 3.99
N GLN B 22 -7.35 -9.41 3.36
CA GLN B 22 -8.77 -9.36 3.13
C GLN B 22 -9.53 -9.49 4.41
N ASP B 23 -9.13 -10.49 5.18
CA ASP B 23 -9.80 -10.80 6.43
C ASP B 23 -10.03 -9.56 7.27
N VAL B 24 -8.96 -8.83 7.53
CA VAL B 24 -9.03 -7.70 8.42
C VAL B 24 -9.56 -6.48 7.67
N ALA B 25 -9.43 -6.50 6.36
CA ALA B 25 -10.01 -5.47 5.53
C ALA B 25 -11.50 -5.67 5.51
N GLN B 26 -11.89 -6.87 5.85
CA GLN B 26 -13.27 -7.24 5.93
C GLN B 26 -13.80 -6.89 7.31
N LYS B 27 -12.95 -7.10 8.31
CA LYS B 27 -13.29 -6.80 9.70
C LYS B 27 -13.46 -5.31 9.91
N SER B 28 -12.65 -4.51 9.23
CA SER B 28 -12.58 -3.10 9.51
C SER B 28 -13.33 -2.31 8.44
N ILE B 29 -13.75 -3.00 7.41
CA ILE B 29 -14.46 -2.36 6.31
C ILE B 29 -15.87 -2.93 6.19
N ALA B 30 -16.86 -2.04 6.13
CA ALA B 30 -18.24 -2.46 5.92
C ALA B 30 -18.57 -2.43 4.42
N ASP B 31 -17.63 -1.92 3.64
CA ASP B 31 -17.79 -1.82 2.19
C ASP B 31 -17.05 -2.95 1.49
N GLU B 32 -17.78 -3.92 0.97
CA GLU B 32 -17.16 -5.02 0.24
C GLU B 32 -16.33 -4.48 -0.92
N LYS B 33 -16.70 -3.31 -1.40
CA LYS B 33 -15.98 -2.65 -2.48
C LYS B 33 -14.62 -2.22 -1.98
N ALA B 34 -14.63 -1.46 -0.88
CA ALA B 34 -13.40 -1.01 -0.26
C ALA B 34 -12.60 -2.20 0.27
N ARG B 35 -13.30 -3.30 0.54
CA ARG B 35 -12.66 -4.51 1.02
C ARG B 35 -11.81 -5.07 -0.09
N LYS B 36 -12.45 -5.38 -1.22
CA LYS B 36 -11.72 -5.87 -2.38
C LYS B 36 -10.59 -4.95 -2.74
N VAL B 37 -10.95 -3.70 -3.04
CA VAL B 37 -10.02 -2.76 -3.63
C VAL B 37 -8.74 -2.67 -2.83
N ILE B 38 -8.83 -2.76 -1.50
CA ILE B 38 -7.63 -2.62 -0.70
C ILE B 38 -6.93 -3.95 -0.51
N VAL B 39 -7.63 -5.06 -0.56
CA VAL B 39 -6.94 -6.33 -0.49
C VAL B 39 -6.22 -6.60 -1.81
N GLU B 40 -6.95 -6.39 -2.91
CA GLU B 40 -6.42 -6.51 -4.25
C GLU B 40 -5.33 -5.46 -4.52
N LEU B 41 -5.37 -4.37 -3.78
CA LEU B 41 -4.34 -3.34 -3.91
C LEU B 41 -3.13 -3.64 -3.03
N MET B 42 -3.36 -3.77 -1.72
CA MET B 42 -2.28 -4.00 -0.76
C MET B 42 -1.57 -5.29 -1.07
N ALA B 43 -2.28 -6.13 -1.80
CA ALA B 43 -1.72 -7.33 -2.38
C ALA B 43 -0.40 -7.03 -3.11
N TYR B 44 -0.27 -5.80 -3.60
CA TYR B 44 0.95 -5.34 -4.26
C TYR B 44 1.65 -4.39 -3.34
N GLU B 45 1.01 -3.24 -3.12
CA GLU B 45 1.58 -2.15 -2.37
C GLU B 45 2.18 -2.61 -1.04
N ASN B 46 1.58 -3.64 -0.45
CA ASN B 46 1.99 -4.13 0.85
C ASN B 46 2.79 -5.43 0.77
N ALA B 47 2.67 -6.15 -0.35
CA ALA B 47 3.29 -7.48 -0.50
C ALA B 47 4.81 -7.46 -0.38
N ASN B 48 5.45 -8.60 -0.67
CA ASN B 48 6.91 -8.63 -0.79
C ASN B 48 7.30 -7.55 -1.77
N PRO B 49 8.41 -6.83 -1.53
CA PRO B 49 8.91 -5.85 -2.49
C PRO B 49 9.24 -6.54 -3.82
N GLU B 50 9.41 -7.84 -3.74
CA GLU B 50 9.61 -8.71 -4.88
C GLU B 50 8.26 -9.16 -5.44
N CYS B 51 7.29 -9.36 -4.57
CA CYS B 51 6.05 -9.94 -4.99
C CYS B 51 5.17 -8.93 -5.64
N GLN B 52 5.25 -7.71 -5.17
CA GLN B 52 4.55 -6.65 -5.83
C GLN B 52 5.25 -6.44 -7.14
N SER B 53 6.50 -6.75 -7.11
CA SER B 53 7.33 -6.76 -8.28
C SER B 53 6.97 -7.95 -9.16
N ALA B 54 6.31 -8.93 -8.59
CA ALA B 54 5.69 -9.96 -9.40
C ALA B 54 4.35 -9.48 -9.95
N ILE B 55 3.75 -8.57 -9.20
CA ILE B 55 2.39 -8.15 -9.46
C ILE B 55 2.27 -6.94 -10.40
N LYS B 56 3.25 -6.04 -10.44
CA LYS B 56 3.12 -4.79 -11.25
C LYS B 56 2.47 -4.99 -12.64
N PRO B 57 2.76 -6.10 -13.38
CA PRO B 57 2.09 -6.38 -14.67
C PRO B 57 0.59 -6.60 -14.52
N LEU B 58 0.19 -7.14 -13.37
CA LEU B 58 -1.21 -7.42 -13.09
C LEU B 58 -1.78 -6.27 -12.33
N LYS B 59 -0.89 -5.46 -11.79
CA LYS B 59 -1.28 -4.30 -11.02
C LYS B 59 -2.22 -3.41 -11.83
N GLY B 60 -3.48 -3.40 -11.42
CA GLY B 60 -4.47 -2.63 -12.13
C GLY B 60 -5.25 -3.48 -13.09
N LYS B 61 -4.66 -4.60 -13.50
CA LYS B 61 -5.31 -5.49 -14.43
C LYS B 61 -5.82 -6.72 -13.70
N VAL B 62 -7.13 -6.85 -13.65
CA VAL B 62 -7.75 -8.06 -13.19
C VAL B 62 -8.70 -8.60 -14.27
N PRO B 63 -8.77 -9.92 -14.45
CA PRO B 63 -9.77 -10.53 -15.33
C PRO B 63 -11.17 -10.02 -15.02
N ALA B 64 -11.94 -9.76 -16.06
CA ALA B 64 -13.28 -9.21 -15.90
C ALA B 64 -14.18 -10.17 -15.13
N GLY B 65 -14.41 -9.84 -13.86
CA GLY B 65 -15.27 -10.66 -13.03
C GLY B 65 -14.50 -11.48 -12.01
N SER B 66 -13.19 -11.57 -12.19
CA SER B 66 -12.36 -12.36 -11.29
C SER B 66 -11.77 -11.50 -10.18
N ASP B 67 -11.18 -12.18 -9.21
CA ASP B 67 -10.46 -11.56 -8.12
C ASP B 67 -9.04 -11.23 -8.57
N VAL B 68 -8.54 -10.04 -8.23
CA VAL B 68 -7.18 -9.69 -8.62
C VAL B 68 -6.20 -10.49 -7.79
N ILE B 69 -6.61 -10.77 -6.56
CA ILE B 69 -5.80 -11.49 -5.61
C ILE B 69 -5.39 -12.82 -6.17
N SER B 70 -6.34 -13.52 -6.75
CA SER B 70 -6.08 -14.80 -7.40
C SER B 70 -4.86 -14.71 -8.33
N GLU B 71 -4.72 -13.58 -9.00
CA GLU B 71 -3.64 -13.36 -9.95
C GLU B 71 -2.40 -12.87 -9.25
N TYR B 72 -2.60 -12.14 -8.19
CA TYR B 72 -1.51 -11.54 -7.46
C TYR B 72 -0.82 -12.61 -6.62
N VAL B 73 -1.61 -13.56 -6.12
CA VAL B 73 -1.07 -14.72 -5.45
C VAL B 73 -0.41 -15.60 -6.49
N LYS B 74 -0.97 -15.56 -7.70
CA LYS B 74 -0.42 -16.26 -8.84
C LYS B 74 0.89 -15.63 -9.25
N ALA B 75 1.00 -14.34 -8.98
CA ALA B 75 2.22 -13.60 -9.23
C ALA B 75 3.34 -14.11 -8.33
N CYS B 76 3.01 -14.32 -7.07
CA CYS B 76 3.98 -14.86 -6.11
C CYS B 76 3.87 -16.38 -6.04
N ASP B 77 3.09 -16.95 -6.94
CA ASP B 77 3.01 -18.39 -7.09
C ASP B 77 4.39 -18.96 -7.44
N GLY B 78 5.25 -18.10 -7.98
CA GLY B 78 6.62 -18.48 -8.23
C GLY B 78 7.58 -17.95 -7.18
N ILE B 79 7.10 -17.06 -6.30
CA ILE B 79 7.94 -16.46 -5.28
C ILE B 79 7.82 -17.20 -3.96
N GLY B 80 8.94 -17.39 -3.29
CA GLY B 80 8.93 -17.95 -1.96
C GLY B 80 10.29 -18.42 -1.53
N GLY B 81 11.06 -18.93 -2.48
CA GLY B 81 12.40 -19.35 -2.19
C GLY B 81 13.34 -19.19 -3.36
N ALA B 82 13.66 -20.29 -4.01
CA ALA B 82 14.69 -20.31 -5.05
C ALA B 82 14.36 -19.41 -6.22
N MET B 83 13.13 -19.49 -6.73
CA MET B 83 12.73 -18.65 -7.85
C MET B 83 12.64 -17.20 -7.41
N HIS B 84 12.31 -17.00 -6.14
CA HIS B 84 12.33 -15.67 -5.52
C HIS B 84 13.76 -15.11 -5.53
N LYS B 85 14.74 -15.99 -5.48
CA LYS B 85 16.13 -15.56 -5.49
C LYS B 85 16.61 -15.32 -6.92
N ALA B 86 15.90 -15.92 -7.88
CA ALA B 86 16.20 -15.73 -9.28
C ALA B 86 15.53 -14.48 -9.81
N MET B 87 14.28 -14.30 -9.42
CA MET B 87 13.47 -13.19 -9.88
C MET B 87 13.71 -11.95 -9.06
N LEU B 88 14.40 -12.12 -7.94
CA LEU B 88 14.76 -11.02 -7.06
C LEU B 88 15.41 -9.87 -7.85
N MET B 89 16.27 -10.23 -8.78
CA MET B 89 16.97 -9.25 -9.60
C MET B 89 16.10 -8.81 -10.78
N ALA B 90 15.06 -9.57 -11.07
CA ALA B 90 14.24 -9.35 -12.25
C ALA B 90 12.99 -8.54 -11.93
N GLN B 91 12.47 -8.73 -10.74
CA GLN B 91 11.24 -8.08 -10.35
C GLN B 91 11.49 -7.03 -9.29
N LEU B 92 12.10 -7.44 -8.18
CA LEU B 92 12.48 -6.54 -7.09
C LEU B 92 13.44 -5.44 -7.63
N GLU B 93 13.81 -5.59 -8.90
CA GLU B 93 14.71 -4.66 -9.59
C GLU B 93 14.39 -3.20 -9.28
N PRO A 1 -2.14 1.53 -14.19
CA PRO A 1 -1.78 0.68 -13.06
C PRO A 1 -2.92 0.67 -12.06
N SER A 2 -2.60 0.64 -10.78
CA SER A 2 -3.57 1.03 -9.78
C SER A 2 -3.85 2.50 -9.95
N PHE A 3 -4.84 3.00 -9.25
CA PHE A 3 -4.98 4.43 -9.16
C PHE A 3 -3.83 4.95 -8.31
N ASN A 4 -3.71 4.35 -7.16
CA ASN A 4 -2.89 4.87 -6.09
C ASN A 4 -1.41 4.52 -6.24
N THR A 5 -1.02 3.91 -7.33
CA THR A 5 0.36 3.45 -7.47
C THR A 5 1.33 4.63 -7.54
N VAL A 6 0.80 5.84 -7.53
CA VAL A 6 1.62 7.02 -7.48
C VAL A 6 2.09 7.22 -6.05
N ARG A 7 3.37 7.49 -5.85
CA ARG A 7 3.84 7.66 -4.50
C ARG A 7 5.10 8.50 -4.36
N GLN A 8 5.26 8.99 -3.14
CA GLN A 8 6.36 9.84 -2.72
C GLN A 8 7.70 9.33 -3.24
N GLY A 9 8.25 10.07 -4.19
CA GLY A 9 9.57 9.77 -4.69
C GLY A 9 10.64 10.40 -3.83
N SER A 10 11.79 10.71 -4.43
CA SER A 10 12.91 11.32 -3.71
C SER A 10 12.45 12.57 -2.96
N LYS A 11 12.20 12.38 -1.65
CA LYS A 11 11.65 13.41 -0.75
C LYS A 11 10.55 14.25 -1.41
N GLU A 12 9.66 13.58 -2.15
CA GLU A 12 8.56 14.26 -2.82
C GLU A 12 7.67 14.95 -1.79
N PRO A 13 7.16 16.17 -2.11
CA PRO A 13 6.24 16.88 -1.22
C PRO A 13 5.04 16.02 -0.92
N TYR A 14 4.82 15.78 0.36
CA TYR A 14 3.90 14.75 0.77
C TYR A 14 2.44 15.10 0.52
N PRO A 15 1.92 16.25 1.00
CA PRO A 15 0.51 16.61 0.79
C PRO A 15 0.17 16.58 -0.68
N ASP A 16 1.22 16.66 -1.48
CA ASP A 16 1.12 16.63 -2.93
C ASP A 16 1.22 15.21 -3.45
N PHE A 17 2.12 14.43 -2.86
CA PHE A 17 2.25 13.02 -3.19
C PHE A 17 0.89 12.35 -3.03
N VAL A 18 0.26 12.63 -1.91
CA VAL A 18 -1.01 12.05 -1.58
C VAL A 18 -2.16 12.73 -2.33
N ALA A 19 -2.03 14.01 -2.58
CA ALA A 19 -3.03 14.73 -3.38
C ALA A 19 -3.21 14.11 -4.75
N ARG A 20 -2.13 13.63 -5.36
CA ARG A 20 -2.24 12.98 -6.65
C ARG A 20 -2.65 11.54 -6.42
N LEU A 21 -2.33 11.06 -5.21
CA LEU A 21 -2.77 9.76 -4.75
C LEU A 21 -4.30 9.74 -4.73
N GLN A 22 -4.87 10.81 -4.19
CA GLN A 22 -6.31 10.98 -4.11
C GLN A 22 -6.88 11.28 -5.45
N ASP A 23 -6.22 12.16 -6.16
CA ASP A 23 -6.66 12.58 -7.49
C ASP A 23 -6.95 11.38 -8.37
N VAL A 24 -5.99 10.49 -8.49
CA VAL A 24 -6.13 9.38 -9.40
C VAL A 24 -6.98 8.29 -8.77
N ALA A 25 -7.04 8.29 -7.45
CA ALA A 25 -7.91 7.38 -6.74
C ALA A 25 -9.31 7.86 -6.95
N GLN A 26 -9.43 9.11 -7.30
CA GLN A 26 -10.68 9.73 -7.57
C GLN A 26 -11.07 9.50 -9.02
N LYS A 27 -10.07 9.54 -9.88
CA LYS A 27 -10.26 9.31 -11.31
C LYS A 27 -10.70 7.88 -11.59
N SER A 28 -10.20 6.95 -10.80
CA SER A 28 -10.40 5.54 -11.08
C SER A 28 -11.44 4.95 -10.13
N ILE A 29 -11.81 5.73 -9.13
CA ILE A 29 -12.78 5.28 -8.15
C ILE A 29 -14.00 6.18 -8.14
N ALA A 30 -15.18 5.58 -8.25
CA ALA A 30 -16.43 6.31 -8.19
C ALA A 30 -16.97 6.34 -6.76
N ASP A 31 -16.25 5.69 -5.87
CA ASP A 31 -16.63 5.56 -4.47
C ASP A 31 -15.74 6.41 -3.60
N GLU A 32 -16.35 7.38 -2.94
CA GLU A 32 -15.62 8.25 -2.04
C GLU A 32 -14.93 7.43 -0.97
N LYS A 33 -15.56 6.34 -0.55
CA LYS A 33 -15.05 5.58 0.58
C LYS A 33 -13.78 4.90 0.16
N ALA A 34 -13.87 4.13 -0.91
CA ALA A 34 -12.71 3.45 -1.47
C ALA A 34 -11.64 4.48 -1.89
N ARG A 35 -12.08 5.68 -2.26
CA ARG A 35 -11.17 6.74 -2.66
C ARG A 35 -10.37 7.15 -1.44
N LYS A 36 -11.07 7.57 -0.41
CA LYS A 36 -10.42 8.00 0.83
C LYS A 36 -9.56 6.90 1.39
N VAL A 37 -10.17 5.75 1.63
CA VAL A 37 -9.51 4.67 2.33
C VAL A 37 -8.17 4.33 1.70
N ILE A 38 -8.09 4.42 0.38
CA ILE A 38 -6.85 4.08 -0.29
C ILE A 38 -5.90 5.26 -0.36
N VAL A 39 -6.42 6.48 -0.38
CA VAL A 39 -5.54 7.62 -0.30
C VAL A 39 -4.95 7.72 1.10
N GLU A 40 -5.82 7.66 2.11
CA GLU A 40 -5.44 7.67 3.51
C GLU A 40 -4.57 6.45 3.85
N LEU A 41 -4.70 5.37 3.09
CA LEU A 41 -3.84 4.19 3.31
C LEU A 41 -2.51 4.28 2.56
N MET A 42 -2.57 4.49 1.24
CA MET A 42 -1.36 4.53 0.39
C MET A 42 -0.49 5.69 0.80
N ALA A 43 -1.11 6.63 1.47
CA ALA A 43 -0.41 7.71 2.12
C ALA A 43 0.74 7.15 2.97
N TYR A 44 0.58 5.92 3.43
CA TYR A 44 1.62 5.22 4.15
C TYR A 44 2.20 4.15 3.25
N GLU A 45 1.37 3.17 2.93
CA GLU A 45 1.78 1.98 2.19
C GLU A 45 2.57 2.31 0.93
N ASN A 46 2.33 3.47 0.37
CA ASN A 46 2.96 3.86 -0.86
C ASN A 46 3.99 4.98 -0.63
N ALA A 47 3.86 5.70 0.48
CA ALA A 47 4.69 6.88 0.76
C ALA A 47 6.18 6.58 0.80
N ASN A 48 6.95 7.61 1.10
CA ASN A 48 8.37 7.48 1.30
C ASN A 48 8.63 6.57 2.49
N PRO A 49 9.65 5.71 2.40
CA PRO A 49 9.98 4.77 3.47
C PRO A 49 9.93 5.41 4.85
N GLU A 50 10.57 6.57 4.97
CA GLU A 50 10.63 7.32 6.20
C GLU A 50 9.32 8.01 6.47
N CYS A 51 8.54 8.27 5.44
CA CYS A 51 7.38 9.04 5.60
C CYS A 51 6.23 8.19 6.06
N GLN A 52 6.13 7.01 5.51
CA GLN A 52 5.17 6.06 6.01
C GLN A 52 5.60 5.70 7.39
N SER A 53 6.89 5.74 7.57
CA SER A 53 7.50 5.58 8.86
C SER A 53 7.14 6.75 9.78
N ALA A 54 6.92 7.90 9.22
CA ALA A 54 6.40 9.00 10.00
C ALA A 54 4.95 8.75 10.33
N ILE A 55 4.34 7.93 9.50
CA ILE A 55 2.93 7.68 9.56
C ILE A 55 2.53 6.48 10.44
N LYS A 56 3.37 5.43 10.55
CA LYS A 56 2.95 4.20 11.27
C LYS A 56 2.21 4.49 12.61
N PRO A 57 2.63 5.51 13.41
CA PRO A 57 1.90 5.89 14.64
C PRO A 57 0.47 6.38 14.35
N LEU A 58 0.27 6.97 13.18
CA LEU A 58 -1.03 7.49 12.77
C LEU A 58 -1.69 6.46 11.90
N LYS A 59 -0.89 5.52 11.43
CA LYS A 59 -1.36 4.47 10.55
C LYS A 59 -2.56 3.74 11.15
N GLY A 60 -3.72 3.97 10.55
CA GLY A 60 -4.93 3.35 11.03
C GLY A 60 -5.68 4.26 11.96
N LYS A 61 -4.95 5.21 12.55
CA LYS A 61 -5.53 6.12 13.50
C LYS A 61 -5.76 7.48 12.84
N VAL A 62 -7.01 7.85 12.70
CA VAL A 62 -7.35 9.19 12.27
C VAL A 62 -8.22 9.85 13.33
N PRO A 63 -7.97 11.14 13.64
CA PRO A 63 -8.83 11.94 14.51
C PRO A 63 -10.29 11.84 14.10
N ALA A 64 -11.17 11.75 15.09
CA ALA A 64 -12.59 11.57 14.84
C ALA A 64 -13.17 12.74 14.05
N GLY A 65 -13.37 12.53 12.76
CA GLY A 65 -13.94 13.56 11.92
C GLY A 65 -12.92 14.20 11.01
N SER A 66 -11.64 13.95 11.27
CA SER A 66 -10.58 14.55 10.49
C SER A 66 -10.19 13.67 9.30
N ASP A 67 -9.30 14.21 8.47
CA ASP A 67 -8.75 13.50 7.32
C ASP A 67 -7.48 12.81 7.77
N VAL A 68 -7.23 11.55 7.39
CA VAL A 68 -6.02 10.91 7.86
C VAL A 68 -4.83 11.53 7.12
N ILE A 69 -5.08 11.90 5.88
CA ILE A 69 -4.06 12.47 5.02
C ILE A 69 -3.47 13.70 5.65
N SER A 70 -4.32 14.58 6.14
CA SER A 70 -3.88 15.80 6.81
C SER A 70 -2.81 15.51 7.87
N GLU A 71 -2.95 14.36 8.53
CA GLU A 71 -2.07 13.96 9.60
C GLU A 71 -0.87 13.23 9.06
N TYR A 72 -1.07 12.55 7.96
CA TYR A 72 -0.04 11.76 7.32
C TYR A 72 0.93 12.69 6.59
N VAL A 73 0.36 13.74 6.02
CA VAL A 73 1.16 14.79 5.40
C VAL A 73 1.87 15.55 6.50
N LYS A 74 1.19 15.64 7.63
CA LYS A 74 1.71 16.25 8.83
C LYS A 74 2.84 15.41 9.39
N ALA A 75 2.74 14.12 9.15
CA ALA A 75 3.79 13.19 9.52
C ALA A 75 5.06 13.53 8.76
N CYS A 76 4.90 13.84 7.48
CA CYS A 76 6.03 14.23 6.64
C CYS A 76 6.16 15.74 6.58
N ASP A 77 5.39 16.44 7.40
CA ASP A 77 5.54 17.88 7.53
C ASP A 77 6.94 18.23 8.04
N GLY A 78 7.62 17.22 8.59
CA GLY A 78 9.00 17.36 8.99
C GLY A 78 9.96 16.64 8.06
N ILE A 79 9.44 15.87 7.10
CA ILE A 79 10.26 15.11 6.18
C ILE A 79 10.37 15.80 4.83
N GLY A 80 11.58 15.92 4.31
CA GLY A 80 11.77 16.45 2.98
C GLY A 80 13.20 16.92 2.75
N GLY A 81 14.13 15.97 2.83
CA GLY A 81 15.54 16.30 2.72
C GLY A 81 16.08 16.91 4.00
N ALA A 82 17.40 17.09 4.05
CA ALA A 82 18.07 17.69 5.20
C ALA A 82 17.74 16.95 6.50
N MET A 83 16.69 17.40 7.19
CA MET A 83 16.25 16.78 8.43
C MET A 83 15.83 15.33 8.18
N HIS A 84 15.36 15.07 6.97
CA HIS A 84 14.96 13.71 6.57
C HIS A 84 16.04 12.69 6.89
N LYS A 85 17.29 13.05 6.65
CA LYS A 85 18.38 12.11 6.81
C LYS A 85 18.93 12.08 8.23
N ALA A 86 18.57 13.09 9.01
CA ALA A 86 18.89 13.10 10.43
C ALA A 86 17.82 12.33 11.19
N MET A 87 16.59 12.58 10.80
CA MET A 87 15.42 11.96 11.40
C MET A 87 15.21 10.57 10.83
N LEU A 88 15.96 10.22 9.79
CA LEU A 88 15.90 8.89 9.19
C LEU A 88 16.18 7.80 10.22
N MET A 89 16.79 8.18 11.33
CA MET A 89 16.99 7.25 12.42
C MET A 89 15.74 7.15 13.29
N ALA A 90 14.93 8.18 13.25
CA ALA A 90 13.82 8.33 14.19
C ALA A 90 12.46 8.16 13.54
N GLN A 91 12.17 8.95 12.52
CA GLN A 91 10.87 8.91 11.88
C GLN A 91 10.71 7.63 11.10
N LEU A 92 11.78 7.24 10.41
CA LEU A 92 11.87 5.93 9.80
C LEU A 92 11.42 4.85 10.78
N GLU A 93 11.62 5.10 12.07
CA GLU A 93 11.24 4.15 13.08
C GLU A 93 10.46 4.74 14.25
N PRO B 1 -4.03 -0.94 13.85
CA PRO B 1 -3.38 -0.18 12.78
C PRO B 1 -4.38 0.04 11.67
N SER B 2 -3.91 -0.01 10.43
CA SER B 2 -4.82 -0.18 9.32
C SER B 2 -5.41 -1.58 9.43
N PHE B 3 -6.39 -1.88 8.62
CA PHE B 3 -6.78 -3.26 8.49
C PHE B 3 -5.68 -4.01 7.77
N ASN B 4 -5.32 -3.45 6.64
CA ASN B 4 -4.49 -4.14 5.68
C ASN B 4 -3.01 -4.08 5.99
N THR B 5 -2.64 -3.55 7.13
CA THR B 5 -1.22 -3.38 7.43
C THR B 5 -0.51 -4.72 7.60
N VAL B 6 -1.26 -5.80 7.52
CA VAL B 6 -0.69 -7.12 7.54
C VAL B 6 -0.11 -7.43 6.17
N ARG B 7 1.11 -7.94 6.11
CA ARG B 7 1.69 -8.22 4.82
C ARG B 7 2.75 -9.30 4.82
N GLN B 8 2.96 -9.82 3.61
CA GLN B 8 3.91 -10.87 3.31
C GLN B 8 5.26 -10.64 3.99
N GLY B 9 5.53 -11.46 4.98
CA GLY B 9 6.82 -11.43 5.65
C GLY B 9 7.84 -12.26 4.89
N SER B 10 8.82 -12.78 5.61
CA SER B 10 9.87 -13.60 5.02
C SER B 10 9.27 -14.75 4.20
N LYS B 11 9.20 -14.52 2.88
CA LYS B 11 8.58 -15.42 1.91
C LYS B 11 7.26 -16.03 2.42
N GLU B 12 6.45 -15.20 3.08
CA GLU B 12 5.16 -15.64 3.60
C GLU B 12 4.27 -16.15 2.48
N PRO B 13 3.50 -17.23 2.71
CA PRO B 13 2.58 -17.76 1.72
C PRO B 13 1.62 -16.68 1.29
N TYR B 14 1.58 -16.41 0.00
CA TYR B 14 0.95 -15.22 -0.49
C TYR B 14 -0.57 -15.27 -0.42
N PRO B 15 -1.25 -16.31 -0.98
CA PRO B 15 -2.72 -16.37 -0.94
C PRO B 15 -3.22 -16.26 0.48
N ASP B 16 -2.31 -16.54 1.39
CA ASP B 16 -2.56 -16.49 2.83
C ASP B 16 -2.24 -15.11 3.37
N PHE B 17 -1.15 -14.52 2.90
CA PHE B 17 -0.78 -13.17 3.27
C PHE B 17 -1.95 -12.24 2.97
N VAL B 18 -2.49 -12.41 1.77
CA VAL B 18 -3.57 -11.58 1.31
C VAL B 18 -4.90 -12.02 1.92
N ALA B 19 -5.07 -13.30 2.16
CA ALA B 19 -6.29 -13.80 2.83
C ALA B 19 -6.48 -13.14 4.19
N ARG B 20 -5.41 -12.87 4.92
CA ARG B 20 -5.54 -12.20 6.19
C ARG B 20 -5.63 -10.72 5.93
N LEU B 21 -5.09 -10.32 4.79
CA LEU B 21 -5.20 -8.96 4.30
C LEU B 21 -6.68 -8.63 4.09
N GLN B 22 -7.39 -9.58 3.48
CA GLN B 22 -8.81 -9.46 3.23
C GLN B 22 -9.58 -9.63 4.50
N ASP B 23 -9.19 -10.62 5.26
CA ASP B 23 -9.85 -10.93 6.53
C ASP B 23 -10.00 -9.70 7.39
N VAL B 24 -8.90 -9.00 7.62
CA VAL B 24 -8.93 -7.89 8.54
C VAL B 24 -9.47 -6.66 7.83
N ALA B 25 -9.36 -6.65 6.51
CA ALA B 25 -9.94 -5.59 5.71
C ALA B 25 -11.44 -5.77 5.75
N GLN B 26 -11.83 -6.98 6.07
CA GLN B 26 -13.22 -7.34 6.19
C GLN B 26 -13.71 -7.02 7.59
N LYS B 27 -12.84 -7.25 8.56
CA LYS B 27 -13.14 -6.97 9.96
C LYS B 27 -13.33 -5.48 10.20
N SER B 28 -12.57 -4.67 9.50
CA SER B 28 -12.51 -3.26 9.77
C SER B 28 -13.30 -2.49 8.71
N ILE B 29 -13.71 -3.19 7.67
CA ILE B 29 -14.44 -2.55 6.59
C ILE B 29 -15.81 -3.20 6.42
N ALA B 30 -16.86 -2.37 6.41
CA ALA B 30 -18.21 -2.85 6.20
C ALA B 30 -18.58 -2.77 4.72
N ASP B 31 -17.63 -2.28 3.93
CA ASP B 31 -17.84 -2.09 2.50
C ASP B 31 -17.04 -3.11 1.72
N GLU B 32 -17.74 -3.96 0.98
CA GLU B 32 -17.10 -4.96 0.16
C GLU B 32 -16.14 -4.30 -0.82
N LYS B 33 -16.49 -3.11 -1.29
CA LYS B 33 -15.71 -2.48 -2.34
C LYS B 33 -14.39 -2.06 -1.78
N ALA B 34 -14.45 -1.28 -0.71
CA ALA B 34 -13.25 -0.84 -0.01
C ALA B 34 -12.45 -2.05 0.51
N ARG B 35 -13.17 -3.14 0.81
CA ARG B 35 -12.54 -4.35 1.30
C ARG B 35 -11.70 -4.93 0.18
N LYS B 36 -12.34 -5.22 -0.94
CA LYS B 36 -11.66 -5.77 -2.10
C LYS B 36 -10.53 -4.87 -2.54
N VAL B 37 -10.88 -3.62 -2.83
CA VAL B 37 -9.94 -2.71 -3.44
C VAL B 37 -8.64 -2.62 -2.65
N ILE B 38 -8.73 -2.72 -1.33
CA ILE B 38 -7.53 -2.62 -0.53
C ILE B 38 -6.86 -3.98 -0.37
N VAL B 39 -7.60 -5.06 -0.43
CA VAL B 39 -6.96 -6.36 -0.42
C VAL B 39 -6.25 -6.59 -1.75
N GLU B 40 -6.97 -6.36 -2.84
CA GLU B 40 -6.43 -6.46 -4.19
C GLU B 40 -5.30 -5.44 -4.42
N LEU B 41 -5.30 -4.36 -3.66
CA LEU B 41 -4.22 -3.36 -3.76
C LEU B 41 -3.02 -3.72 -2.86
N MET B 42 -3.28 -3.90 -1.56
CA MET B 42 -2.20 -4.16 -0.59
C MET B 42 -1.53 -5.46 -0.91
N ALA B 43 -2.25 -6.29 -1.65
CA ALA B 43 -1.71 -7.48 -2.23
C ALA B 43 -0.38 -7.18 -2.94
N TYR B 44 -0.25 -5.94 -3.40
CA TYR B 44 0.99 -5.46 -3.99
C TYR B 44 1.66 -4.52 -3.02
N GLU B 45 1.01 -3.39 -2.77
CA GLU B 45 1.57 -2.30 -1.98
C GLU B 45 2.14 -2.77 -0.64
N ASN B 46 1.59 -3.86 -0.12
CA ASN B 46 2.00 -4.36 1.16
C ASN B 46 2.80 -5.65 1.04
N ALA B 47 2.66 -6.34 -0.09
CA ALA B 47 3.27 -7.67 -0.29
C ALA B 47 4.78 -7.66 -0.15
N ASN B 48 5.36 -8.83 -0.38
CA ASN B 48 6.79 -8.99 -0.41
C ASN B 48 7.36 -8.17 -1.55
N PRO B 49 8.52 -7.52 -1.34
CA PRO B 49 9.14 -6.67 -2.35
C PRO B 49 9.13 -7.30 -3.74
N GLU B 50 9.52 -8.57 -3.80
CA GLU B 50 9.58 -9.33 -5.03
C GLU B 50 8.20 -9.75 -5.47
N CYS B 51 7.28 -9.83 -4.52
CA CYS B 51 6.00 -10.36 -4.82
C CYS B 51 5.11 -9.32 -5.40
N GLN B 52 5.19 -8.12 -4.85
CA GLN B 52 4.49 -7.01 -5.44
C GLN B 52 5.14 -6.75 -6.77
N SER B 53 6.41 -7.05 -6.79
CA SER B 53 7.18 -7.03 -8.00
C SER B 53 6.71 -8.10 -8.97
N ALA B 54 6.20 -9.19 -8.45
CA ALA B 54 5.57 -10.18 -9.31
C ALA B 54 4.25 -9.64 -9.80
N ILE B 55 3.72 -8.71 -9.03
CA ILE B 55 2.41 -8.18 -9.25
C ILE B 55 2.35 -6.94 -10.14
N LYS B 56 3.39 -6.07 -10.14
CA LYS B 56 3.30 -4.79 -10.89
C LYS B 56 2.69 -4.94 -12.31
N PRO B 57 2.97 -6.03 -13.07
CA PRO B 57 2.33 -6.27 -14.38
C PRO B 57 0.82 -6.47 -14.28
N LEU B 58 0.37 -6.99 -13.13
CA LEU B 58 -1.04 -7.24 -12.88
C LEU B 58 -1.59 -6.09 -12.09
N LYS B 59 -0.67 -5.32 -11.51
CA LYS B 59 -1.03 -4.20 -10.67
C LYS B 59 -1.98 -3.26 -11.41
N GLY B 60 -3.22 -3.24 -10.94
CA GLY B 60 -4.22 -2.39 -11.54
C GLY B 60 -5.02 -3.15 -12.57
N LYS B 61 -4.44 -4.23 -13.07
CA LYS B 61 -5.08 -5.02 -14.10
C LYS B 61 -5.64 -6.30 -13.49
N VAL B 62 -6.95 -6.41 -13.51
CA VAL B 62 -7.59 -7.65 -13.13
C VAL B 62 -8.47 -8.15 -14.28
N PRO B 63 -8.43 -9.45 -14.58
CA PRO B 63 -9.32 -10.06 -15.56
C PRO B 63 -10.77 -9.67 -15.32
N ALA B 64 -11.49 -9.43 -16.40
CA ALA B 64 -12.87 -8.97 -16.32
C ALA B 64 -13.75 -10.00 -15.61
N GLY B 65 -14.07 -9.74 -14.35
CA GLY B 65 -14.92 -10.62 -13.59
C GLY B 65 -14.15 -11.45 -12.58
N SER B 66 -12.84 -11.46 -12.69
CA SER B 66 -12.00 -12.25 -11.80
C SER B 66 -11.58 -11.45 -10.57
N ASP B 67 -10.93 -12.15 -9.65
CA ASP B 67 -10.38 -11.55 -8.43
C ASP B 67 -8.94 -11.13 -8.72
N VAL B 68 -8.50 -9.94 -8.30
CA VAL B 68 -7.14 -9.56 -8.61
C VAL B 68 -6.20 -10.40 -7.76
N ILE B 69 -6.65 -10.70 -6.56
CA ILE B 69 -5.87 -11.45 -5.61
C ILE B 69 -5.47 -12.79 -6.18
N SER B 70 -6.41 -13.48 -6.77
CA SER B 70 -6.16 -14.77 -7.40
C SER B 70 -4.92 -14.71 -8.33
N GLU B 71 -4.77 -13.56 -8.99
CA GLU B 71 -3.70 -13.35 -9.95
C GLU B 71 -2.45 -12.87 -9.26
N TYR B 72 -2.65 -12.14 -8.17
CA TYR B 72 -1.55 -11.58 -7.42
C TYR B 72 -0.89 -12.67 -6.59
N VAL B 73 -1.71 -13.59 -6.11
CA VAL B 73 -1.20 -14.77 -5.41
C VAL B 73 -0.53 -15.66 -6.44
N LYS B 74 -1.09 -15.62 -7.64
CA LYS B 74 -0.57 -16.34 -8.78
C LYS B 74 0.77 -15.74 -9.19
N ALA B 75 0.90 -14.45 -8.95
CA ALA B 75 2.14 -13.75 -9.19
C ALA B 75 3.23 -14.33 -8.28
N CYS B 76 2.86 -14.58 -7.04
CA CYS B 76 3.78 -15.19 -6.08
C CYS B 76 3.60 -16.70 -6.02
N ASP B 77 2.81 -17.24 -6.94
CA ASP B 77 2.68 -18.68 -7.06
C ASP B 77 4.04 -19.30 -7.42
N GLY B 78 4.96 -18.45 -7.88
CA GLY B 78 6.32 -18.88 -8.12
C GLY B 78 7.30 -18.34 -7.08
N ILE B 79 6.82 -17.48 -6.17
CA ILE B 79 7.68 -16.90 -5.15
C ILE B 79 7.49 -17.58 -3.80
N GLY B 80 8.59 -17.92 -3.15
CA GLY B 80 8.52 -18.47 -1.82
C GLY B 80 9.79 -19.20 -1.43
N GLY B 81 10.89 -18.46 -1.41
CA GLY B 81 12.18 -19.08 -1.13
C GLY B 81 12.74 -19.79 -2.34
N ALA B 82 14.00 -20.23 -2.24
CA ALA B 82 14.66 -20.95 -3.33
C ALA B 82 14.63 -20.18 -4.65
N MET B 83 13.60 -20.41 -5.46
CA MET B 83 13.45 -19.73 -6.73
C MET B 83 13.30 -18.24 -6.52
N HIS B 84 12.74 -17.86 -5.37
CA HIS B 84 12.57 -16.45 -4.99
C HIS B 84 13.87 -15.67 -5.17
N LYS B 85 14.98 -16.26 -4.79
CA LYS B 85 16.25 -15.56 -4.81
C LYS B 85 16.96 -15.67 -6.16
N ALA B 86 16.50 -16.59 -6.99
CA ALA B 86 16.97 -16.68 -8.36
C ALA B 86 16.17 -15.71 -9.23
N MET B 87 14.88 -15.71 -8.99
CA MET B 87 13.93 -14.87 -9.71
C MET B 87 13.93 -13.46 -9.15
N LEU B 88 14.61 -13.27 -8.02
CA LEU B 88 14.74 -11.95 -7.41
C LEU B 88 15.36 -10.93 -8.39
N MET B 89 15.98 -11.44 -9.44
CA MET B 89 16.50 -10.58 -10.48
C MET B 89 15.41 -10.24 -11.48
N ALA B 90 14.40 -11.09 -11.56
CA ALA B 90 13.40 -11.02 -12.62
C ALA B 90 12.04 -10.58 -12.11
N GLN B 91 11.48 -11.29 -11.15
CA GLN B 91 10.15 -10.98 -10.65
C GLN B 91 10.17 -9.69 -9.88
N LEU B 92 11.21 -9.51 -9.08
CA LEU B 92 11.49 -8.24 -8.43
C LEU B 92 11.37 -7.10 -9.46
N GLU B 93 11.65 -7.40 -10.72
CA GLU B 93 11.60 -6.40 -11.75
C GLU B 93 10.85 -6.85 -13.01
N PRO A 1 -1.11 1.70 -14.06
CA PRO A 1 -0.98 0.77 -12.94
C PRO A 1 -2.28 0.75 -12.17
N SER A 2 -2.20 0.60 -10.85
CA SER A 2 -3.31 0.94 -9.99
C SER A 2 -3.50 2.44 -10.01
N PHE A 3 -4.42 2.94 -9.24
CA PHE A 3 -4.54 4.38 -9.10
C PHE A 3 -3.46 4.91 -8.18
N ASN A 4 -3.44 4.34 -6.99
CA ASN A 4 -2.65 4.88 -5.89
C ASN A 4 -1.17 4.57 -6.03
N THR A 5 -0.83 3.75 -6.99
CA THR A 5 0.54 3.26 -7.13
C THR A 5 1.57 4.36 -7.27
N VAL A 6 1.13 5.60 -7.25
CA VAL A 6 2.03 6.70 -7.11
C VAL A 6 2.55 6.73 -5.69
N ARG A 7 3.83 6.57 -5.53
CA ARG A 7 4.42 6.66 -4.22
C ARG A 7 5.37 7.84 -4.15
N GLN A 8 5.60 8.28 -2.93
CA GLN A 8 6.57 9.31 -2.60
C GLN A 8 7.96 8.93 -3.10
N GLY A 9 8.45 9.69 -4.08
CA GLY A 9 9.82 9.51 -4.55
C GLY A 9 10.80 10.13 -3.59
N SER A 10 12.02 10.40 -4.08
CA SER A 10 13.07 10.99 -3.24
C SER A 10 12.58 12.25 -2.53
N LYS A 11 12.24 12.07 -1.26
CA LYS A 11 11.64 13.12 -0.41
C LYS A 11 10.55 13.91 -1.15
N GLU A 12 9.70 13.20 -1.90
CA GLU A 12 8.60 13.83 -2.61
C GLU A 12 7.67 14.52 -1.61
N PRO A 13 7.21 15.75 -1.92
CA PRO A 13 6.31 16.50 -1.03
C PRO A 13 5.11 15.65 -0.71
N TYR A 14 4.87 15.45 0.58
CA TYR A 14 3.94 14.44 1.02
C TYR A 14 2.49 14.80 0.72
N PRO A 15 1.97 15.99 1.13
CA PRO A 15 0.57 16.36 0.84
C PRO A 15 0.30 16.29 -0.65
N ASP A 16 1.37 16.31 -1.40
CA ASP A 16 1.32 16.24 -2.86
C ASP A 16 1.37 14.80 -3.34
N PHE A 17 2.22 13.99 -2.71
CA PHE A 17 2.32 12.58 -3.03
C PHE A 17 0.95 11.94 -2.84
N VAL A 18 0.28 12.35 -1.77
CA VAL A 18 -1.01 11.82 -1.46
C VAL A 18 -2.12 12.54 -2.25
N ALA A 19 -1.96 13.81 -2.52
CA ALA A 19 -2.94 14.53 -3.34
C ALA A 19 -3.10 13.90 -4.72
N ARG A 20 -2.03 13.34 -5.27
CA ARG A 20 -2.16 12.68 -6.56
C ARG A 20 -2.61 11.26 -6.29
N LEU A 21 -2.26 10.77 -5.12
CA LEU A 21 -2.74 9.50 -4.60
C LEU A 21 -4.26 9.53 -4.62
N GLN A 22 -4.82 10.62 -4.12
CA GLN A 22 -6.25 10.82 -4.09
C GLN A 22 -6.79 11.10 -5.46
N ASP A 23 -6.12 11.97 -6.17
CA ASP A 23 -6.55 12.39 -7.49
C ASP A 23 -6.81 11.20 -8.40
N VAL A 24 -5.85 10.30 -8.50
CA VAL A 24 -5.94 9.20 -9.42
C VAL A 24 -6.79 8.09 -8.82
N ALA A 25 -6.85 8.07 -7.49
CA ALA A 25 -7.72 7.16 -6.79
C ALA A 25 -9.14 7.62 -7.00
N GLN A 26 -9.25 8.87 -7.37
CA GLN A 26 -10.52 9.48 -7.66
C GLN A 26 -10.89 9.22 -9.11
N LYS A 27 -9.88 9.25 -9.97
CA LYS A 27 -10.05 9.01 -11.39
C LYS A 27 -10.43 7.56 -11.68
N SER A 28 -9.85 6.63 -10.93
CA SER A 28 -9.99 5.23 -11.24
C SER A 28 -11.00 4.59 -10.29
N ILE A 29 -11.42 5.36 -9.30
CA ILE A 29 -12.41 4.88 -8.36
C ILE A 29 -13.68 5.72 -8.44
N ALA A 30 -14.81 5.06 -8.61
CA ALA A 30 -16.09 5.74 -8.67
C ALA A 30 -16.66 5.90 -7.26
N ASP A 31 -16.01 5.26 -6.31
CA ASP A 31 -16.46 5.26 -4.93
C ASP A 31 -15.68 6.28 -4.12
N GLU A 32 -16.37 7.04 -3.31
CA GLU A 32 -15.73 8.03 -2.46
C GLU A 32 -15.04 7.36 -1.28
N LYS A 33 -15.57 6.22 -0.84
CA LYS A 33 -15.04 5.57 0.34
C LYS A 33 -13.77 4.86 -0.03
N ALA A 34 -13.84 4.06 -1.09
CA ALA A 34 -12.67 3.38 -1.61
C ALA A 34 -11.59 4.39 -2.01
N ARG A 35 -12.03 5.60 -2.37
CA ARG A 35 -11.11 6.65 -2.74
C ARG A 35 -10.33 7.03 -1.51
N LYS A 36 -11.04 7.48 -0.48
CA LYS A 36 -10.42 7.89 0.78
C LYS A 36 -9.57 6.79 1.35
N VAL A 37 -10.19 5.63 1.55
CA VAL A 37 -9.56 4.55 2.28
C VAL A 37 -8.22 4.18 1.67
N ILE A 38 -8.09 4.33 0.35
CA ILE A 38 -6.84 4.02 -0.28
C ILE A 38 -5.90 5.21 -0.27
N VAL A 39 -6.42 6.42 -0.38
CA VAL A 39 -5.54 7.57 -0.29
C VAL A 39 -4.96 7.66 1.12
N GLU A 40 -5.84 7.53 2.10
CA GLU A 40 -5.49 7.55 3.50
C GLU A 40 -4.66 6.34 3.91
N LEU A 41 -4.77 5.26 3.18
CA LEU A 41 -3.96 4.10 3.47
C LEU A 41 -2.60 4.18 2.79
N MET A 42 -2.61 4.35 1.47
CA MET A 42 -1.38 4.39 0.66
C MET A 42 -0.53 5.54 1.09
N ALA A 43 -1.17 6.49 1.72
CA ALA A 43 -0.50 7.57 2.38
C ALA A 43 0.64 7.04 3.26
N TYR A 44 0.53 5.80 3.74
CA TYR A 44 1.60 5.18 4.51
C TYR A 44 2.30 4.16 3.65
N GLU A 45 1.57 3.10 3.29
CA GLU A 45 2.12 1.99 2.53
C GLU A 45 2.91 2.47 1.30
N ASN A 46 2.46 3.57 0.71
CA ASN A 46 3.07 4.11 -0.49
C ASN A 46 3.99 5.27 -0.18
N ALA A 47 3.88 5.80 1.02
CA ALA A 47 4.71 6.93 1.42
C ALA A 47 6.18 6.57 1.44
N ASN A 48 7.01 7.58 1.55
CA ASN A 48 8.43 7.38 1.72
C ASN A 48 8.68 6.55 2.96
N PRO A 49 9.69 5.70 2.95
CA PRO A 49 10.03 4.84 4.09
C PRO A 49 9.91 5.60 5.42
N GLU A 50 10.51 6.78 5.45
CA GLU A 50 10.49 7.67 6.59
C GLU A 50 9.13 8.31 6.77
N CYS A 51 8.43 8.56 5.68
CA CYS A 51 7.18 9.28 5.73
C CYS A 51 6.10 8.39 6.29
N GLN A 52 6.13 7.14 5.91
CA GLN A 52 5.19 6.21 6.47
C GLN A 52 5.64 5.92 7.88
N SER A 53 6.92 6.00 8.06
CA SER A 53 7.53 5.92 9.36
C SER A 53 7.15 7.14 10.20
N ALA A 54 6.78 8.20 9.54
CA ALA A 54 6.19 9.32 10.25
C ALA A 54 4.75 9.01 10.61
N ILE A 55 4.16 8.16 9.80
CA ILE A 55 2.74 7.87 9.88
C ILE A 55 2.36 6.72 10.81
N LYS A 56 3.22 5.69 10.97
CA LYS A 56 2.83 4.49 11.75
C LYS A 56 2.05 4.78 13.06
N PRO A 57 2.36 5.85 13.81
CA PRO A 57 1.57 6.24 15.01
C PRO A 57 0.12 6.64 14.67
N LEU A 58 -0.08 7.17 13.47
CA LEU A 58 -1.39 7.61 13.02
C LEU A 58 -1.97 6.52 12.16
N LYS A 59 -1.10 5.62 11.76
CA LYS A 59 -1.48 4.50 10.92
C LYS A 59 -2.64 3.74 11.56
N GLY A 60 -3.80 3.86 10.93
CA GLY A 60 -4.99 3.26 11.49
C GLY A 60 -5.84 4.26 12.23
N LYS A 61 -5.19 5.26 12.81
CA LYS A 61 -5.89 6.23 13.63
C LYS A 61 -6.09 7.53 12.92
N VAL A 62 -7.33 7.81 12.70
CA VAL A 62 -7.76 9.10 12.19
C VAL A 62 -8.76 9.72 13.16
N PRO A 63 -8.74 11.05 13.33
CA PRO A 63 -9.82 11.77 14.03
C PRO A 63 -11.18 11.34 13.52
N ALA A 64 -12.14 11.22 14.42
CA ALA A 64 -13.46 10.68 14.11
C ALA A 64 -14.15 11.50 13.01
N GLY A 65 -14.13 10.97 11.79
CA GLY A 65 -14.82 11.60 10.70
C GLY A 65 -13.94 12.51 9.86
N SER A 66 -12.72 12.76 10.34
CA SER A 66 -11.81 13.65 9.65
C SER A 66 -10.95 12.92 8.64
N ASP A 67 -9.90 13.60 8.27
CA ASP A 67 -8.98 13.21 7.24
C ASP A 67 -7.75 12.56 7.82
N VAL A 68 -7.40 11.36 7.38
CA VAL A 68 -6.17 10.77 7.87
C VAL A 68 -5.02 11.37 7.10
N ILE A 69 -5.28 11.73 5.86
CA ILE A 69 -4.26 12.33 5.01
C ILE A 69 -3.72 13.57 5.64
N SER A 70 -4.61 14.42 6.05
CA SER A 70 -4.26 15.67 6.71
C SER A 70 -3.24 15.43 7.83
N GLU A 71 -3.37 14.30 8.53
CA GLU A 71 -2.52 13.94 9.64
C GLU A 71 -1.27 13.25 9.14
N TYR A 72 -1.42 12.51 8.06
CA TYR A 72 -0.34 11.73 7.50
C TYR A 72 0.64 12.65 6.78
N VAL A 73 0.09 13.66 6.13
CA VAL A 73 0.90 14.68 5.49
C VAL A 73 1.54 15.52 6.55
N LYS A 74 0.81 15.67 7.65
CA LYS A 74 1.27 16.40 8.81
C LYS A 74 2.34 15.61 9.53
N ALA A 75 2.27 14.29 9.39
CA ALA A 75 3.27 13.41 9.93
C ALA A 75 4.57 13.64 9.19
N CYS A 76 4.46 13.79 7.89
CA CYS A 76 5.60 13.96 7.03
C CYS A 76 5.80 15.43 6.65
N ASP A 77 5.07 16.31 7.31
CA ASP A 77 5.17 17.75 7.08
C ASP A 77 6.56 18.26 7.46
N GLY A 78 7.20 17.58 8.40
CA GLY A 78 8.60 17.87 8.70
C GLY A 78 9.54 17.20 7.73
N ILE A 79 9.05 16.14 7.09
CA ILE A 79 9.82 15.39 6.12
C ILE A 79 9.79 16.11 4.77
N GLY A 80 10.70 15.74 3.88
CA GLY A 80 10.82 16.44 2.62
C GLY A 80 12.13 17.18 2.56
N GLY A 81 12.76 17.29 3.71
CA GLY A 81 14.07 17.89 3.81
C GLY A 81 14.39 18.27 5.22
N ALA A 82 15.68 18.35 5.54
CA ALA A 82 16.15 18.75 6.87
C ALA A 82 15.73 17.76 7.96
N MET A 83 14.50 17.89 8.43
CA MET A 83 13.99 17.05 9.53
C MET A 83 13.99 15.58 9.12
N HIS A 84 13.83 15.34 7.83
CA HIS A 84 13.91 13.98 7.28
C HIS A 84 15.25 13.34 7.62
N LYS A 85 16.29 14.13 7.69
CA LYS A 85 17.62 13.60 7.93
C LYS A 85 17.86 13.41 9.42
N ALA A 86 17.06 14.09 10.23
CA ALA A 86 17.11 13.95 11.66
C ALA A 86 16.23 12.78 12.12
N MET A 87 15.03 12.74 11.57
CA MET A 87 14.04 11.74 11.95
C MET A 87 14.30 10.42 11.27
N LEU A 88 15.17 10.45 10.26
CA LEU A 88 15.53 9.26 9.51
C LEU A 88 15.94 8.10 10.43
N MET A 89 16.63 8.44 11.51
CA MET A 89 17.09 7.44 12.47
C MET A 89 15.98 7.09 13.46
N ALA A 90 15.01 7.96 13.59
CA ALA A 90 13.97 7.83 14.60
C ALA A 90 12.75 7.09 14.08
N GLN A 91 12.32 7.45 12.88
CA GLN A 91 11.10 6.91 12.32
C GLN A 91 11.39 5.79 11.35
N LEU A 92 12.29 6.06 10.40
CA LEU A 92 12.71 5.08 9.42
C LEU A 92 13.45 3.91 10.10
N GLU A 93 13.54 3.99 11.43
CA GLU A 93 14.20 2.99 12.27
C GLU A 93 13.85 1.56 11.85
N PRO B 1 -2.99 -1.24 13.80
CA PRO B 1 -2.56 -0.37 12.71
C PRO B 1 -3.74 -0.09 11.79
N SER B 2 -3.47 0.01 10.50
CA SER B 2 -4.53 -0.11 9.51
C SER B 2 -5.02 -1.55 9.50
N PHE B 3 -5.93 -1.86 8.62
CA PHE B 3 -6.31 -3.25 8.46
C PHE B 3 -5.26 -3.99 7.66
N ASN B 4 -4.99 -3.46 6.49
CA ASN B 4 -4.21 -4.16 5.48
C ASN B 4 -2.73 -4.15 5.79
N THR B 5 -2.33 -3.41 6.80
CA THR B 5 -0.93 -3.19 7.09
C THR B 5 -0.15 -4.48 7.35
N VAL B 6 -0.83 -5.61 7.25
CA VAL B 6 -0.16 -6.86 7.22
C VAL B 6 0.50 -7.02 5.85
N ARG B 7 1.80 -7.12 5.84
CA ARG B 7 2.50 -7.35 4.62
C ARG B 7 3.20 -8.69 4.64
N GLN B 8 3.47 -9.19 3.46
CA GLN B 8 4.25 -10.39 3.23
C GLN B 8 5.62 -10.30 3.89
N GLY B 9 5.84 -11.11 4.91
CA GLY B 9 7.15 -11.20 5.53
C GLY B 9 8.10 -12.02 4.69
N SER B 10 9.16 -12.53 5.30
CA SER B 10 10.17 -13.33 4.59
C SER B 10 9.51 -14.47 3.81
N LYS B 11 9.36 -14.25 2.51
CA LYS B 11 8.67 -15.17 1.59
C LYS B 11 7.36 -15.72 2.20
N GLU B 12 6.59 -14.84 2.85
CA GLU B 12 5.31 -15.23 3.43
C GLU B 12 4.39 -15.74 2.33
N PRO B 13 3.66 -16.85 2.57
CA PRO B 13 2.74 -17.40 1.58
C PRO B 13 1.77 -16.34 1.13
N TYR B 14 1.74 -16.11 -0.17
CA TYR B 14 1.07 -14.94 -0.70
C TYR B 14 -0.44 -15.00 -0.57
N PRO B 15 -1.14 -16.07 -1.05
CA PRO B 15 -2.61 -16.15 -0.93
C PRO B 15 -3.04 -16.00 0.52
N ASP B 16 -2.08 -16.22 1.39
CA ASP B 16 -2.28 -16.13 2.83
C ASP B 16 -2.00 -14.73 3.32
N PHE B 17 -0.94 -14.11 2.81
CA PHE B 17 -0.59 -12.74 3.14
C PHE B 17 -1.77 -11.84 2.81
N VAL B 18 -2.38 -12.12 1.66
CA VAL B 18 -3.50 -11.36 1.21
C VAL B 18 -4.82 -11.82 1.86
N ALA B 19 -4.95 -13.10 2.14
CA ALA B 19 -6.14 -13.61 2.84
C ALA B 19 -6.31 -12.94 4.20
N ARG B 20 -5.23 -12.59 4.87
CA ARG B 20 -5.36 -11.89 6.14
C ARG B 20 -5.50 -10.41 5.83
N LEU B 21 -4.91 -10.03 4.71
CA LEU B 21 -5.07 -8.69 4.16
C LEU B 21 -6.56 -8.41 3.99
N GLN B 22 -7.28 -9.38 3.43
CA GLN B 22 -8.70 -9.29 3.24
C GLN B 22 -9.44 -9.42 4.53
N ASP B 23 -9.03 -10.41 5.30
CA ASP B 23 -9.69 -10.71 6.57
C ASP B 23 -9.81 -9.48 7.44
N VAL B 24 -8.70 -8.79 7.67
CA VAL B 24 -8.68 -7.68 8.59
C VAL B 24 -9.21 -6.44 7.89
N ALA B 25 -9.12 -6.43 6.56
CA ALA B 25 -9.71 -5.36 5.78
C ALA B 25 -11.20 -5.55 5.82
N GLN B 26 -11.60 -6.73 6.17
CA GLN B 26 -12.98 -7.06 6.31
C GLN B 26 -13.46 -6.72 7.72
N LYS B 27 -12.59 -6.95 8.68
CA LYS B 27 -12.86 -6.65 10.08
C LYS B 27 -12.97 -5.14 10.33
N SER B 28 -12.14 -4.37 9.65
CA SER B 28 -12.03 -2.96 9.96
C SER B 28 -12.77 -2.14 8.91
N ILE B 29 -13.23 -2.83 7.87
CA ILE B 29 -13.99 -2.17 6.82
C ILE B 29 -15.40 -2.75 6.76
N ALA B 30 -16.39 -1.87 6.80
CA ALA B 30 -17.78 -2.28 6.70
C ALA B 30 -18.21 -2.36 5.24
N ASP B 31 -17.34 -1.86 4.37
CA ASP B 31 -17.63 -1.79 2.95
C ASP B 31 -16.97 -2.96 2.23
N GLU B 32 -17.70 -3.58 1.33
CA GLU B 32 -17.18 -4.68 0.55
C GLU B 32 -16.24 -4.19 -0.53
N LYS B 33 -16.48 -2.97 -1.01
CA LYS B 33 -15.70 -2.45 -2.12
C LYS B 33 -14.37 -2.00 -1.60
N ALA B 34 -14.39 -1.19 -0.55
CA ALA B 34 -13.18 -0.75 0.11
C ALA B 34 -12.38 -1.95 0.61
N ARG B 35 -13.08 -3.04 0.91
CA ARG B 35 -12.45 -4.26 1.38
C ARG B 35 -11.62 -4.80 0.23
N LYS B 36 -12.28 -5.12 -0.87
CA LYS B 36 -11.62 -5.66 -2.05
C LYS B 36 -10.50 -4.75 -2.52
N VAL B 37 -10.86 -3.50 -2.78
CA VAL B 37 -9.94 -2.58 -3.41
C VAL B 37 -8.64 -2.48 -2.65
N ILE B 38 -8.70 -2.63 -1.34
CA ILE B 38 -7.48 -2.57 -0.56
C ILE B 38 -6.80 -3.92 -0.47
N VAL B 39 -7.56 -5.01 -0.43
CA VAL B 39 -6.92 -6.30 -0.43
C VAL B 39 -6.22 -6.53 -1.76
N GLU B 40 -6.94 -6.24 -2.84
CA GLU B 40 -6.45 -6.35 -4.18
C GLU B 40 -5.36 -5.34 -4.50
N LEU B 41 -5.33 -4.25 -3.76
CA LEU B 41 -4.28 -3.27 -3.95
C LEU B 41 -3.04 -3.62 -3.12
N MET B 42 -3.23 -3.76 -1.81
CA MET B 42 -2.14 -4.03 -0.88
C MET B 42 -1.49 -5.33 -1.21
N ALA B 43 -2.23 -6.14 -1.93
CA ALA B 43 -1.72 -7.35 -2.51
C ALA B 43 -0.40 -7.07 -3.25
N TYR B 44 -0.22 -5.85 -3.73
CA TYR B 44 1.04 -5.46 -4.37
C TYR B 44 1.82 -4.58 -3.43
N GLU B 45 1.30 -3.39 -3.16
CA GLU B 45 1.97 -2.41 -2.32
C GLU B 45 2.50 -3.02 -1.02
N ASN B 46 1.77 -4.00 -0.48
CA ASN B 46 2.11 -4.63 0.77
C ASN B 46 2.82 -5.96 0.55
N ALA B 47 2.75 -6.48 -0.65
CA ALA B 47 3.38 -7.76 -0.96
C ALA B 47 4.87 -7.68 -0.80
N ASN B 48 5.49 -8.85 -0.83
CA ASN B 48 6.93 -8.93 -0.84
C ASN B 48 7.47 -8.19 -2.03
N PRO B 49 8.64 -7.56 -1.91
CA PRO B 49 9.26 -6.80 -3.00
C PRO B 49 9.14 -7.55 -4.33
N GLU B 50 9.52 -8.81 -4.32
CA GLU B 50 9.44 -9.70 -5.45
C GLU B 50 8.00 -10.06 -5.79
N CYS B 51 7.15 -10.16 -4.78
CA CYS B 51 5.79 -10.61 -4.98
C CYS B 51 4.98 -9.53 -5.65
N GLN B 52 5.21 -8.30 -5.26
CA GLN B 52 4.56 -7.21 -5.91
C GLN B 52 5.20 -7.04 -7.26
N SER B 53 6.46 -7.38 -7.31
CA SER B 53 7.21 -7.44 -8.53
C SER B 53 6.70 -8.58 -9.41
N ALA B 54 6.05 -9.53 -8.81
CA ALA B 54 5.33 -10.52 -9.57
C ALA B 54 4.03 -9.93 -10.10
N ILE B 55 3.53 -8.97 -9.36
CA ILE B 55 2.22 -8.41 -9.60
C ILE B 55 2.19 -7.22 -10.56
N LYS B 56 3.24 -6.37 -10.60
CA LYS B 56 3.20 -5.13 -11.42
C LYS B 56 2.51 -5.29 -12.80
N PRO B 57 2.69 -6.42 -13.53
CA PRO B 57 1.98 -6.64 -14.81
C PRO B 57 0.46 -6.73 -14.64
N LEU B 58 0.03 -7.20 -13.48
CA LEU B 58 -1.39 -7.37 -13.18
C LEU B 58 -1.83 -6.17 -12.38
N LYS B 59 -0.85 -5.46 -11.87
CA LYS B 59 -1.08 -4.27 -11.09
C LYS B 59 -2.00 -3.30 -11.84
N GLY B 60 -3.22 -3.17 -11.36
CA GLY B 60 -4.20 -2.36 -12.04
C GLY B 60 -5.13 -3.19 -12.88
N LYS B 61 -4.64 -4.30 -13.40
CA LYS B 61 -5.42 -5.12 -14.30
C LYS B 61 -5.96 -6.34 -13.62
N VAL B 62 -7.26 -6.37 -13.53
CA VAL B 62 -7.99 -7.54 -13.10
C VAL B 62 -8.98 -7.96 -14.18
N PRO B 63 -9.21 -9.28 -14.35
CA PRO B 63 -10.31 -9.78 -15.18
C PRO B 63 -11.61 -9.07 -14.82
N ALA B 64 -12.41 -8.78 -15.84
CA ALA B 64 -13.63 -7.99 -15.67
C ALA B 64 -14.59 -8.63 -14.66
N GLY B 65 -14.60 -8.10 -13.45
CA GLY B 65 -15.53 -8.56 -12.43
C GLY B 65 -14.94 -9.61 -11.53
N SER B 66 -13.76 -10.11 -11.86
CA SER B 66 -13.13 -11.16 -11.07
C SER B 66 -12.26 -10.60 -9.97
N ASP B 67 -11.41 -11.46 -9.49
CA ASP B 67 -10.56 -11.25 -8.35
C ASP B 67 -9.16 -10.88 -8.78
N VAL B 68 -8.64 -9.76 -8.30
CA VAL B 68 -7.26 -9.43 -8.64
C VAL B 68 -6.34 -10.25 -7.75
N ILE B 69 -6.81 -10.53 -6.54
CA ILE B 69 -6.04 -11.29 -5.59
C ILE B 69 -5.69 -12.64 -6.16
N SER B 70 -6.68 -13.29 -6.69
CA SER B 70 -6.52 -14.60 -7.31
C SER B 70 -5.34 -14.59 -8.31
N GLU B 71 -5.18 -13.46 -9.00
CA GLU B 71 -4.14 -13.29 -10.00
C GLU B 71 -2.84 -12.86 -9.36
N TYR B 72 -2.97 -12.09 -8.30
CA TYR B 72 -1.82 -11.53 -7.62
C TYR B 72 -1.13 -12.61 -6.80
N VAL B 73 -1.94 -13.49 -6.21
CA VAL B 73 -1.43 -14.64 -5.49
C VAL B 73 -0.85 -15.61 -6.50
N LYS B 74 -1.47 -15.63 -7.67
CA LYS B 74 -1.04 -16.45 -8.77
C LYS B 74 0.24 -15.90 -9.37
N ALA B 75 0.42 -14.59 -9.22
CA ALA B 75 1.64 -13.94 -9.63
C ALA B 75 2.78 -14.41 -8.76
N CYS B 76 2.49 -14.52 -7.47
CA CYS B 76 3.46 -14.90 -6.49
C CYS B 76 3.32 -16.36 -6.10
N ASP B 77 2.50 -17.09 -6.85
CA ASP B 77 2.29 -18.52 -6.63
C ASP B 77 3.58 -19.30 -6.84
N GLY B 78 4.46 -18.79 -7.70
CA GLY B 78 5.77 -19.35 -7.85
C GLY B 78 6.72 -18.87 -6.76
N ILE B 79 6.39 -17.74 -6.18
CA ILE B 79 7.18 -17.14 -5.12
C ILE B 79 6.86 -17.82 -3.79
N GLY B 80 7.71 -17.62 -2.80
CA GLY B 80 7.55 -18.30 -1.53
C GLY B 80 8.67 -19.29 -1.33
N GLY B 81 9.39 -19.55 -2.41
CA GLY B 81 10.55 -20.40 -2.35
C GLY B 81 10.95 -20.85 -3.73
N ALA B 82 12.23 -21.19 -3.90
CA ALA B 82 12.76 -21.69 -5.17
C ALA B 82 12.67 -20.65 -6.29
N MET B 83 11.49 -20.54 -6.91
CA MET B 83 11.29 -19.64 -8.04
C MET B 83 11.55 -18.19 -7.62
N HIS B 84 11.29 -17.90 -6.36
CA HIS B 84 11.58 -16.58 -5.79
C HIS B 84 13.05 -16.22 -5.97
N LYS B 85 13.91 -17.22 -5.93
CA LYS B 85 15.34 -16.97 -6.01
C LYS B 85 15.78 -16.85 -7.47
N ALA B 86 14.95 -17.36 -8.36
CA ALA B 86 15.18 -17.25 -9.79
C ALA B 86 14.63 -15.95 -10.33
N MET B 87 13.41 -15.65 -9.92
CA MET B 87 12.68 -14.49 -10.40
C MET B 87 13.12 -13.23 -9.69
N LEU B 88 13.84 -13.41 -8.59
CA LEU B 88 14.35 -12.31 -7.78
C LEU B 88 15.08 -11.28 -8.64
N MET B 89 15.81 -11.76 -9.64
CA MET B 89 16.56 -10.88 -10.53
C MET B 89 15.67 -10.33 -11.64
N ALA B 90 14.55 -11.00 -11.89
CA ALA B 90 13.69 -10.67 -13.01
C ALA B 90 12.59 -9.70 -12.63
N GLN B 91 11.97 -9.95 -11.49
CA GLN B 91 10.83 -9.17 -11.07
C GLN B 91 11.23 -8.11 -10.06
N LEU B 92 11.93 -8.54 -9.01
CA LEU B 92 12.43 -7.64 -7.98
C LEU B 92 13.46 -6.66 -8.57
N GLU B 93 13.68 -6.78 -9.89
CA GLU B 93 14.63 -5.95 -10.63
C GLU B 93 14.52 -4.47 -10.23
N PRO A 1 -2.04 1.61 -14.46
CA PRO A 1 -1.88 0.63 -13.37
C PRO A 1 -3.13 0.64 -12.51
N SER A 2 -2.95 0.49 -11.21
CA SER A 2 -3.98 0.84 -10.27
C SER A 2 -4.15 2.34 -10.26
N PHE A 3 -5.02 2.83 -9.42
CA PHE A 3 -5.11 4.25 -9.25
C PHE A 3 -3.98 4.75 -8.37
N ASN A 4 -3.87 4.16 -7.21
CA ASN A 4 -3.08 4.73 -6.14
C ASN A 4 -1.63 4.31 -6.19
N THR A 5 -1.22 3.61 -7.22
CA THR A 5 0.14 3.11 -7.31
C THR A 5 1.14 4.26 -7.39
N VAL A 6 0.65 5.48 -7.46
CA VAL A 6 1.51 6.63 -7.45
C VAL A 6 2.01 6.85 -6.02
N ARG A 7 3.30 7.04 -5.85
CA ARG A 7 3.80 7.25 -4.52
C ARG A 7 5.07 8.06 -4.44
N GLN A 8 5.26 8.61 -3.25
CA GLN A 8 6.38 9.47 -2.89
C GLN A 8 7.70 8.97 -3.44
N GLY A 9 8.28 9.77 -4.33
CA GLY A 9 9.62 9.50 -4.82
C GLY A 9 10.67 10.11 -3.92
N SER A 10 11.80 10.51 -4.49
CA SER A 10 12.89 11.08 -3.72
C SER A 10 12.41 12.28 -2.90
N LYS A 11 12.11 12.02 -1.62
CA LYS A 11 11.53 13.00 -0.69
C LYS A 11 10.44 13.86 -1.36
N GLU A 12 9.63 13.23 -2.19
CA GLU A 12 8.55 13.91 -2.90
C GLU A 12 7.63 14.60 -1.90
N PRO A 13 7.16 15.83 -2.21
CA PRO A 13 6.24 16.56 -1.33
C PRO A 13 5.07 15.69 -0.96
N TYR A 14 4.87 15.49 0.33
CA TYR A 14 3.97 14.47 0.79
C TYR A 14 2.50 14.82 0.56
N PRO A 15 2.00 15.99 1.00
CA PRO A 15 0.58 16.35 0.78
C PRO A 15 0.22 16.30 -0.68
N ASP A 16 1.26 16.36 -1.49
CA ASP A 16 1.14 16.32 -2.93
C ASP A 16 1.20 14.89 -3.44
N PHE A 17 2.08 14.10 -2.84
CA PHE A 17 2.19 12.69 -3.16
C PHE A 17 0.83 12.05 -2.95
N VAL A 18 0.19 12.41 -1.84
CA VAL A 18 -1.09 11.86 -1.52
C VAL A 18 -2.22 12.57 -2.28
N ALA A 19 -2.07 13.85 -2.55
CA ALA A 19 -3.05 14.58 -3.36
C ALA A 19 -3.26 13.93 -4.73
N ARG A 20 -2.19 13.37 -5.31
CA ARG A 20 -2.34 12.70 -6.58
C ARG A 20 -2.78 11.29 -6.31
N LEU A 21 -2.41 10.79 -5.13
CA LEU A 21 -2.91 9.52 -4.64
C LEU A 21 -4.41 9.55 -4.68
N GLN A 22 -4.94 10.63 -4.12
CA GLN A 22 -6.35 10.87 -4.11
C GLN A 22 -6.86 11.11 -5.50
N ASP A 23 -6.23 12.02 -6.20
CA ASP A 23 -6.68 12.41 -7.53
C ASP A 23 -6.98 11.23 -8.43
N VAL A 24 -6.02 10.33 -8.57
CA VAL A 24 -6.11 9.30 -9.59
C VAL A 24 -6.98 8.16 -9.11
N ALA A 25 -7.00 7.97 -7.81
CA ALA A 25 -7.87 6.97 -7.24
C ALA A 25 -9.26 7.55 -7.19
N GLN A 26 -9.34 8.85 -7.30
CA GLN A 26 -10.60 9.53 -7.43
C GLN A 26 -11.11 9.33 -8.85
N LYS A 27 -10.18 9.37 -9.78
CA LYS A 27 -10.45 9.16 -11.19
C LYS A 27 -10.97 7.75 -11.45
N SER A 28 -10.43 6.78 -10.71
CA SER A 28 -10.72 5.40 -10.99
C SER A 28 -11.71 4.85 -9.97
N ILE A 29 -11.92 5.61 -8.90
CA ILE A 29 -12.86 5.21 -7.87
C ILE A 29 -14.05 6.15 -7.87
N ALA A 30 -15.22 5.62 -8.15
CA ALA A 30 -16.44 6.41 -8.09
C ALA A 30 -16.98 6.43 -6.67
N ASP A 31 -16.29 5.73 -5.78
CA ASP A 31 -16.70 5.61 -4.39
C ASP A 31 -15.92 6.58 -3.52
N GLU A 32 -16.62 7.32 -2.69
CA GLU A 32 -15.97 8.28 -1.81
C GLU A 32 -15.28 7.57 -0.65
N LYS A 33 -15.76 6.38 -0.31
CA LYS A 33 -15.24 5.67 0.85
C LYS A 33 -13.96 4.97 0.45
N ALA A 34 -14.05 4.21 -0.63
CA ALA A 34 -12.90 3.52 -1.17
C ALA A 34 -11.82 4.53 -1.58
N ARG A 35 -12.24 5.77 -1.86
CA ARG A 35 -11.29 6.79 -2.24
C ARG A 35 -10.51 7.20 -1.00
N LYS A 36 -11.21 7.66 0.03
CA LYS A 36 -10.53 8.04 1.28
C LYS A 36 -9.65 6.92 1.77
N VAL A 37 -10.26 5.76 1.94
CA VAL A 37 -9.58 4.65 2.58
C VAL A 37 -8.27 4.31 1.87
N ILE A 38 -8.23 4.49 0.54
CA ILE A 38 -7.01 4.24 -0.17
C ILE A 38 -6.09 5.47 -0.20
N VAL A 39 -6.65 6.69 -0.20
CA VAL A 39 -5.78 7.85 0.02
C VAL A 39 -5.06 7.69 1.37
N GLU A 40 -5.86 7.55 2.41
CA GLU A 40 -5.40 7.47 3.77
C GLU A 40 -4.51 6.26 4.03
N LEU A 41 -4.75 5.19 3.29
CA LEU A 41 -3.93 4.01 3.47
C LEU A 41 -2.65 4.06 2.64
N MET A 42 -2.77 4.38 1.36
CA MET A 42 -1.60 4.40 0.48
C MET A 42 -0.68 5.54 0.89
N ALA A 43 -1.25 6.48 1.60
CA ALA A 43 -0.49 7.55 2.22
C ALA A 43 0.66 6.98 3.05
N TYR A 44 0.48 5.77 3.54
CA TYR A 44 1.53 5.07 4.26
C TYR A 44 2.09 3.99 3.37
N GLU A 45 1.27 2.98 3.12
CA GLU A 45 1.65 1.80 2.36
C GLU A 45 2.38 2.13 1.06
N ASN A 46 2.11 3.31 0.49
CA ASN A 46 2.71 3.69 -0.75
C ASN A 46 3.76 4.77 -0.56
N ALA A 47 3.67 5.51 0.55
CA ALA A 47 4.55 6.66 0.79
C ALA A 47 6.02 6.28 0.82
N ASN A 48 6.85 7.29 1.02
CA ASN A 48 8.27 7.08 1.19
C ASN A 48 8.50 6.20 2.40
N PRO A 49 9.45 5.28 2.32
CA PRO A 49 9.75 4.36 3.41
C PRO A 49 9.76 5.06 4.78
N GLU A 50 10.45 6.18 4.83
CA GLU A 50 10.55 7.01 6.00
C GLU A 50 9.25 7.75 6.28
N CYS A 51 8.53 8.11 5.24
CA CYS A 51 7.36 8.94 5.38
C CYS A 51 6.23 8.12 5.93
N GLN A 52 6.14 6.88 5.50
CA GLN A 52 5.17 5.97 6.05
C GLN A 52 5.64 5.61 7.43
N SER A 53 6.94 5.61 7.58
CA SER A 53 7.57 5.40 8.85
C SER A 53 7.32 6.60 9.77
N ALA A 54 7.01 7.72 9.19
CA ALA A 54 6.53 8.84 9.97
C ALA A 54 5.08 8.63 10.33
N ILE A 55 4.42 7.84 9.51
CA ILE A 55 2.99 7.64 9.61
C ILE A 55 2.57 6.47 10.50
N LYS A 56 3.37 5.40 10.59
CA LYS A 56 2.93 4.18 11.34
C LYS A 56 2.22 4.47 12.68
N PRO A 57 2.66 5.48 13.48
CA PRO A 57 1.97 5.88 14.73
C PRO A 57 0.55 6.41 14.47
N LEU A 58 0.34 7.00 13.31
CA LEU A 58 -0.95 7.55 12.92
C LEU A 58 -1.67 6.53 12.08
N LYS A 59 -0.91 5.58 11.59
CA LYS A 59 -1.45 4.54 10.74
C LYS A 59 -2.64 3.85 11.39
N GLY A 60 -3.82 4.10 10.85
CA GLY A 60 -5.02 3.53 11.39
C GLY A 60 -5.68 4.46 12.38
N LYS A 61 -4.91 5.40 12.91
CA LYS A 61 -5.44 6.35 13.87
C LYS A 61 -5.64 7.70 13.20
N VAL A 62 -6.88 8.11 13.10
CA VAL A 62 -7.19 9.46 12.65
C VAL A 62 -8.03 10.17 13.70
N PRO A 63 -7.77 11.47 13.94
CA PRO A 63 -8.64 12.30 14.78
C PRO A 63 -10.10 12.16 14.39
N ALA A 64 -10.96 12.09 15.40
CA ALA A 64 -12.38 11.85 15.18
C ALA A 64 -13.00 12.96 14.34
N GLY A 65 -13.19 12.67 13.06
CA GLY A 65 -13.82 13.62 12.16
C GLY A 65 -12.83 14.28 11.21
N SER A 66 -11.54 14.13 11.50
CA SER A 66 -10.53 14.75 10.67
C SER A 66 -10.08 13.83 9.54
N ASP A 67 -9.22 14.37 8.70
CA ASP A 67 -8.62 13.63 7.59
C ASP A 67 -7.37 12.94 8.07
N VAL A 68 -7.11 11.69 7.65
CA VAL A 68 -5.88 11.06 8.10
C VAL A 68 -4.74 11.57 7.27
N ILE A 69 -5.02 11.92 6.03
CA ILE A 69 -4.00 12.43 5.13
C ILE A 69 -3.38 13.67 5.72
N SER A 70 -4.23 14.57 6.16
CA SER A 70 -3.81 15.78 6.83
C SER A 70 -2.71 15.49 7.88
N GLU A 71 -2.86 14.37 8.59
CA GLU A 71 -1.95 14.00 9.66
C GLU A 71 -0.77 13.23 9.11
N TYR A 72 -0.99 12.54 8.02
CA TYR A 72 0.03 11.72 7.39
C TYR A 72 1.00 12.62 6.64
N VAL A 73 0.45 13.68 6.07
CA VAL A 73 1.27 14.70 5.44
C VAL A 73 1.98 15.48 6.52
N LYS A 74 1.30 15.55 7.68
CA LYS A 74 1.85 16.16 8.87
C LYS A 74 2.99 15.30 9.40
N ALA A 75 2.86 14.00 9.18
CA ALA A 75 3.88 13.05 9.56
C ALA A 75 5.16 13.32 8.79
N CYS A 76 5.01 13.58 7.51
CA CYS A 76 6.16 13.89 6.66
C CYS A 76 6.36 15.40 6.55
N ASP A 77 5.56 16.15 7.28
CA ASP A 77 5.68 17.60 7.31
C ASP A 77 7.06 18.00 7.83
N GLY A 78 7.64 17.11 8.62
CA GLY A 78 8.99 17.33 9.09
C GLY A 78 10.02 16.67 8.19
N ILE A 79 9.63 15.58 7.50
CA ILE A 79 10.58 14.77 6.73
C ILE A 79 11.24 15.58 5.60
N GLY A 80 10.59 15.62 4.44
CA GLY A 80 11.06 16.35 3.27
C GLY A 80 12.58 16.47 3.15
N GLY A 81 13.27 15.34 3.20
CA GLY A 81 14.72 15.35 3.00
C GLY A 81 15.50 15.75 4.24
N ALA A 82 15.27 16.96 4.72
CA ALA A 82 16.05 17.53 5.82
C ALA A 82 16.02 16.65 7.06
N MET A 83 14.87 16.58 7.72
CA MET A 83 14.74 15.75 8.91
C MET A 83 14.71 14.28 8.52
N HIS A 84 14.48 14.04 7.24
CA HIS A 84 14.47 12.68 6.68
C HIS A 84 15.82 11.99 6.93
N LYS A 85 16.90 12.75 6.89
CA LYS A 85 18.21 12.16 7.07
C LYS A 85 18.51 11.97 8.56
N ALA A 86 17.72 12.63 9.39
CA ALA A 86 17.81 12.48 10.84
C ALA A 86 16.97 11.31 11.30
N MET A 87 15.76 11.26 10.81
CA MET A 87 14.76 10.31 11.25
C MET A 87 14.84 8.99 10.50
N LEU A 88 15.59 8.99 9.40
CA LEU A 88 15.75 7.81 8.57
C LEU A 88 16.10 6.57 9.39
N MET A 89 16.93 6.73 10.40
CA MET A 89 17.34 5.62 11.24
C MET A 89 16.30 5.34 12.33
N ALA A 90 15.46 6.33 12.60
CA ALA A 90 14.51 6.24 13.71
C ALA A 90 13.17 5.69 13.24
N GLN A 91 12.63 6.28 12.19
CA GLN A 91 11.30 5.93 11.72
C GLN A 91 11.37 4.82 10.70
N LEU A 92 12.11 5.05 9.62
CA LEU A 92 12.33 4.03 8.60
C LEU A 92 12.84 2.75 9.27
N GLU A 93 13.64 2.98 10.33
CA GLU A 93 14.31 1.94 11.12
C GLU A 93 14.43 0.60 10.39
N PRO B 1 -3.97 -1.06 14.13
CA PRO B 1 -3.48 -0.14 13.10
C PRO B 1 -4.60 0.09 12.09
N SER B 2 -4.24 0.20 10.83
CA SER B 2 -5.21 0.06 9.76
C SER B 2 -5.67 -1.38 9.72
N PHE B 3 -6.52 -1.70 8.78
CA PHE B 3 -6.87 -3.07 8.58
C PHE B 3 -5.78 -3.80 7.83
N ASN B 4 -5.42 -3.25 6.69
CA ASN B 4 -4.64 -3.97 5.71
C ASN B 4 -3.15 -3.85 5.93
N THR B 5 -2.74 -3.24 7.02
CA THR B 5 -1.32 -3.03 7.26
C THR B 5 -0.59 -4.36 7.44
N VAL B 6 -1.31 -5.45 7.43
CA VAL B 6 -0.71 -6.75 7.50
C VAL B 6 -0.10 -7.07 6.14
N ARG B 7 1.13 -7.53 6.12
CA ARG B 7 1.72 -7.84 4.85
C ARG B 7 2.81 -8.90 4.90
N GLN B 8 3.01 -9.48 3.72
CA GLN B 8 3.97 -10.55 3.48
C GLN B 8 5.31 -10.33 4.19
N GLY B 9 5.61 -11.22 5.13
CA GLY B 9 6.90 -11.22 5.78
C GLY B 9 7.90 -12.03 4.99
N SER B 10 8.86 -12.65 5.68
CA SER B 10 9.89 -13.45 5.03
C SER B 10 9.28 -14.53 4.14
N LYS B 11 9.19 -14.22 2.84
CA LYS B 11 8.53 -15.06 1.83
C LYS B 11 7.23 -15.69 2.36
N GLU B 12 6.46 -14.89 3.10
CA GLU B 12 5.20 -15.34 3.67
C GLU B 12 4.27 -15.83 2.56
N PRO B 13 3.54 -16.95 2.80
CA PRO B 13 2.60 -17.49 1.81
C PRO B 13 1.67 -16.39 1.32
N TYR B 14 1.67 -16.17 0.02
CA TYR B 14 1.06 -14.99 -0.53
C TYR B 14 -0.47 -15.02 -0.47
N PRO B 15 -1.16 -16.08 -0.98
CA PRO B 15 -2.62 -16.14 -0.94
C PRO B 15 -3.13 -16.00 0.48
N ASP B 16 -2.22 -16.27 1.40
CA ASP B 16 -2.50 -16.20 2.82
C ASP B 16 -2.21 -14.81 3.35
N PHE B 17 -1.13 -14.22 2.87
CA PHE B 17 -0.78 -12.85 3.22
C PHE B 17 -1.96 -11.95 2.87
N VAL B 18 -2.51 -12.19 1.70
CA VAL B 18 -3.62 -11.39 1.23
C VAL B 18 -4.94 -11.86 1.85
N ALA B 19 -5.08 -13.14 2.12
CA ALA B 19 -6.28 -13.65 2.80
C ALA B 19 -6.50 -12.97 4.14
N ARG B 20 -5.43 -12.62 4.84
CA ARG B 20 -5.58 -11.93 6.10
C ARG B 20 -5.69 -10.46 5.81
N LEU B 21 -5.10 -10.06 4.69
CA LEU B 21 -5.27 -8.71 4.16
C LEU B 21 -6.74 -8.44 4.02
N GLN B 22 -7.42 -9.39 3.40
CA GLN B 22 -8.82 -9.34 3.22
C GLN B 22 -9.52 -9.46 4.54
N ASP B 23 -9.19 -10.48 5.29
CA ASP B 23 -9.85 -10.76 6.55
C ASP B 23 -10.00 -9.53 7.44
N VAL B 24 -8.90 -8.84 7.70
CA VAL B 24 -8.90 -7.81 8.72
C VAL B 24 -9.46 -6.52 8.16
N ALA B 25 -9.30 -6.34 6.87
CA ALA B 25 -9.88 -5.20 6.22
C ALA B 25 -11.35 -5.47 6.00
N GLN B 26 -11.69 -6.73 6.09
CA GLN B 26 -13.08 -7.13 6.06
C GLN B 26 -13.70 -6.84 7.41
N LYS B 27 -12.89 -7.05 8.43
CA LYS B 27 -13.29 -6.78 9.81
C LYS B 27 -13.53 -5.29 10.04
N SER B 28 -12.74 -4.47 9.38
CA SER B 28 -12.77 -3.05 9.64
C SER B 28 -13.49 -2.32 8.52
N ILE B 29 -13.73 -3.02 7.42
CA ILE B 29 -14.46 -2.46 6.30
C ILE B 29 -15.80 -3.14 6.14
N ALA B 30 -16.87 -2.38 6.31
CA ALA B 30 -18.21 -2.90 6.10
C ALA B 30 -18.57 -2.82 4.61
N ASP B 31 -17.65 -2.29 3.83
CA ASP B 31 -17.86 -2.10 2.40
C ASP B 31 -17.20 -3.22 1.61
N GLU B 32 -17.93 -3.79 0.69
CA GLU B 32 -17.40 -4.87 -0.13
C GLU B 32 -16.45 -4.33 -1.18
N LYS B 33 -16.63 -3.07 -1.56
CA LYS B 33 -15.85 -2.49 -2.64
C LYS B 33 -14.52 -2.07 -2.08
N ALA B 34 -14.57 -1.28 -1.01
CA ALA B 34 -13.37 -0.84 -0.33
C ALA B 34 -12.58 -2.04 0.18
N ARG B 35 -13.26 -3.16 0.40
CA ARG B 35 -12.59 -4.35 0.86
C ARG B 35 -11.77 -4.94 -0.29
N LYS B 36 -12.42 -5.25 -1.39
CA LYS B 36 -11.70 -5.76 -2.56
C LYS B 36 -10.56 -4.86 -2.94
N VAL B 37 -10.90 -3.59 -3.16
CA VAL B 37 -9.94 -2.65 -3.69
C VAL B 37 -8.69 -2.58 -2.83
N ILE B 38 -8.84 -2.75 -1.52
CA ILE B 38 -7.67 -2.75 -0.66
C ILE B 38 -7.03 -4.13 -0.55
N VAL B 39 -7.82 -5.22 -0.63
CA VAL B 39 -7.19 -6.54 -0.77
C VAL B 39 -6.31 -6.54 -2.02
N GLU B 40 -6.93 -6.24 -3.15
CA GLU B 40 -6.31 -6.27 -4.45
C GLU B 40 -5.17 -5.27 -4.58
N LEU B 41 -5.26 -4.17 -3.86
CA LEU B 41 -4.22 -3.16 -3.92
C LEU B 41 -3.07 -3.47 -2.96
N MET B 42 -3.41 -3.75 -1.70
CA MET B 42 -2.37 -4.01 -0.69
C MET B 42 -1.66 -5.30 -1.01
N ALA B 43 -2.33 -6.12 -1.80
CA ALA B 43 -1.73 -7.33 -2.34
C ALA B 43 -0.40 -7.01 -3.03
N TYR B 44 -0.27 -5.78 -3.52
CA TYR B 44 0.98 -5.32 -4.11
C TYR B 44 1.64 -4.37 -3.14
N GLU B 45 1.00 -3.22 -2.96
CA GLU B 45 1.53 -2.13 -2.16
C GLU B 45 2.02 -2.59 -0.78
N ASN B 46 1.46 -3.69 -0.27
CA ASN B 46 1.83 -4.17 1.03
C ASN B 46 2.65 -5.45 0.94
N ALA B 47 2.54 -6.17 -0.18
CA ALA B 47 3.19 -7.47 -0.33
C ALA B 47 4.70 -7.39 -0.19
N ASN B 48 5.32 -8.55 -0.30
CA ASN B 48 6.75 -8.62 -0.31
C ASN B 48 7.30 -7.82 -1.47
N PRO B 49 8.40 -7.11 -1.26
CA PRO B 49 9.01 -6.27 -2.30
C PRO B 49 9.04 -6.96 -3.66
N GLU B 50 9.48 -8.21 -3.66
CA GLU B 50 9.55 -9.05 -4.83
C GLU B 50 8.17 -9.51 -5.27
N CYS B 51 7.28 -9.73 -4.32
CA CYS B 51 5.99 -10.30 -4.62
C CYS B 51 5.11 -9.27 -5.27
N GLN B 52 5.23 -8.04 -4.83
CA GLN B 52 4.54 -6.95 -5.48
C GLN B 52 5.22 -6.71 -6.80
N SER B 53 6.50 -6.97 -6.79
CA SER B 53 7.31 -6.90 -7.98
C SER B 53 6.93 -8.02 -8.94
N ALA B 54 6.34 -9.06 -8.42
CA ALA B 54 5.73 -10.06 -9.27
C ALA B 54 4.41 -9.57 -9.79
N ILE B 55 3.82 -8.66 -9.03
CA ILE B 55 2.49 -8.17 -9.29
C ILE B 55 2.42 -6.95 -10.21
N LYS B 56 3.42 -6.06 -10.19
CA LYS B 56 3.33 -4.78 -10.96
C LYS B 56 2.74 -4.94 -12.38
N PRO B 57 3.05 -6.03 -13.13
CA PRO B 57 2.44 -6.27 -14.46
C PRO B 57 0.92 -6.51 -14.37
N LEU B 58 0.47 -7.04 -13.25
CA LEU B 58 -0.94 -7.32 -13.03
C LEU B 58 -1.54 -6.17 -12.26
N LYS B 59 -0.65 -5.38 -11.67
CA LYS B 59 -1.07 -4.24 -10.87
C LYS B 59 -2.01 -3.34 -11.65
N GLY B 60 -3.27 -3.35 -11.24
CA GLY B 60 -4.27 -2.55 -11.91
C GLY B 60 -5.00 -3.33 -12.98
N LYS B 61 -4.37 -4.41 -13.43
CA LYS B 61 -4.95 -5.24 -14.47
C LYS B 61 -5.51 -6.52 -13.84
N VAL B 62 -6.81 -6.67 -13.89
CA VAL B 62 -7.43 -7.91 -13.51
C VAL B 62 -8.27 -8.45 -14.66
N PRO B 63 -8.25 -9.78 -14.88
CA PRO B 63 -9.15 -10.43 -15.83
C PRO B 63 -10.60 -9.99 -15.62
N ALA B 64 -11.30 -9.75 -16.70
CA ALA B 64 -12.66 -9.23 -16.64
C ALA B 64 -13.58 -10.18 -15.89
N GLY B 65 -13.86 -9.85 -14.64
CA GLY B 65 -14.76 -10.65 -13.84
C GLY B 65 -14.05 -11.48 -12.80
N SER B 66 -12.74 -11.61 -12.93
CA SER B 66 -11.97 -12.42 -12.00
C SER B 66 -11.48 -11.60 -10.81
N ASP B 67 -10.85 -12.29 -9.89
CA ASP B 67 -10.25 -11.69 -8.70
C ASP B 67 -8.82 -11.26 -9.04
N VAL B 68 -8.38 -10.09 -8.56
CA VAL B 68 -7.01 -9.71 -8.86
C VAL B 68 -6.08 -10.44 -7.92
N ILE B 69 -6.58 -10.72 -6.71
CA ILE B 69 -5.79 -11.41 -5.72
C ILE B 69 -5.37 -12.75 -6.25
N SER B 70 -6.32 -13.46 -6.80
CA SER B 70 -6.07 -14.75 -7.44
C SER B 70 -4.84 -14.69 -8.35
N GLU B 71 -4.67 -13.59 -9.05
CA GLU B 71 -3.59 -13.40 -10.00
C GLU B 71 -2.34 -12.89 -9.31
N TYR B 72 -2.56 -12.15 -8.24
CA TYR B 72 -1.47 -11.55 -7.49
C TYR B 72 -0.79 -12.62 -6.65
N VAL B 73 -1.60 -13.55 -6.15
CA VAL B 73 -1.09 -14.71 -5.45
C VAL B 73 -0.43 -15.62 -6.47
N LYS B 74 -0.96 -15.57 -7.69
CA LYS B 74 -0.42 -16.28 -8.83
C LYS B 74 0.93 -15.67 -9.20
N ALA B 75 1.03 -14.38 -8.97
CA ALA B 75 2.26 -13.65 -9.23
C ALA B 75 3.36 -14.16 -8.32
N CYS B 76 3.02 -14.38 -7.06
CA CYS B 76 3.98 -14.90 -6.10
C CYS B 76 3.85 -16.42 -5.98
N ASP B 77 2.99 -17.00 -6.81
CA ASP B 77 2.83 -18.45 -6.85
C ASP B 77 4.14 -19.11 -7.20
N GLY B 78 4.98 -18.39 -7.93
CA GLY B 78 6.31 -18.86 -8.24
C GLY B 78 7.35 -18.42 -7.22
N ILE B 79 7.11 -17.28 -6.56
CA ILE B 79 8.10 -16.67 -5.68
C ILE B 79 8.45 -17.58 -4.50
N GLY B 80 7.66 -17.49 -3.41
CA GLY B 80 7.86 -18.30 -2.21
C GLY B 80 9.29 -18.72 -1.92
N GLY B 81 10.20 -17.74 -1.86
CA GLY B 81 11.58 -18.03 -1.51
C GLY B 81 12.40 -18.60 -2.65
N ALA B 82 12.00 -19.75 -3.17
CA ALA B 82 12.76 -20.47 -4.18
C ALA B 82 13.06 -19.61 -5.41
N MET B 83 12.03 -19.31 -6.19
CA MET B 83 12.20 -18.48 -7.39
C MET B 83 12.42 -17.03 -6.97
N HIS B 84 12.10 -16.74 -5.72
CA HIS B 84 12.31 -15.41 -5.15
C HIS B 84 13.78 -15.00 -5.22
N LYS B 85 14.67 -15.96 -5.08
CA LYS B 85 16.10 -15.65 -5.10
C LYS B 85 16.59 -15.56 -6.53
N ALA B 86 15.78 -16.04 -7.46
CA ALA B 86 16.07 -15.91 -8.88
C ALA B 86 15.55 -14.60 -9.43
N MET B 87 14.31 -14.30 -9.08
CA MET B 87 13.59 -13.17 -9.62
C MET B 87 13.85 -11.90 -8.83
N LEU B 88 14.45 -12.04 -7.67
CA LEU B 88 14.75 -10.92 -6.80
C LEU B 88 15.43 -9.77 -7.55
N MET B 89 16.32 -10.11 -8.47
CA MET B 89 17.04 -9.11 -9.24
C MET B 89 16.21 -8.63 -10.43
N ALA B 90 15.23 -9.43 -10.82
CA ALA B 90 14.44 -9.16 -12.02
C ALA B 90 13.20 -8.34 -11.70
N GLN B 91 12.44 -8.80 -10.73
CA GLN B 91 11.17 -8.19 -10.41
C GLN B 91 11.34 -7.10 -9.37
N LEU B 92 11.89 -7.47 -8.21
CA LEU B 92 12.18 -6.52 -7.16
C LEU B 92 13.02 -5.38 -7.74
N GLU B 93 13.87 -5.77 -8.71
CA GLU B 93 14.83 -4.89 -9.40
C GLU B 93 15.12 -3.60 -8.64
N PRO A 1 -2.19 1.28 -14.26
CA PRO A 1 -2.00 0.33 -13.17
C PRO A 1 -3.18 0.39 -12.23
N SER A 2 -2.94 0.22 -10.94
CA SER A 2 -3.91 0.62 -9.94
C SER A 2 -4.06 2.11 -9.99
N PHE A 3 -4.93 2.65 -9.19
CA PHE A 3 -5.04 4.07 -9.11
C PHE A 3 -3.91 4.65 -8.27
N ASN A 4 -3.80 4.12 -7.08
CA ASN A 4 -2.98 4.74 -6.04
C ASN A 4 -1.53 4.33 -6.10
N THR A 5 -1.15 3.61 -7.13
CA THR A 5 0.22 3.13 -7.23
C THR A 5 1.21 4.28 -7.32
N VAL A 6 0.70 5.49 -7.40
CA VAL A 6 1.51 6.66 -7.37
C VAL A 6 1.96 6.89 -5.94
N ARG A 7 3.24 7.09 -5.72
CA ARG A 7 3.69 7.31 -4.38
C ARG A 7 4.97 8.09 -4.30
N GLN A 8 5.16 8.65 -3.11
CA GLN A 8 6.29 9.48 -2.76
C GLN A 8 7.61 8.96 -3.31
N GLY A 9 8.17 9.73 -4.23
CA GLY A 9 9.49 9.42 -4.77
C GLY A 9 10.59 10.01 -3.90
N SER A 10 11.64 10.50 -4.54
CA SER A 10 12.77 11.07 -3.80
C SER A 10 12.31 12.28 -2.99
N LYS A 11 12.04 12.04 -1.71
CA LYS A 11 11.51 13.04 -0.76
C LYS A 11 10.43 13.92 -1.40
N GLU A 12 9.54 13.29 -2.17
CA GLU A 12 8.43 13.98 -2.82
C GLU A 12 7.56 14.66 -1.76
N PRO A 13 7.07 15.89 -2.03
CA PRO A 13 6.18 16.60 -1.12
C PRO A 13 4.99 15.74 -0.77
N TYR A 14 4.80 15.51 0.52
CA TYR A 14 3.90 14.49 0.96
C TYR A 14 2.41 14.84 0.73
N PRO A 15 1.91 16.03 1.17
CA PRO A 15 0.51 16.38 0.96
C PRO A 15 0.14 16.34 -0.51
N ASP A 16 1.18 16.41 -1.32
CA ASP A 16 1.07 16.38 -2.76
C ASP A 16 1.14 14.95 -3.28
N PHE A 17 2.01 14.16 -2.67
CA PHE A 17 2.12 12.75 -2.99
C PHE A 17 0.76 12.09 -2.80
N VAL A 18 0.12 12.43 -1.70
CA VAL A 18 -1.17 11.87 -1.37
C VAL A 18 -2.28 12.55 -2.17
N ALA A 19 -2.13 13.82 -2.45
CA ALA A 19 -3.08 14.54 -3.30
C ALA A 19 -3.25 13.88 -4.66
N ARG A 20 -2.17 13.32 -5.21
CA ARG A 20 -2.28 12.64 -6.47
C ARG A 20 -2.72 11.22 -6.22
N LEU A 21 -2.41 10.75 -5.01
CA LEU A 21 -2.91 9.48 -4.52
C LEU A 21 -4.42 9.50 -4.60
N GLN A 22 -4.97 10.57 -4.09
CA GLN A 22 -6.39 10.81 -4.12
C GLN A 22 -6.86 11.03 -5.54
N ASP A 23 -6.21 11.94 -6.23
CA ASP A 23 -6.61 12.31 -7.59
C ASP A 23 -6.87 11.12 -8.50
N VAL A 24 -5.90 10.22 -8.60
CA VAL A 24 -5.96 9.16 -9.60
C VAL A 24 -6.82 8.03 -9.10
N ALA A 25 -6.87 7.92 -7.79
CA ALA A 25 -7.70 6.95 -7.17
C ALA A 25 -9.12 7.47 -7.19
N GLN A 26 -9.25 8.74 -7.43
CA GLN A 26 -10.55 9.36 -7.63
C GLN A 26 -10.99 9.10 -9.06
N LYS A 27 -10.02 9.13 -9.95
CA LYS A 27 -10.24 8.84 -11.36
C LYS A 27 -10.70 7.42 -11.56
N SER A 28 -10.22 6.51 -10.72
CA SER A 28 -10.49 5.12 -10.90
C SER A 28 -11.50 4.63 -9.87
N ILE A 29 -11.77 5.47 -8.89
CA ILE A 29 -12.74 5.13 -7.85
C ILE A 29 -13.91 6.11 -7.86
N ALA A 30 -15.10 5.59 -8.09
CA ALA A 30 -16.30 6.41 -8.04
C ALA A 30 -16.84 6.44 -6.62
N ASP A 31 -16.18 5.72 -5.74
CA ASP A 31 -16.60 5.60 -4.35
C ASP A 31 -15.85 6.59 -3.48
N GLU A 32 -16.60 7.44 -2.81
CA GLU A 32 -16.00 8.44 -1.93
C GLU A 32 -15.35 7.79 -0.73
N LYS A 33 -15.78 6.58 -0.38
CA LYS A 33 -15.27 5.91 0.80
C LYS A 33 -13.98 5.23 0.42
N ALA A 34 -14.04 4.42 -0.63
CA ALA A 34 -12.88 3.72 -1.14
C ALA A 34 -11.79 4.70 -1.53
N ARG A 35 -12.17 5.94 -1.85
CA ARG A 35 -11.19 6.95 -2.17
C ARG A 35 -10.43 7.29 -0.90
N LYS A 36 -11.13 7.81 0.08
CA LYS A 36 -10.50 8.20 1.35
C LYS A 36 -9.68 7.08 1.91
N VAL A 37 -10.33 5.93 2.07
CA VAL A 37 -9.72 4.81 2.75
C VAL A 37 -8.40 4.47 2.09
N ILE A 38 -8.33 4.60 0.77
CA ILE A 38 -7.10 4.33 0.08
C ILE A 38 -6.19 5.56 0.00
N VAL A 39 -6.72 6.79 0.05
CA VAL A 39 -5.84 7.94 0.22
C VAL A 39 -5.09 7.78 1.54
N GLU A 40 -5.86 7.62 2.59
CA GLU A 40 -5.39 7.49 3.94
C GLU A 40 -4.51 6.26 4.10
N LEU A 41 -4.84 5.21 3.38
CA LEU A 41 -4.07 3.98 3.44
C LEU A 41 -2.74 4.11 2.71
N MET A 42 -2.81 4.42 1.42
CA MET A 42 -1.62 4.45 0.57
C MET A 42 -0.71 5.58 1.00
N ALA A 43 -1.30 6.53 1.70
CA ALA A 43 -0.56 7.59 2.34
C ALA A 43 0.58 7.01 3.18
N TYR A 44 0.38 5.79 3.67
CA TYR A 44 1.42 5.10 4.41
C TYR A 44 2.00 4.02 3.52
N GLU A 45 1.16 3.02 3.24
CA GLU A 45 1.58 1.84 2.52
C GLU A 45 2.38 2.17 1.27
N ASN A 46 2.07 3.29 0.63
CA ASN A 46 2.68 3.64 -0.61
C ASN A 46 3.72 4.75 -0.43
N ALA A 47 3.62 5.50 0.66
CA ALA A 47 4.49 6.65 0.89
C ALA A 47 5.96 6.29 0.93
N ASN A 48 6.77 7.30 1.12
CA ASN A 48 8.20 7.10 1.27
C ASN A 48 8.46 6.22 2.47
N PRO A 49 9.42 5.31 2.38
CA PRO A 49 9.75 4.39 3.47
C PRO A 49 9.77 5.09 4.83
N GLU A 50 10.39 6.25 4.85
CA GLU A 50 10.52 7.08 6.02
C GLU A 50 9.22 7.81 6.33
N CYS A 51 8.47 8.14 5.30
CA CYS A 51 7.30 8.96 5.46
C CYS A 51 6.16 8.14 6.02
N GLN A 52 6.10 6.89 5.60
CA GLN A 52 5.13 5.99 6.17
C GLN A 52 5.61 5.63 7.55
N SER A 53 6.92 5.62 7.67
CA SER A 53 7.57 5.45 8.94
C SER A 53 7.35 6.67 9.83
N ALA A 54 6.98 7.77 9.23
CA ALA A 54 6.49 8.90 10.00
C ALA A 54 5.05 8.66 10.39
N ILE A 55 4.38 7.88 9.58
CA ILE A 55 2.95 7.68 9.70
C ILE A 55 2.53 6.53 10.61
N LYS A 56 3.31 5.45 10.70
CA LYS A 56 2.89 4.25 11.48
C LYS A 56 2.20 4.56 12.82
N PRO A 57 2.63 5.59 13.60
CA PRO A 57 1.94 5.98 14.84
C PRO A 57 0.52 6.50 14.59
N LEU A 58 0.29 7.06 13.41
CA LEU A 58 -1.00 7.61 13.02
C LEU A 58 -1.70 6.60 12.16
N LYS A 59 -0.92 5.64 11.69
CA LYS A 59 -1.40 4.59 10.82
C LYS A 59 -2.66 3.94 11.38
N GLY A 60 -3.78 4.20 10.72
CA GLY A 60 -5.05 3.67 11.16
C GLY A 60 -5.73 4.55 12.17
N LYS A 61 -4.96 5.44 12.79
CA LYS A 61 -5.50 6.32 13.82
C LYS A 61 -5.69 7.72 13.25
N VAL A 62 -6.93 8.14 13.19
CA VAL A 62 -7.24 9.50 12.78
C VAL A 62 -8.07 10.20 13.85
N PRO A 63 -7.82 11.51 14.08
CA PRO A 63 -8.70 12.33 14.91
C PRO A 63 -10.14 12.23 14.45
N ALA A 64 -11.06 12.14 15.40
CA ALA A 64 -12.47 11.97 15.08
C ALA A 64 -13.03 13.22 14.40
N GLY A 65 -13.32 13.10 13.11
CA GLY A 65 -13.86 14.22 12.38
C GLY A 65 -12.83 14.84 11.46
N SER A 66 -11.55 14.53 11.70
CA SER A 66 -10.49 15.06 10.87
C SER A 66 -10.11 14.07 9.77
N ASP A 67 -9.20 14.51 8.90
CA ASP A 67 -8.69 13.68 7.83
C ASP A 67 -7.42 13.00 8.31
N VAL A 68 -7.14 11.78 7.84
CA VAL A 68 -5.92 11.14 8.28
C VAL A 68 -4.78 11.68 7.45
N ILE A 69 -5.07 12.05 6.22
CA ILE A 69 -4.05 12.54 5.32
C ILE A 69 -3.42 13.77 5.91
N SER A 70 -4.24 14.66 6.37
CA SER A 70 -3.79 15.88 7.02
C SER A 70 -2.71 15.58 8.08
N GLU A 71 -2.87 14.46 8.78
CA GLU A 71 -1.95 14.05 9.83
C GLU A 71 -0.77 13.29 9.27
N TYR A 72 -1.02 12.59 8.18
CA TYR A 72 -0.01 11.77 7.55
C TYR A 72 0.97 12.67 6.81
N VAL A 73 0.43 13.74 6.22
CA VAL A 73 1.25 14.76 5.60
C VAL A 73 1.96 15.53 6.70
N LYS A 74 1.30 15.63 7.85
CA LYS A 74 1.86 16.24 9.04
C LYS A 74 2.98 15.37 9.58
N ALA A 75 2.86 14.07 9.33
CA ALA A 75 3.88 13.12 9.72
C ALA A 75 5.15 13.37 8.92
N CYS A 76 4.98 13.58 7.63
CA CYS A 76 6.11 13.88 6.76
C CYS A 76 6.28 15.39 6.60
N ASP A 77 5.56 16.14 7.41
CA ASP A 77 5.70 17.60 7.45
C ASP A 77 7.14 17.99 7.79
N GLY A 78 7.81 17.11 8.52
CA GLY A 78 9.22 17.31 8.81
C GLY A 78 10.12 16.62 7.81
N ILE A 79 9.59 15.63 7.10
CA ILE A 79 10.37 14.84 6.17
C ILE A 79 10.46 15.52 4.81
N GLY A 80 11.68 15.64 4.31
CA GLY A 80 11.89 16.18 2.99
C GLY A 80 13.32 16.63 2.80
N GLY A 81 14.25 15.92 3.42
CA GLY A 81 15.65 16.21 3.24
C GLY A 81 16.44 16.08 4.53
N ALA A 82 16.77 17.20 5.14
CA ALA A 82 17.66 17.22 6.32
C ALA A 82 17.14 16.35 7.46
N MET A 83 15.91 16.58 7.89
CA MET A 83 15.33 15.82 8.97
C MET A 83 15.12 14.37 8.55
N HIS A 84 14.83 14.18 7.26
CA HIS A 84 14.67 12.85 6.68
C HIS A 84 15.95 12.03 6.86
N LYS A 85 17.10 12.67 6.76
CA LYS A 85 18.35 11.94 6.87
C LYS A 85 18.70 11.69 8.33
N ALA A 86 18.05 12.43 9.22
CA ALA A 86 18.21 12.24 10.66
C ALA A 86 17.26 11.17 11.17
N MET A 87 16.03 11.23 10.68
CA MET A 87 14.97 10.34 11.13
C MET A 87 14.98 9.03 10.39
N LEU A 88 15.72 8.98 9.29
CA LEU A 88 15.83 7.80 8.46
C LEU A 88 16.12 6.54 9.29
N MET A 89 17.09 6.65 10.19
CA MET A 89 17.48 5.50 11.02
C MET A 89 16.50 5.33 12.18
N ALA A 90 15.70 6.34 12.42
CA ALA A 90 14.77 6.32 13.54
C ALA A 90 13.42 5.74 13.14
N GLN A 91 12.89 6.19 12.02
CA GLN A 91 11.53 5.86 11.62
C GLN A 91 11.47 4.74 10.61
N LEU A 92 12.25 4.85 9.53
CA LEU A 92 12.29 3.83 8.48
C LEU A 92 12.40 2.45 9.14
N GLU A 93 13.15 2.43 10.23
CA GLU A 93 13.44 1.23 10.98
C GLU A 93 13.72 0.03 10.07
N PRO B 1 -4.00 -0.66 13.90
CA PRO B 1 -3.49 0.23 12.85
C PRO B 1 -4.55 0.40 11.79
N SER B 2 -4.13 0.50 10.54
CA SER B 2 -5.05 0.29 9.43
C SER B 2 -5.50 -1.15 9.44
N PHE B 3 -6.37 -1.50 8.54
CA PHE B 3 -6.75 -2.89 8.42
C PHE B 3 -5.67 -3.68 7.73
N ASN B 4 -5.31 -3.21 6.56
CA ASN B 4 -4.54 -3.98 5.61
C ASN B 4 -3.04 -3.87 5.84
N THR B 5 -2.64 -3.22 6.91
CA THR B 5 -1.23 -3.01 7.17
C THR B 5 -0.50 -4.34 7.36
N VAL B 6 -1.26 -5.42 7.36
CA VAL B 6 -0.69 -6.75 7.40
C VAL B 6 -0.14 -7.07 6.03
N ARG B 7 1.09 -7.53 5.97
CA ARG B 7 1.63 -7.84 4.68
C ARG B 7 2.74 -8.87 4.73
N GLN B 8 2.94 -9.47 3.57
CA GLN B 8 3.92 -10.51 3.34
C GLN B 8 5.24 -10.26 4.05
N GLY B 9 5.54 -11.12 5.02
CA GLY B 9 6.82 -11.07 5.69
C GLY B 9 7.87 -11.87 4.96
N SER B 10 8.73 -12.56 5.69
CA SER B 10 9.79 -13.35 5.09
C SER B 10 9.19 -14.46 4.22
N LYS B 11 9.12 -14.18 2.91
CA LYS B 11 8.52 -15.06 1.90
C LYS B 11 7.21 -15.71 2.41
N GLU B 12 6.39 -14.90 3.08
CA GLU B 12 5.10 -15.35 3.59
C GLU B 12 4.23 -15.85 2.44
N PRO B 13 3.48 -16.95 2.63
CA PRO B 13 2.58 -17.48 1.61
C PRO B 13 1.63 -16.41 1.14
N TYR B 14 1.64 -16.16 -0.16
CA TYR B 14 1.01 -14.99 -0.69
C TYR B 14 -0.52 -15.03 -0.63
N PRO B 15 -1.21 -16.09 -1.14
CA PRO B 15 -2.68 -16.16 -1.09
C PRO B 15 -3.18 -16.03 0.33
N ASP B 16 -2.28 -16.29 1.25
CA ASP B 16 -2.54 -16.23 2.67
C ASP B 16 -2.25 -14.84 3.21
N PHE B 17 -1.17 -14.24 2.71
CA PHE B 17 -0.83 -12.87 3.07
C PHE B 17 -1.99 -11.97 2.73
N VAL B 18 -2.56 -12.18 1.55
CA VAL B 18 -3.66 -11.38 1.09
C VAL B 18 -4.97 -11.82 1.75
N ALA B 19 -5.11 -13.10 2.04
CA ALA B 19 -6.28 -13.60 2.75
C ALA B 19 -6.46 -12.90 4.10
N ARG B 20 -5.36 -12.56 4.77
CA ARG B 20 -5.48 -11.86 6.03
C ARG B 20 -5.59 -10.38 5.74
N LEU B 21 -5.05 -9.99 4.58
CA LEU B 21 -5.23 -8.65 4.05
C LEU B 21 -6.72 -8.37 3.96
N GLN B 22 -7.41 -9.32 3.38
CA GLN B 22 -8.84 -9.27 3.24
C GLN B 22 -9.51 -9.37 4.59
N ASP B 23 -9.13 -10.38 5.34
CA ASP B 23 -9.75 -10.66 6.65
C ASP B 23 -9.87 -9.42 7.53
N VAL B 24 -8.76 -8.73 7.76
CA VAL B 24 -8.72 -7.67 8.75
C VAL B 24 -9.27 -6.40 8.18
N ALA B 25 -9.15 -6.30 6.87
CA ALA B 25 -9.69 -5.19 6.16
C ALA B 25 -11.18 -5.41 6.02
N GLN B 26 -11.59 -6.64 6.23
CA GLN B 26 -12.99 -6.98 6.29
C GLN B 26 -13.53 -6.62 7.66
N LYS B 27 -12.69 -6.83 8.65
CA LYS B 27 -13.02 -6.49 10.02
C LYS B 27 -13.20 -4.99 10.19
N SER B 28 -12.45 -4.22 9.42
CA SER B 28 -12.45 -2.79 9.58
C SER B 28 -13.23 -2.13 8.46
N ILE B 29 -13.55 -2.90 7.43
CA ILE B 29 -14.31 -2.39 6.29
C ILE B 29 -15.64 -3.12 6.18
N ALA B 30 -16.73 -2.38 6.27
CA ALA B 30 -18.04 -2.94 6.07
C ALA B 30 -18.43 -2.88 4.61
N ASP B 31 -17.54 -2.31 3.80
CA ASP B 31 -17.77 -2.12 2.39
C ASP B 31 -17.14 -3.24 1.59
N GLU B 32 -17.96 -3.94 0.82
CA GLU B 32 -17.47 -5.05 0.01
C GLU B 32 -16.57 -4.55 -1.11
N LYS B 33 -16.72 -3.28 -1.48
CA LYS B 33 -15.95 -2.74 -2.59
C LYS B 33 -14.60 -2.33 -2.05
N ALA B 34 -14.62 -1.51 -1.02
CA ALA B 34 -13.41 -1.05 -0.37
C ALA B 34 -12.58 -2.23 0.13
N ARG B 35 -13.25 -3.36 0.39
CA ARG B 35 -12.53 -4.54 0.81
C ARG B 35 -11.71 -5.05 -0.36
N LYS B 36 -12.39 -5.43 -1.43
CA LYS B 36 -11.70 -5.95 -2.62
C LYS B 36 -10.62 -5.03 -3.08
N VAL B 37 -11.01 -3.76 -3.30
CA VAL B 37 -10.10 -2.80 -3.89
C VAL B 37 -8.82 -2.72 -3.09
N ILE B 38 -8.94 -2.85 -1.77
CA ILE B 38 -7.77 -2.83 -0.92
C ILE B 38 -7.13 -4.21 -0.77
N VAL B 39 -7.89 -5.31 -0.88
CA VAL B 39 -7.24 -6.62 -0.97
C VAL B 39 -6.34 -6.62 -2.19
N GLU B 40 -6.94 -6.33 -3.32
CA GLU B 40 -6.29 -6.31 -4.60
C GLU B 40 -5.17 -5.29 -4.65
N LEU B 41 -5.37 -4.18 -3.97
CA LEU B 41 -4.36 -3.14 -3.94
C LEU B 41 -3.18 -3.51 -3.05
N MET B 42 -3.45 -3.78 -1.78
CA MET B 42 -2.40 -4.03 -0.81
C MET B 42 -1.69 -5.33 -1.14
N ALA B 43 -2.37 -6.15 -1.91
CA ALA B 43 -1.79 -7.35 -2.47
C ALA B 43 -0.48 -7.02 -3.18
N TYR B 44 -0.37 -5.80 -3.67
CA TYR B 44 0.86 -5.33 -4.28
C TYR B 44 1.53 -4.38 -3.33
N GLU B 45 0.90 -3.23 -3.13
CA GLU B 45 1.45 -2.15 -2.35
C GLU B 45 2.03 -2.61 -1.02
N ASN B 46 1.43 -3.64 -0.44
CA ASN B 46 1.81 -4.10 0.86
C ASN B 46 2.63 -5.38 0.78
N ALA B 47 2.50 -6.11 -0.31
CA ALA B 47 3.14 -7.42 -0.45
C ALA B 47 4.65 -7.35 -0.32
N ASN B 48 5.26 -8.51 -0.43
CA ASN B 48 6.71 -8.61 -0.42
C ASN B 48 7.27 -7.81 -1.57
N PRO B 49 8.38 -7.11 -1.37
CA PRO B 49 9.01 -6.28 -2.40
C PRO B 49 9.04 -6.99 -3.75
N GLU B 50 9.41 -8.26 -3.72
CA GLU B 50 9.51 -9.10 -4.88
C GLU B 50 8.13 -9.57 -5.34
N CYS B 51 7.22 -9.73 -4.40
CA CYS B 51 5.93 -10.29 -4.71
C CYS B 51 5.06 -9.27 -5.38
N GLN B 52 5.19 -8.03 -4.96
CA GLN B 52 4.50 -6.95 -5.63
C GLN B 52 5.20 -6.72 -6.94
N SER B 53 6.48 -6.98 -6.91
CA SER B 53 7.29 -6.96 -8.09
C SER B 53 6.93 -8.11 -9.01
N ALA B 54 6.29 -9.11 -8.47
CA ALA B 54 5.68 -10.12 -9.30
C ALA B 54 4.37 -9.60 -9.86
N ILE B 55 3.76 -8.70 -9.12
CA ILE B 55 2.43 -8.22 -9.40
C ILE B 55 2.36 -7.02 -10.33
N LYS B 56 3.35 -6.12 -10.32
CA LYS B 56 3.27 -4.86 -11.13
C LYS B 56 2.67 -5.05 -12.55
N PRO B 57 2.98 -6.15 -13.28
CA PRO B 57 2.36 -6.41 -14.60
C PRO B 57 0.85 -6.63 -14.51
N LEU B 58 0.39 -7.13 -13.38
CA LEU B 58 -1.02 -7.40 -13.15
C LEU B 58 -1.60 -6.26 -12.35
N LYS B 59 -0.70 -5.47 -11.79
CA LYS B 59 -1.07 -4.34 -10.97
C LYS B 59 -2.09 -3.45 -11.65
N GLY B 60 -3.31 -3.48 -11.13
CA GLY B 60 -4.39 -2.71 -11.70
C GLY B 60 -5.11 -3.45 -12.80
N LYS B 61 -4.47 -4.49 -13.34
CA LYS B 61 -5.05 -5.25 -14.42
C LYS B 61 -5.58 -6.57 -13.91
N VAL B 62 -6.89 -6.74 -13.98
CA VAL B 62 -7.50 -8.00 -13.62
C VAL B 62 -8.33 -8.54 -14.79
N PRO B 63 -8.32 -9.87 -15.01
CA PRO B 63 -9.25 -10.51 -15.94
C PRO B 63 -10.69 -10.12 -15.64
N ALA B 64 -11.45 -9.86 -16.68
CA ALA B 64 -12.82 -9.41 -16.54
C ALA B 64 -13.70 -10.51 -15.95
N GLY B 65 -14.10 -10.33 -14.70
CA GLY B 65 -14.92 -11.31 -14.03
C GLY B 65 -14.15 -12.11 -13.01
N SER B 66 -12.83 -12.07 -13.10
CA SER B 66 -11.98 -12.79 -12.17
C SER B 66 -11.56 -11.89 -11.01
N ASP B 67 -10.86 -12.48 -10.05
CA ASP B 67 -10.31 -11.75 -8.92
C ASP B 67 -8.89 -11.34 -9.24
N VAL B 68 -8.42 -10.20 -8.74
CA VAL B 68 -7.05 -9.83 -9.03
C VAL B 68 -6.14 -10.57 -8.08
N ILE B 69 -6.65 -10.86 -6.89
CA ILE B 69 -5.85 -11.54 -5.89
C ILE B 69 -5.40 -12.87 -6.41
N SER B 70 -6.33 -13.60 -6.97
CA SER B 70 -6.06 -14.89 -7.58
C SER B 70 -4.83 -14.81 -8.52
N GLU B 71 -4.69 -13.70 -9.22
CA GLU B 71 -3.60 -13.49 -10.15
C GLU B 71 -2.36 -12.98 -9.45
N TYR B 72 -2.58 -12.23 -8.40
CA TYR B 72 -1.51 -11.63 -7.64
C TYR B 72 -0.82 -12.69 -6.81
N VAL B 73 -1.62 -13.61 -6.29
CA VAL B 73 -1.10 -14.77 -5.60
C VAL B 73 -0.44 -15.68 -6.62
N LYS B 74 -0.97 -15.65 -7.84
CA LYS B 74 -0.41 -16.38 -8.95
C LYS B 74 0.92 -15.76 -9.36
N ALA B 75 1.02 -14.46 -9.11
CA ALA B 75 2.25 -13.74 -9.36
C ALA B 75 3.35 -14.24 -8.44
N CYS B 76 3.00 -14.38 -7.18
CA CYS B 76 3.93 -14.90 -6.18
C CYS B 76 3.79 -16.40 -6.03
N ASP B 77 3.03 -17.01 -6.92
CA ASP B 77 2.88 -18.46 -6.96
C ASP B 77 4.23 -19.15 -7.15
N GLY B 78 5.15 -18.42 -7.78
CA GLY B 78 6.51 -18.91 -7.90
C GLY B 78 7.42 -18.40 -6.80
N ILE B 79 7.01 -17.30 -6.16
CA ILE B 79 7.82 -16.68 -5.13
C ILE B 79 7.63 -17.35 -3.78
N GLY B 80 8.74 -17.70 -3.15
CA GLY B 80 8.67 -18.26 -1.82
C GLY B 80 9.96 -18.99 -1.47
N GLY B 81 11.07 -18.48 -1.98
CA GLY B 81 12.36 -19.06 -1.66
C GLY B 81 13.31 -19.09 -2.83
N ALA B 82 13.47 -20.26 -3.43
CA ALA B 82 14.46 -20.47 -4.49
C ALA B 82 14.26 -19.53 -5.67
N MET B 83 13.07 -19.52 -6.23
CA MET B 83 12.78 -18.65 -7.37
C MET B 83 12.81 -17.20 -6.96
N HIS B 84 12.42 -16.95 -5.71
CA HIS B 84 12.47 -15.60 -5.13
C HIS B 84 13.90 -15.05 -5.15
N LYS B 85 14.87 -15.91 -4.94
CA LYS B 85 16.26 -15.45 -4.90
C LYS B 85 16.81 -15.28 -6.31
N ALA B 86 16.12 -15.90 -7.27
CA ALA B 86 16.49 -15.76 -8.68
C ALA B 86 15.82 -14.51 -9.28
N MET B 87 14.57 -14.33 -8.93
CA MET B 87 13.76 -13.25 -9.49
C MET B 87 13.96 -11.95 -8.73
N LEU B 88 14.57 -12.05 -7.57
CA LEU B 88 14.80 -10.89 -6.71
C LEU B 88 15.45 -9.74 -7.49
N MET B 89 16.46 -10.03 -8.28
CA MET B 89 17.16 -9.01 -9.04
C MET B 89 16.37 -8.65 -10.30
N ALA B 90 15.41 -9.50 -10.65
CA ALA B 90 14.64 -9.31 -11.86
C ALA B 90 13.40 -8.44 -11.61
N GLN B 91 12.68 -8.77 -10.56
CA GLN B 91 11.37 -8.18 -10.32
C GLN B 91 11.42 -7.05 -9.32
N LEU B 92 12.03 -7.31 -8.14
CA LEU B 92 12.16 -6.30 -7.08
C LEU B 92 12.61 -4.99 -7.70
N GLU B 93 13.47 -5.13 -8.71
CA GLU B 93 14.09 -4.01 -9.39
C GLU B 93 14.48 -2.88 -8.45
N PRO A 1 -2.14 1.65 -14.24
CA PRO A 1 -1.97 0.65 -13.18
C PRO A 1 -3.19 0.69 -12.27
N SER A 2 -2.97 0.59 -10.97
CA SER A 2 -3.99 0.96 -10.02
C SER A 2 -4.13 2.47 -10.03
N PHE A 3 -4.97 2.98 -9.16
CA PHE A 3 -5.03 4.40 -9.00
C PHE A 3 -3.85 4.86 -8.18
N ASN A 4 -3.74 4.23 -7.04
CA ASN A 4 -2.96 4.76 -5.95
C ASN A 4 -1.49 4.39 -6.02
N THR A 5 -1.08 3.78 -7.10
CA THR A 5 0.28 3.30 -7.22
C THR A 5 1.29 4.42 -7.34
N VAL A 6 0.80 5.65 -7.34
CA VAL A 6 1.65 6.80 -7.57
C VAL A 6 2.39 7.24 -6.31
N ARG A 7 3.57 6.74 -6.12
CA ARG A 7 4.13 6.75 -4.80
C ARG A 7 5.21 7.76 -4.62
N GLN A 8 5.28 8.21 -3.39
CA GLN A 8 6.33 9.08 -2.92
C GLN A 8 7.70 8.62 -3.41
N GLY A 9 8.26 9.39 -4.33
CA GLY A 9 9.59 9.11 -4.82
C GLY A 9 10.65 9.66 -3.89
N SER A 10 11.82 9.99 -4.44
CA SER A 10 12.94 10.48 -3.63
C SER A 10 12.52 11.71 -2.82
N LYS A 11 12.18 11.48 -1.56
CA LYS A 11 11.61 12.47 -0.65
C LYS A 11 10.59 13.38 -1.37
N GLU A 12 9.69 12.76 -2.12
CA GLU A 12 8.63 13.49 -2.82
C GLU A 12 7.76 14.22 -1.81
N PRO A 13 7.39 15.50 -2.08
CA PRO A 13 6.61 16.30 -1.15
C PRO A 13 5.34 15.57 -0.76
N TYR A 14 5.17 15.32 0.51
CA TYR A 14 4.22 14.32 0.93
C TYR A 14 2.78 14.69 0.58
N PRO A 15 2.25 15.86 1.02
CA PRO A 15 0.85 16.23 0.77
C PRO A 15 0.53 16.21 -0.71
N ASP A 16 1.58 16.27 -1.49
CA ASP A 16 1.48 16.29 -2.95
C ASP A 16 1.51 14.89 -3.51
N PHE A 17 2.32 14.03 -2.93
CA PHE A 17 2.42 12.65 -3.34
C PHE A 17 1.05 11.99 -3.14
N VAL A 18 0.44 12.30 -2.01
CA VAL A 18 -0.85 11.77 -1.68
C VAL A 18 -1.96 12.53 -2.39
N ALA A 19 -1.77 13.81 -2.63
CA ALA A 19 -2.75 14.58 -3.40
C ALA A 19 -3.00 13.94 -4.76
N ARG A 20 -1.97 13.38 -5.37
CA ARG A 20 -2.16 12.72 -6.65
C ARG A 20 -2.67 11.32 -6.38
N LEU A 21 -2.31 10.80 -5.20
CA LEU A 21 -2.84 9.55 -4.70
C LEU A 21 -4.35 9.61 -4.68
N GLN A 22 -4.85 10.74 -4.19
CA GLN A 22 -6.27 10.99 -4.11
C GLN A 22 -6.85 11.27 -5.44
N ASP A 23 -6.23 12.20 -6.13
CA ASP A 23 -6.65 12.58 -7.47
C ASP A 23 -6.90 11.36 -8.32
N VAL A 24 -5.93 10.47 -8.35
CA VAL A 24 -6.01 9.36 -9.27
C VAL A 24 -6.92 8.30 -8.72
N ALA A 25 -7.02 8.25 -7.39
CA ALA A 25 -7.94 7.34 -6.74
C ALA A 25 -9.32 7.79 -7.09
N GLN A 26 -9.43 9.09 -7.26
CA GLN A 26 -10.67 9.73 -7.57
C GLN A 26 -11.05 9.47 -9.02
N LYS A 27 -10.04 9.44 -9.86
CA LYS A 27 -10.21 9.18 -11.29
C LYS A 27 -10.69 7.77 -11.55
N SER A 28 -10.20 6.83 -10.76
CA SER A 28 -10.43 5.43 -11.02
C SER A 28 -11.47 4.86 -10.08
N ILE A 29 -11.80 5.65 -9.07
CA ILE A 29 -12.79 5.24 -8.09
C ILE A 29 -14.03 6.12 -8.19
N ALA A 30 -15.18 5.49 -8.37
CA ALA A 30 -16.43 6.23 -8.46
C ALA A 30 -17.01 6.49 -7.08
N ASP A 31 -16.33 5.99 -6.05
CA ASP A 31 -16.81 6.13 -4.68
C ASP A 31 -15.88 7.01 -3.85
N GLU A 32 -16.48 7.84 -3.02
CA GLU A 32 -15.73 8.68 -2.10
C GLU A 32 -15.12 7.84 -0.99
N LYS A 33 -15.79 6.76 -0.62
CA LYS A 33 -15.35 5.92 0.48
C LYS A 33 -14.06 5.24 0.10
N ALA A 34 -14.11 4.52 -1.02
CA ALA A 34 -12.96 3.83 -1.54
C ALA A 34 -11.85 4.82 -1.88
N ARG A 35 -12.23 6.07 -2.18
CA ARG A 35 -11.27 7.09 -2.52
C ARG A 35 -10.47 7.42 -1.28
N LYS A 36 -11.17 7.84 -0.23
CA LYS A 36 -10.52 8.17 1.03
C LYS A 36 -9.72 7.02 1.55
N VAL A 37 -10.39 5.88 1.72
CA VAL A 37 -9.80 4.74 2.40
C VAL A 37 -8.46 4.38 1.78
N ILE A 38 -8.35 4.51 0.47
CA ILE A 38 -7.11 4.15 -0.18
C ILE A 38 -6.12 5.30 -0.23
N VAL A 39 -6.59 6.54 -0.30
CA VAL A 39 -5.65 7.66 -0.24
C VAL A 39 -5.03 7.71 1.15
N GLU A 40 -5.89 7.66 2.16
CA GLU A 40 -5.49 7.68 3.55
C GLU A 40 -4.73 6.44 3.96
N LEU A 41 -4.94 5.35 3.24
CA LEU A 41 -4.19 4.13 3.50
C LEU A 41 -2.85 4.14 2.78
N MET A 42 -2.90 4.28 1.46
CA MET A 42 -1.70 4.20 0.62
C MET A 42 -0.70 5.25 1.03
N ALA A 43 -1.24 6.29 1.63
CA ALA A 43 -0.46 7.37 2.20
C ALA A 43 0.68 6.82 3.06
N TYR A 44 0.48 5.64 3.62
CA TYR A 44 1.51 4.93 4.37
C TYR A 44 2.05 3.82 3.51
N GLU A 45 1.18 2.85 3.28
CA GLU A 45 1.52 1.60 2.62
C GLU A 45 2.37 1.81 1.37
N ASN A 46 2.11 2.89 0.65
CA ASN A 46 2.71 3.12 -0.62
C ASN A 46 3.67 4.30 -0.56
N ALA A 47 3.69 5.00 0.56
CA ALA A 47 4.52 6.20 0.69
C ALA A 47 6.00 5.89 0.68
N ASN A 48 6.78 6.91 1.00
CA ASN A 48 8.20 6.71 1.21
C ASN A 48 8.40 5.84 2.43
N PRO A 49 9.35 4.92 2.39
CA PRO A 49 9.59 3.99 3.49
C PRO A 49 9.60 4.69 4.85
N GLU A 50 10.34 5.78 4.91
CA GLU A 50 10.45 6.62 6.08
C GLU A 50 9.17 7.41 6.34
N CYS A 51 8.46 7.74 5.27
CA CYS A 51 7.30 8.60 5.40
C CYS A 51 6.14 7.82 5.98
N GLN A 52 6.05 6.56 5.60
CA GLN A 52 5.06 5.68 6.18
C GLN A 52 5.53 5.36 7.58
N SER A 53 6.82 5.32 7.71
CA SER A 53 7.47 5.16 8.98
C SER A 53 7.24 6.40 9.85
N ALA A 54 6.92 7.50 9.21
CA ALA A 54 6.45 8.65 9.96
C ALA A 54 5.00 8.47 10.35
N ILE A 55 4.32 7.69 9.55
CA ILE A 55 2.88 7.52 9.66
C ILE A 55 2.42 6.41 10.59
N LYS A 56 3.19 5.31 10.73
CA LYS A 56 2.72 4.13 11.51
C LYS A 56 1.99 4.49 12.84
N PRO A 57 2.44 5.52 13.61
CA PRO A 57 1.74 5.96 14.83
C PRO A 57 0.34 6.52 14.56
N LEU A 58 0.15 7.04 13.35
CA LEU A 58 -1.13 7.60 12.94
C LEU A 58 -1.86 6.58 12.11
N LYS A 59 -1.11 5.60 11.65
CA LYS A 59 -1.67 4.55 10.82
C LYS A 59 -2.89 3.91 11.48
N GLY A 60 -4.05 4.19 10.91
CA GLY A 60 -5.28 3.66 11.44
C GLY A 60 -5.95 4.64 12.38
N LYS A 61 -5.15 5.57 12.91
CA LYS A 61 -5.68 6.56 13.83
C LYS A 61 -5.83 7.90 13.12
N VAL A 62 -7.05 8.33 12.97
CA VAL A 62 -7.33 9.68 12.49
C VAL A 62 -8.23 10.41 13.50
N PRO A 63 -8.02 11.72 13.70
CA PRO A 63 -8.96 12.57 14.44
C PRO A 63 -10.40 12.33 14.02
N ALA A 64 -11.31 12.36 14.99
CA ALA A 64 -12.71 12.06 14.74
C ALA A 64 -13.33 13.04 13.76
N GLY A 65 -13.46 12.60 12.52
CA GLY A 65 -14.12 13.41 11.50
C GLY A 65 -13.13 14.13 10.60
N SER A 66 -11.84 14.03 10.89
CA SER A 66 -10.84 14.72 10.10
C SER A 66 -10.24 13.81 9.03
N ASP A 67 -9.34 14.38 8.25
CA ASP A 67 -8.63 13.69 7.18
C ASP A 67 -7.40 13.00 7.74
N VAL A 68 -7.13 11.74 7.35
CA VAL A 68 -5.94 11.09 7.85
C VAL A 68 -4.74 11.56 7.07
N ILE A 69 -4.96 11.87 5.79
CA ILE A 69 -3.89 12.35 4.94
C ILE A 69 -3.28 13.59 5.55
N SER A 70 -4.14 14.49 5.96
CA SER A 70 -3.74 15.70 6.68
C SER A 70 -2.67 15.39 7.76
N GLU A 71 -2.84 14.26 8.43
CA GLU A 71 -1.97 13.84 9.51
C GLU A 71 -0.78 13.10 8.98
N TYR A 72 -0.98 12.39 7.90
CA TYR A 72 0.04 11.56 7.32
C TYR A 72 1.04 12.44 6.57
N VAL A 73 0.53 13.51 5.98
CA VAL A 73 1.38 14.53 5.36
C VAL A 73 2.08 15.28 6.46
N LYS A 74 1.39 15.40 7.59
CA LYS A 74 1.93 16.02 8.77
C LYS A 74 2.99 15.14 9.39
N ALA A 75 2.84 13.84 9.17
CA ALA A 75 3.83 12.87 9.62
C ALA A 75 5.14 13.10 8.89
N CYS A 76 5.02 13.32 7.59
CA CYS A 76 6.18 13.62 6.75
C CYS A 76 6.37 15.12 6.63
N ASP A 77 5.63 15.89 7.42
CA ASP A 77 5.83 17.34 7.47
C ASP A 77 7.20 17.64 8.08
N GLY A 78 7.82 16.61 8.66
CA GLY A 78 9.19 16.72 9.10
C GLY A 78 10.16 15.93 8.22
N ILE A 79 9.62 15.28 7.19
CA ILE A 79 10.43 14.48 6.29
C ILE A 79 10.66 15.20 4.96
N GLY A 80 11.89 15.14 4.47
CA GLY A 80 12.23 15.74 3.20
C GLY A 80 13.54 16.47 3.27
N GLY A 81 14.39 16.07 4.20
CA GLY A 81 15.65 16.74 4.42
C GLY A 81 16.58 15.94 5.25
N ALA A 82 17.46 16.67 5.91
CA ALA A 82 18.42 16.11 6.83
C ALA A 82 17.74 15.46 8.01
N MET A 83 16.55 15.95 8.36
CA MET A 83 15.76 15.33 9.42
C MET A 83 15.32 13.95 8.95
N HIS A 84 15.07 13.82 7.65
CA HIS A 84 14.77 12.52 7.06
C HIS A 84 15.96 11.58 7.22
N LYS A 85 17.17 12.12 7.16
CA LYS A 85 18.36 11.30 7.32
C LYS A 85 18.59 10.97 8.80
N ALA A 86 17.97 11.77 9.67
CA ALA A 86 18.01 11.52 11.11
C ALA A 86 16.94 10.54 11.52
N MET A 87 15.72 10.79 11.07
CA MET A 87 14.57 9.97 11.41
C MET A 87 14.62 8.64 10.68
N LEU A 88 15.48 8.57 9.67
CA LEU A 88 15.67 7.36 8.87
C LEU A 88 15.93 6.15 9.77
N MET A 89 16.70 6.37 10.82
CA MET A 89 17.04 5.30 11.76
C MET A 89 15.94 5.12 12.81
N ALA A 90 15.10 6.13 12.97
CA ALA A 90 14.12 6.16 14.05
C ALA A 90 12.76 5.65 13.59
N GLN A 91 12.41 5.98 12.36
CA GLN A 91 11.12 5.63 11.82
C GLN A 91 11.23 4.50 10.82
N LEU A 92 12.06 4.71 9.80
CA LEU A 92 12.31 3.70 8.76
C LEU A 92 12.92 2.43 9.39
N GLU A 93 13.22 2.52 10.69
CA GLU A 93 13.82 1.43 11.47
C GLU A 93 13.21 0.07 11.10
N PRO B 1 -4.02 -1.06 13.91
CA PRO B 1 -3.54 -0.14 12.89
C PRO B 1 -4.64 0.06 11.85
N SER B 2 -4.25 0.12 10.58
CA SER B 2 -5.21 -0.07 9.52
C SER B 2 -5.66 -1.50 9.49
N PHE B 3 -6.47 -1.85 8.52
CA PHE B 3 -6.79 -3.24 8.33
C PHE B 3 -5.64 -3.92 7.65
N ASN B 4 -5.27 -3.34 6.54
CA ASN B 4 -4.50 -4.02 5.53
C ASN B 4 -3.00 -3.97 5.78
N THR B 5 -2.61 -3.43 6.90
CA THR B 5 -1.21 -3.22 7.18
C THR B 5 -0.46 -4.54 7.40
N VAL B 6 -1.18 -5.65 7.33
CA VAL B 6 -0.61 -6.94 7.63
C VAL B 6 0.17 -7.52 6.46
N ARG B 7 1.44 -7.28 6.42
CA ARG B 7 2.12 -7.40 5.16
C ARG B 7 2.99 -8.62 5.09
N GLN B 8 3.11 -9.08 3.87
CA GLN B 8 4.00 -10.15 3.51
C GLN B 8 5.38 -9.97 4.16
N GLY B 9 5.67 -10.83 5.13
CA GLY B 9 6.96 -10.83 5.78
C GLY B 9 7.99 -11.58 4.96
N SER B 10 9.00 -12.13 5.64
CA SER B 10 10.08 -12.84 4.96
C SER B 10 9.52 -13.97 4.10
N LYS B 11 9.39 -13.68 2.80
CA LYS B 11 8.73 -14.56 1.82
C LYS B 11 7.47 -15.23 2.39
N GLU B 12 6.64 -14.43 3.05
CA GLU B 12 5.38 -14.93 3.62
C GLU B 12 4.50 -15.48 2.51
N PRO B 13 3.86 -16.65 2.71
CA PRO B 13 3.04 -17.29 1.69
C PRO B 13 1.99 -16.33 1.17
N TYR B 14 2.03 -16.06 -0.12
CA TYR B 14 1.35 -14.89 -0.62
C TYR B 14 -0.16 -14.96 -0.44
N PRO B 15 -0.86 -16.01 -0.96
CA PRO B 15 -2.33 -16.09 -0.87
C PRO B 15 -2.81 -15.98 0.56
N ASP B 16 -1.89 -16.25 1.46
CA ASP B 16 -2.15 -16.24 2.89
C ASP B 16 -1.91 -14.86 3.48
N PHE B 17 -0.88 -14.20 2.99
CA PHE B 17 -0.55 -12.86 3.44
C PHE B 17 -1.73 -11.94 3.10
N VAL B 18 -2.26 -12.14 1.90
CA VAL B 18 -3.38 -11.35 1.43
C VAL B 18 -4.69 -11.86 2.00
N ALA B 19 -4.79 -13.15 2.24
CA ALA B 19 -5.98 -13.70 2.88
C ALA B 19 -6.25 -13.01 4.21
N ARG B 20 -5.20 -12.67 4.95
CA ARG B 20 -5.40 -11.98 6.20
C ARG B 20 -5.59 -10.51 5.90
N LEU B 21 -5.00 -10.09 4.78
CA LEU B 21 -5.20 -8.74 4.24
C LEU B 21 -6.69 -8.50 4.05
N GLN B 22 -7.35 -9.52 3.49
CA GLN B 22 -8.76 -9.49 3.24
C GLN B 22 -9.53 -9.64 4.50
N ASP B 23 -9.19 -10.65 5.24
CA ASP B 23 -9.84 -10.93 6.51
C ASP B 23 -9.94 -9.68 7.33
N VAL B 24 -8.82 -9.00 7.50
CA VAL B 24 -8.77 -7.90 8.43
C VAL B 24 -9.39 -6.67 7.78
N ALA B 25 -9.33 -6.61 6.46
CA ALA B 25 -9.96 -5.54 5.71
C ALA B 25 -11.44 -5.71 5.90
N GLN B 26 -11.81 -6.95 6.03
CA GLN B 26 -13.20 -7.33 6.19
C GLN B 26 -13.68 -6.99 7.59
N LYS B 27 -12.78 -7.14 8.54
CA LYS B 27 -13.06 -6.86 9.95
C LYS B 27 -13.27 -5.37 10.17
N SER B 28 -12.51 -4.57 9.45
CA SER B 28 -12.49 -3.13 9.71
C SER B 28 -13.28 -2.39 8.66
N ILE B 29 -13.65 -3.10 7.62
CA ILE B 29 -14.41 -2.51 6.54
C ILE B 29 -15.81 -3.12 6.48
N ALA B 30 -16.82 -2.27 6.53
CA ALA B 30 -18.20 -2.74 6.47
C ALA B 30 -18.65 -2.88 5.02
N ASP B 31 -17.77 -2.54 4.09
CA ASP B 31 -18.11 -2.59 2.67
C ASP B 31 -17.29 -3.65 1.95
N GLU B 32 -17.94 -4.34 1.04
CA GLU B 32 -17.28 -5.33 0.20
C GLU B 32 -16.39 -4.64 -0.82
N LYS B 33 -16.78 -3.45 -1.26
CA LYS B 33 -16.05 -2.74 -2.30
C LYS B 33 -14.70 -2.33 -1.75
N ALA B 34 -14.75 -1.60 -0.64
CA ALA B 34 -13.54 -1.15 0.03
C ALA B 34 -12.70 -2.34 0.48
N ARG B 35 -13.36 -3.47 0.71
CA ARG B 35 -12.67 -4.68 1.15
C ARG B 35 -11.81 -5.17 0.00
N LYS B 36 -12.46 -5.44 -1.12
CA LYS B 36 -11.75 -5.91 -2.32
C LYS B 36 -10.67 -4.94 -2.72
N VAL B 37 -11.08 -3.69 -2.95
CA VAL B 37 -10.19 -2.71 -3.54
C VAL B 37 -8.90 -2.61 -2.77
N ILE B 38 -8.96 -2.75 -1.46
CA ILE B 38 -7.76 -2.64 -0.66
C ILE B 38 -7.04 -3.97 -0.52
N VAL B 39 -7.74 -5.09 -0.51
CA VAL B 39 -7.05 -6.36 -0.49
C VAL B 39 -6.29 -6.56 -1.80
N GLU B 40 -7.00 -6.36 -2.90
CA GLU B 40 -6.47 -6.47 -4.24
C GLU B 40 -5.43 -5.40 -4.54
N LEU B 41 -5.49 -4.29 -3.83
CA LEU B 41 -4.49 -3.25 -3.99
C LEU B 41 -3.27 -3.51 -3.12
N MET B 42 -3.50 -3.64 -1.81
CA MET B 42 -2.41 -3.78 -0.84
C MET B 42 -1.60 -5.02 -1.16
N ALA B 43 -2.27 -5.95 -1.82
CA ALA B 43 -1.66 -7.16 -2.32
C ALA B 43 -0.34 -6.86 -3.03
N TYR B 44 -0.24 -5.66 -3.60
CA TYR B 44 1.00 -5.19 -4.21
C TYR B 44 1.64 -4.21 -3.28
N GLU B 45 0.96 -3.07 -3.13
CA GLU B 45 1.47 -1.91 -2.43
C GLU B 45 2.11 -2.27 -1.09
N ASN B 46 1.56 -3.26 -0.42
CA ASN B 46 1.95 -3.60 0.92
C ASN B 46 2.66 -4.95 0.95
N ALA B 47 2.67 -5.66 -0.19
CA ALA B 47 3.23 -6.99 -0.23
C ALA B 47 4.73 -7.00 -0.05
N ASN B 48 5.33 -8.15 -0.29
CA ASN B 48 6.77 -8.24 -0.34
C ASN B 48 7.29 -7.44 -1.52
N PRO B 49 8.40 -6.72 -1.36
CA PRO B 49 8.94 -5.87 -2.41
C PRO B 49 8.97 -6.57 -3.76
N GLU B 50 9.47 -7.80 -3.76
CA GLU B 50 9.55 -8.65 -4.91
C GLU B 50 8.18 -9.16 -5.34
N CYS B 51 7.29 -9.34 -4.37
CA CYS B 51 6.00 -9.94 -4.64
C CYS B 51 5.11 -8.95 -5.33
N GLN B 52 5.23 -7.70 -4.94
CA GLN B 52 4.51 -6.66 -5.62
C GLN B 52 5.19 -6.44 -6.95
N SER B 53 6.46 -6.66 -6.93
CA SER B 53 7.28 -6.64 -8.11
C SER B 53 6.89 -7.82 -9.03
N ALA B 54 6.29 -8.82 -8.44
CA ALA B 54 5.69 -9.87 -9.25
C ALA B 54 4.36 -9.40 -9.81
N ILE B 55 3.75 -8.49 -9.08
CA ILE B 55 2.41 -8.04 -9.35
C ILE B 55 2.29 -6.86 -10.31
N LYS B 56 3.27 -5.94 -10.35
CA LYS B 56 3.15 -4.71 -11.16
C LYS B 56 2.51 -4.93 -12.56
N PRO B 57 2.83 -6.03 -13.28
CA PRO B 57 2.21 -6.32 -14.59
C PRO B 57 0.70 -6.59 -14.49
N LEU B 58 0.26 -7.05 -13.32
CA LEU B 58 -1.13 -7.35 -13.07
C LEU B 58 -1.74 -6.19 -12.31
N LYS B 59 -0.86 -5.38 -11.75
CA LYS B 59 -1.29 -4.23 -10.97
C LYS B 59 -2.27 -3.37 -11.76
N GLY B 60 -3.52 -3.39 -11.32
CA GLY B 60 -4.55 -2.63 -11.99
C GLY B 60 -5.28 -3.47 -13.01
N LYS B 61 -4.64 -4.55 -13.46
CA LYS B 61 -5.24 -5.42 -14.45
C LYS B 61 -5.75 -6.69 -13.78
N VAL B 62 -7.04 -6.87 -13.78
CA VAL B 62 -7.64 -8.12 -13.36
C VAL B 62 -8.54 -8.67 -14.47
N PRO B 63 -8.58 -10.00 -14.67
CA PRO B 63 -9.57 -10.64 -15.52
C PRO B 63 -10.97 -10.12 -15.26
N ALA B 64 -11.76 -9.99 -16.33
CA ALA B 64 -13.08 -9.38 -16.24
C ALA B 64 -14.01 -10.21 -15.35
N GLY B 65 -14.18 -9.75 -14.11
CA GLY B 65 -15.10 -10.41 -13.20
C GLY B 65 -14.39 -11.30 -12.19
N SER B 66 -13.08 -11.47 -12.34
CA SER B 66 -12.34 -12.34 -11.45
C SER B 66 -11.68 -11.56 -10.31
N ASP B 67 -11.01 -12.30 -9.44
CA ASP B 67 -10.31 -11.75 -8.28
C ASP B 67 -8.91 -11.32 -8.70
N VAL B 68 -8.45 -10.15 -8.25
CA VAL B 68 -7.09 -9.75 -8.61
C VAL B 68 -6.10 -10.44 -7.69
N ILE B 69 -6.53 -10.69 -6.47
CA ILE B 69 -5.69 -11.37 -5.50
C ILE B 69 -5.27 -12.71 -6.06
N SER B 70 -6.24 -13.43 -6.58
CA SER B 70 -6.01 -14.70 -7.26
C SER B 70 -4.78 -14.61 -8.20
N GLU B 71 -4.64 -13.48 -8.87
CA GLU B 71 -3.60 -13.25 -9.85
C GLU B 71 -2.34 -12.77 -9.16
N TYR B 72 -2.52 -12.01 -8.11
CA TYR B 72 -1.43 -11.41 -7.40
C TYR B 72 -0.72 -12.47 -6.57
N VAL B 73 -1.50 -13.41 -6.05
CA VAL B 73 -0.94 -14.56 -5.36
C VAL B 73 -0.29 -15.45 -6.37
N LYS B 74 -0.85 -15.44 -7.58
CA LYS B 74 -0.33 -16.17 -8.70
C LYS B 74 0.95 -15.52 -9.19
N ALA B 75 1.06 -14.22 -8.96
CA ALA B 75 2.26 -13.47 -9.28
C ALA B 75 3.40 -13.96 -8.40
N CYS B 76 3.10 -14.14 -7.13
CA CYS B 76 4.07 -14.65 -6.17
C CYS B 76 3.94 -16.17 -6.05
N ASP B 77 3.15 -16.77 -6.93
CA ASP B 77 3.07 -18.23 -6.98
C ASP B 77 4.41 -18.81 -7.43
N GLY B 78 5.28 -17.93 -7.91
CA GLY B 78 6.65 -18.32 -8.21
C GLY B 78 7.63 -17.73 -7.21
N ILE B 79 7.13 -16.97 -6.24
CA ILE B 79 7.99 -16.35 -5.24
C ILE B 79 7.90 -17.09 -3.91
N GLY B 80 9.06 -17.26 -3.28
CA GLY B 80 9.12 -17.91 -1.99
C GLY B 80 10.26 -18.89 -1.92
N GLY B 81 11.27 -18.68 -2.75
CA GLY B 81 12.38 -19.59 -2.82
C GLY B 81 13.55 -19.01 -3.54
N ALA B 82 14.33 -19.90 -4.10
CA ALA B 82 15.49 -19.56 -4.90
C ALA B 82 15.08 -18.78 -6.14
N MET B 83 13.88 -19.03 -6.63
CA MET B 83 13.35 -18.27 -7.75
C MET B 83 13.13 -16.83 -7.33
N HIS B 84 12.78 -16.64 -6.06
CA HIS B 84 12.68 -15.31 -5.48
C HIS B 84 14.04 -14.61 -5.50
N LYS B 85 15.10 -15.39 -5.31
CA LYS B 85 16.45 -14.83 -5.31
C LYS B 85 16.91 -14.57 -6.76
N ALA B 86 16.24 -15.22 -7.69
CA ALA B 86 16.50 -15.02 -9.12
C ALA B 86 15.70 -13.83 -9.63
N MET B 87 14.41 -13.83 -9.34
CA MET B 87 13.50 -12.81 -9.79
C MET B 87 13.73 -11.50 -9.05
N LEU B 88 14.46 -11.60 -7.94
CA LEU B 88 14.79 -10.45 -7.11
C LEU B 88 15.39 -9.32 -7.95
N MET B 89 16.22 -9.70 -8.91
CA MET B 89 16.87 -8.73 -9.80
C MET B 89 15.96 -8.34 -10.96
N ALA B 90 14.96 -9.17 -11.23
CA ALA B 90 14.12 -9.00 -12.41
C ALA B 90 12.85 -8.23 -12.10
N GLN B 91 12.30 -8.47 -10.92
CA GLN B 91 11.05 -7.86 -10.53
C GLN B 91 11.28 -6.77 -9.50
N LEU B 92 11.92 -7.13 -8.39
CA LEU B 92 12.25 -6.19 -7.33
C LEU B 92 13.17 -5.08 -7.87
N GLU B 93 13.59 -5.24 -9.13
CA GLU B 93 14.48 -4.30 -9.81
C GLU B 93 14.14 -2.83 -9.49
N PRO A 1 -2.56 1.75 -14.60
CA PRO A 1 -2.27 0.83 -13.50
C PRO A 1 -3.38 0.89 -12.47
N SER A 2 -3.03 0.70 -11.22
CA SER A 2 -3.92 1.08 -10.14
C SER A 2 -4.03 2.58 -10.10
N PHE A 3 -4.98 3.08 -9.35
CA PHE A 3 -5.04 4.50 -9.13
C PHE A 3 -3.90 4.93 -8.23
N ASN A 4 -3.83 4.29 -7.11
CA ASN A 4 -3.04 4.78 -5.99
C ASN A 4 -1.60 4.32 -6.05
N THR A 5 -1.23 3.51 -7.02
CA THR A 5 0.10 2.93 -7.04
C THR A 5 1.17 4.02 -7.26
N VAL A 6 0.72 5.26 -7.44
CA VAL A 6 1.64 6.39 -7.48
C VAL A 6 2.14 6.66 -6.07
N ARG A 7 3.44 6.89 -5.91
CA ARG A 7 3.94 7.12 -4.57
C ARG A 7 5.22 7.94 -4.49
N GLN A 8 5.39 8.49 -3.29
CA GLN A 8 6.51 9.32 -2.90
C GLN A 8 7.86 8.80 -3.40
N GLY A 9 8.52 9.61 -4.21
CA GLY A 9 9.89 9.36 -4.57
C GLY A 9 10.84 10.00 -3.59
N SER A 10 12.10 10.17 -3.99
CA SER A 10 13.13 10.75 -3.11
C SER A 10 12.64 12.03 -2.43
N LYS A 11 12.27 11.89 -1.15
CA LYS A 11 11.65 12.94 -0.34
C LYS A 11 10.63 13.78 -1.14
N GLU A 12 9.79 13.11 -1.92
CA GLU A 12 8.75 13.79 -2.68
C GLU A 12 7.79 14.48 -1.72
N PRO A 13 7.36 15.72 -2.01
CA PRO A 13 6.43 16.46 -1.16
C PRO A 13 5.24 15.60 -0.83
N TYR A 14 5.01 15.41 0.46
CA TYR A 14 4.06 14.41 0.90
C TYR A 14 2.61 14.80 0.61
N PRO A 15 2.11 15.98 1.05
CA PRO A 15 0.72 16.36 0.80
C PRO A 15 0.39 16.33 -0.68
N ASP A 16 1.45 16.35 -1.46
CA ASP A 16 1.38 16.31 -2.91
C ASP A 16 1.42 14.87 -3.41
N PHE A 17 2.30 14.07 -2.81
CA PHE A 17 2.38 12.65 -3.14
C PHE A 17 1.01 12.03 -2.97
N VAL A 18 0.36 12.39 -1.88
CA VAL A 18 -0.94 11.85 -1.58
C VAL A 18 -2.04 12.58 -2.35
N ALA A 19 -1.90 13.87 -2.59
CA ALA A 19 -2.91 14.60 -3.37
C ALA A 19 -3.11 14.00 -4.76
N ARG A 20 -2.06 13.43 -5.34
CA ARG A 20 -2.20 12.76 -6.62
C ARG A 20 -2.69 11.36 -6.36
N LEU A 21 -2.29 10.84 -5.21
CA LEU A 21 -2.79 9.57 -4.71
C LEU A 21 -4.30 9.60 -4.69
N GLN A 22 -4.85 10.67 -4.12
CA GLN A 22 -6.27 10.89 -4.05
C GLN A 22 -6.83 11.20 -5.41
N ASP A 23 -6.17 12.11 -6.08
CA ASP A 23 -6.62 12.55 -7.40
C ASP A 23 -6.97 11.38 -8.30
N VAL A 24 -6.04 10.47 -8.44
CA VAL A 24 -6.21 9.38 -9.38
C VAL A 24 -7.06 8.29 -8.75
N ALA A 25 -7.09 8.27 -7.42
CA ALA A 25 -7.97 7.37 -6.70
C ALA A 25 -9.38 7.88 -6.87
N GLN A 26 -9.46 9.14 -7.22
CA GLN A 26 -10.72 9.78 -7.46
C GLN A 26 -11.14 9.58 -8.91
N LYS A 27 -10.15 9.61 -9.78
CA LYS A 27 -10.37 9.40 -11.22
C LYS A 27 -10.82 7.98 -11.52
N SER A 28 -10.32 7.03 -10.75
CA SER A 28 -10.55 5.63 -11.04
C SER A 28 -11.59 5.06 -10.10
N ILE A 29 -11.93 5.81 -9.07
CA ILE A 29 -12.87 5.37 -8.08
C ILE A 29 -14.10 6.29 -8.05
N ALA A 30 -15.28 5.70 -8.12
CA ALA A 30 -16.52 6.47 -8.03
C ALA A 30 -17.04 6.48 -6.60
N ASP A 31 -16.31 5.81 -5.73
CA ASP A 31 -16.69 5.66 -4.33
C ASP A 31 -15.79 6.50 -3.46
N GLU A 32 -16.39 7.48 -2.81
CA GLU A 32 -15.66 8.34 -1.90
C GLU A 32 -14.98 7.53 -0.83
N LYS A 33 -15.61 6.42 -0.43
CA LYS A 33 -15.11 5.65 0.69
C LYS A 33 -13.84 4.95 0.27
N ALA A 34 -13.93 4.20 -0.82
CA ALA A 34 -12.78 3.53 -1.38
C ALA A 34 -11.71 4.54 -1.79
N ARG A 35 -12.14 5.75 -2.15
CA ARG A 35 -11.20 6.82 -2.51
C ARG A 35 -10.39 7.17 -1.28
N LYS A 36 -11.07 7.61 -0.24
CA LYS A 36 -10.43 7.99 1.01
C LYS A 36 -9.57 6.89 1.54
N VAL A 37 -10.20 5.74 1.75
CA VAL A 37 -9.56 4.64 2.45
C VAL A 37 -8.25 4.27 1.78
N ILE A 38 -8.19 4.39 0.47
CA ILE A 38 -6.98 4.05 -0.23
C ILE A 38 -6.00 5.22 -0.29
N VAL A 39 -6.50 6.45 -0.34
CA VAL A 39 -5.59 7.57 -0.30
C VAL A 39 -4.96 7.65 1.09
N GLU A 40 -5.81 7.57 2.11
CA GLU A 40 -5.40 7.56 3.49
C GLU A 40 -4.55 6.35 3.84
N LEU A 41 -4.73 5.25 3.14
CA LEU A 41 -3.92 4.06 3.40
C LEU A 41 -2.61 4.09 2.62
N MET A 42 -2.69 4.34 1.31
CA MET A 42 -1.51 4.36 0.46
C MET A 42 -0.60 5.50 0.86
N ALA A 43 -1.19 6.45 1.54
CA ALA A 43 -0.46 7.53 2.16
C ALA A 43 0.67 6.98 3.02
N TYR A 44 0.49 5.77 3.53
CA TYR A 44 1.53 5.06 4.26
C TYR A 44 2.10 4.00 3.37
N GLU A 45 1.28 3.00 3.08
CA GLU A 45 1.68 1.81 2.36
C GLU A 45 2.42 2.12 1.06
N ASN A 46 2.14 3.26 0.45
CA ASN A 46 2.76 3.62 -0.80
C ASN A 46 3.82 4.68 -0.59
N ALA A 47 3.70 5.43 0.50
CA ALA A 47 4.59 6.56 0.76
C ALA A 47 6.05 6.17 0.83
N ASN A 48 6.87 7.18 1.03
CA ASN A 48 8.27 6.98 1.25
C ASN A 48 8.46 6.08 2.47
N PRO A 49 9.45 5.18 2.40
CA PRO A 49 9.73 4.24 3.49
C PRO A 49 9.98 4.95 4.83
N GLU A 50 10.36 6.21 4.76
CA GLU A 50 10.55 7.06 5.92
C GLU A 50 9.25 7.78 6.28
N CYS A 51 8.45 8.06 5.26
CA CYS A 51 7.28 8.89 5.41
C CYS A 51 6.13 8.09 5.96
N GLN A 52 6.04 6.86 5.51
CA GLN A 52 5.08 5.94 6.09
C GLN A 52 5.57 5.61 7.47
N SER A 53 6.86 5.66 7.61
CA SER A 53 7.52 5.47 8.86
C SER A 53 7.28 6.66 9.77
N ALA A 54 6.94 7.78 9.18
CA ALA A 54 6.44 8.90 9.94
C ALA A 54 4.98 8.67 10.31
N ILE A 55 4.33 7.87 9.50
CA ILE A 55 2.90 7.65 9.60
C ILE A 55 2.47 6.50 10.52
N LYS A 56 3.27 5.43 10.62
CA LYS A 56 2.82 4.23 11.37
C LYS A 56 2.08 4.55 12.71
N PRO A 57 2.53 5.56 13.50
CA PRO A 57 1.81 5.95 14.73
C PRO A 57 0.39 6.45 14.46
N LEU A 58 0.18 7.01 13.29
CA LEU A 58 -1.12 7.55 12.89
C LEU A 58 -1.81 6.51 12.04
N LYS A 59 -1.03 5.55 11.56
CA LYS A 59 -1.56 4.51 10.71
C LYS A 59 -2.76 3.83 11.36
N GLY A 60 -3.93 4.08 10.79
CA GLY A 60 -5.15 3.51 11.31
C GLY A 60 -5.84 4.47 12.24
N LYS A 61 -5.09 5.40 12.80
CA LYS A 61 -5.64 6.36 13.73
C LYS A 61 -5.84 7.71 13.05
N VAL A 62 -7.08 8.10 12.89
CA VAL A 62 -7.42 9.42 12.41
C VAL A 62 -8.35 10.12 13.39
N PRO A 63 -8.25 11.46 13.54
CA PRO A 63 -9.26 12.24 14.22
C PRO A 63 -10.66 11.89 13.74
N ALA A 64 -11.61 11.87 14.67
CA ALA A 64 -12.98 11.46 14.36
C ALA A 64 -13.61 12.35 13.31
N GLY A 65 -13.73 11.81 12.09
CA GLY A 65 -14.40 12.54 11.03
C GLY A 65 -13.45 13.33 10.15
N SER A 66 -12.20 13.44 10.56
CA SER A 66 -11.23 14.23 9.81
C SER A 66 -10.50 13.37 8.77
N ASP A 67 -9.67 14.03 7.98
CA ASP A 67 -8.85 13.35 6.96
C ASP A 67 -7.62 12.75 7.61
N VAL A 68 -7.28 11.51 7.28
CA VAL A 68 -6.06 10.95 7.85
C VAL A 68 -4.87 11.48 7.11
N ILE A 69 -5.09 11.83 5.85
CA ILE A 69 -4.04 12.36 5.01
C ILE A 69 -3.45 13.59 5.62
N SER A 70 -4.32 14.46 6.07
CA SER A 70 -3.92 15.68 6.78
C SER A 70 -2.85 15.38 7.85
N GLU A 71 -3.00 14.23 8.51
CA GLU A 71 -2.11 13.83 9.59
C GLU A 71 -0.90 13.13 9.04
N TYR A 72 -1.10 12.43 7.94
CA TYR A 72 -0.06 11.64 7.33
C TYR A 72 0.92 12.55 6.60
N VAL A 73 0.38 13.61 6.02
CA VAL A 73 1.19 14.65 5.42
C VAL A 73 1.87 15.42 6.53
N LYS A 74 1.17 15.52 7.66
CA LYS A 74 1.70 16.14 8.87
C LYS A 74 2.84 15.29 9.41
N ALA A 75 2.73 14.00 9.19
CA ALA A 75 3.76 13.06 9.59
C ALA A 75 5.05 13.33 8.83
N CYS A 76 4.91 13.51 7.52
CA CYS A 76 6.04 13.82 6.66
C CYS A 76 6.21 15.33 6.51
N ASP A 77 5.46 16.09 7.29
CA ASP A 77 5.59 17.54 7.31
C ASP A 77 6.98 17.94 7.78
N GLY A 78 7.67 17.00 8.44
CA GLY A 78 9.05 17.20 8.81
C GLY A 78 10.02 16.48 7.88
N ILE A 79 9.49 15.65 6.99
CA ILE A 79 10.33 14.89 6.09
C ILE A 79 10.55 15.61 4.77
N GLY A 80 11.80 15.97 4.52
CA GLY A 80 12.18 16.56 3.26
C GLY A 80 13.60 17.07 3.34
N GLY A 81 14.50 16.15 3.66
CA GLY A 81 15.87 16.51 3.94
C GLY A 81 16.08 16.73 5.42
N ALA A 82 17.34 16.85 5.84
CA ALA A 82 17.72 17.16 7.23
C ALA A 82 17.04 16.25 8.24
N MET A 83 15.86 16.62 8.71
CA MET A 83 15.13 15.84 9.69
C MET A 83 14.79 14.46 9.14
N HIS A 84 14.51 14.41 7.85
CA HIS A 84 14.28 13.13 7.15
C HIS A 84 15.48 12.20 7.35
N LYS A 85 16.67 12.77 7.41
CA LYS A 85 17.89 11.97 7.55
C LYS A 85 18.08 11.53 8.99
N ALA A 86 17.62 12.36 9.93
CA ALA A 86 17.65 12.01 11.34
C ALA A 86 16.65 10.90 11.62
N MET A 87 15.43 11.15 11.19
CA MET A 87 14.31 10.27 11.43
C MET A 87 14.38 9.04 10.55
N LEU A 88 15.26 9.09 9.57
CA LEU A 88 15.47 7.98 8.66
C LEU A 88 15.71 6.69 9.45
N MET A 89 16.71 6.69 10.32
CA MET A 89 17.06 5.50 11.08
C MET A 89 16.06 5.24 12.20
N ALA A 90 15.26 6.25 12.51
CA ALA A 90 14.36 6.17 13.66
C ALA A 90 12.96 5.74 13.25
N GLN A 91 12.61 5.97 12.00
CA GLN A 91 11.29 5.67 11.53
C GLN A 91 11.32 4.57 10.47
N LEU A 92 12.16 4.77 9.43
CA LEU A 92 12.32 3.78 8.37
C LEU A 92 12.57 2.40 8.99
N GLU A 93 13.18 2.46 10.18
CA GLU A 93 13.55 1.30 10.98
C GLU A 93 12.54 0.14 10.83
N PRO B 1 -4.48 -1.04 14.20
CA PRO B 1 -3.88 -0.21 13.15
C PRO B 1 -4.86 -0.05 12.01
N SER B 2 -4.34 0.04 10.79
CA SER B 2 -5.16 -0.16 9.62
C SER B 2 -5.56 -1.61 9.55
N PHE B 3 -6.49 -1.91 8.69
CA PHE B 3 -6.83 -3.30 8.46
C PHE B 3 -5.70 -3.96 7.69
N ASN B 4 -5.37 -3.36 6.58
CA ASN B 4 -4.57 -4.00 5.55
C ASN B 4 -3.08 -3.85 5.78
N THR B 5 -2.69 -3.11 6.79
CA THR B 5 -1.28 -2.82 6.98
C THR B 5 -0.47 -4.10 7.30
N VAL B 6 -1.17 -5.23 7.42
CA VAL B 6 -0.51 -6.51 7.55
C VAL B 6 0.09 -6.89 6.20
N ARG B 7 1.31 -7.38 6.18
CA ARG B 7 1.90 -7.72 4.91
C ARG B 7 2.99 -8.78 4.97
N GLN B 8 3.19 -9.36 3.79
CA GLN B 8 4.16 -10.42 3.52
C GLN B 8 5.52 -10.17 4.17
N GLY B 9 5.91 -11.09 5.04
CA GLY B 9 7.24 -11.10 5.57
C GLY B 9 8.15 -11.94 4.69
N SER B 10 9.31 -12.35 5.22
CA SER B 10 10.29 -13.14 4.46
C SER B 10 9.62 -14.30 3.72
N LYS B 11 9.44 -14.11 2.40
CA LYS B 11 8.71 -15.02 1.51
C LYS B 11 7.46 -15.63 2.19
N GLU B 12 6.70 -14.79 2.88
CA GLU B 12 5.46 -15.24 3.50
C GLU B 12 4.50 -15.74 2.42
N PRO B 13 3.80 -16.86 2.67
CA PRO B 13 2.84 -17.41 1.69
C PRO B 13 1.89 -16.33 1.24
N TYR B 14 1.85 -16.11 -0.07
CA TYR B 14 1.18 -14.95 -0.59
C TYR B 14 -0.34 -15.03 -0.48
N PRO B 15 -1.01 -16.09 -0.99
CA PRO B 15 -2.48 -16.19 -0.90
C PRO B 15 -2.95 -16.06 0.53
N ASP B 16 -2.02 -16.30 1.43
CA ASP B 16 -2.24 -16.23 2.85
C ASP B 16 -1.97 -14.82 3.38
N PHE B 17 -0.89 -14.22 2.90
CA PHE B 17 -0.55 -12.85 3.25
C PHE B 17 -1.75 -11.96 2.93
N VAL B 18 -2.33 -12.19 1.77
CA VAL B 18 -3.46 -11.41 1.32
C VAL B 18 -4.76 -11.89 1.96
N ALA B 19 -4.91 -13.18 2.20
CA ALA B 19 -6.13 -13.69 2.85
C ALA B 19 -6.35 -13.04 4.21
N ARG B 20 -5.28 -12.68 4.92
CA ARG B 20 -5.43 -11.99 6.18
C ARG B 20 -5.60 -10.52 5.89
N LEU B 21 -4.98 -10.10 4.79
CA LEU B 21 -5.15 -8.76 4.25
C LEU B 21 -6.64 -8.49 4.06
N GLN B 22 -7.30 -9.42 3.41
CA GLN B 22 -8.73 -9.36 3.19
C GLN B 22 -9.49 -9.54 4.46
N ASP B 23 -9.11 -10.56 5.20
CA ASP B 23 -9.78 -10.89 6.46
C ASP B 23 -9.99 -9.66 7.32
N VAL B 24 -8.92 -8.94 7.57
CA VAL B 24 -8.97 -7.84 8.50
C VAL B 24 -9.51 -6.61 7.79
N ALA B 25 -9.39 -6.60 6.47
CA ALA B 25 -9.98 -5.54 5.66
C ALA B 25 -11.47 -5.76 5.67
N GLN B 26 -11.84 -6.97 5.99
CA GLN B 26 -13.23 -7.35 6.08
C GLN B 26 -13.76 -7.05 7.47
N LYS B 27 -12.90 -7.26 8.46
CA LYS B 27 -13.23 -7.00 9.86
C LYS B 27 -13.42 -5.51 10.11
N SER B 28 -12.64 -4.70 9.42
CA SER B 28 -12.62 -3.27 9.70
C SER B 28 -13.42 -2.52 8.65
N ILE B 29 -13.78 -3.21 7.59
CA ILE B 29 -14.51 -2.58 6.50
C ILE B 29 -15.87 -3.24 6.33
N ALA B 30 -16.91 -2.43 6.27
CA ALA B 30 -18.26 -2.93 6.03
C ALA B 30 -18.61 -2.86 4.55
N ASP B 31 -17.67 -2.35 3.78
CA ASP B 31 -17.84 -2.14 2.35
C ASP B 31 -17.05 -3.16 1.57
N GLU B 32 -17.75 -4.00 0.85
CA GLU B 32 -17.11 -5.01 0.01
C GLU B 32 -16.16 -4.35 -0.96
N LYS B 33 -16.50 -3.15 -1.43
CA LYS B 33 -15.74 -2.50 -2.47
C LYS B 33 -14.41 -2.08 -1.90
N ALA B 34 -14.48 -1.31 -0.82
CA ALA B 34 -13.27 -0.88 -0.12
C ALA B 34 -12.48 -2.08 0.40
N ARG B 35 -13.19 -3.18 0.69
CA ARG B 35 -12.53 -4.40 1.15
C ARG B 35 -11.67 -4.92 0.02
N LYS B 36 -12.31 -5.23 -1.11
CA LYS B 36 -11.62 -5.75 -2.27
C LYS B 36 -10.50 -4.84 -2.70
N VAL B 37 -10.86 -3.59 -2.97
CA VAL B 37 -9.93 -2.66 -3.57
C VAL B 37 -8.66 -2.55 -2.76
N ILE B 38 -8.78 -2.67 -1.44
CA ILE B 38 -7.60 -2.57 -0.61
C ILE B 38 -6.91 -3.91 -0.46
N VAL B 39 -7.63 -5.01 -0.47
CA VAL B 39 -6.96 -6.30 -0.42
C VAL B 39 -6.22 -6.52 -1.73
N GLU B 40 -6.91 -6.28 -2.84
CA GLU B 40 -6.35 -6.37 -4.17
C GLU B 40 -5.23 -5.35 -4.40
N LEU B 41 -5.28 -4.23 -3.72
CA LEU B 41 -4.23 -3.23 -3.87
C LEU B 41 -3.04 -3.52 -2.94
N MET B 42 -3.31 -3.73 -1.66
CA MET B 42 -2.27 -3.98 -0.67
C MET B 42 -1.57 -5.28 -0.98
N ALA B 43 -2.27 -6.11 -1.74
CA ALA B 43 -1.70 -7.31 -2.29
C ALA B 43 -0.38 -7.00 -3.01
N TYR B 44 -0.26 -5.79 -3.52
CA TYR B 44 0.98 -5.32 -4.12
C TYR B 44 1.65 -4.38 -3.15
N GLU B 45 1.01 -3.24 -2.95
CA GLU B 45 1.56 -2.14 -2.17
C GLU B 45 2.06 -2.58 -0.79
N ASN B 46 1.50 -3.64 -0.24
CA ASN B 46 1.89 -4.10 1.06
C ASN B 46 2.72 -5.36 0.97
N ALA B 47 2.60 -6.08 -0.14
CA ALA B 47 3.26 -7.38 -0.30
C ALA B 47 4.76 -7.27 -0.20
N ASN B 48 5.38 -8.43 -0.32
CA ASN B 48 6.82 -8.51 -0.39
C ASN B 48 7.31 -7.69 -1.56
N PRO B 49 8.44 -7.01 -1.38
CA PRO B 49 9.04 -6.16 -2.40
C PRO B 49 9.29 -6.90 -3.71
N GLU B 50 9.40 -8.23 -3.62
CA GLU B 50 9.54 -9.11 -4.76
C GLU B 50 8.17 -9.55 -5.27
N CYS B 51 7.22 -9.66 -4.35
CA CYS B 51 5.93 -10.25 -4.64
C CYS B 51 5.05 -9.23 -5.31
N GLN B 52 5.15 -8.00 -4.87
CA GLN B 52 4.47 -6.91 -5.53
C GLN B 52 5.16 -6.70 -6.85
N SER B 53 6.43 -7.01 -6.84
CA SER B 53 7.25 -6.97 -8.02
C SER B 53 6.88 -8.11 -8.95
N ALA B 54 6.25 -9.13 -8.41
CA ALA B 54 5.64 -10.12 -9.24
C ALA B 54 4.30 -9.62 -9.78
N ILE B 55 3.74 -8.69 -9.04
CA ILE B 55 2.40 -8.19 -9.30
C ILE B 55 2.31 -6.99 -10.24
N LYS B 56 3.31 -6.10 -10.24
CA LYS B 56 3.20 -4.84 -11.02
C LYS B 56 2.58 -5.02 -12.43
N PRO B 57 2.89 -6.10 -13.18
CA PRO B 57 2.27 -6.37 -14.50
C PRO B 57 0.76 -6.57 -14.41
N LEU B 58 0.30 -7.06 -13.25
CA LEU B 58 -1.12 -7.31 -13.02
C LEU B 58 -1.68 -6.16 -12.24
N LYS B 59 -0.78 -5.37 -11.66
CA LYS B 59 -1.18 -4.22 -10.87
C LYS B 59 -2.14 -3.32 -11.63
N GLY B 60 -3.39 -3.32 -11.21
CA GLY B 60 -4.40 -2.54 -11.86
C GLY B 60 -5.18 -3.35 -12.88
N LYS B 61 -4.56 -4.42 -13.35
CA LYS B 61 -5.18 -5.26 -14.35
C LYS B 61 -5.73 -6.53 -13.71
N VAL B 62 -7.04 -6.66 -13.70
CA VAL B 62 -7.68 -7.88 -13.27
C VAL B 62 -8.62 -8.40 -14.36
N PRO B 63 -8.77 -9.72 -14.52
CA PRO B 63 -9.84 -10.30 -15.33
C PRO B 63 -11.18 -9.67 -15.00
N ALA B 64 -11.99 -9.47 -16.03
CA ALA B 64 -13.27 -8.77 -15.88
C ALA B 64 -14.19 -9.51 -14.90
N GLY B 65 -14.33 -8.96 -13.71
CA GLY B 65 -15.25 -9.52 -12.74
C GLY B 65 -14.59 -10.47 -11.76
N SER B 66 -13.34 -10.83 -12.03
CA SER B 66 -12.64 -11.78 -11.18
C SER B 66 -11.88 -11.09 -10.06
N ASP B 67 -11.30 -11.89 -9.18
CA ASP B 67 -10.49 -11.38 -8.07
C ASP B 67 -9.10 -11.05 -8.57
N VAL B 68 -8.55 -9.89 -8.19
CA VAL B 68 -7.18 -9.59 -8.62
C VAL B 68 -6.21 -10.36 -7.75
N ILE B 69 -6.64 -10.64 -6.52
CA ILE B 69 -5.82 -11.35 -5.57
C ILE B 69 -5.43 -12.69 -6.14
N SER B 70 -6.39 -13.38 -6.68
CA SER B 70 -6.17 -14.65 -7.36
C SER B 70 -4.95 -14.58 -8.30
N GLU B 71 -4.79 -13.44 -8.96
CA GLU B 71 -3.72 -13.24 -9.92
C GLU B 71 -2.46 -12.78 -9.23
N TYR B 72 -2.64 -12.05 -8.16
CA TYR B 72 -1.53 -11.47 -7.43
C TYR B 72 -0.86 -12.55 -6.60
N VAL B 73 -1.67 -13.48 -6.10
CA VAL B 73 -1.14 -14.66 -5.42
C VAL B 73 -0.51 -15.57 -6.45
N LYS B 74 -1.09 -15.52 -7.66
CA LYS B 74 -0.56 -16.25 -8.80
C LYS B 74 0.79 -15.66 -9.20
N ALA B 75 0.91 -14.36 -8.98
CA ALA B 75 2.15 -13.65 -9.24
C ALA B 75 3.26 -14.17 -8.35
N CYS B 76 2.94 -14.31 -7.07
CA CYS B 76 3.88 -14.83 -6.09
C CYS B 76 3.73 -16.34 -5.94
N ASP B 77 2.94 -16.94 -6.81
CA ASP B 77 2.78 -18.39 -6.83
C ASP B 77 4.10 -19.06 -7.14
N GLY B 78 5.02 -18.29 -7.71
CA GLY B 78 6.37 -18.78 -7.92
C GLY B 78 7.35 -18.26 -6.88
N ILE B 79 6.90 -17.32 -6.05
CA ILE B 79 7.77 -16.73 -5.04
C ILE B 79 7.68 -17.47 -3.71
N GLY B 80 8.80 -18.06 -3.34
CA GLY B 80 8.92 -18.71 -2.04
C GLY B 80 10.21 -19.49 -1.98
N GLY B 81 11.31 -18.78 -2.17
CA GLY B 81 12.60 -19.43 -2.30
C GLY B 81 12.93 -19.69 -3.75
N ALA B 82 14.18 -20.07 -4.02
CA ALA B 82 14.63 -20.46 -5.36
C ALA B 82 14.29 -19.43 -6.44
N MET B 83 13.11 -19.58 -7.05
CA MET B 83 12.67 -18.67 -8.10
C MET B 83 12.54 -17.25 -7.57
N HIS B 84 12.13 -17.12 -6.30
CA HIS B 84 12.10 -15.82 -5.63
C HIS B 84 13.47 -15.15 -5.68
N LYS B 85 14.52 -15.95 -5.62
CA LYS B 85 15.88 -15.42 -5.60
C LYS B 85 16.32 -15.04 -7.01
N ALA B 86 15.81 -15.76 -7.99
CA ALA B 86 16.07 -15.44 -9.40
C ALA B 86 15.34 -14.17 -9.78
N MET B 87 14.06 -14.16 -9.49
CA MET B 87 13.18 -13.06 -9.85
C MET B 87 13.39 -11.87 -8.94
N LEU B 88 14.13 -12.09 -7.87
CA LEU B 88 14.46 -11.03 -6.94
C LEU B 88 15.04 -9.82 -7.69
N MET B 89 16.10 -10.04 -8.42
CA MET B 89 16.78 -8.95 -9.12
C MET B 89 15.98 -8.50 -10.34
N ALA B 90 15.04 -9.34 -10.77
CA ALA B 90 14.31 -9.08 -11.99
C ALA B 90 12.99 -8.38 -11.76
N GLN B 91 12.46 -8.52 -10.55
CA GLN B 91 11.17 -7.95 -10.23
C GLN B 91 11.31 -6.88 -9.17
N LEU B 92 11.96 -7.22 -8.04
CA LEU B 92 12.20 -6.28 -6.94
C LEU B 92 12.79 -4.99 -7.53
N GLU B 93 13.51 -5.18 -8.64
CA GLU B 93 14.19 -4.12 -9.38
C GLU B 93 13.42 -2.79 -9.34
#